data_8DR1
#
_entry.id   8DR1
#
_cell.length_a   1.00
_cell.length_b   1.00
_cell.length_c   1.00
_cell.angle_alpha   90.00
_cell.angle_beta   90.00
_cell.angle_gamma   90.00
#
_symmetry.space_group_name_H-M   'P 1'
#
loop_
_entity.id
_entity.type
_entity.pdbx_description
1 polymer 'Replication factor C subunit 1'
2 polymer 'Replication factor C subunit 4'
3 polymer 'Replication factor C subunit 3'
4 polymer 'Replication factor C subunit 2'
5 polymer 'Replication factor C subunit 5'
6 polymer 'Proliferating cell nuclear antigen'
7 polymer "DNA (5'-D(P*TP*TP*TP*CP*GP*GP*GP*GP*GP*GP*GP*CP*CP*GP*GP*GP*GP*GP*G)-3')"
8 polymer "DNA (5'-D(P*CP*CP*CP*CP*CP*CP*GP*GP*CP*CP*CP*CP*CP*CP*CP*GP*GP*C)-3')"
9 polymer "DNA (5'-D(P*TP*TP*AP*GP*GP*GP*GP*GP*GP*GP*GP*GP*A)-3')"
10 polymer "DNA (5'-D(P*CP*CP*CP*CP*CP*CP*CP*CP*CP*CP*TP*TP*T)-3')"
11 non-polymer 'PHOSPHOTHIOPHOSPHORIC ACID-ADENYLATE ESTER'
12 non-polymer 'MAGNESIUM ION'
13 non-polymer "GUANOSINE-5'-DIPHOSPHATE"
14 water water
#
loop_
_entity_poly.entity_id
_entity_poly.type
_entity_poly.pdbx_seq_one_letter_code
_entity_poly.pdbx_strand_id
1 'polypeptide(L)'
;MVNISDFFGKNKKSVRSSTSRPTRQVGSSKPEVIDLDTESDQESTNKTPKKMPVSNVIDVSETPEGEKKLPLPAKRKASS
PTVKPASSKKTKPSSKSSDSASNITAQDVLDKIPSLDLSNVHVKENAKFDFKSANSNADPDEIVSEIGSFPEGKPNCLLG
LTIVFTGVLPTLERGASEALAKRYGARVTKSISSKTSVVVLGDEAGPKKLEKIKQLKIKAIDEEGFKQLIAGMPAEGGDG
EAAEKARRKLEEQHNIATKEAELLVKKEEERSKKLAATRVSGGHLERDNVVREEDKLWTVKYAPTNLQQVCGNKGSVMKL
KNWLANWENSKKNSFKHAGKDGSGVFRAAMLYGPPGIGKTTAAHLVAQELGYDILEQNASDVRSKTLLNAGVKNALDNMS
VVGYFKHNEEAQNLNGKHFVIIMDEVDGMSGGDRGGVGQLAQFCRKTSTPLILICNERNLPKMRPFDRVCLDIQFRRPDA
NSIKSRLMTIAIREKFKLDPNVIDRLIQTTRGDIRQVINLLSTISTTTKTINHENINEISKAWEKNIALKPFDIAHKMLD
GQIYSDIGSRNFTLNDKIALYFDDFDFTPLMIQENYLSTRPSVLKPGQSHLEAVAEAANCISLGDIVEKKIRSSEQLWSL
LPLHAVLSSVYPASKVAGHMAGRINFTAWLGQNSKSAKYYRLLQEIHYHTRLGTSTDKIGLRLDYLPTFRKRLLDPFLKQ
GADAISSVIEVMDDYYLTKEDWDSIMEFFVGPDVTTAIIKKIPATVKSGFTRKYNSMTHPVAIYRTGSTIGGGGVGTSTS
TPDFEDVVDADDNPVPADDEETQDSSTDLKKDKLIKQKAKPTKRKTATSKPGGSKKRKTKAGLNENLYFQGGGDYKDDDD
KDYKDDDDKDYKDDDDKGGKDHLIHNVHKEEHAHAHNK
;
A
2 'polypeptide(L)'
;MSKTLSLQLPWVEKYRPQVLSDIVGNKETIDRLQQIAKDGNMPHMIISGMPGIGKTTSVHCLAHELLGRSYADGVLELNA
SDDRGIDVVRNQIKHFAQKKLHLPPGKHKIVILDEADSMTAGAQQALRRTMELYSNSTRFAFACNQSNKIIEPLQSRCAI
LRYSKLSDEDVLKRLLQIIKLEDVKYTNDGLEAIIFTAEGDMRQAINNLQSTVAGHGLVNADNVFKIVDSPHPLIVKKML
LASNLEDSIQILRTDLWKKGYSSIDIVTTSFRVTKNLAQVKESVRLEMIKEIGLTHMRILEGVGTYLQLASMLAKIHKLN
NKA
;
B
3 'polypeptide(L)'
;MSTSTEKRSKENLPWVEKYRPETLDEVYGQNEVITTVRKFVDEGKLPHLLFYGPPGTGKTSTIVALAREIYGKNYSNMVL
ELNASDDRGIDVVRNQIKDFASTRQIFSKGFKLIILDEADAMTNAAQNALRRVIERYTKNTRFCVLANYAHKLTPALLSR
CTRFRFQPLPQEAIERRIANVLVHEKLKLSPNAEKALIELSNGDMRRVLNVLQSCKATLDNPDEDEISDDVIYECCGAPR
PSDLKAVLKSILEDDWGTAHYTLNKVRSAKGLALIDLIEGIVKILEDYELQNEETRVHLLTKLADIEYSISKGGNDQIQG
SAVIGAIKASFENETVKANV
;
C
4 'polypeptide(L)'
;MFEGFGPNKKRKISKLAAEQSLAQQPWVEKYRPKNLDEVTAQDHAVTVLKKTLKSANLPHMLFYGPPGTGKTSTILALTK
ELYGPDLMKSRILELNASDERGISIVREKVKNFARLTVSKPSKHDLENYPCPPYKIIILDEADSMTADAQSALRRTMETY
SGVTRFCLICNYVTRIIDPLASRCSKFRFKALDASNAIDRLRFISEQENVKCDDGVLERILDISAGDLRRGITLLQSASK
GAQYLGDGKNITSTQVEELAGVVPHDILIEIVEKVKSGDFDEIKKYVNTFMKSGWSAASVVNQLHEYYITNDNFDTNFKN
QISWLLFTTDSRLNNGTNEHIQLLNLLVKISQL
;
D
5 'polypeptide(L)'
;MSLWVDKYRPKSLNALSHNEELTNFLKSLSDQPRDLPHLLLYGPNGTGKKTRCMALLESIFGPGVYRLKIDVRQFVTASN
RKLELNVVSSPYHLEITPSDMGNNDRIVIQELLKEVAQMEQVDFQDSKDGLAHRYKCVIINEANSLTKDAQAALRRTMEK
YSKNIRLIMVCDSMSPIIAPIKSRCLLIRCPAPSDSEISTILSDVVTNERIQLETKDILKRIAQASNGNLRVSLLMLESM
ALNNELALKSSSPIIKPDWIIVIHKLTRKIVKERSVNSLIECRAVLYDLLAHCIPANIILKELTFSLLDVETLNTTNKSS
IIEYSSVFDERLSLGNKAIFHLEGFIAKVMCCLD
;
E
6 'polypeptide(L)'
;MGSSHHHHHHSSGLVPRASMLEAKFEEASLFKRIIDGFKDCVQLVNFQCKEDGIIAQAVDDSRVLLVSLEIGVEAFQEYR
CDHPVTLGMDLTSLSKILRCGNNTDTLTLIADNTPDSIILLFEDTKKDRIAEYSLKLMDIDADFLKIEELQYDSTLSLPS
SEFSKIVRDLSQLSDSINIMITKETIKFVADGDIGSGSVIIKPFVDMEHPETSIKLEMDQPVDLTFGAKYLLDIIKGSSL
SDRVGIRLSSEAPALFQFDLKSGFLQFFLAPKFNDEE
;
F,G,H
7 'polydeoxyribonucleotide' (DT)(DT)(DT)(DC)(DG)(DG)(DG)(DG)(DG)(DG)(DG)(DC)(DC)(DG)(DG)(DG)(DG)(DG)(DG) I
8 'polydeoxyribonucleotide' (DC)(DC)(DC)(DC)(DC)(DC)(DG)(DG)(DC)(DC)(DC)(DC)(DC)(DC)(DC)(DG)(DG)(DC) J
9 'polydeoxyribonucleotide' (DT)(DT)(DA)(DG)(DG)(DG)(DG)(DG)(DG)(DG)(DG)(DG)(DA) K
10 'polydeoxyribonucleotide' (DC)(DC)(DC)(DC)(DC)(DC)(DC)(DC)(DC)(DC)(DT)(DT)(DT) L
#
loop_
_chem_comp.id
_chem_comp.type
_chem_comp.name
_chem_comp.formula
AGS non-polymer 'PHOSPHOTHIOPHOSPHORIC ACID-ADENYLATE ESTER' 'C10 H16 N5 O12 P3 S'
DA DNA linking 2'-DEOXYADENOSINE-5'-MONOPHOSPHATE 'C10 H14 N5 O6 P'
DC DNA linking 2'-DEOXYCYTIDINE-5'-MONOPHOSPHATE 'C9 H14 N3 O7 P'
DG DNA linking 2'-DEOXYGUANOSINE-5'-MONOPHOSPHATE 'C10 H14 N5 O7 P'
DT DNA linking THYMIDINE-5'-MONOPHOSPHATE 'C10 H15 N2 O8 P'
GDP RNA linking GUANOSINE-5'-DIPHOSPHATE 'C10 H15 N5 O11 P2'
MG non-polymer 'MAGNESIUM ION' 'Mg 2'
#
# COMPACT_ATOMS: atom_id res chain seq x y z
N ASP A 288 -42.41 -26.44 -24.87
CA ASP A 288 -42.04 -25.09 -24.47
C ASP A 288 -43.00 -24.56 -23.41
N ASN A 289 -42.45 -23.82 -22.45
CA ASN A 289 -43.23 -23.24 -21.36
C ASN A 289 -43.03 -21.73 -21.36
N VAL A 290 -44.14 -21.00 -21.28
CA VAL A 290 -44.10 -19.54 -21.26
C VAL A 290 -44.32 -19.06 -19.83
N VAL A 291 -44.03 -17.79 -19.60
CA VAL A 291 -44.17 -17.17 -18.27
C VAL A 291 -45.48 -16.41 -18.23
N ARG A 292 -46.27 -16.64 -17.19
CA ARG A 292 -47.53 -15.92 -17.03
C ARG A 292 -47.25 -14.46 -16.68
N GLU A 293 -48.11 -13.57 -17.17
CA GLU A 293 -47.96 -12.16 -16.87
C GLU A 293 -48.09 -11.90 -15.37
N GLU A 294 -48.84 -12.74 -14.66
CA GLU A 294 -48.96 -12.60 -13.22
C GLU A 294 -47.65 -12.89 -12.50
N ASP A 295 -46.74 -13.64 -13.13
CA ASP A 295 -45.45 -13.95 -12.52
C ASP A 295 -44.42 -12.85 -12.69
N LYS A 296 -44.66 -11.88 -13.57
CA LYS A 296 -43.65 -10.90 -13.93
C LYS A 296 -43.71 -9.69 -13.02
N LEU A 297 -42.57 -9.02 -12.87
CA LEU A 297 -42.52 -7.78 -12.13
C LEU A 297 -43.35 -6.70 -12.81
N TRP A 298 -43.92 -5.80 -12.01
CA TRP A 298 -44.74 -4.73 -12.58
C TRP A 298 -43.93 -3.88 -13.54
N THR A 299 -42.64 -3.65 -13.24
CA THR A 299 -41.80 -2.88 -14.13
C THR A 299 -41.70 -3.53 -15.51
N VAL A 300 -41.60 -4.86 -15.55
CA VAL A 300 -41.61 -5.57 -16.83
C VAL A 300 -43.02 -5.63 -17.40
N LYS A 301 -44.01 -5.89 -16.56
CA LYS A 301 -45.39 -6.04 -17.04
C LYS A 301 -45.90 -4.75 -17.68
N TYR A 302 -45.36 -3.59 -17.26
CA TYR A 302 -45.82 -2.30 -17.77
C TYR A 302 -44.68 -1.52 -18.43
N ALA A 303 -43.67 -2.20 -18.93
CA ALA A 303 -42.59 -1.51 -19.60
C ALA A 303 -43.10 -0.88 -20.89
N PRO A 304 -42.64 0.32 -21.24
CA PRO A 304 -43.10 0.94 -22.49
C PRO A 304 -42.80 0.07 -23.70
N THR A 305 -43.73 0.10 -24.67
CA THR A 305 -43.58 -0.66 -25.90
C THR A 305 -43.25 0.21 -27.11
N ASN A 306 -43.64 1.48 -27.09
CA ASN A 306 -43.26 2.42 -28.14
C ASN A 306 -42.85 3.74 -27.50
N LEU A 307 -42.22 4.60 -28.32
CA LEU A 307 -41.63 5.82 -27.79
C LEU A 307 -42.67 6.75 -27.16
N GLN A 308 -43.91 6.73 -27.62
CA GLN A 308 -44.90 7.66 -27.09
C GLN A 308 -45.32 7.29 -25.66
N GLN A 309 -45.23 6.02 -25.28
CA GLN A 309 -45.56 5.64 -23.91
C GLN A 309 -44.50 6.06 -22.91
N VAL A 310 -43.33 6.50 -23.37
CA VAL A 310 -42.31 6.98 -22.45
C VAL A 310 -42.79 8.28 -21.82
N CYS A 311 -42.76 8.33 -20.49
CA CYS A 311 -43.30 9.46 -19.74
C CYS A 311 -42.19 10.49 -19.51
N GLY A 312 -42.39 11.69 -20.03
CA GLY A 312 -41.44 12.77 -19.84
C GLY A 312 -40.28 12.72 -20.82
N ASN A 313 -39.49 13.79 -20.81
CA ASN A 313 -38.30 13.90 -21.65
C ASN A 313 -38.64 13.72 -23.13
N LYS A 314 -39.77 14.30 -23.55
CA LYS A 314 -40.18 14.17 -24.95
C LYS A 314 -39.16 14.80 -25.88
N GLY A 315 -38.67 16.00 -25.53
CA GLY A 315 -37.70 16.67 -26.39
C GLY A 315 -36.45 15.85 -26.62
N SER A 316 -35.92 15.24 -25.55
CA SER A 316 -34.73 14.42 -25.70
C SER A 316 -34.99 13.21 -26.60
N VAL A 317 -36.15 12.58 -26.44
CA VAL A 317 -36.46 11.41 -27.26
C VAL A 317 -36.56 11.80 -28.73
N MET A 318 -37.26 12.90 -29.02
CA MET A 318 -37.33 13.38 -30.40
C MET A 318 -35.95 13.71 -30.94
N LYS A 319 -35.11 14.36 -30.14
CA LYS A 319 -33.76 14.71 -30.59
C LYS A 319 -32.98 13.45 -30.97
N LEU A 320 -33.01 12.45 -30.08
CA LEU A 320 -32.29 11.21 -30.36
C LEU A 320 -32.83 10.52 -31.61
N LYS A 321 -34.16 10.47 -31.74
CA LYS A 321 -34.76 9.81 -32.89
C LYS A 321 -34.36 10.50 -34.19
N ASN A 322 -34.39 11.84 -34.22
CA ASN A 322 -34.00 12.55 -35.42
C ASN A 322 -32.52 12.34 -35.73
N TRP A 323 -31.67 12.36 -34.70
CA TRP A 323 -30.26 12.11 -34.91
C TRP A 323 -30.04 10.76 -35.56
N LEU A 324 -30.67 9.71 -35.03
CA LEU A 324 -30.46 8.38 -35.59
C LEU A 324 -31.11 8.24 -36.95
N ALA A 325 -32.16 9.00 -37.22
CA ALA A 325 -32.82 8.93 -38.52
C ALA A 325 -31.99 9.58 -39.61
N ASN A 326 -31.29 10.67 -39.29
CA ASN A 326 -30.47 11.38 -40.25
C ASN A 326 -28.98 11.03 -40.15
N TRP A 327 -28.63 10.05 -39.32
CA TRP A 327 -27.24 9.60 -39.25
C TRP A 327 -26.72 9.19 -40.62
N GLU A 328 -27.54 8.51 -41.42
CA GLU A 328 -27.09 8.07 -42.73
C GLU A 328 -26.73 9.26 -43.62
N ASN A 329 -27.58 10.29 -43.64
CA ASN A 329 -27.28 11.49 -44.41
C ASN A 329 -26.03 12.18 -43.87
N SER A 330 -25.89 12.25 -42.55
CA SER A 330 -24.68 12.83 -41.97
C SER A 330 -23.44 12.09 -42.45
N LYS A 331 -23.52 10.77 -42.52
CA LYS A 331 -22.41 9.98 -43.07
C LYS A 331 -22.17 10.32 -44.53
N LYS A 332 -23.23 10.45 -45.32
CA LYS A 332 -23.07 10.81 -46.72
C LYS A 332 -22.31 12.13 -46.88
N ASN A 333 -22.45 13.03 -45.92
CA ASN A 333 -21.75 14.31 -45.95
C ASN A 333 -20.45 14.29 -45.16
N SER A 334 -19.94 13.11 -44.81
CA SER A 334 -18.68 12.95 -44.09
C SER A 334 -18.73 13.61 -42.71
N PHE A 335 -19.92 13.79 -42.15
CA PHE A 335 -20.08 14.33 -40.81
C PHE A 335 -19.39 15.69 -40.66
N LYS A 336 -19.50 16.52 -41.71
CA LYS A 336 -18.94 17.86 -41.68
C LYS A 336 -19.99 18.96 -41.78
N HIS A 337 -21.20 18.66 -42.24
CA HIS A 337 -22.26 19.65 -42.38
C HIS A 337 -23.22 19.51 -41.20
N ALA A 338 -23.42 20.62 -40.47
CA ALA A 338 -24.31 20.63 -39.32
C ALA A 338 -25.68 21.17 -39.74
N GLY A 339 -26.73 20.46 -39.34
CA GLY A 339 -28.08 20.85 -39.67
C GLY A 339 -28.62 21.89 -38.71
N LYS A 340 -29.95 22.05 -38.74
CA LYS A 340 -30.59 23.02 -37.86
C LYS A 340 -30.35 22.68 -36.39
N ASP A 341 -30.47 21.39 -36.05
CA ASP A 341 -30.23 20.96 -34.67
C ASP A 341 -28.75 20.83 -34.34
N GLY A 342 -27.87 20.85 -35.34
CA GLY A 342 -26.45 20.72 -35.11
C GLY A 342 -26.00 19.34 -34.73
N SER A 343 -26.83 18.32 -34.93
CA SER A 343 -26.47 16.95 -34.56
C SER A 343 -25.80 16.19 -35.69
N GLY A 344 -25.64 16.80 -36.87
CA GLY A 344 -25.07 16.11 -38.00
C GLY A 344 -23.56 15.95 -37.97
N VAL A 345 -22.90 16.51 -36.96
CA VAL A 345 -21.45 16.44 -36.84
C VAL A 345 -21.01 15.42 -35.80
N PHE A 346 -21.93 14.62 -35.27
CA PHE A 346 -21.64 13.66 -34.21
C PHE A 346 -21.91 12.24 -34.70
N ARG A 347 -20.90 11.38 -34.60
CA ARG A 347 -21.06 9.97 -34.93
C ARG A 347 -21.54 9.14 -33.76
N ALA A 348 -21.61 9.71 -32.55
CA ALA A 348 -22.03 8.99 -31.36
C ALA A 348 -22.91 9.89 -30.51
N ALA A 349 -23.94 9.29 -29.90
CA ALA A 349 -24.82 10.00 -28.99
C ALA A 349 -24.58 9.49 -27.57
N MET A 350 -24.73 10.38 -26.59
CA MET A 350 -24.44 10.08 -25.20
C MET A 350 -25.64 10.53 -24.37
N LEU A 351 -26.43 9.56 -23.91
CA LEU A 351 -27.62 9.82 -23.10
C LEU A 351 -27.24 9.69 -21.62
N TYR A 352 -27.60 10.69 -20.82
CA TYR A 352 -27.27 10.68 -19.41
C TYR A 352 -28.41 11.23 -18.58
N GLY A 353 -28.60 10.65 -17.39
CA GLY A 353 -29.63 11.07 -16.47
C GLY A 353 -29.67 10.20 -15.22
N PRO A 354 -30.52 10.57 -14.27
CA PRO A 354 -30.60 9.81 -13.00
C PRO A 354 -31.24 8.45 -13.21
N PRO A 355 -31.17 7.57 -12.20
CA PRO A 355 -31.65 6.20 -12.38
C PRO A 355 -33.16 6.12 -12.63
N GLY A 356 -33.54 5.13 -13.43
CA GLY A 356 -34.94 4.76 -13.59
C GLY A 356 -35.81 5.83 -14.24
N ILE A 357 -35.35 6.43 -15.33
CA ILE A 357 -36.11 7.46 -16.02
C ILE A 357 -36.41 7.11 -17.47
N GLY A 358 -35.81 6.05 -18.02
CA GLY A 358 -36.14 5.60 -19.35
C GLY A 358 -35.04 5.77 -20.38
N LYS A 359 -33.79 5.75 -19.93
CA LYS A 359 -32.67 5.90 -20.86
C LYS A 359 -32.52 4.65 -21.73
N THR A 360 -32.36 3.48 -21.10
CA THR A 360 -32.22 2.25 -21.85
C THR A 360 -33.46 1.95 -22.68
N THR A 361 -34.64 2.17 -22.08
CA THR A 361 -35.90 1.95 -22.81
C THR A 361 -35.93 2.80 -24.07
N ALA A 362 -35.64 4.10 -23.94
CA ALA A 362 -35.69 4.98 -25.09
C ALA A 362 -34.66 4.59 -26.14
N ALA A 363 -33.45 4.23 -25.70
CA ALA A 363 -32.41 3.84 -26.66
C ALA A 363 -32.84 2.62 -27.47
N HIS A 364 -33.33 1.59 -26.78
CA HIS A 364 -33.77 0.39 -27.49
C HIS A 364 -34.95 0.69 -28.39
N LEU A 365 -35.89 1.53 -27.93
CA LEU A 365 -37.06 1.84 -28.73
C LEU A 365 -36.68 2.59 -30.01
N VAL A 366 -35.76 3.55 -29.91
CA VAL A 366 -35.34 4.28 -31.11
C VAL A 366 -34.58 3.35 -32.05
N ALA A 367 -33.74 2.48 -31.48
CA ALA A 367 -32.98 1.56 -32.33
C ALA A 367 -33.92 0.62 -33.09
N GLN A 368 -34.97 0.12 -32.43
CA GLN A 368 -35.89 -0.79 -33.09
C GLN A 368 -36.79 -0.06 -34.08
N GLU A 369 -37.20 1.17 -33.75
CA GLU A 369 -38.13 1.89 -34.62
C GLU A 369 -37.52 2.14 -35.99
N LEU A 370 -36.24 2.50 -36.04
CA LEU A 370 -35.56 2.78 -37.30
C LEU A 370 -35.07 1.52 -38.00
N GLY A 371 -35.25 0.36 -37.39
CA GLY A 371 -34.94 -0.90 -38.07
C GLY A 371 -33.50 -1.32 -38.01
N TYR A 372 -32.68 -0.70 -37.18
CA TYR A 372 -31.29 -1.10 -37.05
C TYR A 372 -31.18 -2.39 -36.23
N ASP A 373 -30.09 -3.10 -36.42
CA ASP A 373 -29.76 -4.26 -35.60
C ASP A 373 -28.95 -3.79 -34.40
N ILE A 374 -29.37 -4.23 -33.21
CA ILE A 374 -28.84 -3.70 -31.96
C ILE A 374 -27.74 -4.64 -31.45
N LEU A 375 -26.57 -4.09 -31.19
CA LEU A 375 -25.48 -4.78 -30.51
C LEU A 375 -25.27 -4.08 -29.18
N GLU A 376 -25.57 -4.76 -28.09
CA GLU A 376 -25.67 -4.16 -26.77
C GLU A 376 -24.57 -4.68 -25.85
N GLN A 377 -23.94 -3.75 -25.14
CA GLN A 377 -22.93 -4.07 -24.13
C GLN A 377 -23.29 -3.34 -22.84
N ASN A 378 -22.91 -3.94 -21.72
CA ASN A 378 -23.26 -3.40 -20.41
C ASN A 378 -22.17 -3.76 -19.41
N ALA A 379 -22.41 -3.38 -18.15
CA ALA A 379 -21.42 -3.60 -17.09
C ALA A 379 -21.21 -5.09 -16.81
N SER A 380 -22.16 -5.95 -17.18
CA SER A 380 -21.97 -7.39 -17.00
C SER A 380 -20.92 -7.96 -17.95
N ASP A 381 -20.50 -7.20 -18.96
CA ASP A 381 -19.52 -7.65 -19.94
C ASP A 381 -18.17 -7.02 -19.65
N VAL A 382 -17.13 -7.66 -20.18
CA VAL A 382 -15.76 -7.18 -20.03
C VAL A 382 -15.48 -6.18 -21.14
N ARG A 383 -15.24 -4.93 -20.77
CA ARG A 383 -15.00 -3.85 -21.73
C ARG A 383 -13.66 -3.18 -21.46
N SER A 384 -12.64 -3.98 -21.14
CA SER A 384 -11.30 -3.46 -21.02
C SER A 384 -10.76 -3.11 -22.41
N LYS A 385 -9.61 -2.42 -22.41
CA LYS A 385 -9.00 -2.03 -23.69
C LYS A 385 -8.76 -3.26 -24.57
N THR A 386 -8.26 -4.34 -23.99
CA THR A 386 -7.96 -5.53 -24.79
C THR A 386 -9.23 -6.13 -25.37
N LEU A 387 -10.26 -6.32 -24.53
CA LEU A 387 -11.53 -6.83 -25.04
C LEU A 387 -12.17 -5.86 -26.01
N LEU A 388 -12.08 -4.55 -25.72
CA LEU A 388 -12.67 -3.56 -26.61
C LEU A 388 -12.06 -3.64 -28.00
N ASN A 389 -10.73 -3.75 -28.08
CA ASN A 389 -10.07 -3.85 -29.38
C ASN A 389 -10.31 -5.21 -30.03
N ALA A 390 -10.40 -6.28 -29.24
CA ALA A 390 -10.65 -7.61 -29.77
C ALA A 390 -12.14 -7.91 -29.92
N GLY A 391 -13.02 -7.05 -29.44
CA GLY A 391 -14.45 -7.29 -29.47
C GLY A 391 -15.21 -6.33 -30.38
N VAL A 392 -15.82 -5.31 -29.77
CA VAL A 392 -16.67 -4.38 -30.51
C VAL A 392 -15.89 -3.59 -31.54
N LYS A 393 -14.56 -3.49 -31.38
CA LYS A 393 -13.78 -2.72 -32.34
C LYS A 393 -13.96 -3.24 -33.76
N ASN A 394 -14.00 -4.56 -33.92
CA ASN A 394 -14.19 -5.15 -35.24
C ASN A 394 -15.61 -5.00 -35.76
N ALA A 395 -16.55 -4.58 -34.92
CA ALA A 395 -17.94 -4.39 -35.33
C ALA A 395 -18.26 -2.94 -35.69
N LEU A 396 -17.29 -2.03 -35.59
CA LEU A 396 -17.54 -0.63 -35.94
C LEU A 396 -17.75 -0.44 -37.43
N ASP A 397 -17.10 -1.25 -38.27
CA ASP A 397 -17.24 -1.16 -39.72
C ASP A 397 -17.53 -2.53 -40.31
N ASN A 398 -18.45 -3.27 -39.70
CA ASN A 398 -18.76 -4.63 -40.11
C ASN A 398 -20.26 -4.79 -40.30
N MET A 399 -20.63 -5.67 -41.22
CA MET A 399 -22.02 -5.99 -41.48
C MET A 399 -22.52 -6.99 -40.44
N SER A 400 -23.83 -7.01 -40.26
CA SER A 400 -24.48 -7.91 -39.30
C SER A 400 -24.98 -9.15 -40.04
N VAL A 401 -24.51 -10.32 -39.62
CA VAL A 401 -25.02 -11.56 -40.19
C VAL A 401 -26.50 -11.72 -39.87
N VAL A 402 -26.90 -11.32 -38.66
CA VAL A 402 -28.31 -11.33 -38.29
C VAL A 402 -29.09 -10.37 -39.19
N GLY A 403 -28.54 -9.17 -39.40
CA GLY A 403 -29.21 -8.21 -40.26
C GLY A 403 -29.31 -8.67 -41.70
N TYR A 404 -28.49 -9.65 -42.10
CA TYR A 404 -28.53 -10.17 -43.45
C TYR A 404 -29.47 -11.37 -43.57
N PHE A 405 -29.56 -12.21 -42.55
CA PHE A 405 -30.40 -13.38 -42.59
C PHE A 405 -31.83 -13.12 -42.13
N LYS A 406 -32.13 -11.92 -41.60
CA LYS A 406 -33.46 -11.56 -41.18
C LYS A 406 -34.22 -10.75 -42.22
N HIS A 407 -33.63 -10.49 -43.38
CA HIS A 407 -34.28 -9.72 -44.42
C HIS A 407 -35.05 -10.64 -45.37
N ASN A 413 -35.99 -3.19 -44.48
CA ASN A 413 -35.32 -1.93 -44.18
C ASN A 413 -33.89 -1.92 -44.72
N LEU A 414 -33.45 -0.76 -45.21
CA LEU A 414 -32.10 -0.63 -45.74
C LEU A 414 -31.04 -0.58 -44.66
N ASN A 415 -31.41 -0.25 -43.42
CA ASN A 415 -30.48 -0.21 -42.29
C ASN A 415 -30.47 -1.52 -41.51
N GLY A 416 -31.20 -2.53 -41.96
CA GLY A 416 -31.25 -3.78 -41.22
C GLY A 416 -29.90 -4.47 -41.12
N LYS A 417 -29.06 -4.31 -42.14
CA LYS A 417 -27.74 -4.92 -42.15
C LYS A 417 -26.70 -4.11 -41.40
N HIS A 418 -27.06 -2.95 -40.86
CA HIS A 418 -26.14 -2.10 -40.12
C HIS A 418 -26.40 -2.19 -38.63
N PHE A 419 -25.36 -2.00 -37.84
CA PHE A 419 -25.43 -2.11 -36.39
C PHE A 419 -25.79 -0.77 -35.75
N VAL A 420 -26.28 -0.85 -34.53
CA VAL A 420 -26.38 0.29 -33.62
C VAL A 420 -25.74 -0.18 -32.32
N ILE A 421 -24.53 0.28 -32.05
CA ILE A 421 -23.78 -0.21 -30.89
C ILE A 421 -24.20 0.58 -29.66
N ILE A 422 -24.85 -0.09 -28.73
CA ILE A 422 -25.35 0.52 -27.50
C ILE A 422 -24.43 0.10 -26.36
N MET A 423 -23.73 1.08 -25.78
CA MET A 423 -22.87 0.86 -24.62
C MET A 423 -23.58 1.42 -23.41
N ASP A 424 -24.24 0.53 -22.66
CA ASP A 424 -25.00 0.93 -21.49
C ASP A 424 -24.12 0.90 -20.24
N GLU A 425 -24.43 1.77 -19.29
CA GLU A 425 -23.74 1.80 -18.00
C GLU A 425 -22.26 2.09 -18.18
N VAL A 426 -21.97 3.11 -18.98
CA VAL A 426 -20.58 3.50 -19.25
C VAL A 426 -19.90 3.97 -17.97
N ASP A 427 -20.65 4.54 -17.03
CA ASP A 427 -20.07 4.96 -15.77
C ASP A 427 -19.72 3.79 -14.86
N GLY A 428 -20.14 2.57 -15.21
CA GLY A 428 -19.87 1.40 -14.42
C GLY A 428 -18.56 0.71 -14.73
N MET A 429 -17.68 1.34 -15.49
CA MET A 429 -16.37 0.79 -15.81
C MET A 429 -15.30 1.51 -15.01
N SER A 430 -14.39 0.76 -14.41
CA SER A 430 -13.33 1.29 -13.56
C SER A 430 -12.00 1.25 -14.31
N GLY A 431 -11.12 2.20 -13.95
CA GLY A 431 -9.80 2.25 -14.53
C GLY A 431 -9.53 3.53 -15.29
N GLY A 432 -8.26 3.88 -15.45
CA GLY A 432 -7.90 5.08 -16.19
C GLY A 432 -7.50 4.78 -17.63
N ASP A 433 -6.69 3.75 -17.82
CA ASP A 433 -6.24 3.35 -19.15
C ASP A 433 -6.69 1.93 -19.51
N ARG A 434 -6.50 0.97 -18.60
CA ARG A 434 -6.92 -0.40 -18.87
C ARG A 434 -8.43 -0.54 -18.89
N GLY A 435 -9.16 0.39 -18.27
CA GLY A 435 -10.61 0.31 -18.28
C GLY A 435 -11.19 0.39 -19.68
N GLY A 436 -10.59 1.21 -20.54
CA GLY A 436 -11.06 1.37 -21.90
C GLY A 436 -11.99 2.55 -22.11
N VAL A 437 -12.13 3.44 -21.13
CA VAL A 437 -12.98 4.62 -21.30
C VAL A 437 -12.43 5.50 -22.41
N GLY A 438 -11.12 5.79 -22.35
CA GLY A 438 -10.50 6.53 -23.43
C GLY A 438 -10.58 5.79 -24.75
N GLN A 439 -10.53 4.46 -24.70
CA GLN A 439 -10.68 3.68 -25.93
C GLN A 439 -12.07 3.87 -26.53
N LEU A 440 -13.11 3.91 -25.68
CA LEU A 440 -14.45 4.19 -26.19
C LEU A 440 -14.55 5.60 -26.74
N ALA A 441 -13.90 6.57 -26.08
CA ALA A 441 -13.90 7.93 -26.60
C ALA A 441 -13.25 7.98 -27.97
N GLN A 442 -12.15 7.25 -28.15
CA GLN A 442 -11.52 7.16 -29.47
C GLN A 442 -12.44 6.50 -30.48
N PHE A 443 -13.14 5.43 -30.07
CA PHE A 443 -14.08 4.78 -30.97
C PHE A 443 -15.17 5.75 -31.43
N CYS A 444 -15.60 6.64 -30.54
CA CYS A 444 -16.69 7.55 -30.86
C CYS A 444 -16.32 8.51 -31.99
N ARG A 445 -15.04 8.64 -32.32
CA ARG A 445 -14.61 9.58 -33.34
C ARG A 445 -14.50 8.99 -34.73
N LYS A 446 -14.38 7.66 -34.84
CA LYS A 446 -14.16 7.01 -36.14
C LYS A 446 -15.17 5.92 -36.43
N THR A 447 -16.18 5.72 -35.60
CA THR A 447 -17.15 4.66 -35.84
C THR A 447 -17.86 4.89 -37.17
N SER A 448 -17.99 3.81 -37.94
CA SER A 448 -18.71 3.84 -39.21
C SER A 448 -20.18 3.47 -39.07
N THR A 449 -20.65 3.19 -37.86
CA THR A 449 -22.03 2.84 -37.60
C THR A 449 -22.49 3.59 -36.36
N PRO A 450 -23.79 3.81 -36.21
CA PRO A 450 -24.28 4.58 -35.06
C PRO A 450 -23.89 3.95 -33.73
N LEU A 451 -23.53 4.81 -32.78
CA LEU A 451 -23.08 4.39 -31.46
C LEU A 451 -23.77 5.26 -30.41
N ILE A 452 -24.42 4.61 -29.45
CA ILE A 452 -25.15 5.29 -28.38
C ILE A 452 -24.54 4.85 -27.05
N LEU A 453 -24.09 5.82 -26.26
CA LEU A 453 -23.53 5.56 -24.95
C LEU A 453 -24.49 6.07 -23.88
N ILE A 454 -24.60 5.32 -22.78
CA ILE A 454 -25.53 5.65 -21.70
C ILE A 454 -24.76 5.62 -20.38
N CYS A 455 -24.96 6.64 -19.56
CA CYS A 455 -24.37 6.71 -18.23
C CYS A 455 -25.35 7.42 -17.31
N ASN A 456 -24.99 7.45 -16.02
CA ASN A 456 -25.80 8.13 -15.02
C ASN A 456 -25.22 9.49 -14.61
N GLU A 457 -23.91 9.56 -14.38
CA GLU A 457 -23.24 10.80 -14.00
C GLU A 457 -22.32 11.20 -15.14
N ARG A 458 -22.68 12.28 -15.83
CA ARG A 458 -21.90 12.75 -16.97
C ARG A 458 -20.70 13.61 -16.56
N ASN A 459 -20.67 14.11 -15.32
CA ASN A 459 -19.66 15.05 -14.89
C ASN A 459 -18.53 14.40 -14.10
N LEU A 460 -18.49 13.08 -14.03
CA LEU A 460 -17.43 12.41 -13.31
C LEU A 460 -16.10 12.57 -14.05
N PRO A 461 -14.98 12.59 -13.33
CA PRO A 461 -13.68 12.72 -14.01
C PRO A 461 -13.46 11.66 -15.07
N LYS A 462 -13.90 10.44 -14.82
CA LYS A 462 -13.71 9.36 -15.79
C LYS A 462 -14.38 9.67 -17.12
N MET A 463 -15.39 10.53 -17.13
CA MET A 463 -16.09 10.88 -18.35
C MET A 463 -15.39 11.98 -19.14
N ARG A 464 -14.27 12.51 -18.64
CA ARG A 464 -13.59 13.59 -19.33
C ARG A 464 -13.27 13.29 -20.79
N PRO A 465 -12.81 12.09 -21.16
CA PRO A 465 -12.47 11.85 -22.58
C PRO A 465 -13.64 12.03 -23.53
N PHE A 466 -14.88 11.98 -23.05
CA PHE A 466 -16.06 12.18 -23.88
C PHE A 466 -16.50 13.64 -23.93
N ASP A 467 -15.57 14.58 -23.81
CA ASP A 467 -15.93 15.99 -23.64
C ASP A 467 -16.81 16.49 -24.77
N ARG A 468 -16.29 16.51 -25.99
CA ARG A 468 -16.99 17.10 -27.13
C ARG A 468 -16.89 16.18 -28.34
N VAL A 469 -17.13 14.89 -28.13
CA VAL A 469 -17.12 13.91 -29.20
C VAL A 469 -18.51 13.38 -29.52
N CYS A 470 -19.44 13.41 -28.59
CA CYS A 470 -20.77 12.84 -28.76
C CYS A 470 -21.83 13.90 -28.55
N LEU A 471 -22.98 13.71 -29.20
CA LEU A 471 -24.14 14.55 -28.97
C LEU A 471 -24.71 14.24 -27.59
N ASP A 472 -24.62 15.19 -26.68
CA ASP A 472 -25.06 14.98 -25.31
C ASP A 472 -26.58 15.17 -25.23
N ILE A 473 -27.26 14.17 -24.68
CA ILE A 473 -28.71 14.19 -24.51
C ILE A 473 -29.02 13.95 -23.04
N GLN A 474 -29.65 14.91 -22.40
CA GLN A 474 -29.91 14.87 -20.97
C GLN A 474 -31.35 14.44 -20.73
N PHE A 475 -31.53 13.47 -19.85
CA PHE A 475 -32.85 13.00 -19.42
C PHE A 475 -33.06 13.48 -17.99
N ARG A 476 -34.13 14.24 -17.77
CA ARG A 476 -34.40 14.83 -16.47
C ARG A 476 -35.46 14.03 -15.73
N ARG A 477 -35.54 14.25 -14.43
CA ARG A 477 -36.53 13.57 -13.62
C ARG A 477 -37.93 13.94 -14.11
N PRO A 478 -38.76 12.98 -14.50
CA PRO A 478 -40.11 13.32 -14.95
C PRO A 478 -41.00 13.76 -13.79
N ASP A 479 -41.79 14.79 -14.03
CA ASP A 479 -42.68 15.32 -13.01
C ASP A 479 -43.89 14.42 -12.82
N ALA A 480 -44.66 14.72 -11.77
CA ALA A 480 -45.80 13.89 -11.43
C ALA A 480 -46.85 13.90 -12.53
N ASN A 481 -47.03 15.05 -13.20
CA ASN A 481 -48.08 15.16 -14.21
C ASN A 481 -47.82 14.24 -15.40
N SER A 482 -46.56 14.10 -15.81
CA SER A 482 -46.23 13.29 -16.98
C SER A 482 -46.48 11.80 -16.76
N ILE A 483 -46.73 11.38 -15.52
CA ILE A 483 -46.85 9.96 -15.18
C ILE A 483 -48.17 9.61 -14.53
N LYS A 484 -48.94 10.59 -14.04
CA LYS A 484 -50.13 10.28 -13.24
C LYS A 484 -51.04 9.28 -13.95
N SER A 485 -51.22 9.45 -15.27
CA SER A 485 -52.05 8.52 -16.01
C SER A 485 -51.51 7.10 -15.93
N ARG A 486 -50.19 6.95 -16.01
CA ARG A 486 -49.58 5.63 -15.96
C ARG A 486 -49.88 4.94 -14.64
N LEU A 487 -49.69 5.64 -13.51
CA LEU A 487 -49.94 5.03 -12.21
C LEU A 487 -51.42 4.75 -12.01
N MET A 488 -52.31 5.63 -12.48
CA MET A 488 -53.73 5.35 -12.33
C MET A 488 -54.14 4.12 -13.15
N THR A 489 -53.60 4.00 -14.37
CA THR A 489 -53.88 2.81 -15.18
C THR A 489 -53.35 1.56 -14.49
N ILE A 490 -52.14 1.63 -13.93
CA ILE A 490 -51.59 0.48 -13.23
C ILE A 490 -52.45 0.13 -12.01
N ALA A 491 -52.95 1.15 -11.32
CA ALA A 491 -53.78 0.91 -10.14
C ALA A 491 -55.09 0.22 -10.51
N ILE A 492 -55.75 0.71 -11.58
CA ILE A 492 -57.03 0.11 -11.95
C ILE A 492 -56.82 -1.30 -12.50
N ARG A 493 -55.72 -1.52 -13.25
CA ARG A 493 -55.44 -2.86 -13.75
C ARG A 493 -55.11 -3.82 -12.61
N GLU A 494 -54.38 -3.35 -11.61
CA GLU A 494 -53.92 -4.18 -10.50
C GLU A 494 -54.95 -4.26 -9.37
N LYS A 495 -56.06 -3.53 -9.47
CA LYS A 495 -57.17 -3.67 -8.53
C LYS A 495 -56.78 -3.22 -7.13
N PHE A 496 -56.21 -2.02 -7.03
CA PHE A 496 -55.97 -1.38 -5.75
C PHE A 496 -56.24 0.11 -5.88
N LYS A 497 -56.70 0.72 -4.79
CA LYS A 497 -57.12 2.11 -4.80
C LYS A 497 -55.94 3.03 -4.52
N LEU A 498 -55.75 4.02 -5.39
CA LEU A 498 -54.68 5.00 -5.24
C LEU A 498 -55.26 6.40 -5.40
N ASP A 499 -55.01 7.25 -4.43
CA ASP A 499 -55.50 8.63 -4.48
C ASP A 499 -54.55 9.48 -5.31
N PRO A 500 -55.05 10.20 -6.33
CA PRO A 500 -54.12 11.03 -7.13
C PRO A 500 -53.39 12.08 -6.32
N ASN A 501 -54.01 12.62 -5.27
CA ASN A 501 -53.42 13.73 -4.55
C ASN A 501 -52.07 13.38 -3.93
N VAL A 502 -51.77 12.10 -3.75
CA VAL A 502 -50.51 11.68 -3.13
C VAL A 502 -49.44 11.35 -4.15
N ILE A 503 -49.77 11.34 -5.45
CA ILE A 503 -48.78 10.98 -6.46
C ILE A 503 -47.57 11.91 -6.37
N ASP A 504 -47.82 13.22 -6.28
CA ASP A 504 -46.72 14.16 -6.13
C ASP A 504 -45.83 13.79 -4.96
N ARG A 505 -46.43 13.35 -3.85
CA ARG A 505 -45.65 12.89 -2.71
C ARG A 505 -44.85 11.65 -3.08
N LEU A 506 -45.50 10.67 -3.71
CA LEU A 506 -44.82 9.41 -4.03
C LEU A 506 -43.57 9.66 -4.86
N ILE A 507 -43.69 10.47 -5.92
CA ILE A 507 -42.51 10.81 -6.71
C ILE A 507 -41.45 11.47 -5.84
N GLN A 508 -41.88 12.38 -4.97
CA GLN A 508 -40.92 13.02 -4.07
C GLN A 508 -40.18 11.99 -3.24
N THR A 509 -40.87 10.91 -2.85
CA THR A 509 -40.21 9.84 -2.13
C THR A 509 -39.15 9.16 -2.99
N THR A 510 -39.45 8.94 -4.27
CA THR A 510 -38.55 8.22 -5.17
C THR A 510 -37.62 9.14 -5.94
N ARG A 511 -37.71 10.46 -5.74
CA ARG A 511 -36.86 11.42 -6.43
C ARG A 511 -36.97 11.27 -7.95
N GLY A 512 -38.19 11.07 -8.43
CA GLY A 512 -38.43 10.95 -9.85
C GLY A 512 -38.05 9.62 -10.47
N ASP A 513 -37.85 8.59 -9.66
CA ASP A 513 -37.50 7.26 -10.15
C ASP A 513 -38.80 6.49 -10.40
N ILE A 514 -39.17 6.37 -11.68
CA ILE A 514 -40.42 5.69 -12.03
C ILE A 514 -40.33 4.20 -11.67
N ARG A 515 -39.19 3.58 -11.94
CA ARG A 515 -39.02 2.18 -11.58
C ARG A 515 -39.22 1.98 -10.09
N GLN A 516 -38.63 2.85 -9.27
CA GLN A 516 -38.82 2.76 -7.83
C GLN A 516 -40.28 3.01 -7.44
N VAL A 517 -40.97 3.92 -8.15
CA VAL A 517 -42.39 4.15 -7.86
C VAL A 517 -43.19 2.89 -8.10
N ILE A 518 -42.94 2.22 -9.23
CA ILE A 518 -43.67 0.99 -9.54
C ILE A 518 -43.36 -0.09 -8.52
N ASN A 519 -42.08 -0.21 -8.13
CA ASN A 519 -41.72 -1.19 -7.11
C ASN A 519 -42.42 -0.89 -5.79
N LEU A 520 -42.47 0.39 -5.41
CA LEU A 520 -43.15 0.77 -4.17
C LEU A 520 -44.62 0.40 -4.22
N LEU A 521 -45.29 0.69 -5.34
CA LEU A 521 -46.70 0.34 -5.48
C LEU A 521 -46.89 -1.16 -5.35
N SER A 522 -46.06 -1.93 -6.05
CA SER A 522 -46.19 -3.38 -6.03
C SER A 522 -45.99 -3.93 -4.62
N THR A 523 -45.00 -3.42 -3.89
CA THR A 523 -44.72 -3.94 -2.56
C THR A 523 -45.80 -3.52 -1.56
N ILE A 524 -46.25 -2.26 -1.63
CA ILE A 524 -47.21 -1.77 -0.65
C ILE A 524 -48.57 -2.41 -0.87
N SER A 525 -48.98 -2.60 -2.13
CA SER A 525 -50.31 -3.13 -2.40
C SER A 525 -50.47 -4.56 -1.91
N THR A 526 -49.37 -5.24 -1.59
CA THR A 526 -49.47 -6.64 -1.16
C THR A 526 -50.33 -6.77 0.10
N THR A 527 -50.28 -5.79 0.98
CA THR A 527 -51.03 -5.81 2.24
C THR A 527 -51.99 -4.65 2.39
N THR A 528 -51.65 -3.46 1.91
CA THR A 528 -52.51 -2.29 1.97
C THR A 528 -53.10 -2.05 0.59
N LYS A 529 -54.38 -2.37 0.41
CA LYS A 529 -55.03 -2.26 -0.88
C LYS A 529 -55.50 -0.86 -1.20
N THR A 530 -55.43 0.07 -0.26
CA THR A 530 -55.85 1.45 -0.47
C THR A 530 -54.73 2.39 -0.05
N ILE A 531 -54.33 3.27 -0.96
CA ILE A 531 -53.29 4.26 -0.70
C ILE A 531 -53.96 5.63 -0.68
N ASN A 532 -53.92 6.29 0.47
CA ASN A 532 -54.59 7.57 0.66
C ASN A 532 -53.74 8.42 1.60
N HIS A 533 -54.31 9.55 2.04
CA HIS A 533 -53.61 10.43 2.95
C HIS A 533 -53.46 9.84 4.35
N GLU A 534 -54.26 8.83 4.69
CA GLU A 534 -54.19 8.24 6.02
C GLU A 534 -52.92 7.44 6.24
N ASN A 535 -52.18 7.11 5.17
CA ASN A 535 -50.98 6.29 5.31
C ASN A 535 -49.84 6.78 4.42
N ILE A 536 -49.96 7.97 3.82
CA ILE A 536 -48.93 8.43 2.89
C ILE A 536 -47.64 8.77 3.62
N ASN A 537 -47.74 9.38 4.80
CA ASN A 537 -46.55 9.84 5.50
C ASN A 537 -45.63 8.68 5.88
N GLU A 538 -46.21 7.62 6.45
CA GLU A 538 -45.39 6.48 6.86
C GLU A 538 -44.73 5.81 5.65
N ILE A 539 -45.48 5.64 4.57
CA ILE A 539 -44.92 5.02 3.38
C ILE A 539 -43.77 5.86 2.83
N SER A 540 -43.97 7.18 2.77
CA SER A 540 -42.92 8.07 2.26
C SER A 540 -41.68 7.99 3.14
N LYS A 541 -41.85 8.02 4.46
CA LYS A 541 -40.70 7.99 5.35
C LYS A 541 -39.96 6.65 5.26
N ALA A 542 -40.70 5.56 5.06
CA ALA A 542 -40.08 4.24 5.00
C ALA A 542 -39.36 4.03 3.67
N TRP A 543 -39.84 4.62 2.58
CA TRP A 543 -39.30 4.40 1.26
C TRP A 543 -38.48 5.57 0.73
N GLU A 544 -38.16 6.54 1.59
CA GLU A 544 -37.45 7.72 1.13
C GLU A 544 -36.09 7.34 0.56
N LYS A 545 -35.76 7.90 -0.61
CA LYS A 545 -34.46 7.66 -1.24
C LYS A 545 -33.44 8.62 -0.64
N ASN A 546 -32.50 8.08 0.12
CA ASN A 546 -31.47 8.87 0.80
C ASN A 546 -30.21 8.83 -0.06
N ILE A 547 -30.05 9.85 -0.90
CA ILE A 547 -28.91 9.96 -1.81
C ILE A 547 -27.93 10.97 -1.23
N ALA A 548 -26.64 10.68 -1.39
CA ALA A 548 -25.62 11.60 -0.92
C ALA A 548 -25.67 12.90 -1.71
N LEU A 549 -25.55 14.01 -0.99
CA LEU A 549 -25.58 15.32 -1.62
C LEU A 549 -24.27 15.57 -2.38
N LYS A 550 -24.32 16.51 -3.30
CA LYS A 550 -23.16 16.96 -4.04
C LYS A 550 -22.55 18.18 -3.37
N PRO A 551 -21.30 18.53 -3.70
CA PRO A 551 -20.61 19.58 -2.93
C PRO A 551 -21.38 20.88 -2.83
N PHE A 552 -22.02 21.34 -3.90
CA PHE A 552 -22.80 22.57 -3.84
C PHE A 552 -23.96 22.43 -2.86
N ASP A 553 -24.69 21.32 -2.93
CA ASP A 553 -25.79 21.10 -2.00
C ASP A 553 -25.29 20.94 -0.57
N ILE A 554 -24.16 20.27 -0.38
CA ILE A 554 -23.60 20.13 0.96
C ILE A 554 -23.27 21.51 1.53
N ALA A 555 -22.63 22.36 0.73
CA ALA A 555 -22.31 23.71 1.19
C ALA A 555 -23.57 24.50 1.51
N HIS A 556 -24.58 24.40 0.65
CA HIS A 556 -25.82 25.13 0.91
C HIS A 556 -26.47 24.67 2.21
N LYS A 557 -26.52 23.36 2.44
CA LYS A 557 -27.17 22.85 3.64
C LYS A 557 -26.38 23.20 4.90
N MET A 558 -25.06 23.02 4.87
CA MET A 558 -24.25 23.22 6.06
C MET A 558 -24.24 24.68 6.51
N LEU A 559 -24.39 25.61 5.58
CA LEU A 559 -24.34 27.03 5.88
C LEU A 559 -25.72 27.64 6.13
N ASP A 560 -26.77 26.83 6.20
CA ASP A 560 -28.11 27.32 6.51
C ASP A 560 -28.24 27.51 8.02
N GLY A 561 -28.67 28.70 8.44
CA GLY A 561 -28.73 29.00 9.85
C GLY A 561 -29.79 28.24 10.60
N GLN A 562 -30.87 27.84 9.92
CA GLN A 562 -31.99 27.23 10.60
C GLN A 562 -31.56 25.98 11.37
N ILE A 563 -30.71 25.15 10.77
CA ILE A 563 -30.31 23.91 11.41
C ILE A 563 -29.49 24.14 12.68
N TYR A 564 -28.99 25.35 12.91
CA TYR A 564 -28.19 25.64 14.09
C TYR A 564 -29.00 26.25 15.22
N SER A 565 -30.32 26.43 15.03
CA SER A 565 -31.18 26.86 16.12
C SER A 565 -31.56 25.67 17.00
N ASP A 566 -32.22 25.97 18.12
CA ASP A 566 -32.61 24.90 19.03
C ASP A 566 -33.53 23.90 18.35
N ILE A 567 -34.60 24.39 17.72
CA ILE A 567 -35.52 23.49 17.04
C ILE A 567 -34.86 22.85 15.82
N GLY A 568 -34.14 23.65 15.03
CA GLY A 568 -33.46 23.10 13.87
C GLY A 568 -32.41 22.07 14.25
N SER A 569 -31.61 22.36 15.28
CA SER A 569 -30.62 21.40 15.73
C SER A 569 -31.26 20.16 16.31
N ARG A 570 -32.45 20.29 16.91
CA ARG A 570 -33.15 19.11 17.40
C ARG A 570 -33.71 18.28 16.25
N ASN A 571 -34.07 18.91 15.13
CA ASN A 571 -34.56 18.18 13.98
C ASN A 571 -33.40 17.66 13.12
N PHE A 572 -32.39 18.49 12.88
CA PHE A 572 -31.19 18.10 12.17
C PHE A 572 -30.06 18.08 13.21
N THR A 573 -29.72 16.89 13.68
CA THR A 573 -28.82 16.74 14.82
C THR A 573 -27.36 16.90 14.39
N LEU A 574 -26.48 17.00 15.39
CA LEU A 574 -25.05 17.08 15.12
C LEU A 574 -24.56 15.84 14.37
N ASN A 575 -25.12 14.68 14.71
CA ASN A 575 -24.78 13.46 13.99
C ASN A 575 -25.15 13.58 12.51
N ASP A 576 -26.30 14.17 12.23
CA ASP A 576 -26.70 14.39 10.83
C ASP A 576 -25.72 15.30 10.12
N LYS A 577 -25.23 16.33 10.81
CA LYS A 577 -24.26 17.24 10.19
C LYS A 577 -22.94 16.53 9.91
N ILE A 578 -22.49 15.68 10.83
CA ILE A 578 -21.27 14.91 10.58
C ILE A 578 -21.46 13.96 9.41
N ALA A 579 -22.62 13.32 9.33
CA ALA A 579 -22.91 12.47 8.18
C ALA A 579 -22.93 13.27 6.88
N LEU A 580 -23.51 14.47 6.92
CA LEU A 580 -23.51 15.35 5.75
C LEU A 580 -22.09 15.64 5.30
N TYR A 581 -21.19 15.92 6.25
CA TYR A 581 -19.78 16.05 5.90
C TYR A 581 -19.28 14.79 5.23
N PHE A 582 -19.60 13.63 5.80
CA PHE A 582 -19.10 12.36 5.28
C PHE A 582 -19.68 12.00 3.92
N ASP A 583 -20.73 12.71 3.46
CA ASP A 583 -21.19 12.50 2.10
C ASP A 583 -20.06 12.68 1.10
N ASP A 584 -19.20 13.67 1.34
CA ASP A 584 -17.98 13.84 0.55
C ASP A 584 -16.94 14.49 1.47
N PHE A 585 -16.14 13.66 2.14
CA PHE A 585 -15.19 14.19 3.12
C PHE A 585 -14.00 14.87 2.47
N ASP A 586 -13.73 14.58 1.19
CA ASP A 586 -12.62 15.23 0.50
C ASP A 586 -12.96 16.66 0.10
N PHE A 587 -14.19 16.91 -0.34
CA PHE A 587 -14.57 18.21 -0.89
C PHE A 587 -15.30 19.11 0.09
N THR A 588 -15.98 18.55 1.08
CA THR A 588 -16.75 19.39 2.01
C THR A 588 -15.89 20.44 2.69
N PRO A 589 -14.74 20.11 3.28
CA PRO A 589 -13.93 21.17 3.91
C PRO A 589 -13.52 22.26 2.95
N LEU A 590 -13.18 21.89 1.71
CA LEU A 590 -12.82 22.90 0.71
C LEU A 590 -14.01 23.81 0.41
N MET A 591 -15.21 23.22 0.26
CA MET A 591 -16.41 24.03 0.03
C MET A 591 -16.63 25.00 1.17
N ILE A 592 -16.54 24.53 2.40
CA ILE A 592 -16.79 25.39 3.55
C ILE A 592 -15.78 26.52 3.60
N GLN A 593 -14.48 26.20 3.43
CA GLN A 593 -13.47 27.24 3.44
C GLN A 593 -13.67 28.22 2.30
N GLU A 594 -14.24 27.77 1.18
CA GLU A 594 -14.45 28.65 0.04
C GLU A 594 -15.61 29.61 0.28
N ASN A 595 -16.67 29.14 0.95
CA ASN A 595 -17.92 29.89 0.99
C ASN A 595 -18.28 30.43 2.38
N TYR A 596 -17.39 30.33 3.36
CA TYR A 596 -17.75 30.76 4.71
C TYR A 596 -17.63 32.27 4.91
N LEU A 597 -17.13 33.02 3.93
CA LEU A 597 -17.09 34.47 3.99
C LEU A 597 -18.17 35.13 3.15
N SER A 598 -19.06 34.35 2.54
CA SER A 598 -20.05 34.85 1.59
C SER A 598 -21.47 34.73 2.10
N THR A 599 -21.66 34.84 3.43
CA THR A 599 -22.95 34.64 4.04
C THR A 599 -23.37 35.88 4.81
N ARG A 600 -24.69 36.00 5.03
CA ARG A 600 -25.27 36.93 5.99
C ARG A 600 -25.68 36.09 7.20
N PRO A 601 -24.93 36.13 8.30
CA PRO A 601 -25.23 35.22 9.41
C PRO A 601 -26.51 35.59 10.13
N SER A 602 -27.14 34.57 10.70
CA SER A 602 -28.29 34.74 11.60
C SER A 602 -28.04 34.14 12.98
N VAL A 603 -26.81 33.72 13.25
CA VAL A 603 -26.45 33.07 14.51
C VAL A 603 -25.48 33.92 15.32
N LEU A 604 -25.40 35.22 15.04
CA LEU A 604 -24.44 36.08 15.71
C LEU A 604 -24.83 36.24 17.18
N LYS A 605 -23.86 36.01 18.07
CA LYS A 605 -24.08 36.22 19.48
C LYS A 605 -24.14 37.72 19.78
N PRO A 606 -24.81 38.12 20.86
CA PRO A 606 -24.94 39.55 21.15
C PRO A 606 -23.58 40.21 21.28
N GLY A 607 -23.47 41.40 20.69
CA GLY A 607 -22.22 42.14 20.71
C GLY A 607 -21.14 41.60 19.79
N GLN A 608 -21.47 40.62 18.95
CA GLN A 608 -20.50 39.99 18.06
C GLN A 608 -20.72 40.46 16.64
N SER A 609 -19.67 40.98 16.02
CA SER A 609 -19.73 41.39 14.63
C SER A 609 -19.48 40.20 13.71
N HIS A 610 -19.88 40.36 12.45
CA HIS A 610 -19.65 39.32 11.45
C HIS A 610 -18.16 39.02 11.32
N LEU A 611 -17.31 40.05 11.44
CA LEU A 611 -15.87 39.86 11.30
C LEU A 611 -15.33 38.97 12.41
N GLU A 612 -15.80 39.15 13.65
CA GLU A 612 -15.30 38.32 14.75
C GLU A 612 -15.67 36.86 14.57
N ALA A 613 -16.91 36.58 14.14
CA ALA A 613 -17.31 35.21 13.87
C ALA A 613 -16.49 34.63 12.73
N VAL A 614 -16.21 35.42 11.70
CA VAL A 614 -15.37 34.96 10.60
C VAL A 614 -13.98 34.60 11.11
N ALA A 615 -13.44 35.40 12.03
CA ALA A 615 -12.12 35.12 12.58
C ALA A 615 -12.12 33.81 13.36
N GLU A 616 -13.15 33.59 14.18
CA GLU A 616 -13.25 32.33 14.91
C GLU A 616 -13.33 31.14 13.96
N ALA A 617 -14.14 31.28 12.91
CA ALA A 617 -14.26 30.20 11.93
C ALA A 617 -12.92 29.94 11.24
N ALA A 618 -12.18 30.99 10.92
CA ALA A 618 -10.88 30.83 10.27
C ALA A 618 -9.90 30.11 11.19
N ASN A 619 -9.90 30.45 12.48
CA ASN A 619 -9.04 29.75 13.42
C ASN A 619 -9.39 28.27 13.48
N CYS A 620 -10.68 27.94 13.53
CA CYS A 620 -11.07 26.55 13.56
C CYS A 620 -10.67 25.83 12.27
N ILE A 621 -10.76 26.52 11.13
CA ILE A 621 -10.37 25.94 9.86
C ILE A 621 -8.86 25.64 9.85
N SER A 622 -8.06 26.53 10.43
CA SER A 622 -6.62 26.27 10.55
C SER A 622 -6.36 25.03 11.40
N LEU A 623 -7.07 24.90 12.52
CA LEU A 623 -6.91 23.70 13.34
C LEU A 623 -7.30 22.45 12.56
N GLY A 624 -8.39 22.54 11.78
CA GLY A 624 -8.79 21.42 10.95
C GLY A 624 -7.74 21.05 9.92
N ASP A 625 -7.06 22.05 9.36
CA ASP A 625 -5.97 21.77 8.44
C ASP A 625 -4.85 21.01 9.12
N ILE A 626 -4.53 21.38 10.37
CA ILE A 626 -3.52 20.64 11.12
C ILE A 626 -3.95 19.19 11.29
N VAL A 627 -5.22 18.97 11.66
CA VAL A 627 -5.72 17.61 11.84
C VAL A 627 -5.62 16.85 10.52
N GLU A 628 -5.96 17.50 9.41
CA GLU A 628 -5.88 16.85 8.11
C GLU A 628 -4.46 16.41 7.81
N LYS A 629 -3.48 17.28 8.09
CA LYS A 629 -2.08 16.88 7.92
C LYS A 629 -1.77 15.66 8.76
N LYS A 630 -2.29 15.61 9.98
CA LYS A 630 -2.07 14.43 10.82
C LYS A 630 -2.65 13.17 10.19
N ILE A 631 -3.86 13.28 9.60
CA ILE A 631 -4.53 12.10 9.06
C ILE A 631 -3.71 11.48 7.93
N ARG A 632 -3.22 12.31 7.01
CA ARG A 632 -2.54 11.84 5.81
C ARG A 632 -1.04 11.65 6.00
N SER A 633 -0.59 11.47 7.24
CA SER A 633 0.82 11.27 7.52
C SER A 633 1.17 9.79 7.38
N SER A 634 2.39 9.41 7.79
CA SER A 634 2.81 8.03 7.71
C SER A 634 2.07 7.14 8.69
N GLU A 635 1.49 7.72 9.75
CA GLU A 635 0.73 6.93 10.71
C GLU A 635 -0.66 6.58 10.21
N GLN A 636 -1.16 7.27 9.19
CA GLN A 636 -2.46 6.99 8.61
C GLN A 636 -3.54 6.96 9.69
N LEU A 637 -3.71 8.10 10.35
CA LEU A 637 -4.66 8.23 11.45
C LEU A 637 -6.05 8.58 10.93
N TRP A 638 -6.61 7.67 10.13
CA TRP A 638 -7.94 7.87 9.57
C TRP A 638 -9.02 7.89 10.65
N SER A 639 -8.76 7.32 11.82
CA SER A 639 -9.71 7.39 12.91
C SER A 639 -9.99 8.82 13.36
N LEU A 640 -9.19 9.79 12.92
CA LEU A 640 -9.41 11.19 13.22
C LEU A 640 -10.39 11.85 12.27
N LEU A 641 -10.89 11.14 11.26
CA LEU A 641 -11.80 11.73 10.29
C LEU A 641 -12.99 12.41 10.93
N PRO A 642 -13.69 11.81 11.89
CA PRO A 642 -14.82 12.53 12.51
C PRO A 642 -14.41 13.86 13.13
N LEU A 643 -13.30 13.88 13.88
CA LEU A 643 -12.83 15.14 14.46
C LEU A 643 -12.62 16.18 13.37
N HIS A 644 -11.95 15.81 12.29
CA HIS A 644 -11.79 16.71 11.16
C HIS A 644 -13.13 17.28 10.73
N ALA A 645 -14.14 16.40 10.59
CA ALA A 645 -15.47 16.85 10.19
C ALA A 645 -15.93 18.02 11.05
N VAL A 646 -15.69 17.93 12.36
CA VAL A 646 -16.13 19.00 13.25
C VAL A 646 -15.29 20.24 13.05
N LEU A 647 -13.97 20.09 12.95
CA LEU A 647 -13.09 21.26 12.95
C LEU A 647 -13.11 21.97 11.60
N SER A 648 -13.16 21.22 10.50
CA SER A 648 -13.07 21.84 9.18
C SER A 648 -14.41 22.37 8.70
N SER A 649 -15.52 21.69 9.01
CA SER A 649 -16.80 22.03 8.42
C SER A 649 -17.84 22.48 9.44
N VAL A 650 -18.14 21.66 10.45
CA VAL A 650 -19.32 21.91 11.27
C VAL A 650 -19.15 23.16 12.13
N TYR A 651 -18.02 23.27 12.83
CA TYR A 651 -17.82 24.38 13.75
C TYR A 651 -17.80 25.74 13.05
N PRO A 652 -16.97 25.98 12.02
CA PRO A 652 -17.00 27.28 11.35
C PRO A 652 -18.35 27.60 10.73
N ALA A 653 -19.02 26.59 10.16
CA ALA A 653 -20.35 26.80 9.61
C ALA A 653 -21.32 27.25 10.69
N SER A 654 -21.29 26.59 11.84
CA SER A 654 -22.13 27.02 12.96
C SER A 654 -21.78 28.44 13.40
N LYS A 655 -20.52 28.84 13.21
CA LYS A 655 -20.14 30.21 13.56
C LYS A 655 -20.65 31.24 12.56
N VAL A 656 -20.79 30.89 11.28
CA VAL A 656 -21.19 31.87 10.28
C VAL A 656 -22.43 31.42 9.52
N ALA A 657 -23.23 30.54 10.11
CA ALA A 657 -24.42 30.06 9.43
C ALA A 657 -25.43 31.19 9.25
N GLY A 658 -26.15 31.15 8.13
CA GLY A 658 -27.12 32.17 7.82
C GLY A 658 -27.76 31.99 6.46
N HIS A 659 -27.76 33.04 5.64
CA HIS A 659 -28.27 32.99 4.28
C HIS A 659 -27.16 33.38 3.31
N MET A 660 -27.00 32.61 2.25
CA MET A 660 -25.95 32.89 1.27
C MET A 660 -26.19 34.26 0.65
N ALA A 661 -25.18 35.12 0.72
CA ALA A 661 -25.31 36.47 0.16
C ALA A 661 -25.25 36.46 -1.36
N GLY A 662 -24.41 35.61 -1.94
CA GLY A 662 -24.31 35.49 -3.39
C GLY A 662 -24.30 34.05 -3.84
N ARG A 663 -23.88 33.81 -5.07
CA ARG A 663 -23.82 32.45 -5.58
C ARG A 663 -22.78 31.63 -4.81
N ILE A 664 -23.06 30.34 -4.69
CA ILE A 664 -22.11 29.41 -4.08
C ILE A 664 -21.03 29.09 -5.10
N ASN A 665 -19.77 29.24 -4.70
CA ASN A 665 -18.64 29.07 -5.60
C ASN A 665 -17.91 27.76 -5.31
N PHE A 666 -17.40 27.14 -6.36
CA PHE A 666 -16.55 25.98 -6.22
C PHE A 666 -15.19 26.39 -5.68
N THR A 667 -14.58 25.49 -4.91
CA THR A 667 -13.30 25.80 -4.29
C THR A 667 -12.26 26.18 -5.34
N ALA A 668 -11.54 27.26 -5.08
CA ALA A 668 -10.48 27.71 -5.96
C ALA A 668 -9.10 27.22 -5.54
N TRP A 669 -9.02 26.40 -4.49
CA TRP A 669 -7.73 25.97 -3.97
C TRP A 669 -7.05 24.97 -4.90
N LEU A 670 -7.81 24.11 -5.57
CA LEU A 670 -7.20 23.07 -6.41
C LEU A 670 -6.49 23.68 -7.61
N GLY A 671 -7.16 24.62 -8.31
CA GLY A 671 -6.51 25.27 -9.44
C GLY A 671 -5.29 26.07 -9.02
N GLN A 672 -5.38 26.77 -7.90
CA GLN A 672 -4.24 27.53 -7.40
C GLN A 672 -3.08 26.60 -7.05
N ASN A 673 -3.39 25.46 -6.45
CA ASN A 673 -2.35 24.48 -6.12
C ASN A 673 -1.67 23.96 -7.39
N SER A 674 -2.46 23.65 -8.41
CA SER A 674 -1.87 23.18 -9.67
C SER A 674 -0.99 24.25 -10.30
N LYS A 675 -1.46 25.50 -10.29
CA LYS A 675 -0.68 26.59 -10.84
C LYS A 675 0.63 26.77 -10.08
N SER A 676 0.57 26.69 -8.75
CA SER A 676 1.78 26.80 -7.94
C SER A 676 2.74 25.67 -8.25
N ALA A 677 2.23 24.45 -8.41
CA ALA A 677 3.09 23.33 -8.76
C ALA A 677 3.78 23.56 -10.09
N LYS A 678 3.03 24.05 -11.09
CA LYS A 678 3.63 24.33 -12.40
C LYS A 678 4.73 25.39 -12.28
N TYR A 679 4.45 26.46 -11.55
CA TYR A 679 5.44 27.53 -11.42
C TYR A 679 6.67 27.04 -10.65
N TYR A 680 6.49 26.19 -9.65
CA TYR A 680 7.63 25.65 -8.92
C TYR A 680 8.46 24.75 -9.81
N ARG A 681 7.82 23.95 -10.67
CA ARG A 681 8.58 23.13 -11.61
C ARG A 681 9.41 24.00 -12.55
N LEU A 682 8.80 25.06 -13.09
CA LEU A 682 9.54 25.96 -13.96
C LEU A 682 10.69 26.62 -13.23
N LEU A 683 10.45 27.04 -11.98
CA LEU A 683 11.50 27.68 -11.19
C LEU A 683 12.65 26.71 -10.95
N GLN A 684 12.35 25.45 -10.64
CA GLN A 684 13.41 24.47 -10.44
C GLN A 684 14.22 24.25 -11.71
N GLU A 685 13.54 24.16 -12.86
CA GLU A 685 14.26 24.01 -14.12
C GLU A 685 15.20 25.20 -14.35
N ILE A 686 14.69 26.42 -14.15
CA ILE A 686 15.53 27.60 -14.33
C ILE A 686 16.71 27.57 -13.37
N HIS A 687 16.46 27.22 -12.11
CA HIS A 687 17.52 27.20 -11.11
C HIS A 687 18.63 26.23 -11.49
N TYR A 688 18.26 25.03 -11.93
CA TYR A 688 19.28 24.06 -12.28
C TYR A 688 19.91 24.33 -13.63
N HIS A 689 19.32 25.20 -14.44
CA HIS A 689 20.05 25.72 -15.61
C HIS A 689 21.10 26.72 -15.19
N THR A 690 20.81 27.58 -14.21
CA THR A 690 21.70 28.63 -13.77
C THR A 690 22.53 28.24 -12.55
N ARG A 691 22.46 26.98 -12.12
CA ARG A 691 23.15 26.57 -10.91
C ARG A 691 24.66 26.79 -11.03
N LEU A 692 25.24 26.48 -12.19
CA LEU A 692 26.68 26.57 -12.36
C LEU A 692 27.21 27.98 -12.14
N GLY A 693 26.37 29.01 -12.33
CA GLY A 693 26.83 30.38 -12.25
C GLY A 693 26.46 31.11 -10.97
N THR A 694 25.32 30.76 -10.38
CA THR A 694 24.80 31.46 -9.22
C THR A 694 25.22 30.77 -7.93
N SER A 695 24.91 31.45 -6.81
CA SER A 695 25.13 30.92 -5.46
C SER A 695 23.89 31.26 -4.65
N THR A 696 22.93 30.35 -4.62
CA THR A 696 21.67 30.57 -3.91
C THR A 696 20.82 29.31 -4.08
N ASP A 697 19.71 29.28 -3.35
CA ASP A 697 18.67 28.28 -3.55
C ASP A 697 17.60 28.83 -4.48
N LYS A 698 16.63 27.98 -4.84
CA LYS A 698 15.60 28.40 -5.79
C LYS A 698 14.78 29.56 -5.24
N ILE A 699 14.48 29.53 -3.94
CA ILE A 699 13.72 30.63 -3.34
C ILE A 699 14.50 31.93 -3.45
N GLY A 700 15.79 31.89 -3.15
CA GLY A 700 16.62 33.07 -3.34
C GLY A 700 16.69 33.52 -4.78
N LEU A 701 16.68 32.56 -5.71
CA LEU A 701 16.64 32.90 -7.13
C LEU A 701 15.38 33.67 -7.46
N ARG A 702 14.23 33.23 -6.95
CA ARG A 702 12.98 33.93 -7.23
C ARG A 702 12.95 35.30 -6.58
N LEU A 703 13.38 35.40 -5.31
CA LEU A 703 13.19 36.62 -4.55
C LEU A 703 14.23 37.70 -4.88
N ASP A 704 15.45 37.30 -5.22
CA ASP A 704 16.56 38.25 -5.38
C ASP A 704 17.05 38.35 -6.82
N TYR A 705 17.41 37.23 -7.45
CA TYR A 705 18.05 37.28 -8.76
C TYR A 705 17.07 37.73 -9.85
N LEU A 706 15.83 37.28 -9.77
CA LEU A 706 14.90 37.47 -10.89
C LEU A 706 14.68 38.93 -11.26
N PRO A 707 14.51 39.87 -10.33
CA PRO A 707 14.39 41.28 -10.74
C PRO A 707 15.58 41.79 -11.54
N THR A 708 16.80 41.45 -11.12
CA THR A 708 17.98 41.89 -11.87
C THR A 708 18.04 41.22 -13.23
N PHE A 709 17.66 39.95 -13.30
CA PHE A 709 17.57 39.29 -14.60
C PHE A 709 16.53 39.96 -15.49
N ARG A 710 15.43 40.44 -14.89
CA ARG A 710 14.45 41.20 -15.65
C ARG A 710 15.08 42.46 -16.22
N LYS A 711 15.85 43.17 -15.40
CA LYS A 711 16.49 44.39 -15.88
C LYS A 711 17.49 44.12 -16.98
N ARG A 712 18.21 43.00 -16.92
CA ARG A 712 19.24 42.70 -17.89
C ARG A 712 18.76 41.82 -19.04
N LEU A 713 17.49 41.44 -19.08
CA LEU A 713 16.95 40.59 -20.14
C LEU A 713 15.77 41.20 -20.85
N LEU A 714 14.87 41.89 -20.14
CA LEU A 714 13.66 42.45 -20.72
C LEU A 714 13.77 43.94 -21.01
N ASP A 715 14.30 44.71 -20.07
CA ASP A 715 14.41 46.15 -20.26
C ASP A 715 15.17 46.53 -21.53
N PRO A 716 16.29 45.89 -21.89
CA PRO A 716 17.01 46.33 -23.09
C PRO A 716 16.16 46.34 -24.36
N PHE A 717 15.28 45.35 -24.52
CA PHE A 717 14.40 45.34 -25.70
C PHE A 717 13.51 46.56 -25.75
N LEU A 718 13.11 47.07 -24.58
CA LEU A 718 12.23 48.23 -24.49
C LEU A 718 12.97 49.55 -24.62
N LYS A 719 14.30 49.53 -24.70
CA LYS A 719 15.09 50.75 -24.80
C LYS A 719 15.89 50.83 -26.09
N GLN A 720 16.62 49.76 -26.44
CA GLN A 720 17.45 49.76 -27.64
C GLN A 720 16.84 48.99 -28.79
N GLY A 721 15.63 48.46 -28.65
CA GLY A 721 15.01 47.68 -29.70
C GLY A 721 15.81 46.45 -30.04
N ALA A 722 16.12 46.27 -31.34
CA ALA A 722 16.87 45.11 -31.79
C ALA A 722 18.35 45.18 -31.44
N ASP A 723 18.91 46.39 -31.29
CA ASP A 723 20.33 46.52 -31.01
C ASP A 723 20.75 45.81 -29.73
N ALA A 724 19.82 45.57 -28.80
CA ALA A 724 20.12 44.90 -27.55
C ALA A 724 20.10 43.38 -27.65
N ILE A 725 19.57 42.83 -28.74
CA ILE A 725 19.40 41.38 -28.83
C ILE A 725 20.68 40.68 -28.41
N SER A 726 21.80 40.99 -29.07
CA SER A 726 23.07 40.34 -28.75
C SER A 726 23.30 40.32 -27.25
N SER A 727 23.26 41.49 -26.61
CA SER A 727 23.54 41.55 -25.18
C SER A 727 22.69 40.55 -24.42
N VAL A 728 21.38 40.55 -24.68
CA VAL A 728 20.50 39.63 -23.98
C VAL A 728 20.98 38.20 -24.17
N ILE A 729 21.22 37.82 -25.43
CA ILE A 729 21.69 36.46 -25.69
C ILE A 729 22.98 36.21 -24.91
N GLU A 730 23.90 37.17 -24.91
CA GLU A 730 25.13 37.00 -24.15
C GLU A 730 24.81 36.62 -22.70
N VAL A 731 23.94 37.40 -22.06
CA VAL A 731 23.60 37.10 -20.67
C VAL A 731 23.05 35.68 -20.58
N MET A 732 22.16 35.31 -21.49
CA MET A 732 21.61 33.96 -21.48
C MET A 732 22.74 32.94 -21.56
N ASP A 733 23.68 33.14 -22.48
CA ASP A 733 24.78 32.19 -22.63
C ASP A 733 25.61 32.13 -21.36
N ASP A 734 25.72 33.25 -20.64
CA ASP A 734 26.50 33.24 -19.42
C ASP A 734 25.83 32.41 -18.33
N TYR A 735 24.53 32.20 -18.43
CA TYR A 735 23.77 31.45 -17.43
C TYR A 735 23.07 30.23 -18.02
N TYR A 736 23.43 29.82 -19.22
CA TYR A 736 22.88 28.62 -19.85
C TYR A 736 21.37 28.70 -19.98
N LEU A 737 20.85 29.91 -20.17
CA LEU A 737 19.40 30.12 -20.27
C LEU A 737 18.94 29.97 -21.72
N THR A 738 17.76 29.38 -21.89
CA THR A 738 17.16 29.19 -23.19
C THR A 738 15.99 30.15 -23.38
N LYS A 739 15.40 30.10 -24.58
CA LYS A 739 14.24 30.95 -24.87
C LYS A 739 13.07 30.61 -23.95
N GLU A 740 12.85 29.32 -23.71
CA GLU A 740 11.78 28.91 -22.81
C GLU A 740 12.04 29.41 -21.40
N ASP A 741 13.31 29.38 -20.96
CA ASP A 741 13.65 29.96 -19.68
C ASP A 741 13.37 31.46 -19.66
N TRP A 742 13.65 32.14 -20.77
CA TRP A 742 13.34 33.57 -20.85
C TRP A 742 11.86 33.83 -20.64
N ASP A 743 11.00 33.11 -21.36
CA ASP A 743 9.57 33.30 -21.20
C ASP A 743 9.11 32.96 -19.79
N SER A 744 9.60 31.84 -19.24
CA SER A 744 9.21 31.44 -17.89
C SER A 744 9.62 32.50 -16.88
N ILE A 745 10.85 33.02 -16.99
CA ILE A 745 11.29 34.11 -16.13
C ILE A 745 10.32 35.27 -16.21
N MET A 746 9.95 35.66 -17.44
CA MET A 746 9.02 36.77 -17.61
C MET A 746 7.65 36.46 -17.03
N GLU A 747 7.32 35.18 -16.83
CA GLU A 747 6.01 34.81 -16.31
C GLU A 747 5.89 34.86 -14.79
N PHE A 748 7.00 35.06 -14.06
CA PHE A 748 6.97 34.97 -12.61
C PHE A 748 6.55 36.27 -11.92
N PHE A 749 6.85 37.42 -12.52
CA PHE A 749 6.74 38.68 -11.81
C PHE A 749 5.28 39.04 -11.53
N VAL A 750 5.07 39.70 -10.39
CA VAL A 750 3.74 40.06 -9.91
C VAL A 750 3.71 41.57 -9.66
N GLY A 751 2.52 42.06 -9.32
CA GLY A 751 2.33 43.45 -8.96
C GLY A 751 2.71 44.39 -10.09
N PRO A 752 3.42 45.48 -9.76
CA PRO A 752 3.73 46.47 -10.79
C PRO A 752 4.66 45.95 -11.88
N ASP A 753 5.39 44.85 -11.64
CA ASP A 753 6.36 44.33 -12.57
C ASP A 753 5.79 43.24 -13.49
N VAL A 754 4.47 43.18 -13.63
CA VAL A 754 3.88 42.26 -14.60
C VAL A 754 4.39 42.61 -15.99
N THR A 755 4.66 41.58 -16.79
CA THR A 755 5.33 41.75 -18.07
C THR A 755 4.44 41.49 -19.27
N THR A 756 3.24 40.92 -19.09
CA THR A 756 2.44 40.50 -20.22
C THR A 756 2.15 41.66 -21.16
N ALA A 757 1.64 42.78 -20.62
CA ALA A 757 1.34 43.93 -21.46
C ALA A 757 2.59 44.49 -22.11
N ILE A 758 3.68 44.58 -21.34
CA ILE A 758 4.94 45.09 -21.90
C ILE A 758 5.41 44.20 -23.03
N ILE A 759 5.39 42.89 -22.83
CA ILE A 759 5.87 41.96 -23.85
C ILE A 759 5.00 42.09 -25.11
N LYS A 760 3.67 42.14 -24.93
CA LYS A 760 2.79 42.28 -26.08
C LYS A 760 3.02 43.60 -26.81
N LYS A 761 3.40 44.65 -26.08
CA LYS A 761 3.65 45.95 -26.69
C LYS A 761 4.94 45.99 -27.50
N ILE A 762 5.84 45.04 -27.33
CA ILE A 762 7.11 45.06 -28.07
C ILE A 762 6.81 44.90 -29.56
N PRO A 763 7.53 45.59 -30.44
CA PRO A 763 7.32 45.39 -31.88
C PRO A 763 7.56 43.94 -32.27
N ALA A 764 6.73 43.43 -33.18
CA ALA A 764 6.86 42.05 -33.62
C ALA A 764 8.20 41.81 -34.32
N THR A 765 8.72 42.82 -35.01
CA THR A 765 10.00 42.64 -35.71
C THR A 765 11.13 42.38 -34.72
N VAL A 766 11.13 43.06 -33.58
CA VAL A 766 12.19 42.85 -32.59
C VAL A 766 12.15 41.42 -32.07
N LYS A 767 10.97 40.92 -31.75
CA LYS A 767 10.86 39.55 -31.25
C LYS A 767 11.26 38.54 -32.33
N SER A 768 10.84 38.77 -33.57
CA SER A 768 11.22 37.88 -34.65
C SER A 768 12.73 37.84 -34.83
N GLY A 769 13.38 39.01 -34.78
CA GLY A 769 14.82 39.05 -34.88
C GLY A 769 15.51 38.38 -33.70
N PHE A 770 14.95 38.54 -32.50
CA PHE A 770 15.49 37.86 -31.34
C PHE A 770 15.45 36.35 -31.52
N THR A 771 14.31 35.82 -31.96
CA THR A 771 14.19 34.39 -32.18
C THR A 771 15.15 33.93 -33.28
N ARG A 772 15.24 34.70 -34.37
CA ARG A 772 16.14 34.33 -35.46
C ARG A 772 17.58 34.27 -34.99
N LYS A 773 18.02 35.31 -34.25
CA LYS A 773 19.40 35.34 -33.78
C LYS A 773 19.68 34.19 -32.83
N TYR A 774 18.73 33.89 -31.92
CA TYR A 774 18.96 32.80 -30.99
C TYR A 774 19.04 31.47 -31.72
N ASN A 775 18.24 31.29 -32.76
CA ASN A 775 18.26 30.05 -33.53
C ASN A 775 19.42 29.98 -34.52
N SER A 776 20.13 31.09 -34.75
CA SER A 776 21.23 31.13 -35.71
C SER A 776 22.59 30.97 -35.05
N MET A 777 22.63 30.57 -33.77
CA MET A 777 23.88 30.42 -33.05
C MET A 777 23.86 29.11 -32.28
N THR A 778 25.04 28.74 -31.76
CA THR A 778 25.20 27.57 -30.91
C THR A 778 25.26 28.01 -29.45
N HIS A 779 24.63 27.24 -28.57
CA HIS A 779 24.52 27.60 -27.18
C HIS A 779 25.00 26.46 -26.28
N PRO A 780 25.45 26.77 -25.07
CA PRO A 780 25.96 25.74 -24.17
C PRO A 780 24.82 25.00 -23.48
N VAL A 781 25.19 23.95 -22.74
CA VAL A 781 24.25 23.12 -22.00
C VAL A 781 24.73 23.02 -20.57
N ALA A 782 23.88 23.40 -19.62
CA ALA A 782 24.24 23.29 -18.21
C ALA A 782 24.19 21.84 -17.73
N ILE A 783 23.18 21.09 -18.16
CA ILE A 783 22.97 19.71 -17.73
C ILE A 783 23.02 18.83 -18.98
N TYR A 784 23.99 17.92 -19.03
CA TYR A 784 24.15 16.99 -20.13
C TYR A 784 23.46 15.68 -19.74
N ARG A 785 22.35 15.37 -20.40
CA ARG A 785 21.60 14.15 -20.11
C ARG A 785 22.07 13.00 -20.98
N THR B 4 -12.99 -31.83 28.41
CA THR B 4 -14.23 -32.14 27.72
C THR B 4 -14.12 -31.78 26.24
N LEU B 5 -14.56 -32.69 25.38
CA LEU B 5 -14.47 -32.52 23.93
C LEU B 5 -15.84 -32.44 23.27
N SER B 6 -16.86 -32.03 24.02
CA SER B 6 -18.22 -31.91 23.52
C SER B 6 -18.70 -30.46 23.63
N LEU B 7 -19.63 -30.10 22.74
CA LEU B 7 -20.16 -28.75 22.66
C LEU B 7 -21.67 -28.78 22.73
N GLN B 8 -22.23 -27.87 23.52
CA GLN B 8 -23.67 -27.66 23.57
C GLN B 8 -24.06 -26.64 22.52
N LEU B 9 -25.03 -26.99 21.68
CA LEU B 9 -25.42 -26.11 20.59
C LEU B 9 -25.93 -24.78 21.14
N PRO B 10 -25.44 -23.64 20.65
CA PRO B 10 -25.93 -22.36 21.16
C PRO B 10 -27.42 -22.19 20.92
N TRP B 11 -28.07 -21.51 21.86
CA TRP B 11 -29.51 -21.28 21.74
C TRP B 11 -29.86 -20.32 20.61
N VAL B 12 -28.93 -19.47 20.19
CA VAL B 12 -29.18 -18.60 19.04
C VAL B 12 -29.35 -19.43 17.78
N GLU B 13 -28.80 -20.64 17.74
CA GLU B 13 -28.97 -21.55 16.62
C GLU B 13 -30.06 -22.58 16.86
N LYS B 14 -30.16 -23.12 18.08
CA LYS B 14 -31.19 -24.11 18.37
C LYS B 14 -32.59 -23.50 18.21
N TYR B 15 -32.77 -22.28 18.68
CA TYR B 15 -34.06 -21.59 18.61
C TYR B 15 -34.06 -20.48 17.56
N ARG B 16 -33.25 -20.64 16.51
CA ARG B 16 -33.33 -19.74 15.38
C ARG B 16 -34.66 -19.94 14.67
N PRO B 17 -35.46 -18.88 14.48
CA PRO B 17 -36.78 -19.08 13.87
C PRO B 17 -36.69 -19.80 12.53
N GLN B 18 -37.58 -20.77 12.33
CA GLN B 18 -37.64 -21.51 11.08
C GLN B 18 -38.79 -21.08 10.18
N VAL B 19 -39.75 -20.33 10.71
CA VAL B 19 -40.89 -19.85 9.94
C VAL B 19 -41.04 -18.35 10.19
N LEU B 20 -41.74 -17.69 9.27
CA LEU B 20 -41.92 -16.25 9.36
C LEU B 20 -42.74 -15.85 10.58
N SER B 21 -43.53 -16.77 11.15
CA SER B 21 -44.37 -16.44 12.29
C SER B 21 -43.61 -16.44 13.61
N ASP B 22 -42.39 -16.97 13.64
CA ASP B 22 -41.59 -17.02 14.86
C ASP B 22 -40.66 -15.82 15.02
N ILE B 23 -40.64 -14.92 14.03
CA ILE B 23 -39.79 -13.73 14.11
C ILE B 23 -40.57 -12.62 14.78
N VAL B 24 -39.96 -11.97 15.76
CA VAL B 24 -40.58 -10.90 16.52
C VAL B 24 -40.07 -9.56 16.02
N GLY B 25 -40.88 -8.52 16.22
CA GLY B 25 -40.51 -7.18 15.80
C GLY B 25 -40.82 -6.93 14.33
N ASN B 26 -40.84 -5.64 13.98
CA ASN B 26 -41.11 -5.19 12.62
C ASN B 26 -42.33 -5.92 12.04
N LYS B 27 -43.45 -5.78 12.76
CA LYS B 27 -44.62 -6.60 12.47
C LYS B 27 -45.11 -6.40 11.04
N GLU B 28 -45.22 -5.14 10.58
CA GLU B 28 -45.78 -4.88 9.27
C GLU B 28 -44.94 -5.52 8.17
N THR B 29 -43.62 -5.37 8.26
CA THR B 29 -42.75 -5.98 7.24
C THR B 29 -42.84 -7.50 7.26
N ILE B 30 -42.93 -8.08 8.46
CA ILE B 30 -43.06 -9.54 8.55
C ILE B 30 -44.36 -10.01 7.92
N ASP B 31 -45.45 -9.29 8.16
CA ASP B 31 -46.71 -9.65 7.50
C ASP B 31 -46.62 -9.50 5.99
N ARG B 32 -45.95 -8.44 5.53
CA ARG B 32 -45.75 -8.29 4.09
C ARG B 32 -44.98 -9.47 3.51
N LEU B 33 -43.93 -9.91 4.21
CA LEU B 33 -43.18 -11.08 3.76
C LEU B 33 -44.03 -12.33 3.77
N GLN B 34 -44.87 -12.49 4.80
CA GLN B 34 -45.76 -13.65 4.85
C GLN B 34 -46.72 -13.66 3.67
N GLN B 35 -47.28 -12.49 3.33
CA GLN B 35 -48.19 -12.42 2.18
C GLN B 35 -47.44 -12.74 0.88
N ILE B 36 -46.22 -12.20 0.74
CA ILE B 36 -45.44 -12.49 -0.46
C ILE B 36 -45.20 -13.98 -0.58
N ALA B 37 -44.82 -14.62 0.54
CA ALA B 37 -44.57 -16.06 0.51
C ALA B 37 -45.85 -16.83 0.18
N LYS B 38 -46.99 -16.35 0.68
CA LYS B 38 -48.27 -16.96 0.31
C LYS B 38 -48.48 -16.93 -1.19
N ASP B 39 -48.50 -15.73 -1.77
CA ASP B 39 -48.83 -15.56 -3.18
C ASP B 39 -47.61 -15.54 -4.10
N GLY B 40 -46.40 -15.66 -3.55
CA GLY B 40 -45.23 -15.65 -4.40
C GLY B 40 -45.01 -14.28 -5.05
N ASN B 41 -44.50 -14.31 -6.28
CA ASN B 41 -44.17 -13.10 -7.02
C ASN B 41 -43.21 -12.22 -6.21
N MET B 42 -42.23 -12.85 -5.60
CA MET B 42 -41.25 -12.14 -4.79
C MET B 42 -40.47 -11.17 -5.67
N PRO B 43 -40.37 -9.89 -5.31
CA PRO B 43 -39.54 -8.96 -6.07
C PRO B 43 -38.13 -8.88 -5.49
N HIS B 44 -37.27 -8.16 -6.22
CA HIS B 44 -35.96 -7.84 -5.67
C HIS B 44 -36.12 -6.98 -4.43
N MET B 45 -35.39 -7.30 -3.38
CA MET B 45 -35.56 -6.60 -2.11
C MET B 45 -34.21 -6.34 -1.45
N ILE B 46 -34.17 -5.27 -0.65
CA ILE B 46 -33.01 -4.92 0.17
C ILE B 46 -33.51 -4.75 1.61
N ILE B 47 -33.01 -5.57 2.51
CA ILE B 47 -33.37 -5.54 3.92
C ILE B 47 -32.20 -4.94 4.69
N SER B 48 -32.46 -3.85 5.40
CA SER B 48 -31.43 -3.13 6.13
C SER B 48 -31.83 -2.97 7.59
N GLY B 49 -30.83 -2.86 8.45
CA GLY B 49 -31.08 -2.73 9.87
C GLY B 49 -29.81 -2.99 10.66
N MET B 50 -29.92 -2.81 11.97
CA MET B 50 -28.79 -2.95 12.88
C MET B 50 -28.57 -4.41 13.24
N PRO B 51 -27.41 -4.73 13.83
CA PRO B 51 -27.07 -6.14 14.07
C PRO B 51 -28.08 -6.85 14.98
N GLY B 52 -28.25 -8.14 14.72
CA GLY B 52 -29.00 -9.03 15.60
C GLY B 52 -30.47 -8.70 15.76
N ILE B 53 -31.16 -8.44 14.65
CA ILE B 53 -32.59 -8.16 14.68
C ILE B 53 -33.40 -9.09 13.77
N GLY B 54 -32.76 -10.01 13.06
CA GLY B 54 -33.48 -11.00 12.29
C GLY B 54 -33.60 -10.69 10.81
N LYS B 55 -32.51 -10.26 10.18
CA LYS B 55 -32.52 -10.02 8.74
C LYS B 55 -32.19 -11.31 7.97
N THR B 56 -31.07 -11.93 8.32
CA THR B 56 -30.72 -13.22 7.71
C THR B 56 -31.80 -14.25 7.99
N THR B 57 -32.32 -14.28 9.22
CA THR B 57 -33.40 -15.20 9.56
C THR B 57 -34.61 -14.95 8.66
N SER B 58 -35.00 -13.69 8.48
CA SER B 58 -36.15 -13.37 7.66
C SER B 58 -35.95 -13.85 6.22
N VAL B 59 -34.77 -13.56 5.65
CA VAL B 59 -34.52 -13.92 4.26
C VAL B 59 -34.55 -15.44 4.09
N HIS B 60 -33.88 -16.17 5.01
CA HIS B 60 -33.83 -17.62 4.89
C HIS B 60 -35.22 -18.24 5.07
N CYS B 61 -36.00 -17.73 6.02
CA CYS B 61 -37.35 -18.25 6.21
C CYS B 61 -38.21 -18.00 4.98
N LEU B 62 -38.11 -16.80 4.40
CA LEU B 62 -38.87 -16.51 3.19
C LEU B 62 -38.48 -17.46 2.07
N ALA B 63 -37.18 -17.66 1.86
CA ALA B 63 -36.74 -18.54 0.78
C ALA B 63 -37.24 -19.97 1.00
N HIS B 64 -37.10 -20.48 2.23
CA HIS B 64 -37.55 -21.84 2.51
C HIS B 64 -39.04 -21.99 2.29
N GLU B 65 -39.84 -21.07 2.84
CA GLU B 65 -41.27 -21.20 2.72
C GLU B 65 -41.72 -21.05 1.28
N LEU B 66 -40.99 -20.27 0.48
CA LEU B 66 -41.35 -20.09 -0.92
C LEU B 66 -41.03 -21.33 -1.75
N LEU B 67 -39.86 -21.92 -1.54
CA LEU B 67 -39.39 -22.97 -2.44
C LEU B 67 -39.69 -24.38 -1.95
N GLY B 68 -39.46 -24.69 -0.67
CA GLY B 68 -39.78 -26.02 -0.19
C GLY B 68 -38.77 -27.04 -0.66
N ARG B 69 -39.27 -28.11 -1.29
CA ARG B 69 -38.38 -29.18 -1.74
C ARG B 69 -37.37 -28.68 -2.76
N SER B 70 -37.71 -27.64 -3.52
CA SER B 70 -36.82 -27.09 -4.53
C SER B 70 -35.82 -26.10 -3.95
N TYR B 71 -35.71 -26.01 -2.62
CA TYR B 71 -34.79 -25.05 -2.02
C TYR B 71 -33.35 -25.34 -2.39
N ALA B 72 -32.95 -26.62 -2.37
CA ALA B 72 -31.56 -26.95 -2.62
C ALA B 72 -31.11 -26.55 -4.02
N ASP B 73 -32.03 -26.51 -4.98
CA ASP B 73 -31.69 -26.21 -6.36
C ASP B 73 -32.01 -24.78 -6.76
N GLY B 74 -32.95 -24.13 -6.10
CA GLY B 74 -33.39 -22.80 -6.53
C GLY B 74 -32.89 -21.65 -5.69
N VAL B 75 -31.89 -21.88 -4.84
CA VAL B 75 -31.35 -20.85 -3.96
C VAL B 75 -29.84 -20.81 -4.13
N LEU B 76 -29.29 -19.62 -4.33
CA LEU B 76 -27.84 -19.39 -4.37
C LEU B 76 -27.50 -18.36 -3.31
N GLU B 77 -26.76 -18.77 -2.29
CA GLU B 77 -26.43 -17.92 -1.16
C GLU B 77 -24.96 -17.52 -1.24
N LEU B 78 -24.69 -16.22 -1.15
CA LEU B 78 -23.34 -15.70 -1.10
C LEU B 78 -23.25 -14.66 0.01
N ASN B 79 -22.19 -14.74 0.81
CA ASN B 79 -21.97 -13.77 1.89
C ASN B 79 -20.52 -13.29 1.86
N ALA B 80 -20.13 -12.51 2.87
CA ALA B 80 -18.78 -11.94 2.89
C ALA B 80 -17.70 -12.99 3.06
N SER B 81 -18.04 -14.19 3.52
CA SER B 81 -17.04 -15.25 3.67
C SER B 81 -16.78 -16.00 2.37
N ASP B 82 -17.56 -15.74 1.32
CA ASP B 82 -17.38 -16.37 0.02
C ASP B 82 -16.79 -15.37 -0.97
N ASP B 83 -16.26 -15.90 -2.07
CA ASP B 83 -15.75 -15.07 -3.14
C ASP B 83 -16.92 -14.44 -3.89
N ARG B 84 -16.92 -13.11 -3.96
CA ARG B 84 -18.04 -12.36 -4.56
C ARG B 84 -17.51 -11.24 -5.46
N GLY B 85 -16.42 -11.52 -6.16
CA GLY B 85 -15.83 -10.53 -7.05
C GLY B 85 -16.62 -10.37 -8.34
N ILE B 86 -16.14 -9.46 -9.18
CA ILE B 86 -16.81 -9.20 -10.45
C ILE B 86 -16.84 -10.46 -11.31
N ASP B 87 -15.77 -11.25 -11.26
CA ASP B 87 -15.74 -12.51 -12.00
C ASP B 87 -16.86 -13.44 -11.52
N VAL B 88 -17.06 -13.51 -10.20
CA VAL B 88 -18.13 -14.36 -9.67
C VAL B 88 -19.48 -13.89 -10.20
N VAL B 89 -19.74 -12.58 -10.14
CA VAL B 89 -21.01 -12.06 -10.63
C VAL B 89 -21.19 -12.39 -12.11
N ARG B 90 -20.13 -12.23 -12.90
CA ARG B 90 -20.23 -12.43 -14.34
C ARG B 90 -20.32 -13.89 -14.75
N ASN B 91 -19.87 -14.82 -13.91
CA ASN B 91 -19.90 -16.23 -14.30
C ASN B 91 -20.87 -17.05 -13.45
N GLN B 92 -20.68 -17.15 -12.14
CA GLN B 92 -21.48 -18.05 -11.34
C GLN B 92 -22.92 -17.57 -11.21
N ILE B 93 -23.10 -16.29 -10.86
CA ILE B 93 -24.43 -15.75 -10.70
C ILE B 93 -25.17 -15.74 -12.04
N LYS B 94 -24.46 -15.39 -13.11
CA LYS B 94 -25.09 -15.39 -14.43
C LYS B 94 -25.51 -16.79 -14.84
N HIS B 95 -24.67 -17.79 -14.57
CA HIS B 95 -25.05 -19.17 -14.89
C HIS B 95 -26.26 -19.61 -14.08
N PHE B 96 -26.29 -19.25 -12.79
CA PHE B 96 -27.44 -19.59 -11.96
C PHE B 96 -28.71 -18.93 -12.49
N ALA B 97 -28.61 -17.66 -12.92
CA ALA B 97 -29.77 -16.97 -13.43
C ALA B 97 -30.25 -17.56 -14.75
N GLN B 98 -29.32 -17.98 -15.61
CA GLN B 98 -29.70 -18.56 -16.90
C GLN B 98 -30.17 -20.00 -16.78
N LYS B 99 -29.91 -20.66 -15.66
CA LYS B 99 -30.19 -22.09 -15.54
C LYS B 99 -31.68 -22.35 -15.62
N LYS B 100 -32.02 -23.51 -16.19
CA LYS B 100 -33.42 -23.93 -16.35
C LYS B 100 -33.84 -24.76 -15.15
N LEU B 101 -34.98 -24.40 -14.56
CA LEU B 101 -35.50 -25.10 -13.39
C LEU B 101 -37.02 -25.01 -13.39
N HIS B 102 -37.68 -26.16 -13.39
CA HIS B 102 -39.14 -26.19 -13.38
C HIS B 102 -39.61 -25.92 -11.95
N LEU B 103 -40.38 -24.86 -11.77
CA LEU B 103 -40.89 -24.43 -10.49
C LEU B 103 -42.40 -24.26 -10.57
N PRO B 104 -43.10 -24.28 -9.44
CA PRO B 104 -44.55 -24.09 -9.46
C PRO B 104 -44.94 -22.81 -10.17
N PRO B 105 -46.22 -22.62 -10.47
CA PRO B 105 -46.62 -21.51 -11.34
C PRO B 105 -46.31 -20.13 -10.79
N GLY B 106 -46.04 -19.99 -9.48
CA GLY B 106 -45.80 -18.67 -8.92
C GLY B 106 -44.52 -18.56 -8.12
N LYS B 107 -43.46 -19.27 -8.52
CA LYS B 107 -42.22 -19.30 -7.78
C LYS B 107 -41.06 -18.96 -8.70
N HIS B 108 -39.97 -18.48 -8.11
CA HIS B 108 -38.78 -18.08 -8.84
C HIS B 108 -37.54 -18.55 -8.08
N LYS B 109 -36.42 -18.61 -8.80
CA LYS B 109 -35.14 -18.82 -8.16
C LYS B 109 -34.75 -17.59 -7.34
N ILE B 110 -33.95 -17.80 -6.30
CA ILE B 110 -33.58 -16.74 -5.36
C ILE B 110 -32.06 -16.69 -5.23
N VAL B 111 -31.51 -15.49 -5.31
CA VAL B 111 -30.11 -15.23 -4.98
C VAL B 111 -30.08 -14.38 -3.73
N ILE B 112 -29.49 -14.92 -2.67
CA ILE B 112 -29.40 -14.24 -1.38
C ILE B 112 -27.97 -13.74 -1.21
N LEU B 113 -27.80 -12.42 -1.30
CA LEU B 113 -26.50 -11.78 -1.11
C LEU B 113 -26.49 -11.17 0.28
N ASP B 114 -26.08 -11.97 1.26
CA ASP B 114 -26.02 -11.50 2.64
C ASP B 114 -24.79 -10.61 2.84
N GLU B 115 -24.94 -9.61 3.72
CA GLU B 115 -23.89 -8.63 3.95
C GLU B 115 -23.46 -7.96 2.65
N ALA B 116 -24.45 -7.56 1.86
CA ALA B 116 -24.18 -7.02 0.53
C ALA B 116 -23.43 -5.68 0.58
N ASP B 117 -23.47 -4.99 1.71
CA ASP B 117 -22.79 -3.70 1.81
C ASP B 117 -21.29 -3.82 1.63
N SER B 118 -20.73 -5.03 1.80
CA SER B 118 -19.31 -5.24 1.61
C SER B 118 -18.93 -5.51 0.15
N MET B 119 -19.92 -5.67 -0.73
CA MET B 119 -19.63 -5.93 -2.13
C MET B 119 -19.00 -4.72 -2.79
N THR B 120 -18.08 -4.98 -3.73
CA THR B 120 -17.39 -3.92 -4.44
C THR B 120 -18.33 -3.26 -5.45
N ALA B 121 -18.02 -2.01 -5.79
CA ALA B 121 -18.84 -1.26 -6.73
C ALA B 121 -18.88 -1.93 -8.10
N GLY B 122 -17.78 -2.57 -8.51
CA GLY B 122 -17.77 -3.23 -9.81
C GLY B 122 -18.77 -4.38 -9.89
N ALA B 123 -18.80 -5.22 -8.85
CA ALA B 123 -19.76 -6.32 -8.81
C ALA B 123 -21.19 -5.78 -8.78
N GLN B 124 -21.43 -4.73 -8.00
CA GLN B 124 -22.75 -4.13 -7.96
C GLN B 124 -23.17 -3.62 -9.33
N GLN B 125 -22.25 -2.97 -10.04
CA GLN B 125 -22.56 -2.49 -11.38
C GLN B 125 -22.84 -3.66 -12.32
N ALA B 126 -22.07 -4.74 -12.22
CA ALA B 126 -22.30 -5.90 -13.08
C ALA B 126 -23.65 -6.55 -12.78
N LEU B 127 -24.15 -6.42 -11.55
CA LEU B 127 -25.41 -7.06 -11.20
C LEU B 127 -26.63 -6.42 -11.87
N ARG B 128 -26.50 -5.18 -12.37
CA ARG B 128 -27.67 -4.43 -12.83
C ARG B 128 -28.39 -5.15 -13.96
N ARG B 129 -27.73 -5.33 -15.09
CA ARG B 129 -28.39 -5.92 -16.24
C ARG B 129 -28.66 -7.41 -16.04
N THR B 130 -27.89 -8.08 -15.18
CA THR B 130 -28.22 -9.45 -14.82
C THR B 130 -29.57 -9.50 -14.12
N MET B 131 -29.81 -8.58 -13.19
CA MET B 131 -31.11 -8.50 -12.53
C MET B 131 -32.21 -8.17 -13.54
N GLU B 132 -31.93 -7.23 -14.45
CA GLU B 132 -32.97 -6.77 -15.37
C GLU B 132 -33.37 -7.86 -16.36
N LEU B 133 -32.39 -8.55 -16.94
CA LEU B 133 -32.67 -9.46 -18.04
C LEU B 133 -33.31 -10.76 -17.59
N TYR B 134 -32.96 -11.27 -16.41
CA TYR B 134 -33.38 -12.59 -15.95
C TYR B 134 -34.43 -12.50 -14.85
N SER B 135 -35.15 -11.39 -14.74
CA SER B 135 -36.14 -11.23 -13.68
C SER B 135 -37.32 -12.18 -13.85
N ASN B 136 -37.52 -12.75 -15.04
CA ASN B 136 -38.64 -13.66 -15.26
C ASN B 136 -38.46 -14.99 -14.52
N SER B 137 -37.24 -15.35 -14.15
CA SER B 137 -36.98 -16.60 -13.47
C SER B 137 -36.19 -16.47 -12.17
N THR B 138 -35.53 -15.34 -11.93
CA THR B 138 -34.65 -15.17 -10.78
C THR B 138 -34.97 -13.86 -10.07
N ARG B 139 -34.85 -13.87 -8.74
CA ARG B 139 -35.06 -12.68 -7.92
C ARG B 139 -33.94 -12.58 -6.90
N PHE B 140 -33.63 -11.34 -6.51
CA PHE B 140 -32.45 -11.04 -5.70
C PHE B 140 -32.87 -10.44 -4.36
N ALA B 141 -32.28 -10.97 -3.29
CA ALA B 141 -32.52 -10.47 -1.94
C ALA B 141 -31.18 -10.08 -1.32
N PHE B 142 -31.03 -8.79 -1.01
CA PHE B 142 -29.86 -8.26 -0.35
C PHE B 142 -30.16 -8.05 1.13
N ALA B 143 -29.19 -8.34 1.99
CA ALA B 143 -29.29 -8.06 3.42
C ALA B 143 -28.04 -7.29 3.83
N CYS B 144 -28.21 -6.19 4.55
CA CYS B 144 -27.08 -5.35 4.89
C CYS B 144 -27.38 -4.57 6.17
N ASN B 145 -26.34 -3.92 6.68
CA ASN B 145 -26.48 -3.01 7.82
C ASN B 145 -26.54 -1.55 7.40
N GLN B 146 -25.88 -1.18 6.32
CA GLN B 146 -25.84 0.21 5.84
C GLN B 146 -26.26 0.20 4.38
N SER B 147 -27.53 0.53 4.13
CA SER B 147 -28.06 0.52 2.77
C SER B 147 -27.39 1.55 1.88
N ASN B 148 -26.75 2.58 2.46
CA ASN B 148 -26.10 3.59 1.64
C ASN B 148 -24.97 3.00 0.80
N LYS B 149 -24.35 1.92 1.28
CA LYS B 149 -23.28 1.28 0.51
C LYS B 149 -23.78 0.65 -0.78
N ILE B 150 -25.07 0.37 -0.88
CA ILE B 150 -25.65 -0.20 -2.10
C ILE B 150 -25.85 0.93 -3.09
N ILE B 151 -25.28 0.79 -4.29
CA ILE B 151 -25.34 1.86 -5.28
C ILE B 151 -26.79 2.15 -5.64
N GLU B 152 -27.06 3.42 -5.98
CA GLU B 152 -28.43 3.83 -6.27
C GLU B 152 -29.09 3.02 -7.38
N PRO B 153 -28.41 2.68 -8.48
CA PRO B 153 -29.08 1.87 -9.50
C PRO B 153 -29.63 0.56 -8.97
N LEU B 154 -28.92 -0.08 -8.04
CA LEU B 154 -29.42 -1.32 -7.45
C LEU B 154 -30.61 -1.05 -6.54
N GLN B 155 -30.54 0.04 -5.76
CA GLN B 155 -31.68 0.40 -4.91
C GLN B 155 -32.92 0.66 -5.74
N SER B 156 -32.74 1.20 -6.95
CA SER B 156 -33.89 1.50 -7.81
C SER B 156 -34.65 0.22 -8.17
N ARG B 157 -33.94 -0.88 -8.39
CA ARG B 157 -34.53 -2.11 -8.87
C ARG B 157 -35.11 -2.97 -7.75
N CYS B 158 -34.96 -2.56 -6.49
CA CYS B 158 -35.31 -3.40 -5.34
C CYS B 158 -36.39 -2.73 -4.50
N ALA B 159 -37.01 -3.53 -3.64
CA ALA B 159 -37.98 -3.05 -2.66
C ALA B 159 -37.27 -2.81 -1.33
N ILE B 160 -37.46 -1.63 -0.77
CA ILE B 160 -36.74 -1.22 0.43
C ILE B 160 -37.49 -1.72 1.66
N LEU B 161 -36.78 -2.43 2.54
CA LEU B 161 -37.33 -2.88 3.82
C LEU B 161 -36.33 -2.53 4.92
N ARG B 162 -36.61 -1.46 5.64
CA ARG B 162 -35.77 -1.00 6.73
C ARG B 162 -36.29 -1.59 8.03
N TYR B 163 -35.46 -2.39 8.69
CA TYR B 163 -35.85 -3.04 9.93
C TYR B 163 -35.55 -2.12 11.11
N SER B 164 -36.56 -1.88 11.94
CA SER B 164 -36.39 -1.10 13.15
C SER B 164 -35.83 -1.97 14.26
N LYS B 165 -35.45 -1.32 15.36
CA LYS B 165 -34.89 -2.04 16.51
C LYS B 165 -35.99 -2.71 17.32
N LEU B 166 -35.64 -3.82 17.94
CA LEU B 166 -36.60 -4.58 18.73
C LEU B 166 -36.89 -3.86 20.04
N SER B 167 -38.17 -3.75 20.38
CA SER B 167 -38.56 -3.17 21.66
C SER B 167 -38.31 -4.18 22.78
N ASP B 168 -38.27 -3.67 24.01
CA ASP B 168 -38.05 -4.54 25.16
C ASP B 168 -39.14 -5.60 25.27
N GLU B 169 -40.34 -5.30 24.80
CA GLU B 169 -41.44 -6.25 24.92
C GLU B 169 -41.23 -7.47 24.03
N ASP B 170 -40.83 -7.26 22.78
CA ASP B 170 -40.57 -8.39 21.89
C ASP B 170 -39.41 -9.24 22.40
N VAL B 171 -38.35 -8.58 22.88
CA VAL B 171 -37.21 -9.31 23.42
C VAL B 171 -37.65 -10.15 24.62
N LEU B 172 -38.45 -9.56 25.51
CA LEU B 172 -38.94 -10.30 26.66
C LEU B 172 -39.80 -11.48 26.23
N LYS B 173 -40.64 -11.29 25.21
CA LYS B 173 -41.50 -12.37 24.75
C LYS B 173 -40.65 -13.54 24.24
N ARG B 174 -39.66 -13.25 23.40
CA ARG B 174 -38.82 -14.32 22.87
C ARG B 174 -38.02 -14.99 23.97
N LEU B 175 -37.49 -14.20 24.93
CA LEU B 175 -36.74 -14.78 26.03
C LEU B 175 -37.62 -15.68 26.88
N LEU B 176 -38.87 -15.28 27.12
CA LEU B 176 -39.78 -16.11 27.89
C LEU B 176 -40.09 -17.41 27.14
N GLN B 177 -40.27 -17.33 25.83
CA GLN B 177 -40.48 -18.56 25.05
C GLN B 177 -39.29 -19.50 25.20
N ILE B 178 -38.08 -18.98 25.04
CA ILE B 178 -36.89 -19.82 25.14
C ILE B 178 -36.74 -20.37 26.56
N ILE B 179 -37.06 -19.56 27.57
CA ILE B 179 -36.95 -20.00 28.96
C ILE B 179 -37.92 -21.15 29.22
N LYS B 180 -39.16 -21.02 28.73
CA LYS B 180 -40.13 -22.10 28.89
C LYS B 180 -39.63 -23.36 28.20
N LEU B 181 -39.05 -23.22 27.01
CA LEU B 181 -38.55 -24.40 26.31
C LEU B 181 -37.36 -25.03 27.03
N GLU B 182 -36.56 -24.23 27.75
CA GLU B 182 -35.38 -24.71 28.45
C GLU B 182 -35.58 -24.87 29.94
N ASP B 183 -36.75 -24.52 30.48
CA ASP B 183 -37.02 -24.64 31.91
C ASP B 183 -35.97 -23.89 32.73
N VAL B 184 -35.65 -22.68 32.29
CA VAL B 184 -34.65 -21.86 32.98
C VAL B 184 -35.30 -21.20 34.19
N LYS B 185 -34.61 -21.23 35.32
CA LYS B 185 -35.06 -20.55 36.52
C LYS B 185 -34.52 -19.12 36.52
N TYR B 186 -35.40 -18.16 36.73
CA TYR B 186 -35.06 -16.75 36.57
C TYR B 186 -35.80 -15.92 37.61
N THR B 187 -35.49 -14.63 37.63
CA THR B 187 -36.22 -13.63 38.39
C THR B 187 -36.43 -12.42 37.50
N ASN B 188 -37.50 -11.67 37.77
CA ASN B 188 -37.85 -10.54 36.90
C ASN B 188 -36.69 -9.56 36.77
N ASP B 189 -35.97 -9.30 37.86
CA ASP B 189 -34.82 -8.40 37.79
C ASP B 189 -33.76 -8.94 36.84
N GLY B 190 -33.57 -10.26 36.80
CA GLY B 190 -32.59 -10.84 35.88
C GLY B 190 -32.95 -10.58 34.44
N LEU B 191 -34.21 -10.81 34.07
CA LEU B 191 -34.64 -10.56 32.69
C LEU B 191 -34.55 -9.08 32.37
N GLU B 192 -34.90 -8.21 33.32
CA GLU B 192 -34.78 -6.78 33.09
C GLU B 192 -33.34 -6.40 32.82
N ALA B 193 -32.40 -6.96 33.59
CA ALA B 193 -30.99 -6.68 33.37
C ALA B 193 -30.52 -7.19 32.02
N ILE B 194 -30.97 -8.39 31.63
CA ILE B 194 -30.59 -8.95 30.33
C ILE B 194 -31.06 -8.03 29.22
N ILE B 195 -32.32 -7.60 29.28
CA ILE B 195 -32.86 -6.72 28.24
C ILE B 195 -32.11 -5.39 28.24
N PHE B 196 -31.84 -4.84 29.42
CA PHE B 196 -31.14 -3.56 29.50
C PHE B 196 -29.76 -3.64 28.87
N THR B 197 -29.02 -4.72 29.15
CA THR B 197 -27.69 -4.88 28.57
C THR B 197 -27.73 -5.27 27.11
N ALA B 198 -28.85 -5.83 26.62
CA ALA B 198 -28.92 -6.27 25.24
C ALA B 198 -28.99 -5.08 24.28
N GLU B 199 -29.73 -4.03 24.66
CA GLU B 199 -29.87 -2.84 23.83
C GLU B 199 -30.50 -3.17 22.48
N GLY B 200 -31.53 -4.01 22.51
CA GLY B 200 -32.28 -4.35 21.33
C GLY B 200 -31.66 -5.41 20.44
N ASP B 201 -30.55 -6.01 20.86
CA ASP B 201 -29.89 -7.07 20.09
C ASP B 201 -30.38 -8.42 20.62
N MET B 202 -31.22 -9.09 19.82
CA MET B 202 -31.76 -10.39 20.25
C MET B 202 -30.65 -11.42 20.40
N ARG B 203 -29.70 -11.44 19.47
CA ARG B 203 -28.59 -12.38 19.56
C ARG B 203 -27.81 -12.17 20.85
N GLN B 204 -27.50 -10.91 21.16
CA GLN B 204 -26.78 -10.61 22.40
C GLN B 204 -27.59 -11.04 23.62
N ALA B 205 -28.90 -10.78 23.61
CA ALA B 205 -29.73 -11.14 24.76
C ALA B 205 -29.72 -12.65 24.97
N ILE B 206 -29.89 -13.42 23.90
CA ILE B 206 -29.93 -14.87 24.04
C ILE B 206 -28.58 -15.41 24.46
N ASN B 207 -27.49 -14.87 23.89
CA ASN B 207 -26.16 -15.32 24.29
C ASN B 207 -25.90 -15.04 25.76
N ASN B 208 -26.27 -13.85 26.24
CA ASN B 208 -26.07 -13.51 27.64
C ASN B 208 -26.93 -14.40 28.53
N LEU B 209 -28.18 -14.68 28.13
CA LEU B 209 -29.02 -15.56 28.93
C LEU B 209 -28.40 -16.95 29.05
N GLN B 210 -27.95 -17.52 27.91
CA GLN B 210 -27.37 -18.84 27.94
C GLN B 210 -26.09 -18.86 28.77
N SER B 211 -25.24 -17.84 28.64
CA SER B 211 -24.01 -17.80 29.40
C SER B 211 -24.30 -17.68 30.89
N THR B 212 -25.27 -16.86 31.27
CA THR B 212 -25.63 -16.73 32.68
C THR B 212 -26.15 -18.05 33.23
N VAL B 213 -27.01 -18.73 32.48
CA VAL B 213 -27.53 -20.02 32.94
C VAL B 213 -26.40 -21.02 33.10
N ALA B 214 -25.49 -21.08 32.12
CA ALA B 214 -24.39 -22.05 32.18
C ALA B 214 -23.46 -21.76 33.36
N GLY B 215 -23.12 -20.49 33.58
CA GLY B 215 -22.14 -20.15 34.60
C GLY B 215 -22.67 -20.08 36.00
N HIS B 216 -23.97 -19.79 36.18
CA HIS B 216 -24.52 -19.61 37.51
C HIS B 216 -25.86 -20.29 37.74
N GLY B 217 -26.53 -20.78 36.70
CA GLY B 217 -27.79 -21.48 36.89
C GLY B 217 -28.98 -20.55 37.04
N LEU B 218 -29.00 -19.76 38.09
CA LEU B 218 -30.12 -18.85 38.37
C LEU B 218 -29.90 -17.54 37.63
N VAL B 219 -30.92 -17.11 36.89
CA VAL B 219 -30.87 -15.87 36.12
C VAL B 219 -31.50 -14.79 36.98
N ASN B 220 -30.68 -14.15 37.80
CA ASN B 220 -31.08 -13.00 38.62
C ASN B 220 -30.22 -11.81 38.23
N ALA B 221 -30.39 -10.70 38.96
CA ALA B 221 -29.61 -9.51 38.67
C ALA B 221 -28.12 -9.76 38.89
N ASP B 222 -27.76 -10.34 40.04
CA ASP B 222 -26.35 -10.47 40.38
C ASP B 222 -25.60 -11.30 39.35
N ASN B 223 -26.14 -12.47 39.00
CA ASN B 223 -25.47 -13.33 38.05
C ASN B 223 -25.38 -12.68 36.67
N VAL B 224 -26.46 -11.99 36.27
CA VAL B 224 -26.46 -11.34 34.95
C VAL B 224 -25.37 -10.27 34.89
N PHE B 225 -25.28 -9.43 35.92
CA PHE B 225 -24.25 -8.39 35.90
C PHE B 225 -22.86 -8.98 36.06
N LYS B 226 -22.73 -10.13 36.72
CA LYS B 226 -21.44 -10.81 36.77
C LYS B 226 -21.03 -11.30 35.39
N ILE B 227 -21.98 -11.79 34.59
CA ILE B 227 -21.66 -12.27 33.25
C ILE B 227 -21.60 -11.13 32.25
N VAL B 228 -22.54 -10.19 32.30
CA VAL B 228 -22.57 -9.04 31.41
C VAL B 228 -22.14 -7.81 32.20
N ASP B 229 -21.15 -7.10 31.68
CA ASP B 229 -20.66 -5.87 32.30
C ASP B 229 -21.53 -4.69 31.87
N SER B 230 -21.69 -3.74 32.78
CA SER B 230 -22.46 -2.55 32.46
C SER B 230 -21.78 -1.81 31.30
N PRO B 231 -22.50 -1.47 30.23
CA PRO B 231 -21.86 -0.83 29.09
C PRO B 231 -21.11 0.43 29.52
N HIS B 232 -19.86 0.55 29.08
CA HIS B 232 -19.04 1.69 29.45
C HIS B 232 -19.54 3.00 28.84
N PRO B 233 -20.29 3.02 27.73
CA PRO B 233 -20.81 4.31 27.28
C PRO B 233 -21.67 5.02 28.32
N LEU B 234 -22.46 4.27 29.09
CA LEU B 234 -23.25 4.88 30.14
C LEU B 234 -22.36 5.46 31.24
N ILE B 235 -21.30 4.75 31.60
CA ILE B 235 -20.36 5.27 32.59
C ILE B 235 -19.71 6.55 32.08
N VAL B 236 -19.35 6.58 30.80
CA VAL B 236 -18.75 7.78 30.22
C VAL B 236 -19.75 8.93 30.24
N LYS B 237 -21.01 8.65 29.92
CA LYS B 237 -22.04 9.69 29.98
C LYS B 237 -22.18 10.24 31.39
N LYS B 238 -22.18 9.35 32.39
CA LYS B 238 -22.24 9.81 33.77
C LYS B 238 -21.02 10.66 34.11
N MET B 239 -19.85 10.28 33.60
CA MET B 239 -18.64 11.04 33.84
C MET B 239 -18.74 12.45 33.24
N LEU B 240 -19.26 12.56 32.02
CA LEU B 240 -19.31 13.85 31.35
C LEU B 240 -20.42 14.75 31.92
N LEU B 241 -21.50 14.15 32.42
CA LEU B 241 -22.63 14.92 32.93
C LEU B 241 -22.47 15.30 34.40
N ALA B 242 -21.39 14.88 35.05
CA ALA B 242 -21.19 15.22 36.44
C ALA B 242 -21.03 16.73 36.60
N SER B 243 -21.51 17.25 37.74
CA SER B 243 -21.48 18.68 38.01
C SER B 243 -20.15 19.12 38.63
N ASN B 244 -19.59 18.31 39.52
CA ASN B 244 -18.35 18.63 40.20
C ASN B 244 -17.18 17.91 39.54
N LEU B 245 -16.08 18.63 39.35
CA LEU B 245 -14.91 18.03 38.72
C LEU B 245 -14.40 16.84 39.54
N GLU B 246 -14.52 16.91 40.87
CA GLU B 246 -14.08 15.81 41.72
C GLU B 246 -14.90 14.55 41.44
N ASP B 247 -16.21 14.70 41.25
CA ASP B 247 -17.05 13.54 40.95
C ASP B 247 -16.67 12.91 39.62
N SER B 248 -16.46 13.74 38.59
CA SER B 248 -16.07 13.21 37.29
C SER B 248 -14.73 12.49 37.37
N ILE B 249 -13.77 13.08 38.09
CA ILE B 249 -12.46 12.44 38.25
C ILE B 249 -12.60 11.12 38.98
N GLN B 250 -13.42 11.08 40.02
CA GLN B 250 -13.63 9.84 40.76
C GLN B 250 -14.23 8.77 39.86
N ILE B 251 -15.21 9.13 39.04
CA ILE B 251 -15.80 8.16 38.11
C ILE B 251 -14.74 7.67 37.14
N LEU B 252 -13.96 8.58 36.57
CA LEU B 252 -12.92 8.20 35.63
C LEU B 252 -11.94 7.21 36.26
N ARG B 253 -11.50 7.51 37.48
CA ARG B 253 -10.44 6.70 38.09
C ARG B 253 -10.98 5.34 38.52
N THR B 254 -12.16 5.31 39.15
CA THR B 254 -12.64 4.08 39.77
C THR B 254 -13.42 3.19 38.83
N ASP B 255 -14.24 3.75 37.93
CA ASP B 255 -15.10 2.95 37.09
C ASP B 255 -14.51 2.63 35.73
N LEU B 256 -13.51 3.39 35.28
CA LEU B 256 -12.91 3.16 33.97
C LEU B 256 -11.44 2.80 34.03
N TRP B 257 -10.62 3.62 34.69
CA TRP B 257 -9.17 3.42 34.64
C TRP B 257 -8.77 2.19 35.45
N LYS B 258 -9.32 2.05 36.66
CA LYS B 258 -8.97 0.90 37.49
C LYS B 258 -9.56 -0.41 36.97
N LYS B 259 -10.57 -0.35 36.11
CA LYS B 259 -11.15 -1.57 35.55
C LYS B 259 -10.39 -2.08 34.34
N GLY B 260 -9.38 -1.36 33.87
CA GLY B 260 -8.57 -1.79 32.74
C GLY B 260 -8.98 -1.25 31.39
N TYR B 261 -9.91 -0.30 31.34
CA TYR B 261 -10.30 0.29 30.07
C TYR B 261 -9.17 1.16 29.53
N SER B 262 -8.84 0.98 28.26
CA SER B 262 -7.75 1.72 27.65
C SER B 262 -8.12 3.18 27.46
N SER B 263 -7.11 4.05 27.45
CA SER B 263 -7.35 5.48 27.28
C SER B 263 -7.97 5.77 25.92
N ILE B 264 -7.52 5.08 24.87
CA ILE B 264 -8.06 5.30 23.54
C ILE B 264 -9.55 4.95 23.51
N ASP B 265 -9.93 3.84 24.13
CA ASP B 265 -11.34 3.48 24.21
C ASP B 265 -12.13 4.55 24.95
N ILE B 266 -11.58 5.04 26.06
CA ILE B 266 -12.28 6.04 26.86
C ILE B 266 -12.51 7.31 26.04
N VAL B 267 -11.47 7.77 25.33
CA VAL B 267 -11.60 9.02 24.60
C VAL B 267 -12.55 8.87 23.41
N THR B 268 -12.48 7.73 22.71
CA THR B 268 -13.40 7.50 21.60
C THR B 268 -14.86 7.44 22.09
N THR B 269 -15.09 6.75 23.20
CA THR B 269 -16.44 6.67 23.75
C THR B 269 -16.91 8.04 24.20
N SER B 270 -16.02 8.84 24.78
CA SER B 270 -16.37 10.20 25.16
C SER B 270 -16.79 11.02 23.95
N PHE B 271 -16.04 10.91 22.85
CA PHE B 271 -16.41 11.61 21.63
C PHE B 271 -17.81 11.21 21.17
N ARG B 272 -18.07 9.90 21.11
CA ARG B 272 -19.38 9.44 20.64
C ARG B 272 -20.50 9.93 21.55
N VAL B 273 -20.34 9.77 22.87
CA VAL B 273 -21.38 10.16 23.81
C VAL B 273 -21.64 11.65 23.72
N THR B 274 -20.57 12.45 23.66
CA THR B 274 -20.75 13.90 23.52
C THR B 274 -21.49 14.24 22.24
N LYS B 275 -21.17 13.56 21.14
CA LYS B 275 -21.89 13.79 19.90
C LYS B 275 -23.38 13.51 20.06
N ASN B 276 -23.73 12.45 20.80
CA ASN B 276 -25.12 12.05 20.95
C ASN B 276 -25.82 12.66 22.16
N LEU B 277 -25.20 13.61 22.85
CA LEU B 277 -25.77 14.20 24.06
C LEU B 277 -26.78 15.27 23.65
N ALA B 278 -28.00 14.82 23.35
CA ALA B 278 -29.05 15.74 22.92
C ALA B 278 -29.52 16.65 24.04
N GLN B 279 -29.17 16.35 25.29
CA GLN B 279 -29.61 17.17 26.41
C GLN B 279 -28.75 18.41 26.62
N VAL B 280 -27.61 18.51 25.94
CA VAL B 280 -26.71 19.65 26.05
C VAL B 280 -26.81 20.47 24.78
N LYS B 281 -26.63 21.78 24.93
CA LYS B 281 -26.68 22.68 23.77
C LYS B 281 -25.59 22.31 22.78
N GLU B 282 -25.92 22.41 21.49
CA GLU B 282 -25.02 21.97 20.44
C GLU B 282 -23.68 22.69 20.49
N SER B 283 -23.69 24.00 20.77
CA SER B 283 -22.43 24.74 20.81
C SER B 283 -21.52 24.23 21.93
N VAL B 284 -22.08 23.98 23.11
CA VAL B 284 -21.30 23.41 24.20
C VAL B 284 -20.74 22.06 23.79
N ARG B 285 -21.54 21.25 23.07
CA ARG B 285 -21.06 19.97 22.60
C ARG B 285 -19.90 20.14 21.63
N LEU B 286 -19.95 21.17 20.79
CA LEU B 286 -18.86 21.41 19.85
C LEU B 286 -17.57 21.78 20.58
N GLU B 287 -17.66 22.64 21.60
CA GLU B 287 -16.47 22.94 22.40
C GLU B 287 -15.94 21.68 23.09
N MET B 288 -16.84 20.89 23.67
CA MET B 288 -16.42 19.64 24.30
C MET B 288 -15.71 18.73 23.31
N ILE B 289 -16.24 18.66 22.08
CA ILE B 289 -15.63 17.81 21.06
C ILE B 289 -14.26 18.34 20.67
N LYS B 290 -14.09 19.66 20.64
CA LYS B 290 -12.76 20.22 20.36
C LYS B 290 -11.76 19.76 21.42
N GLU B 291 -12.14 19.87 22.69
CA GLU B 291 -11.23 19.45 23.76
C GLU B 291 -10.96 17.94 23.69
N ILE B 292 -12.00 17.15 23.45
CA ILE B 292 -11.85 15.70 23.38
C ILE B 292 -10.95 15.33 22.21
N GLY B 293 -11.06 16.05 21.09
CA GLY B 293 -10.20 15.79 19.96
C GLY B 293 -8.75 16.13 20.23
N LEU B 294 -8.52 17.23 20.95
CA LEU B 294 -7.15 17.54 21.39
C LEU B 294 -6.58 16.37 22.20
N THR B 295 -7.35 15.89 23.17
CA THR B 295 -6.87 14.77 23.98
C THR B 295 -6.67 13.51 23.15
N HIS B 296 -7.57 13.27 22.20
CA HIS B 296 -7.44 12.09 21.34
C HIS B 296 -6.17 12.15 20.49
N MET B 297 -5.87 13.32 19.93
CA MET B 297 -4.64 13.47 19.16
C MET B 297 -3.43 13.26 20.05
N ARG B 298 -3.46 13.78 21.28
CA ARG B 298 -2.34 13.55 22.19
C ARG B 298 -2.16 12.07 22.48
N ILE B 299 -3.28 11.35 22.70
CA ILE B 299 -3.18 9.93 23.03
C ILE B 299 -2.63 9.14 21.84
N LEU B 300 -3.14 9.43 20.63
CA LEU B 300 -2.63 8.75 19.44
C LEU B 300 -1.14 9.00 19.26
N GLU B 301 -0.66 10.16 19.70
CA GLU B 301 0.77 10.46 19.59
C GLU B 301 1.61 9.55 20.48
N GLY B 302 1.00 8.90 21.47
CA GLY B 302 1.68 8.00 22.38
C GLY B 302 1.55 8.37 23.84
N VAL B 303 1.13 9.60 24.16
CA VAL B 303 0.99 10.03 25.55
C VAL B 303 -0.42 9.64 25.98
N GLY B 304 -0.57 8.37 26.34
CA GLY B 304 -1.82 7.88 26.88
C GLY B 304 -1.70 7.65 28.37
N THR B 305 -2.17 8.61 29.17
CA THR B 305 -2.00 8.56 30.62
C THR B 305 -3.26 9.07 31.29
N TYR B 306 -3.39 8.71 32.58
CA TYR B 306 -4.52 9.20 33.36
C TYR B 306 -4.50 10.72 33.48
N LEU B 307 -3.32 11.32 33.49
CA LEU B 307 -3.22 12.77 33.63
C LEU B 307 -3.86 13.48 32.45
N GLN B 308 -3.66 12.96 31.23
CA GLN B 308 -4.26 13.59 30.05
C GLN B 308 -5.78 13.54 30.11
N LEU B 309 -6.34 12.39 30.51
CA LEU B 309 -7.79 12.29 30.61
C LEU B 309 -8.33 13.20 31.71
N ALA B 310 -7.62 13.29 32.84
CA ALA B 310 -8.04 14.19 33.90
C ALA B 310 -8.01 15.64 33.43
N SER B 311 -6.99 16.02 32.66
CA SER B 311 -6.93 17.37 32.11
C SER B 311 -8.08 17.62 31.15
N MET B 312 -8.44 16.61 30.35
CA MET B 312 -9.58 16.74 29.46
C MET B 312 -10.86 16.99 30.25
N LEU B 313 -11.06 16.23 31.32
CA LEU B 313 -12.24 16.45 32.17
C LEU B 313 -12.23 17.84 32.79
N ALA B 314 -11.06 18.30 33.24
CA ALA B 314 -10.96 19.63 33.81
C ALA B 314 -11.33 20.70 32.80
N LYS B 315 -10.86 20.55 31.56
CA LYS B 315 -11.20 21.52 30.52
C LYS B 315 -12.69 21.47 30.20
N ILE B 316 -13.29 20.28 30.18
CA ILE B 316 -14.73 20.18 29.94
C ILE B 316 -15.50 20.90 31.03
N HIS B 317 -15.11 20.69 32.29
CA HIS B 317 -15.80 21.36 33.39
C HIS B 317 -15.62 22.86 33.33
N LYS B 318 -14.40 23.32 32.98
CA LYS B 318 -14.17 24.75 32.80
C LYS B 318 -15.07 25.32 31.72
N LEU B 319 -15.26 24.58 30.63
CA LEU B 319 -16.17 25.02 29.58
C LEU B 319 -17.60 25.10 30.10
N ASN B 320 -18.04 24.08 30.84
CA ASN B 320 -19.41 24.01 31.32
C ASN B 320 -19.72 25.02 32.42
N ASN B 321 -18.71 25.70 32.95
CA ASN B 321 -18.92 26.68 34.01
C ASN B 321 -18.84 28.10 33.47
N LYS C 7 18.60 -21.78 22.81
CA LYS C 7 17.57 -22.59 23.46
C LYS C 7 18.20 -23.83 24.11
N ARG C 8 19.06 -23.59 25.10
CA ARG C 8 19.75 -24.69 25.78
C ARG C 8 19.03 -25.14 27.05
N SER C 9 18.21 -24.29 27.64
CA SER C 9 17.48 -24.65 28.86
C SER C 9 16.50 -23.53 29.19
N LYS C 10 15.48 -23.87 29.99
CA LYS C 10 14.50 -22.88 30.41
C LYS C 10 15.11 -21.82 31.31
N GLU C 11 16.22 -22.13 31.99
CA GLU C 11 16.90 -21.13 32.81
C GLU C 11 17.52 -20.03 31.97
N ASN C 12 17.68 -20.25 30.65
CA ASN C 12 18.22 -19.24 29.76
C ASN C 12 17.18 -18.23 29.29
N LEU C 13 15.90 -18.41 29.68
CA LEU C 13 14.84 -17.54 29.20
C LEU C 13 14.71 -16.31 30.10
N PRO C 14 14.20 -15.20 29.58
CA PRO C 14 13.83 -14.07 30.45
C PRO C 14 12.72 -14.49 31.41
N TRP C 15 12.71 -13.88 32.59
CA TRP C 15 11.77 -14.27 33.62
C TRP C 15 10.32 -14.10 33.16
N VAL C 16 10.06 -13.14 32.28
CA VAL C 16 8.70 -12.93 31.80
C VAL C 16 8.19 -14.15 31.05
N GLU C 17 9.10 -14.91 30.41
CA GLU C 17 8.73 -16.12 29.71
C GLU C 17 8.99 -17.39 30.51
N LYS C 18 9.97 -17.36 31.42
CA LYS C 18 10.27 -18.55 32.21
C LYS C 18 9.12 -18.88 33.17
N TYR C 19 8.36 -17.87 33.60
CA TYR C 19 7.29 -18.05 34.56
C TYR C 19 5.91 -17.94 33.91
N ARG C 20 5.82 -18.22 32.61
CA ARG C 20 4.53 -18.23 31.94
C ARG C 20 3.66 -19.35 32.52
N PRO C 21 2.45 -19.05 33.00
CA PRO C 21 1.60 -20.12 33.54
C PRO C 21 1.34 -21.20 32.50
N GLU C 22 1.38 -22.45 32.96
CA GLU C 22 1.11 -23.60 32.10
C GLU C 22 -0.27 -24.20 32.32
N THR C 23 -0.88 -23.94 33.48
CA THR C 23 -2.20 -24.44 33.80
C THR C 23 -3.04 -23.30 34.38
N LEU C 24 -4.36 -23.48 34.33
CA LEU C 24 -5.25 -22.45 34.84
C LEU C 24 -5.04 -22.17 36.32
N ASP C 25 -4.47 -23.12 37.06
CA ASP C 25 -4.17 -22.92 38.47
C ASP C 25 -3.02 -21.94 38.70
N GLU C 26 -2.22 -21.66 37.67
CA GLU C 26 -1.07 -20.76 37.80
C GLU C 26 -1.40 -19.34 37.36
N VAL C 27 -2.65 -19.06 37.01
CA VAL C 27 -3.09 -17.71 36.64
C VAL C 27 -3.71 -17.07 37.87
N TYR C 28 -3.14 -15.94 38.29
CA TYR C 28 -3.55 -15.26 39.51
C TYR C 28 -4.26 -13.95 39.16
N GLY C 29 -5.11 -13.50 40.07
CA GLY C 29 -5.75 -12.20 39.97
C GLY C 29 -6.94 -12.14 39.05
N GLN C 30 -7.35 -13.26 38.45
CA GLN C 30 -8.48 -13.32 37.54
C GLN C 30 -9.41 -14.46 37.95
N ASN C 31 -9.69 -14.55 39.25
CA ASN C 31 -10.38 -15.73 39.78
C ASN C 31 -11.76 -15.89 39.16
N GLU C 32 -12.52 -14.80 39.02
CA GLU C 32 -13.86 -14.89 38.46
C GLU C 32 -13.83 -15.48 37.05
N VAL C 33 -12.97 -14.94 36.19
CA VAL C 33 -12.90 -15.39 34.81
C VAL C 33 -12.48 -16.85 34.74
N ILE C 34 -11.46 -17.21 35.53
CA ILE C 34 -10.95 -18.58 35.50
C ILE C 34 -12.04 -19.55 35.97
N THR C 35 -12.74 -19.21 37.05
CA THR C 35 -13.79 -20.08 37.55
C THR C 35 -14.89 -20.25 36.52
N THR C 36 -15.32 -19.15 35.88
CA THR C 36 -16.38 -19.24 34.90
C THR C 36 -15.97 -20.10 33.70
N VAL C 37 -14.76 -19.88 33.18
CA VAL C 37 -14.34 -20.63 31.99
C VAL C 37 -14.12 -22.10 32.34
N ARG C 38 -13.60 -22.38 33.53
CA ARG C 38 -13.44 -23.77 33.94
C ARG C 38 -14.78 -24.46 34.06
N LYS C 39 -15.79 -23.76 34.61
CA LYS C 39 -17.13 -24.33 34.65
C LYS C 39 -17.66 -24.57 33.24
N PHE C 40 -17.44 -23.63 32.33
CA PHE C 40 -17.87 -23.82 30.95
C PHE C 40 -17.27 -25.09 30.37
N VAL C 41 -15.97 -25.28 30.55
CA VAL C 41 -15.30 -26.44 29.95
C VAL C 41 -15.74 -27.73 30.62
N ASP C 42 -15.95 -27.71 31.93
CA ASP C 42 -16.27 -28.94 32.65
C ASP C 42 -17.59 -29.54 32.16
N GLU C 43 -18.59 -28.69 31.93
CA GLU C 43 -19.91 -29.14 31.50
C GLU C 43 -20.09 -29.10 29.99
N GLY C 44 -19.02 -28.82 29.24
CA GLY C 44 -19.10 -28.80 27.79
C GLY C 44 -20.04 -27.73 27.27
N LYS C 45 -19.92 -26.51 27.79
CA LYS C 45 -20.77 -25.39 27.40
C LYS C 45 -19.92 -24.18 27.04
N LEU C 46 -18.84 -24.42 26.30
CA LEU C 46 -17.92 -23.34 25.94
C LEU C 46 -18.52 -22.47 24.85
N PRO C 47 -18.73 -21.17 25.07
CA PRO C 47 -19.17 -20.29 24.00
C PRO C 47 -17.99 -19.60 23.32
N HIS C 48 -18.30 -18.86 22.26
CA HIS C 48 -17.31 -17.98 21.67
C HIS C 48 -16.90 -16.91 22.69
N LEU C 49 -15.59 -16.70 22.85
CA LEU C 49 -15.05 -15.91 23.94
C LEU C 49 -14.37 -14.65 23.41
N LEU C 50 -14.43 -13.59 24.22
CA LEU C 50 -13.70 -12.35 23.94
C LEU C 50 -13.02 -11.91 25.24
N PHE C 51 -11.70 -12.10 25.32
CA PHE C 51 -10.90 -11.65 26.44
C PHE C 51 -10.39 -10.24 26.15
N TYR C 52 -10.88 -9.27 26.92
CA TYR C 52 -10.50 -7.87 26.75
C TYR C 52 -9.77 -7.39 28.00
N GLY C 53 -8.61 -6.77 27.82
CA GLY C 53 -7.88 -6.25 28.95
C GLY C 53 -6.57 -5.57 28.62
N PRO C 54 -5.97 -4.93 29.63
CA PRO C 54 -4.73 -4.18 29.41
C PRO C 54 -3.51 -5.08 29.37
N PRO C 55 -2.35 -4.56 29.00
CA PRO C 55 -1.18 -5.41 28.79
C PRO C 55 -0.77 -6.17 30.05
N GLY C 56 -0.29 -7.41 29.83
CA GLY C 56 0.29 -8.18 30.91
C GLY C 56 -0.66 -8.53 32.03
N THR C 57 -1.89 -8.91 31.69
CA THR C 57 -2.88 -9.32 32.69
C THR C 57 -3.18 -10.81 32.66
N GLY C 58 -2.75 -11.54 31.63
CA GLY C 58 -2.91 -12.96 31.56
C GLY C 58 -3.86 -13.49 30.49
N LYS C 59 -4.14 -12.70 29.45
CA LYS C 59 -5.11 -13.14 28.44
C LYS C 59 -4.55 -14.29 27.60
N THR C 60 -3.38 -14.07 26.98
CA THR C 60 -2.77 -15.13 26.16
C THR C 60 -2.45 -16.36 27.02
N SER C 61 -1.92 -16.14 28.22
CA SER C 61 -1.63 -17.25 29.12
C SER C 61 -2.89 -18.03 29.42
N THR C 62 -3.99 -17.32 29.72
CA THR C 62 -5.23 -18.00 30.07
C THR C 62 -5.77 -18.81 28.90
N ILE C 63 -5.75 -18.25 27.69
CA ILE C 63 -6.31 -18.99 26.56
C ILE C 63 -5.46 -20.20 26.23
N VAL C 64 -4.13 -20.06 26.31
CA VAL C 64 -3.26 -21.22 26.06
C VAL C 64 -3.49 -22.30 27.11
N ALA C 65 -3.61 -21.90 28.37
CA ALA C 65 -3.89 -22.89 29.43
C ALA C 65 -5.24 -23.56 29.22
N LEU C 66 -6.24 -22.81 28.77
CA LEU C 66 -7.55 -23.39 28.49
C LEU C 66 -7.45 -24.40 27.35
N ALA C 67 -6.70 -24.08 26.30
CA ALA C 67 -6.51 -25.03 25.21
C ALA C 67 -5.82 -26.29 25.70
N ARG C 68 -4.80 -26.15 26.55
CA ARG C 68 -4.13 -27.33 27.10
C ARG C 68 -5.08 -28.15 27.95
N GLU C 69 -5.93 -27.50 28.74
CA GLU C 69 -6.89 -28.24 29.55
C GLU C 69 -7.88 -29.00 28.68
N ILE C 70 -8.36 -28.38 27.59
CA ILE C 70 -9.33 -29.02 26.73
C ILE C 70 -8.70 -30.20 25.99
N TYR C 71 -7.52 -30.00 25.42
CA TYR C 71 -6.92 -30.98 24.52
C TYR C 71 -5.75 -31.74 25.13
N GLY C 72 -5.07 -31.19 26.12
CA GLY C 72 -3.92 -31.83 26.70
C GLY C 72 -2.61 -31.32 26.12
N LYS C 73 -1.59 -32.17 26.23
CA LYS C 73 -0.24 -31.77 25.85
C LYS C 73 -0.13 -31.47 24.36
N ASN C 74 -0.92 -32.13 23.53
CA ASN C 74 -0.85 -31.96 22.08
C ASN C 74 -1.85 -30.92 21.57
N TYR C 75 -2.17 -29.91 22.37
CA TYR C 75 -3.13 -28.90 21.95
C TYR C 75 -2.62 -28.11 20.74
N SER C 76 -1.30 -28.04 20.57
CA SER C 76 -0.74 -27.17 19.54
C SER C 76 -1.21 -27.58 18.15
N ASN C 77 -1.28 -28.88 17.89
CA ASN C 77 -1.75 -29.39 16.61
C ASN C 77 -3.26 -29.46 16.52
N MET C 78 -3.98 -29.15 17.60
CA MET C 78 -5.43 -29.26 17.64
C MET C 78 -6.13 -27.91 17.64
N VAL C 79 -5.39 -26.80 17.58
CA VAL C 79 -5.96 -25.47 17.59
C VAL C 79 -5.33 -24.66 16.45
N LEU C 80 -6.03 -23.60 16.04
CA LEU C 80 -5.55 -22.70 15.00
C LEU C 80 -5.33 -21.33 15.63
N GLU C 81 -4.06 -20.98 15.88
CA GLU C 81 -3.70 -19.75 16.54
C GLU C 81 -3.14 -18.76 15.52
N LEU C 82 -3.73 -17.57 15.46
CA LEU C 82 -3.26 -16.50 14.59
C LEU C 82 -3.12 -15.22 15.39
N ASN C 83 -2.02 -14.50 15.16
CA ASN C 83 -1.76 -13.26 15.88
C ASN C 83 -1.32 -12.16 14.93
N ALA C 84 -0.91 -11.00 15.48
CA ALA C 84 -0.60 -9.84 14.65
C ALA C 84 0.66 -10.04 13.82
N SER C 85 1.50 -11.02 14.15
CA SER C 85 2.70 -11.29 13.35
C SER C 85 2.40 -12.16 12.14
N ASP C 86 1.18 -12.65 11.99
CA ASP C 86 0.80 -13.52 10.89
C ASP C 86 -0.10 -12.76 9.91
N ASP C 87 -0.15 -13.27 8.69
CA ASP C 87 -1.08 -12.74 7.70
C ASP C 87 -2.50 -13.17 8.05
N ARG C 88 -3.39 -12.19 8.21
CA ARG C 88 -4.79 -12.45 8.57
C ARG C 88 -5.71 -11.60 7.72
N GLY C 89 -5.39 -11.45 6.44
CA GLY C 89 -6.24 -10.72 5.54
C GLY C 89 -7.52 -11.48 5.24
N ILE C 90 -8.38 -10.86 4.43
CA ILE C 90 -9.65 -11.48 4.09
C ILE C 90 -9.44 -12.79 3.37
N ASP C 91 -8.35 -12.92 2.60
CA ASP C 91 -8.05 -14.18 1.93
C ASP C 91 -7.81 -15.30 2.93
N VAL C 92 -7.07 -14.99 4.01
CA VAL C 92 -6.81 -16.00 5.03
C VAL C 92 -8.12 -16.45 5.67
N VAL C 93 -9.01 -15.49 5.98
CA VAL C 93 -10.33 -15.86 6.52
C VAL C 93 -11.07 -16.75 5.53
N ARG C 94 -11.04 -16.39 4.24
CA ARG C 94 -11.81 -17.12 3.25
C ARG C 94 -11.30 -18.54 3.06
N ASN C 95 -9.99 -18.77 3.21
CA ASN C 95 -9.43 -20.08 2.90
C ASN C 95 -8.99 -20.86 4.14
N GLN C 96 -8.04 -20.34 4.92
CA GLN C 96 -7.43 -21.14 5.98
C GLN C 96 -8.39 -21.32 7.16
N ILE C 97 -8.94 -20.22 7.66
CA ILE C 97 -9.87 -20.30 8.79
C ILE C 97 -11.12 -21.08 8.39
N LYS C 98 -11.64 -20.82 7.19
CA LYS C 98 -12.83 -21.52 6.74
C LYS C 98 -12.58 -23.02 6.63
N ASP C 99 -11.43 -23.41 6.08
CA ASP C 99 -11.11 -24.84 5.98
C ASP C 99 -10.96 -25.48 7.35
N PHE C 100 -10.28 -24.80 8.27
CA PHE C 100 -10.10 -25.35 9.61
C PHE C 100 -11.44 -25.51 10.33
N ALA C 101 -12.34 -24.54 10.16
CA ALA C 101 -13.61 -24.56 10.87
C ALA C 101 -14.57 -25.62 10.32
N SER C 102 -14.38 -26.06 9.08
CA SER C 102 -15.33 -26.95 8.42
C SER C 102 -14.85 -28.39 8.33
N THR C 103 -13.68 -28.71 8.88
CA THR C 103 -13.09 -30.03 8.77
C THR C 103 -12.87 -30.63 10.15
N ARG C 104 -12.95 -31.95 10.24
CA ARG C 104 -12.77 -32.64 11.51
C ARG C 104 -11.31 -32.58 11.95
N GLN C 105 -11.10 -32.84 13.23
CA GLN C 105 -9.75 -32.91 13.77
C GLN C 105 -9.03 -34.14 13.21
N ILE C 106 -7.73 -33.98 12.95
CA ILE C 106 -6.93 -35.11 12.47
C ILE C 106 -6.76 -36.15 13.57
N PHE C 107 -6.47 -35.70 14.79
CA PHE C 107 -6.05 -36.60 15.85
C PHE C 107 -7.23 -37.21 16.62
N SER C 108 -8.13 -36.38 17.12
CA SER C 108 -9.26 -36.82 17.92
C SER C 108 -10.57 -36.47 17.23
N LYS C 109 -11.68 -36.67 17.95
CA LYS C 109 -13.02 -36.37 17.47
C LYS C 109 -13.61 -35.14 18.14
N GLY C 110 -12.83 -34.41 18.94
CA GLY C 110 -13.34 -33.27 19.66
C GLY C 110 -13.57 -32.06 18.78
N PHE C 111 -14.14 -31.03 19.39
CA PHE C 111 -14.42 -29.80 18.66
C PHE C 111 -13.13 -29.03 18.38
N LYS C 112 -13.24 -27.95 17.63
CA LYS C 112 -12.10 -27.20 17.12
C LYS C 112 -12.06 -25.81 17.72
N LEU C 113 -10.85 -25.32 17.96
CA LEU C 113 -10.64 -24.04 18.61
C LEU C 113 -9.77 -23.14 17.73
N ILE C 114 -10.25 -21.93 17.48
CA ILE C 114 -9.53 -20.92 16.72
C ILE C 114 -9.27 -19.75 17.65
N ILE C 115 -8.01 -19.40 17.83
CA ILE C 115 -7.59 -18.34 18.75
C ILE C 115 -7.06 -17.19 17.91
N LEU C 116 -7.81 -16.08 17.87
CA LEU C 116 -7.40 -14.88 17.15
C LEU C 116 -6.82 -13.90 18.17
N ASP C 117 -5.56 -14.13 18.52
CA ASP C 117 -4.88 -13.24 19.44
C ASP C 117 -4.63 -11.87 18.80
N GLU C 118 -4.79 -10.82 19.60
CA GLU C 118 -4.59 -9.45 19.11
C GLU C 118 -5.48 -9.16 17.91
N ALA C 119 -6.76 -9.54 18.05
CA ALA C 119 -7.70 -9.37 16.94
C ALA C 119 -7.99 -7.91 16.64
N ASP C 120 -7.65 -7.00 17.55
CA ASP C 120 -7.86 -5.58 17.30
C ASP C 120 -6.97 -5.06 16.18
N ALA C 121 -5.97 -5.83 15.75
CA ALA C 121 -5.13 -5.46 14.62
C ALA C 121 -5.63 -6.03 13.29
N MET C 122 -6.76 -6.71 13.28
CA MET C 122 -7.29 -7.29 12.05
C MET C 122 -8.06 -6.23 11.26
N THR C 123 -8.03 -6.37 9.94
CA THR C 123 -8.70 -5.42 9.07
C THR C 123 -10.21 -5.56 9.19
N ASN C 124 -10.93 -4.49 8.81
CA ASN C 124 -12.38 -4.50 8.88
C ASN C 124 -12.97 -5.56 7.94
N ALA C 125 -12.40 -5.70 6.75
CA ALA C 125 -12.91 -6.68 5.79
C ALA C 125 -12.81 -8.09 6.35
N ALA C 126 -11.67 -8.43 6.96
CA ALA C 126 -11.51 -9.77 7.54
C ALA C 126 -12.50 -9.99 8.68
N GLN C 127 -12.67 -8.98 9.53
CA GLN C 127 -13.63 -9.11 10.62
C GLN C 127 -15.04 -9.34 10.10
N ASN C 128 -15.42 -8.61 9.05
CA ASN C 128 -16.74 -8.81 8.46
C ASN C 128 -16.87 -10.21 7.86
N ALA C 129 -15.83 -10.69 7.19
CA ALA C 129 -15.86 -12.03 6.63
C ALA C 129 -15.99 -13.10 7.72
N LEU C 130 -15.45 -12.82 8.91
CA LEU C 130 -15.52 -13.80 9.99
C LEU C 130 -16.94 -14.06 10.48
N ARG C 131 -17.90 -13.17 10.20
CA ARG C 131 -19.21 -13.27 10.82
C ARG C 131 -19.91 -14.58 10.45
N ARG C 132 -20.02 -14.86 9.16
CA ARG C 132 -20.72 -16.07 8.73
C ARG C 132 -19.90 -17.33 8.97
N VAL C 133 -18.57 -17.21 9.02
CA VAL C 133 -17.76 -18.36 9.41
C VAL C 133 -18.06 -18.75 10.85
N ILE C 134 -18.14 -17.75 11.74
CA ILE C 134 -18.48 -18.02 13.13
C ILE C 134 -19.88 -18.62 13.24
N GLU C 135 -20.84 -18.03 12.52
CA GLU C 135 -22.23 -18.48 12.65
C GLU C 135 -22.44 -19.87 12.08
N ARG C 136 -21.94 -20.12 10.87
CA ARG C 136 -22.28 -21.34 10.15
C ARG C 136 -21.73 -22.58 10.86
N TYR C 137 -20.49 -22.51 11.34
CA TYR C 137 -19.78 -23.68 11.86
C TYR C 137 -19.75 -23.71 13.39
N THR C 138 -20.72 -23.05 14.04
CA THR C 138 -20.76 -23.06 15.49
C THR C 138 -21.07 -24.44 16.07
N LYS C 139 -21.61 -25.35 15.27
CA LYS C 139 -21.93 -26.69 15.78
C LYS C 139 -20.67 -27.43 16.19
N ASN C 140 -19.56 -27.20 15.51
CA ASN C 140 -18.32 -27.93 15.77
C ASN C 140 -17.11 -27.06 16.02
N THR C 141 -17.22 -25.74 15.95
CA THR C 141 -16.09 -24.84 16.07
C THR C 141 -16.40 -23.70 17.04
N ARG C 142 -15.37 -23.26 17.76
CA ARG C 142 -15.47 -22.14 18.67
C ARG C 142 -14.34 -21.16 18.41
N PHE C 143 -14.62 -19.87 18.65
CA PHE C 143 -13.67 -18.79 18.40
C PHE C 143 -13.36 -18.07 19.71
N CYS C 144 -12.09 -17.72 19.88
CA CYS C 144 -11.64 -16.87 20.97
C CYS C 144 -10.92 -15.66 20.39
N VAL C 145 -11.30 -14.47 20.84
CA VAL C 145 -10.73 -13.22 20.37
C VAL C 145 -10.14 -12.48 21.58
N LEU C 146 -8.88 -12.06 21.45
CA LEU C 146 -8.19 -11.35 22.52
C LEU C 146 -7.89 -9.93 22.08
N ALA C 147 -8.07 -8.97 22.98
CA ALA C 147 -7.89 -7.57 22.60
C ALA C 147 -7.53 -6.71 23.80
N ASN C 148 -6.82 -5.62 23.51
CA ASN C 148 -6.60 -4.52 24.44
C ASN C 148 -7.45 -3.30 24.12
N TYR C 149 -7.88 -3.13 22.87
CA TYR C 149 -8.64 -1.96 22.43
C TYR C 149 -9.94 -2.44 21.81
N ALA C 150 -11.05 -2.23 22.51
CA ALA C 150 -12.34 -2.73 22.02
C ALA C 150 -12.88 -1.92 20.86
N HIS C 151 -12.42 -0.68 20.65
CA HIS C 151 -12.96 0.15 19.60
C HIS C 151 -12.52 -0.29 18.21
N LYS C 152 -11.52 -1.17 18.11
CA LYS C 152 -11.09 -1.73 16.82
C LYS C 152 -11.90 -2.95 16.42
N LEU C 153 -12.82 -3.40 17.26
CA LEU C 153 -13.64 -4.58 16.97
C LEU C 153 -15.00 -4.14 16.43
N THR C 154 -15.40 -4.72 15.30
CA THR C 154 -16.67 -4.36 14.70
C THR C 154 -17.82 -4.76 15.62
N PRO C 155 -18.93 -4.01 15.62
CA PRO C 155 -20.08 -4.40 16.44
C PRO C 155 -20.60 -5.79 16.12
N ALA C 156 -20.53 -6.22 14.87
CA ALA C 156 -21.03 -7.54 14.51
C ALA C 156 -20.25 -8.63 15.24
N LEU C 157 -18.92 -8.51 15.27
CA LEU C 157 -18.11 -9.51 15.97
C LEU C 157 -18.42 -9.52 17.47
N LEU C 158 -18.53 -8.34 18.08
CA LEU C 158 -18.84 -8.27 19.51
C LEU C 158 -20.21 -8.88 19.80
N SER C 159 -21.15 -8.76 18.85
CA SER C 159 -22.48 -9.32 19.05
C SER C 159 -22.44 -10.83 19.20
N ARG C 160 -21.45 -11.49 18.60
CA ARG C 160 -21.39 -12.94 18.57
C ARG C 160 -20.56 -13.55 19.70
N CYS C 161 -19.97 -12.72 20.57
CA CYS C 161 -19.00 -13.20 21.55
C CYS C 161 -19.47 -12.89 22.97
N THR C 162 -19.07 -13.75 23.90
CA THR C 162 -19.27 -13.53 25.32
C THR C 162 -18.01 -12.88 25.89
N ARG C 163 -18.18 -11.77 26.59
CA ARG C 163 -17.08 -10.89 26.95
C ARG C 163 -16.61 -11.16 28.37
N PHE C 164 -15.29 -11.29 28.54
CA PHE C 164 -14.65 -11.37 29.84
C PHE C 164 -13.58 -10.28 29.92
N ARG C 165 -13.64 -9.49 30.98
CA ARG C 165 -12.71 -8.38 31.19
C ARG C 165 -11.64 -8.79 32.20
N PHE C 166 -10.38 -8.64 31.79
CA PHE C 166 -9.25 -8.91 32.67
C PHE C 166 -8.86 -7.62 33.39
N GLN C 167 -8.98 -7.62 34.72
CA GLN C 167 -8.70 -6.45 35.51
C GLN C 167 -7.20 -6.27 35.72
N PRO C 168 -6.75 -5.05 36.03
CA PRO C 168 -5.37 -4.87 36.50
C PRO C 168 -5.12 -5.74 37.72
N LEU C 169 -3.96 -6.37 37.77
CA LEU C 169 -3.73 -7.40 38.75
C LEU C 169 -3.78 -6.83 40.16
N PRO C 170 -4.54 -7.42 41.08
CA PRO C 170 -4.60 -6.89 42.45
C PRO C 170 -3.31 -7.16 43.22
N GLN C 171 -3.24 -6.53 44.39
CA GLN C 171 -2.03 -6.63 45.21
C GLN C 171 -1.75 -8.07 45.63
N GLU C 172 -2.80 -8.81 46.01
CA GLU C 172 -2.59 -10.15 46.56
C GLU C 172 -2.02 -11.09 45.53
N ALA C 173 -2.52 -11.03 44.29
CA ALA C 173 -2.01 -11.91 43.24
C ALA C 173 -0.54 -11.63 42.96
N ILE C 174 -0.17 -10.36 42.86
CA ILE C 174 1.23 -10.00 42.63
C ILE C 174 2.09 -10.48 43.80
N GLU C 175 1.59 -10.33 45.03
CA GLU C 175 2.33 -10.79 46.19
C GLU C 175 2.58 -12.30 46.12
N ARG C 176 1.55 -13.06 45.78
CA ARG C 176 1.70 -14.52 45.73
C ARG C 176 2.66 -14.94 44.63
N ARG C 177 2.57 -14.32 43.46
CA ARG C 177 3.49 -14.67 42.38
C ARG C 177 4.92 -14.27 42.73
N ILE C 178 5.10 -13.14 43.41
CA ILE C 178 6.43 -12.74 43.86
C ILE C 178 6.98 -13.77 44.85
N ALA C 179 6.13 -14.26 45.76
CA ALA C 179 6.58 -15.26 46.70
C ALA C 179 7.02 -16.54 45.98
N ASN C 180 6.25 -16.97 44.99
CA ASN C 180 6.63 -18.15 44.22
C ASN C 180 7.96 -17.94 43.52
N VAL C 181 8.14 -16.77 42.89
CA VAL C 181 9.38 -16.49 42.17
C VAL C 181 10.55 -16.45 43.14
N LEU C 182 10.36 -15.86 44.32
CA LEU C 182 11.42 -15.83 45.32
C LEU C 182 11.81 -17.23 45.77
N VAL C 183 10.81 -18.09 45.98
CA VAL C 183 11.10 -19.47 46.34
C VAL C 183 11.92 -20.14 45.25
N HIS C 184 11.52 -19.95 43.99
CA HIS C 184 12.22 -20.63 42.89
C HIS C 184 13.65 -20.12 42.75
N GLU C 185 13.84 -18.80 42.85
CA GLU C 185 15.14 -18.17 42.58
C GLU C 185 16.03 -18.09 43.80
N LYS C 186 15.54 -18.49 44.98
CA LYS C 186 16.31 -18.40 46.22
C LYS C 186 16.76 -16.96 46.46
N LEU C 187 15.76 -16.08 46.59
CA LEU C 187 15.99 -14.65 46.73
C LEU C 187 15.35 -14.14 48.01
N LYS C 188 15.86 -13.02 48.49
CA LYS C 188 15.34 -12.35 49.68
C LYS C 188 14.85 -10.97 49.30
N LEU C 189 13.65 -10.61 49.78
CA LEU C 189 13.01 -9.35 49.43
C LEU C 189 12.51 -8.68 50.70
N SER C 190 12.76 -7.39 50.84
CA SER C 190 12.29 -6.64 52.00
C SER C 190 10.83 -6.22 51.81
N PRO C 191 10.08 -6.05 52.91
CA PRO C 191 8.68 -5.60 52.75
C PRO C 191 8.56 -4.25 52.06
N ASN C 192 9.46 -3.31 52.36
CA ASN C 192 9.41 -2.01 51.71
C ASN C 192 9.74 -2.13 50.23
N ALA C 193 10.73 -2.95 49.89
CA ALA C 193 11.05 -3.19 48.48
C ALA C 193 9.86 -3.83 47.76
N GLU C 194 9.18 -4.76 48.43
CA GLU C 194 8.02 -5.40 47.83
C GLU C 194 6.91 -4.38 47.59
N LYS C 195 6.66 -3.49 48.56
CA LYS C 195 5.64 -2.47 48.37
C LYS C 195 5.99 -1.54 47.21
N ALA C 196 7.26 -1.15 47.11
CA ALA C 196 7.69 -0.30 46.00
C ALA C 196 7.50 -1.02 44.67
N LEU C 197 7.83 -2.31 44.63
CA LEU C 197 7.67 -3.08 43.39
C LEU C 197 6.21 -3.14 42.98
N ILE C 198 5.32 -3.40 43.94
CA ILE C 198 3.89 -3.40 43.63
C ILE C 198 3.45 -2.02 43.13
N GLU C 199 3.92 -0.96 43.79
CA GLU C 199 3.52 0.39 43.39
C GLU C 199 3.93 0.69 41.96
N LEU C 200 5.17 0.33 41.58
CA LEU C 200 5.63 0.61 40.23
C LEU C 200 5.07 -0.38 39.21
N SER C 201 4.52 -1.51 39.67
CA SER C 201 3.97 -2.49 38.73
C SER C 201 2.79 -1.93 37.94
N ASN C 202 1.91 -1.19 38.62
CA ASN C 202 0.69 -0.67 37.99
C ASN C 202 -0.20 -1.79 37.46
N GLY C 203 -0.17 -2.95 38.10
CA GLY C 203 -1.03 -4.05 37.72
C GLY C 203 -0.52 -4.89 36.57
N ASP C 204 0.71 -4.67 36.10
CA ASP C 204 1.29 -5.43 35.01
C ASP C 204 2.33 -6.39 35.57
N MET C 205 2.13 -7.69 35.37
CA MET C 205 3.04 -8.69 35.91
C MET C 205 4.39 -8.67 35.20
N ARG C 206 4.40 -8.34 33.90
CA ARG C 206 5.65 -8.32 33.16
C ARG C 206 6.63 -7.33 33.78
N ARG C 207 6.13 -6.15 34.17
CA ARG C 207 7.00 -5.17 34.81
C ARG C 207 7.58 -5.71 36.11
N VAL C 208 6.74 -6.38 36.91
CA VAL C 208 7.22 -6.96 38.17
C VAL C 208 8.35 -7.94 37.89
N LEU C 209 8.14 -8.85 36.94
CA LEU C 209 9.14 -9.88 36.67
C LEU C 209 10.43 -9.26 36.14
N ASN C 210 10.33 -8.32 35.21
CA ASN C 210 11.52 -7.69 34.65
C ASN C 210 12.30 -6.94 35.74
N VAL C 211 11.61 -6.19 36.59
CA VAL C 211 12.28 -5.44 37.64
C VAL C 211 12.94 -6.39 38.64
N LEU C 212 12.27 -7.49 38.97
CA LEU C 212 12.86 -8.44 39.91
C LEU C 212 14.11 -9.09 39.32
N GLN C 213 14.07 -9.43 38.03
CA GLN C 213 15.27 -9.97 37.39
C GLN C 213 16.41 -8.97 37.42
N SER C 214 16.11 -7.70 37.13
CA SER C 214 17.16 -6.68 37.20
C SER C 214 17.70 -6.54 38.62
N CYS C 215 16.82 -6.57 39.63
CA CYS C 215 17.27 -6.47 41.02
C CYS C 215 18.19 -7.62 41.37
N LYS C 216 17.84 -8.84 40.97
CA LYS C 216 18.73 -9.97 41.23
C LYS C 216 20.07 -9.77 40.55
N ALA C 217 20.06 -9.31 39.30
CA ALA C 217 21.32 -9.03 38.62
C ALA C 217 22.13 -7.96 39.33
N THR C 218 21.46 -7.07 40.06
CA THR C 218 22.16 -5.97 40.71
C THR C 218 22.93 -6.42 41.95
N LEU C 219 22.39 -7.39 42.70
CA LEU C 219 23.01 -7.79 43.95
C LEU C 219 24.43 -8.31 43.73
N ASP C 220 25.33 -7.95 44.64
CA ASP C 220 26.69 -8.48 44.58
C ASP C 220 26.70 -9.99 44.85
N ASN C 221 25.98 -10.42 45.89
CA ASN C 221 25.86 -11.83 46.24
C ASN C 221 24.37 -12.12 46.40
N PRO C 222 23.68 -12.47 45.31
CA PRO C 222 22.23 -12.69 45.41
C PRO C 222 21.85 -13.81 46.36
N ASP C 223 22.77 -14.73 46.65
CA ASP C 223 22.46 -15.81 47.58
C ASP C 223 22.35 -15.33 49.02
N GLU C 224 22.96 -14.19 49.35
CA GLU C 224 22.96 -13.67 50.72
C GLU C 224 22.42 -12.26 50.84
N ASP C 225 22.55 -11.43 49.81
CA ASP C 225 22.08 -10.06 49.86
C ASP C 225 20.58 -10.00 49.63
N GLU C 226 19.90 -9.12 50.36
CA GLU C 226 18.46 -8.97 50.27
C GLU C 226 18.13 -7.75 49.40
N ILE C 227 17.04 -7.87 48.65
CA ILE C 227 16.59 -6.80 47.75
C ILE C 227 15.91 -5.74 48.62
N SER C 228 16.56 -4.61 48.81
CA SER C 228 15.98 -3.50 49.54
C SER C 228 15.38 -2.49 48.56
N ASP C 229 14.55 -1.59 49.09
CA ASP C 229 13.96 -0.56 48.24
C ASP C 229 15.04 0.27 47.54
N ASP C 230 16.20 0.43 48.17
CA ASP C 230 17.30 1.13 47.52
C ASP C 230 17.71 0.43 46.24
N VAL C 231 17.76 -0.90 46.26
CA VAL C 231 18.13 -1.65 45.06
C VAL C 231 17.11 -1.39 43.94
N ILE C 232 15.82 -1.39 44.29
CA ILE C 232 14.78 -1.17 43.28
C ILE C 232 14.91 0.23 42.69
N TYR C 233 15.06 1.23 43.56
CA TYR C 233 15.16 2.60 43.05
C TYR C 233 16.43 2.81 42.23
N GLU C 234 17.50 2.10 42.56
CA GLU C 234 18.73 2.22 41.78
C GLU C 234 18.59 1.55 40.42
N CYS C 235 18.05 0.34 40.39
CA CYS C 235 17.94 -0.37 39.11
C CYS C 235 16.95 0.33 38.18
N CYS C 236 15.81 0.77 38.72
CA CYS C 236 14.82 1.45 37.89
C CYS C 236 15.12 2.92 37.70
N GLY C 237 16.09 3.48 38.42
CA GLY C 237 16.39 4.90 38.30
C GLY C 237 15.19 5.77 38.61
N ALA C 238 14.41 5.41 39.63
CA ALA C 238 13.20 6.12 39.98
C ALA C 238 13.40 6.93 41.26
N PRO C 239 12.63 8.00 41.46
CA PRO C 239 12.77 8.78 42.69
C PRO C 239 12.23 8.04 43.90
N ARG C 240 12.81 8.35 45.06
CA ARG C 240 12.27 7.85 46.31
C ARG C 240 11.06 8.70 46.74
N PRO C 241 10.15 8.14 47.53
CA PRO C 241 9.05 8.96 48.05
C PRO C 241 9.53 10.17 48.82
N SER C 242 10.64 10.03 49.56
CA SER C 242 11.17 11.16 50.33
C SER C 242 11.61 12.29 49.40
N ASP C 243 12.21 11.95 48.26
CA ASP C 243 12.62 12.97 47.30
C ASP C 243 11.41 13.74 46.78
N LEU C 244 10.35 13.03 46.43
CA LEU C 244 9.14 13.69 45.95
C LEU C 244 8.54 14.59 47.03
N LYS C 245 8.49 14.10 48.26
CA LYS C 245 7.96 14.90 49.36
C LYS C 245 8.79 16.17 49.55
N ALA C 246 10.12 16.05 49.52
CA ALA C 246 10.98 17.21 49.71
C ALA C 246 10.77 18.22 48.58
N VAL C 247 10.70 17.74 47.34
CA VAL C 247 10.53 18.65 46.20
C VAL C 247 9.19 19.38 46.32
N LEU C 248 8.13 18.64 46.63
CA LEU C 248 6.81 19.27 46.73
C LEU C 248 6.77 20.27 47.89
N LYS C 249 7.36 19.92 49.03
CA LYS C 249 7.38 20.83 50.16
C LYS C 249 8.13 22.11 49.82
N SER C 250 9.29 21.97 49.18
CA SER C 250 10.05 23.16 48.79
C SER C 250 9.26 24.02 47.81
N ILE C 251 8.57 23.38 46.86
CA ILE C 251 7.78 24.14 45.90
C ILE C 251 6.67 24.91 46.60
N LEU C 252 5.98 24.26 47.53
CA LEU C 252 4.80 24.86 48.16
C LEU C 252 5.14 25.80 49.31
N GLU C 253 6.36 25.78 49.83
CA GLU C 253 6.70 26.55 51.03
C GLU C 253 7.78 27.59 50.81
N ASP C 254 8.84 27.27 50.09
CA ASP C 254 10.00 28.15 49.98
C ASP C 254 9.83 29.12 48.81
N ASP C 255 10.79 30.04 48.71
CA ASP C 255 10.82 31.00 47.62
C ASP C 255 11.41 30.35 46.36
N TRP C 256 11.39 31.11 45.26
CA TRP C 256 11.77 30.54 43.97
C TRP C 256 13.20 30.04 43.97
N GLY C 257 14.13 30.82 44.53
CA GLY C 257 15.52 30.38 44.56
C GLY C 257 15.69 29.06 45.27
N THR C 258 15.08 28.94 46.45
CA THR C 258 15.19 27.70 47.21
C THR C 258 14.55 26.52 46.48
N ALA C 259 13.37 26.74 45.88
CA ALA C 259 12.72 25.66 45.16
C ALA C 259 13.55 25.20 43.97
N HIS C 260 14.10 26.14 43.21
CA HIS C 260 14.95 25.79 42.07
C HIS C 260 16.17 25.01 42.54
N TYR C 261 16.82 25.50 43.60
CA TYR C 261 18.00 24.81 44.12
C TYR C 261 17.67 23.40 44.58
N THR C 262 16.55 23.25 45.31
CA THR C 262 16.18 21.94 45.83
C THR C 262 15.85 20.98 44.70
N LEU C 263 15.11 21.44 43.69
CA LEU C 263 14.79 20.57 42.56
C LEU C 263 16.05 20.11 41.86
N ASN C 264 16.95 21.04 41.55
CA ASN C 264 18.17 20.68 40.84
C ASN C 264 19.02 19.72 41.68
N LYS C 265 19.13 19.97 42.98
CA LYS C 265 19.94 19.11 43.84
C LYS C 265 19.35 17.71 43.91
N VAL C 266 18.04 17.61 44.10
CA VAL C 266 17.40 16.30 44.19
C VAL C 266 17.60 15.52 42.90
N ARG C 267 17.42 16.18 41.76
CA ARG C 267 17.59 15.48 40.48
C ARG C 267 19.04 15.08 40.26
N SER C 268 19.98 15.95 40.63
CA SER C 268 21.39 15.66 40.36
C SER C 268 21.94 14.57 41.27
N ALA C 269 21.36 14.43 42.47
CA ALA C 269 21.87 13.42 43.41
C ALA C 269 21.94 12.04 42.76
N LYS C 270 20.87 11.64 42.06
CA LYS C 270 20.82 10.34 41.41
C LYS C 270 20.43 10.44 39.94
N GLY C 271 20.44 11.63 39.35
CA GLY C 271 20.11 11.78 37.95
C GLY C 271 18.69 11.37 37.61
N LEU C 272 17.73 11.83 38.41
CA LEU C 272 16.33 11.49 38.18
C LEU C 272 15.80 12.21 36.94
N ALA C 273 14.77 11.62 36.34
CA ALA C 273 14.08 12.21 35.20
C ALA C 273 12.95 13.11 35.67
N LEU C 274 12.76 14.23 34.99
CA LEU C 274 11.72 15.18 35.39
C LEU C 274 10.33 14.57 35.28
N ILE C 275 10.12 13.70 34.29
CA ILE C 275 8.79 13.11 34.09
C ILE C 275 8.41 12.24 35.28
N ASP C 276 9.37 11.50 35.83
CA ASP C 276 9.08 10.67 37.00
C ASP C 276 8.67 11.53 38.19
N LEU C 277 9.38 12.65 38.40
CA LEU C 277 9.00 13.57 39.47
C LEU C 277 7.60 14.12 39.24
N ILE C 278 7.28 14.48 37.99
CA ILE C 278 5.96 15.02 37.69
C ILE C 278 4.87 14.00 38.02
N GLU C 279 5.09 12.75 37.61
CA GLU C 279 4.09 11.71 37.87
C GLU C 279 3.93 11.46 39.37
N GLY C 280 5.05 11.40 40.10
CA GLY C 280 4.96 11.20 41.54
C GLY C 280 4.23 12.34 42.23
N ILE C 281 4.53 13.57 41.84
CA ILE C 281 3.89 14.73 42.46
C ILE C 281 2.40 14.75 42.12
N VAL C 282 2.03 14.36 40.89
CA VAL C 282 0.62 14.28 40.53
C VAL C 282 -0.08 13.25 41.41
N LYS C 283 0.54 12.08 41.59
CA LYS C 283 -0.04 11.07 42.47
C LYS C 283 -0.24 11.61 43.87
N ILE C 284 0.75 12.32 44.41
CA ILE C 284 0.62 12.88 45.75
C ILE C 284 -0.51 13.91 45.80
N LEU C 285 -0.58 14.78 44.80
CA LEU C 285 -1.56 15.86 44.80
C LEU C 285 -2.98 15.35 44.64
N GLU C 286 -3.19 14.21 43.97
CA GLU C 286 -4.54 13.68 43.87
C GLU C 286 -5.17 13.49 45.24
N ASP C 287 -4.37 13.13 46.25
CA ASP C 287 -4.90 12.93 47.60
C ASP C 287 -5.12 14.23 48.35
N TYR C 288 -4.50 15.33 47.91
CA TYR C 288 -4.67 16.61 48.60
C TYR C 288 -6.10 17.10 48.47
N GLU C 289 -6.65 17.61 49.57
CA GLU C 289 -7.99 18.19 49.58
C GLU C 289 -7.87 19.68 49.30
N LEU C 290 -8.50 20.12 48.22
CA LEU C 290 -8.40 21.51 47.76
C LEU C 290 -9.71 22.25 48.02
N GLN C 291 -9.59 23.46 48.56
CA GLN C 291 -10.78 24.25 48.86
C GLN C 291 -11.42 24.80 47.59
N ASN C 292 -10.65 24.97 46.52
CA ASN C 292 -11.13 25.57 45.28
C ASN C 292 -10.92 24.60 44.12
N GLU C 293 -11.93 24.49 43.26
CA GLU C 293 -11.81 23.64 42.09
C GLU C 293 -10.88 24.25 41.04
N GLU C 294 -10.75 25.57 41.03
CA GLU C 294 -9.87 26.23 40.06
C GLU C 294 -8.43 25.77 40.25
N THR C 295 -8.01 25.51 41.49
CA THR C 295 -6.66 25.01 41.75
C THR C 295 -6.44 23.67 41.04
N ARG C 296 -7.38 22.74 41.19
CA ARG C 296 -7.26 21.44 40.54
C ARG C 296 -7.27 21.60 39.02
N VAL C 297 -8.15 22.46 38.50
CA VAL C 297 -8.22 22.67 37.05
C VAL C 297 -6.87 23.14 36.53
N HIS C 298 -6.31 24.18 37.15
CA HIS C 298 -5.03 24.71 36.70
C HIS C 298 -3.94 23.66 36.81
N LEU C 299 -3.88 22.96 37.94
CA LEU C 299 -2.85 21.93 38.10
C LEU C 299 -2.93 20.91 36.97
N LEU C 300 -4.11 20.35 36.75
CA LEU C 300 -4.24 19.29 35.75
C LEU C 300 -3.87 19.81 34.37
N THR C 301 -4.42 20.96 33.97
CA THR C 301 -4.17 21.45 32.61
C THR C 301 -2.69 21.74 32.40
N LYS C 302 -2.07 22.49 33.32
CA LYS C 302 -0.69 22.87 33.14
C LYS C 302 0.24 21.66 33.18
N LEU C 303 0.01 20.72 34.11
CA LEU C 303 0.89 19.56 34.19
C LEU C 303 0.71 18.65 32.98
N ALA C 304 -0.51 18.52 32.45
CA ALA C 304 -0.70 17.75 31.23
C ALA C 304 0.04 18.41 30.05
N ASP C 305 -0.03 19.74 29.97
CA ASP C 305 0.72 20.42 28.91
C ASP C 305 2.22 20.18 29.05
N ILE C 306 2.73 20.24 30.28
CA ILE C 306 4.16 20.03 30.50
C ILE C 306 4.56 18.60 30.12
N GLU C 307 3.74 17.62 30.49
CA GLU C 307 4.05 16.24 30.13
C GLU C 307 4.05 16.06 28.62
N TYR C 308 3.07 16.66 27.92
CA TYR C 308 3.04 16.55 26.47
C TYR C 308 4.29 17.19 25.86
N SER C 309 4.71 18.35 26.38
CA SER C 309 5.91 18.99 25.88
C SER C 309 7.14 18.11 26.10
N ILE C 310 7.24 17.50 27.28
CA ILE C 310 8.37 16.62 27.57
C ILE C 310 8.39 15.45 26.60
N SER C 311 7.21 14.94 26.23
CA SER C 311 7.16 13.78 25.35
C SER C 311 7.89 14.03 24.02
N LYS C 312 8.02 15.30 23.62
CA LYS C 312 8.70 15.66 22.38
C LYS C 312 10.13 16.17 22.60
N GLY C 313 10.63 16.08 23.83
CA GLY C 313 11.96 16.59 24.13
C GLY C 313 11.90 17.96 24.78
N GLY C 314 12.69 18.90 24.26
CA GLY C 314 12.69 20.26 24.77
C GLY C 314 13.76 20.51 25.80
N ASN C 315 13.73 21.72 26.36
CA ASN C 315 14.70 22.16 27.34
C ASN C 315 14.28 21.70 28.72
N ASP C 316 15.13 20.87 29.36
CA ASP C 316 14.78 20.27 30.64
C ASP C 316 14.66 21.31 31.74
N GLN C 317 15.60 22.26 31.80
CA GLN C 317 15.58 23.26 32.87
C GLN C 317 14.34 24.13 32.78
N ILE C 318 13.98 24.56 31.58
CA ILE C 318 12.78 25.38 31.42
C ILE C 318 11.55 24.60 31.82
N GLN C 319 11.52 23.30 31.50
CA GLN C 319 10.38 22.48 31.89
C GLN C 319 10.27 22.34 33.41
N GLY C 320 11.40 22.16 34.09
CA GLY C 320 11.36 22.11 35.54
C GLY C 320 10.87 23.42 36.16
N SER C 321 11.37 24.55 35.64
CA SER C 321 10.89 25.84 36.13
C SER C 321 9.40 26.00 35.84
N ALA C 322 8.94 25.50 34.70
CA ALA C 322 7.51 25.56 34.39
C ALA C 322 6.70 24.75 35.38
N VAL C 323 7.19 23.57 35.77
CA VAL C 323 6.49 22.77 36.78
C VAL C 323 6.38 23.55 38.08
N ILE C 324 7.49 24.13 38.53
CA ILE C 324 7.49 24.90 39.79
C ILE C 324 6.48 26.04 39.70
N GLY C 325 6.55 26.82 38.62
CA GLY C 325 5.66 27.97 38.49
C GLY C 325 4.20 27.57 38.40
N ALA C 326 3.90 26.49 37.67
CA ALA C 326 2.53 26.04 37.56
C ALA C 326 1.98 25.63 38.91
N ILE C 327 2.77 24.88 39.69
CA ILE C 327 2.29 24.46 41.01
C ILE C 327 2.03 25.67 41.89
N LYS C 328 2.98 26.62 41.91
CA LYS C 328 2.82 27.79 42.77
C LYS C 328 1.60 28.61 42.36
N ALA C 329 1.44 28.86 41.05
CA ALA C 329 0.32 29.66 40.58
C ALA C 329 -1.01 28.98 40.86
N SER C 330 -1.06 27.65 40.69
CA SER C 330 -2.30 26.94 40.97
C SER C 330 -2.64 27.00 42.45
N PHE C 331 -1.66 26.82 43.33
CA PHE C 331 -1.93 26.83 44.76
C PHE C 331 -2.16 28.22 45.31
N GLU C 332 -1.82 29.28 44.55
CA GLU C 332 -2.22 30.62 44.97
C GLU C 332 -3.73 30.84 44.89
N ASN C 333 -4.47 29.94 44.26
CA ASN C 333 -5.93 30.04 44.18
C ASN C 333 -6.63 29.49 45.41
N GLU C 334 -5.90 28.87 46.34
CA GLU C 334 -6.50 28.29 47.54
C GLU C 334 -6.73 29.32 48.64
N THR C 335 -6.27 30.56 48.46
CA THR C 335 -6.45 31.60 49.46
C THR C 335 -7.70 32.43 49.22
N VAL C 336 -7.95 32.85 47.99
CA VAL C 336 -9.12 33.64 47.65
C VAL C 336 -9.75 33.12 46.37
N ARG D 11 43.06 5.13 -10.54
CA ARG D 11 44.09 4.44 -9.79
C ARG D 11 43.51 3.72 -8.58
N LYS D 12 44.38 3.19 -7.72
CA LYS D 12 43.96 2.47 -6.53
C LYS D 12 44.81 2.93 -5.35
N ILE D 13 44.25 2.78 -4.16
CA ILE D 13 44.92 3.13 -2.90
C ILE D 13 44.98 1.90 -2.03
N SER D 14 46.14 1.67 -1.42
CA SER D 14 46.29 0.57 -0.48
C SER D 14 45.36 0.76 0.71
N LYS D 15 44.68 -0.32 1.10
CA LYS D 15 43.72 -0.24 2.19
C LYS D 15 44.42 0.14 3.50
N LEU D 16 43.76 0.96 4.29
CA LEU D 16 44.29 1.41 5.57
C LEU D 16 43.98 0.39 6.66
N ALA D 17 44.83 0.39 7.69
CA ALA D 17 44.61 -0.45 8.86
C ALA D 17 43.49 0.12 9.71
N ALA D 18 42.84 -0.77 10.47
CA ALA D 18 41.74 -0.33 11.33
C ALA D 18 42.21 0.69 12.36
N GLU D 19 43.35 0.43 12.99
CA GLU D 19 43.86 1.36 14.00
C GLU D 19 44.19 2.71 13.38
N GLN D 20 44.87 2.70 12.22
CA GLN D 20 45.22 3.95 11.57
C GLN D 20 43.97 4.70 11.13
N SER D 21 42.98 3.98 10.59
CA SER D 21 41.74 4.62 10.18
C SER D 21 41.05 5.28 11.38
N LEU D 22 40.91 4.53 12.48
CA LEU D 22 40.25 5.09 13.65
C LEU D 22 41.04 6.27 14.23
N ALA D 23 42.36 6.26 14.06
CA ALA D 23 43.17 7.35 14.59
C ALA D 23 42.82 8.68 13.94
N GLN D 24 42.50 8.67 12.65
CA GLN D 24 42.18 9.88 11.90
C GLN D 24 40.67 10.08 11.77
N GLN D 25 39.88 9.54 12.69
CA GLN D 25 38.45 9.75 12.71
C GLN D 25 38.09 10.89 13.66
N PRO D 26 36.88 11.44 13.55
CA PRO D 26 36.44 12.43 14.53
C PRO D 26 36.46 11.86 15.95
N TRP D 27 36.73 12.73 16.91
CA TRP D 27 36.96 12.27 18.28
C TRP D 27 35.76 11.51 18.83
N VAL D 28 34.54 11.88 18.44
CA VAL D 28 33.36 11.16 18.93
C VAL D 28 33.41 9.70 18.49
N GLU D 29 33.77 9.45 17.23
CA GLU D 29 33.92 8.08 16.76
C GLU D 29 35.22 7.45 17.23
N LYS D 30 36.29 8.25 17.34
CA LYS D 30 37.58 7.71 17.75
C LYS D 30 37.51 7.15 19.17
N TYR D 31 36.82 7.83 20.08
CA TYR D 31 36.76 7.44 21.48
C TYR D 31 35.43 6.80 21.85
N ARG D 32 34.76 6.17 20.88
CA ARG D 32 33.57 5.42 21.20
C ARG D 32 33.94 4.22 22.09
N PRO D 33 33.19 3.95 23.15
CA PRO D 33 33.55 2.82 24.02
C PRO D 33 33.63 1.51 23.24
N LYS D 34 34.65 0.73 23.56
CA LYS D 34 34.86 -0.57 22.92
C LYS D 34 34.40 -1.73 23.79
N ASN D 35 34.21 -1.51 25.08
CA ASN D 35 33.72 -2.54 25.99
C ASN D 35 32.87 -1.88 27.06
N LEU D 36 32.09 -2.70 27.78
CA LEU D 36 31.18 -2.17 28.77
C LEU D 36 31.88 -1.39 29.87
N ASP D 37 33.16 -1.69 30.12
CA ASP D 37 33.90 -0.95 31.15
C ASP D 37 34.19 0.49 30.73
N GLU D 38 34.08 0.80 29.45
CA GLU D 38 34.33 2.15 28.96
C GLU D 38 33.10 3.04 28.97
N VAL D 39 31.92 2.48 29.28
CA VAL D 39 30.73 3.32 29.43
C VAL D 39 30.82 4.05 30.77
N THR D 40 30.56 5.36 30.74
CA THR D 40 31.02 6.22 31.82
C THR D 40 30.11 6.17 33.04
N ALA D 41 28.85 6.60 32.89
CA ALA D 41 27.99 6.89 34.04
C ALA D 41 26.64 6.20 33.96
N GLN D 42 26.59 5.01 33.37
CA GLN D 42 25.36 4.25 33.23
C GLN D 42 25.46 2.91 33.97
N ASP D 43 26.06 2.94 35.16
CA ASP D 43 26.33 1.70 35.89
C ASP D 43 25.05 0.99 36.31
N HIS D 44 23.99 1.74 36.63
CA HIS D 44 22.76 1.11 37.08
C HIS D 44 22.21 0.12 36.06
N ALA D 45 22.54 0.31 34.78
CA ALA D 45 22.17 -0.64 33.73
C ALA D 45 23.34 -1.47 33.25
N VAL D 46 24.55 -0.90 33.23
CA VAL D 46 25.71 -1.63 32.74
C VAL D 46 26.03 -2.81 33.64
N THR D 47 25.82 -2.67 34.95
CA THR D 47 26.04 -3.80 35.86
C THR D 47 25.08 -4.95 35.55
N VAL D 48 23.80 -4.62 35.34
CA VAL D 48 22.82 -5.65 35.01
C VAL D 48 23.21 -6.34 33.71
N LEU D 49 23.62 -5.56 32.70
CA LEU D 49 24.03 -6.16 31.44
C LEU D 49 25.25 -7.06 31.63
N LYS D 50 26.22 -6.61 32.42
CA LYS D 50 27.44 -7.40 32.62
C LYS D 50 27.14 -8.73 33.30
N LYS D 51 26.20 -8.73 34.25
CA LYS D 51 25.85 -9.99 34.90
C LYS D 51 25.35 -11.03 33.92
N THR D 52 24.85 -10.62 32.76
CA THR D 52 24.35 -11.56 31.77
C THR D 52 25.47 -12.36 31.13
N LEU D 53 26.71 -11.86 31.13
CA LEU D 53 27.82 -12.64 30.61
C LEU D 53 27.95 -13.99 31.33
N LYS D 54 27.50 -14.06 32.58
CA LYS D 54 27.51 -15.29 33.35
C LYS D 54 26.15 -15.92 33.52
N SER D 55 25.10 -15.11 33.70
CA SER D 55 23.76 -15.67 33.88
C SER D 55 23.18 -16.21 32.57
N ALA D 56 23.57 -15.62 31.44
CA ALA D 56 23.15 -16.10 30.11
C ALA D 56 21.63 -16.17 30.01
N ASN D 57 20.95 -15.17 30.56
CA ASN D 57 19.49 -15.06 30.49
C ASN D 57 19.09 -13.62 30.15
N LEU D 58 19.73 -13.08 29.12
CA LEU D 58 19.51 -11.69 28.73
C LEU D 58 18.02 -11.48 28.40
N PRO D 59 17.38 -10.47 28.97
CA PRO D 59 15.98 -10.19 28.62
C PRO D 59 15.87 -9.29 27.40
N HIS D 60 14.64 -9.10 26.94
CA HIS D 60 14.36 -8.09 25.93
C HIS D 60 14.61 -6.71 26.54
N MET D 61 15.30 -5.85 25.80
CA MET D 61 15.79 -4.59 26.32
C MET D 61 15.11 -3.41 25.63
N LEU D 62 14.81 -2.37 26.40
CA LEU D 62 14.32 -1.10 25.87
C LEU D 62 15.20 0.00 26.47
N PHE D 63 16.22 0.41 25.73
CA PHE D 63 17.07 1.53 26.11
C PHE D 63 16.40 2.82 25.68
N TYR D 64 16.23 3.75 26.62
CA TYR D 64 15.68 5.04 26.24
C TYR D 64 16.41 6.15 26.97
N GLY D 65 16.65 7.25 26.25
CA GLY D 65 17.31 8.39 26.84
C GLY D 65 17.60 9.52 25.88
N PRO D 66 18.07 10.64 26.40
CA PRO D 66 18.33 11.81 25.56
C PRO D 66 19.54 11.61 24.68
N PRO D 67 19.77 12.49 23.71
CA PRO D 67 20.85 12.28 22.74
C PRO D 67 22.22 12.19 23.40
N GLY D 68 23.07 11.34 22.82
CA GLY D 68 24.46 11.27 23.22
C GLY D 68 24.68 10.82 24.65
N THR D 69 23.94 9.81 25.10
CA THR D 69 24.10 9.26 26.44
C THR D 69 24.77 7.89 26.47
N GLY D 70 24.93 7.23 25.32
CA GLY D 70 25.65 5.99 25.23
C GLY D 70 24.83 4.74 24.96
N LYS D 71 23.64 4.86 24.38
CA LYS D 71 22.79 3.69 24.17
C LYS D 71 23.36 2.79 23.07
N THR D 72 23.60 3.37 21.89
CA THR D 72 24.14 2.58 20.78
C THR D 72 25.51 2.01 21.13
N SER D 73 26.37 2.81 21.76
CA SER D 73 27.66 2.32 22.20
C SER D 73 27.50 1.16 23.17
N THR D 74 26.54 1.27 24.09
CA THR D 74 26.33 0.22 25.08
C THR D 74 25.92 -1.08 24.42
N ILE D 75 24.98 -1.02 23.47
CA ILE D 75 24.53 -2.26 22.83
C ILE D 75 25.65 -2.87 21.99
N LEU D 76 26.42 -2.04 21.28
CA LEU D 76 27.52 -2.57 20.48
C LEU D 76 28.56 -3.23 21.37
N ALA D 77 28.92 -2.59 22.48
CA ALA D 77 29.89 -3.17 23.40
C ALA D 77 29.36 -4.47 24.01
N LEU D 78 28.08 -4.51 24.34
CA LEU D 78 27.50 -5.74 24.88
C LEU D 78 27.58 -6.88 23.87
N THR D 79 27.23 -6.61 22.61
CA THR D 79 27.31 -7.65 21.59
C THR D 79 28.75 -8.13 21.40
N LYS D 80 29.69 -7.20 21.36
CA LYS D 80 31.10 -7.57 21.31
C LYS D 80 31.48 -8.50 22.46
N GLU D 81 31.19 -8.09 23.69
CA GLU D 81 31.59 -8.89 24.84
C GLU D 81 30.91 -10.26 24.84
N LEU D 82 29.67 -10.31 24.37
CA LEU D 82 28.93 -11.58 24.41
C LEU D 82 29.46 -12.56 23.38
N TYR D 83 29.74 -12.11 22.16
CA TYR D 83 30.01 -13.03 21.06
C TYR D 83 31.45 -13.06 20.60
N GLY D 84 32.11 -11.91 20.47
CA GLY D 84 33.44 -11.86 19.90
C GLY D 84 33.42 -11.30 18.49
N PRO D 85 34.58 -10.79 18.05
CA PRO D 85 34.63 -10.18 16.71
C PRO D 85 34.35 -11.16 15.58
N ASP D 86 34.49 -12.46 15.82
CA ASP D 86 34.26 -13.45 14.78
C ASP D 86 32.78 -13.82 14.66
N LEU D 87 32.08 -13.92 15.79
CA LEU D 87 30.71 -14.44 15.82
C LEU D 87 29.66 -13.34 15.88
N MET D 88 30.05 -12.10 16.21
CA MET D 88 29.08 -11.03 16.33
C MET D 88 28.22 -10.92 15.08
N LYS D 89 28.86 -10.81 13.92
CA LYS D 89 28.13 -10.54 12.69
C LYS D 89 27.07 -11.59 12.43
N SER D 90 27.42 -12.86 12.64
CA SER D 90 26.46 -13.94 12.45
C SER D 90 25.37 -13.93 13.50
N ARG D 91 25.61 -13.36 14.68
CA ARG D 91 24.63 -13.37 15.76
C ARG D 91 23.83 -12.08 15.92
N ILE D 92 23.99 -11.10 15.04
CA ILE D 92 23.36 -9.79 15.20
C ILE D 92 22.64 -9.41 13.92
N LEU D 93 21.42 -8.86 14.06
CA LEU D 93 20.69 -8.24 12.96
C LEU D 93 20.32 -6.82 13.39
N GLU D 94 20.88 -5.82 12.72
CA GLU D 94 20.70 -4.42 13.07
C GLU D 94 19.82 -3.73 12.04
N LEU D 95 18.78 -3.03 12.52
CA LEU D 95 17.92 -2.22 11.68
C LEU D 95 17.71 -0.87 12.35
N ASN D 96 17.85 0.20 11.58
CA ASN D 96 17.73 1.55 12.12
C ASN D 96 16.86 2.43 11.22
N ALA D 97 16.79 3.73 11.51
CA ALA D 97 15.90 4.62 10.79
C ALA D 97 16.27 4.74 9.32
N SER D 98 17.48 4.35 8.93
CA SER D 98 17.88 4.39 7.52
C SER D 98 17.44 3.16 6.76
N ASP D 99 16.77 2.21 7.41
CA ASP D 99 16.30 0.98 6.79
C ASP D 99 14.80 1.04 6.59
N GLU D 100 14.28 0.13 5.77
CA GLU D 100 12.85 -0.02 5.59
C GLU D 100 12.31 -0.93 6.69
N ARG D 101 11.32 -0.44 7.43
CA ARG D 101 10.79 -1.15 8.60
C ARG D 101 9.27 -1.11 8.61
N GLY D 102 8.66 -1.31 7.45
CA GLY D 102 7.22 -1.40 7.39
C GLY D 102 6.70 -2.71 7.97
N ILE D 103 5.37 -2.80 8.07
CA ILE D 103 4.75 -3.97 8.69
C ILE D 103 5.12 -5.23 7.92
N SER D 104 5.20 -5.14 6.59
CA SER D 104 5.60 -6.31 5.81
C SER D 104 7.03 -6.74 6.15
N ILE D 105 7.93 -5.78 6.31
CA ILE D 105 9.30 -6.11 6.69
C ILE D 105 9.31 -6.81 8.05
N VAL D 106 8.55 -6.30 9.00
CA VAL D 106 8.49 -6.92 10.32
C VAL D 106 7.96 -8.35 10.21
N ARG D 107 6.89 -8.54 9.44
CA ARG D 107 6.27 -9.85 9.35
C ARG D 107 7.13 -10.86 8.59
N GLU D 108 8.02 -10.42 7.70
CA GLU D 108 8.78 -11.36 6.89
C GLU D 108 10.25 -11.42 7.28
N LYS D 109 11.00 -10.31 7.16
CA LYS D 109 12.44 -10.38 7.35
C LYS D 109 12.81 -10.56 8.83
N VAL D 110 12.23 -9.72 9.69
CA VAL D 110 12.51 -9.82 11.12
C VAL D 110 12.09 -11.18 11.66
N LYS D 111 10.89 -11.63 11.28
CA LYS D 111 10.40 -12.93 11.75
C LYS D 111 11.29 -14.06 11.24
N ASN D 112 11.71 -13.99 9.98
CA ASN D 112 12.57 -15.03 9.42
C ASN D 112 13.89 -15.10 10.18
N PHE D 113 14.50 -13.94 10.46
CA PHE D 113 15.75 -13.96 11.21
C PHE D 113 15.54 -14.47 12.63
N ALA D 114 14.39 -14.14 13.23
CA ALA D 114 14.13 -14.53 14.61
C ALA D 114 13.98 -16.05 14.73
N ARG D 115 13.41 -16.69 13.72
CA ARG D 115 13.14 -18.13 13.79
C ARG D 115 14.33 -18.99 13.39
N LEU D 116 15.41 -18.40 12.90
CA LEU D 116 16.55 -19.18 12.44
C LEU D 116 17.27 -19.84 13.62
N THR D 117 17.91 -20.97 13.34
CA THR D 117 18.81 -21.57 14.32
C THR D 117 20.05 -20.69 14.49
N VAL D 118 20.56 -20.63 15.72
CA VAL D 118 21.69 -19.75 16.00
C VAL D 118 22.93 -20.25 15.27
N SER D 119 23.78 -19.30 14.86
CA SER D 119 25.00 -19.66 14.16
C SER D 119 25.91 -20.49 15.06
N LYS D 120 26.61 -21.44 14.44
CA LYS D 120 27.45 -22.36 15.20
C LYS D 120 28.72 -21.66 15.68
N PRO D 121 28.98 -21.62 16.98
CA PRO D 121 30.27 -21.06 17.43
C PRO D 121 31.43 -22.00 17.12
N SER D 122 32.60 -21.40 16.91
CA SER D 122 33.81 -22.17 16.71
C SER D 122 34.44 -22.54 18.05
N LYS D 123 35.46 -23.40 18.00
CA LYS D 123 36.13 -23.81 19.22
C LYS D 123 36.77 -22.63 19.94
N HIS D 124 37.44 -21.76 19.18
CA HIS D 124 38.04 -20.57 19.79
C HIS D 124 36.97 -19.66 20.39
N ASP D 125 35.86 -19.47 19.68
CA ASP D 125 34.79 -18.62 20.19
C ASP D 125 34.26 -19.17 21.52
N LEU D 126 34.02 -20.48 21.58
CA LEU D 126 33.54 -21.07 22.82
C LEU D 126 34.58 -20.95 23.94
N GLU D 127 35.85 -21.13 23.60
CA GLU D 127 36.90 -21.08 24.62
C GLU D 127 37.16 -19.68 25.14
N ASN D 128 36.84 -18.64 24.36
CA ASN D 128 37.21 -17.28 24.72
C ASN D 128 36.04 -16.34 24.99
N TYR D 129 34.80 -16.76 24.73
CA TYR D 129 33.66 -15.88 24.93
C TYR D 129 32.47 -16.68 25.48
N PRO D 130 31.55 -16.02 26.20
CA PRO D 130 30.41 -16.77 26.76
C PRO D 130 29.56 -17.47 25.71
N CYS D 131 29.35 -16.84 24.56
CA CYS D 131 28.53 -17.40 23.49
C CYS D 131 27.20 -17.91 24.02
N PRO D 132 26.28 -17.02 24.42
CA PRO D 132 24.96 -17.47 24.85
C PRO D 132 24.20 -18.10 23.69
N PRO D 133 23.24 -18.99 23.97
CA PRO D 133 22.50 -19.70 22.91
C PRO D 133 21.34 -18.92 22.32
N TYR D 134 21.59 -17.67 21.95
CA TYR D 134 20.58 -16.87 21.27
C TYR D 134 21.26 -15.77 20.47
N LYS D 135 20.52 -15.24 19.50
CA LYS D 135 20.97 -14.12 18.68
C LYS D 135 20.25 -12.85 19.12
N ILE D 136 20.69 -11.72 18.58
CA ILE D 136 20.20 -10.40 19.00
C ILE D 136 19.72 -9.64 17.77
N ILE D 137 18.51 -9.08 17.86
CA ILE D 137 17.97 -8.18 16.87
C ILE D 137 17.91 -6.79 17.50
N ILE D 138 18.68 -5.86 16.93
CA ILE D 138 18.73 -4.49 17.41
C ILE D 138 17.85 -3.64 16.49
N LEU D 139 16.89 -2.93 17.09
CA LEU D 139 16.04 -1.98 16.38
C LEU D 139 16.37 -0.60 16.93
N ASP D 140 17.40 0.01 16.37
CA ASP D 140 17.82 1.34 16.78
C ASP D 140 16.85 2.38 16.22
N GLU D 141 16.68 3.48 16.96
CA GLU D 141 15.70 4.50 16.59
C GLU D 141 14.31 3.89 16.42
N ALA D 142 13.95 2.99 17.34
CA ALA D 142 12.68 2.29 17.25
C ALA D 142 11.49 3.24 17.33
N ASP D 143 11.67 4.44 17.89
CA ASP D 143 10.56 5.37 18.03
C ASP D 143 10.07 5.90 16.68
N SER D 144 10.81 5.66 15.60
CA SER D 144 10.37 6.04 14.26
C SER D 144 9.47 5.00 13.62
N MET D 145 9.33 3.82 14.21
CA MET D 145 8.49 2.78 13.64
C MET D 145 7.02 3.05 13.94
N THR D 146 6.16 2.71 12.98
CA THR D 146 4.73 2.94 13.13
C THR D 146 4.14 1.97 14.14
N ALA D 147 2.93 2.32 14.62
CA ALA D 147 2.27 1.52 15.64
C ALA D 147 1.91 0.13 15.13
N ASP D 148 1.46 0.01 13.88
CA ASP D 148 1.08 -1.30 13.35
C ASP D 148 2.30 -2.20 13.19
N ALA D 149 3.41 -1.65 12.68
CA ALA D 149 4.64 -2.43 12.59
C ALA D 149 5.09 -2.89 13.97
N GLN D 150 4.98 -2.01 14.97
CA GLN D 150 5.31 -2.39 16.34
C GLN D 150 4.41 -3.52 16.82
N SER D 151 3.11 -3.43 16.54
CA SER D 151 2.19 -4.48 16.95
C SER D 151 2.54 -5.80 16.31
N ALA D 152 3.09 -5.77 15.09
CA ALA D 152 3.50 -7.00 14.43
C ALA D 152 4.66 -7.70 15.14
N LEU D 153 5.36 -7.03 16.05
CA LEU D 153 6.49 -7.62 16.77
C LEU D 153 6.08 -8.34 18.06
N ARG D 154 4.85 -8.12 18.54
CA ARG D 154 4.49 -8.55 19.88
C ARG D 154 4.71 -10.05 20.06
N ARG D 155 4.00 -10.87 19.29
CA ARG D 155 4.09 -12.32 19.49
C ARG D 155 5.40 -12.88 18.95
N THR D 156 6.03 -12.22 17.98
CA THR D 156 7.34 -12.66 17.52
C THR D 156 8.36 -12.60 18.64
N MET D 157 8.31 -11.53 19.45
CA MET D 157 9.24 -11.43 20.57
C MET D 157 9.07 -12.58 21.56
N GLU D 158 7.81 -12.92 21.88
CA GLU D 158 7.57 -13.93 22.91
C GLU D 158 7.80 -15.35 22.40
N THR D 159 7.40 -15.63 21.16
CA THR D 159 7.41 -17.01 20.67
C THR D 159 8.83 -17.52 20.46
N TYR D 160 9.71 -16.68 19.91
CA TYR D 160 11.07 -17.08 19.58
C TYR D 160 12.08 -16.54 20.59
N SER D 161 11.66 -16.28 21.82
CA SER D 161 12.57 -15.77 22.84
C SER D 161 13.65 -16.79 23.21
N GLY D 162 13.46 -18.07 22.86
CA GLY D 162 14.45 -19.07 23.18
C GLY D 162 15.70 -19.00 22.34
N VAL D 163 15.64 -18.32 21.19
CA VAL D 163 16.80 -18.23 20.30
C VAL D 163 17.05 -16.79 19.89
N THR D 164 16.17 -15.87 20.29
CA THR D 164 16.27 -14.48 19.86
C THR D 164 15.92 -13.55 21.01
N ARG D 165 16.65 -12.44 21.11
CA ARG D 165 16.37 -11.38 22.06
C ARG D 165 16.38 -10.05 21.33
N PHE D 166 15.44 -9.18 21.66
CA PHE D 166 15.27 -7.89 21.00
C PHE D 166 15.82 -6.77 21.86
N CYS D 167 16.39 -5.76 21.21
CA CYS D 167 16.84 -4.54 21.88
C CYS D 167 16.32 -3.35 21.10
N LEU D 168 15.38 -2.62 21.69
CA LEU D 168 14.84 -1.39 21.10
C LEU D 168 15.49 -0.20 21.77
N ILE D 169 15.90 0.79 20.97
CA ILE D 169 16.60 1.96 21.47
C ILE D 169 15.85 3.21 20.99
N CYS D 170 15.66 4.17 21.89
CA CYS D 170 14.86 5.35 21.54
C CYS D 170 15.24 6.55 22.39
N ASN D 171 14.84 7.71 21.90
CA ASN D 171 14.92 8.96 22.65
C ASN D 171 13.60 9.32 23.32
N TYR D 172 12.47 8.97 22.71
CA TYR D 172 11.14 9.26 23.24
C TYR D 172 10.45 7.93 23.51
N VAL D 173 10.40 7.55 24.79
CA VAL D 173 9.83 6.25 25.16
C VAL D 173 8.32 6.22 24.92
N THR D 174 7.65 7.36 24.89
CA THR D 174 6.21 7.38 24.66
C THR D 174 5.84 6.91 23.25
N ARG D 175 6.78 6.96 22.31
CA ARG D 175 6.51 6.49 20.95
C ARG D 175 6.37 4.98 20.86
N ILE D 176 6.81 4.24 21.89
CA ILE D 176 6.73 2.79 21.90
C ILE D 176 5.37 2.38 22.46
N ILE D 177 4.66 1.53 21.72
CA ILE D 177 3.33 1.13 22.17
C ILE D 177 3.42 0.37 23.49
N ASP D 178 2.35 0.46 24.28
CA ASP D 178 2.37 -0.11 25.62
C ASP D 178 2.70 -1.60 25.63
N PRO D 179 2.16 -2.45 24.74
CA PRO D 179 2.53 -3.87 24.79
C PRO D 179 4.01 -4.12 24.67
N LEU D 180 4.70 -3.42 23.76
CA LEU D 180 6.13 -3.63 23.60
C LEU D 180 6.90 -3.16 24.82
N ALA D 181 6.56 -1.98 25.35
CA ALA D 181 7.21 -1.51 26.57
C ALA D 181 7.00 -2.51 27.70
N SER D 182 5.82 -3.13 27.77
CA SER D 182 5.57 -4.16 28.77
C SER D 182 6.49 -5.36 28.56
N ARG D 183 6.65 -5.78 27.31
CA ARG D 183 7.48 -6.96 27.03
C ARG D 183 8.95 -6.71 27.36
N CYS D 184 9.43 -5.49 27.21
CA CYS D 184 10.84 -5.20 27.35
C CYS D 184 11.18 -4.73 28.76
N SER D 185 12.39 -5.09 29.20
CA SER D 185 12.95 -4.54 30.43
C SER D 185 13.52 -3.15 30.12
N LYS D 186 13.13 -2.16 30.92
CA LYS D 186 13.44 -0.77 30.61
C LYS D 186 14.77 -0.36 31.22
N PHE D 187 15.59 0.33 30.42
CA PHE D 187 16.85 0.89 30.88
C PHE D 187 16.88 2.36 30.48
N ARG D 188 16.83 3.25 31.46
CA ARG D 188 16.87 4.68 31.24
C ARG D 188 18.31 5.16 31.31
N PHE D 189 18.78 5.81 30.25
CA PHE D 189 20.13 6.34 30.21
C PHE D 189 20.11 7.79 30.71
N LYS D 190 20.91 8.07 31.74
CA LYS D 190 20.87 9.36 32.39
C LYS D 190 21.67 10.40 31.61
N ALA D 191 21.26 11.67 31.74
CA ALA D 191 21.98 12.75 31.11
C ALA D 191 23.39 12.84 31.68
N LEU D 192 24.36 13.13 30.81
CA LEU D 192 25.77 13.18 31.17
C LEU D 192 26.17 14.63 31.40
N ASP D 193 26.48 14.96 32.66
CA ASP D 193 26.85 16.32 33.05
C ASP D 193 28.26 16.29 33.65
N ALA D 194 28.68 17.44 34.21
CA ALA D 194 30.04 17.56 34.72
C ALA D 194 30.33 16.46 35.74
N SER D 195 29.44 16.30 36.73
CA SER D 195 29.74 15.41 37.85
C SER D 195 30.06 14.00 37.40
N ASN D 196 29.27 13.45 36.48
CA ASN D 196 29.35 12.04 36.12
C ASN D 196 30.09 11.79 34.81
N ALA D 197 30.53 12.83 34.10
CA ALA D 197 31.24 12.67 32.84
C ALA D 197 32.59 13.37 32.80
N ILE D 198 32.97 14.09 33.86
CA ILE D 198 34.22 14.82 33.84
C ILE D 198 35.40 13.86 33.75
N ASP D 199 35.30 12.70 34.37
CA ASP D 199 36.40 11.74 34.33
C ASP D 199 36.69 11.32 32.89
N ARG D 200 35.65 10.94 32.14
CA ARG D 200 35.84 10.53 30.76
C ARG D 200 36.34 11.69 29.91
N LEU D 201 35.77 12.88 30.09
CA LEU D 201 36.21 14.01 29.28
C LEU D 201 37.68 14.34 29.55
N ARG D 202 38.08 14.29 30.82
CA ARG D 202 39.47 14.55 31.17
C ARG D 202 40.39 13.46 30.62
N PHE D 203 39.94 12.21 30.64
CA PHE D 203 40.73 11.14 30.04
C PHE D 203 40.98 11.42 28.56
N ILE D 204 39.92 11.82 27.85
CA ILE D 204 40.07 12.12 26.43
C ILE D 204 41.02 13.29 26.22
N SER D 205 40.87 14.35 27.02
CA SER D 205 41.73 15.52 26.86
C SER D 205 43.18 15.17 27.12
N GLU D 206 43.46 14.38 28.15
CA GLU D 206 44.83 13.94 28.42
C GLU D 206 45.37 13.08 27.29
N GLN D 207 44.53 12.18 26.76
CA GLN D 207 44.98 11.33 25.66
C GLN D 207 45.37 12.16 24.45
N GLU D 208 44.60 13.22 24.15
CA GLU D 208 44.89 14.09 23.04
C GLU D 208 45.84 15.23 23.39
N ASN D 209 46.30 15.30 24.64
CA ASN D 209 47.28 16.31 25.06
C ASN D 209 46.72 17.72 24.91
N VAL D 210 45.48 17.91 25.34
CA VAL D 210 44.83 19.23 25.29
C VAL D 210 45.10 19.96 26.60
N LYS D 211 45.59 21.19 26.49
CA LYS D 211 45.88 22.04 27.64
C LYS D 211 44.78 23.07 27.80
N CYS D 212 44.14 23.09 28.97
CA CYS D 212 43.04 24.00 29.23
C CYS D 212 43.13 24.52 30.65
N ASP D 213 42.54 25.70 30.86
CA ASP D 213 42.47 26.27 32.21
C ASP D 213 41.56 25.43 33.09
N ASP D 214 41.76 25.55 34.40
CA ASP D 214 40.90 24.86 35.34
C ASP D 214 39.45 25.33 35.19
N GLY D 215 38.53 24.37 35.18
CA GLY D 215 37.13 24.66 35.01
C GLY D 215 36.65 24.67 33.58
N VAL D 216 37.56 24.59 32.60
CA VAL D 216 37.16 24.62 31.20
C VAL D 216 36.35 23.38 30.85
N LEU D 217 36.81 22.20 31.29
CA LEU D 217 36.07 20.97 31.02
C LEU D 217 34.71 20.99 31.68
N GLU D 218 34.65 21.50 32.92
CA GLU D 218 33.35 21.62 33.60
C GLU D 218 32.43 22.56 32.85
N ARG D 219 32.96 23.68 32.34
CA ARG D 219 32.14 24.59 31.56
C ARG D 219 31.65 23.95 30.28
N ILE D 220 32.51 23.15 29.63
CA ILE D 220 32.10 22.46 28.41
C ILE D 220 30.95 21.52 28.71
N LEU D 221 31.06 20.75 29.79
CA LEU D 221 30.00 19.80 30.11
C LEU D 221 28.73 20.51 30.56
N ASP D 222 28.85 21.68 31.20
CA ASP D 222 27.67 22.47 31.52
C ASP D 222 26.98 22.97 30.24
N ILE D 223 27.76 23.43 29.26
CA ILE D 223 27.19 23.93 28.03
C ILE D 223 26.54 22.81 27.23
N SER D 224 27.14 21.62 27.24
CA SER D 224 26.60 20.52 26.45
C SER D 224 25.19 20.14 26.88
N ALA D 225 24.86 20.34 28.16
CA ALA D 225 23.51 20.12 28.66
C ALA D 225 23.10 18.65 28.52
N GLY D 226 23.94 17.75 29.02
CA GLY D 226 23.62 16.34 29.08
C GLY D 226 24.05 15.52 27.89
N ASP D 227 24.73 16.11 26.91
CA ASP D 227 25.10 15.41 25.68
C ASP D 227 26.62 15.34 25.61
N LEU D 228 27.17 14.14 25.87
CA LEU D 228 28.62 13.98 25.87
C LEU D 228 29.20 14.06 24.46
N ARG D 229 28.44 13.64 23.45
CA ARG D 229 28.90 13.77 22.06
C ARG D 229 29.18 15.24 21.73
N ARG D 230 28.25 16.12 22.11
CA ARG D 230 28.44 17.55 21.88
C ARG D 230 29.67 18.06 22.62
N GLY D 231 29.87 17.62 23.86
CA GLY D 231 31.02 18.05 24.62
C GLY D 231 32.33 17.63 23.98
N ILE D 232 32.40 16.39 23.50
CA ILE D 232 33.62 15.92 22.86
C ILE D 232 33.87 16.69 21.56
N THR D 233 32.81 16.96 20.79
CA THR D 233 32.99 17.75 19.58
C THR D 233 33.49 19.15 19.90
N LEU D 234 32.94 19.78 20.94
CA LEU D 234 33.39 21.11 21.34
C LEU D 234 34.86 21.07 21.77
N LEU D 235 35.25 20.06 22.55
CA LEU D 235 36.64 19.93 22.95
C LEU D 235 37.56 19.78 21.74
N GLN D 236 37.15 18.97 20.76
CA GLN D 236 37.96 18.82 19.56
C GLN D 236 38.10 20.13 18.80
N SER D 237 37.00 20.88 18.69
CA SER D 237 37.06 22.17 17.99
C SER D 237 38.00 23.13 18.71
N ALA D 238 37.92 23.18 20.04
CA ALA D 238 38.81 24.05 20.80
C ALA D 238 40.26 23.62 20.64
N SER D 239 40.51 22.30 20.63
CA SER D 239 41.87 21.81 20.43
C SER D 239 42.40 22.20 19.06
N LYS D 240 41.56 22.10 18.02
CA LYS D 240 41.99 22.52 16.70
C LYS D 240 42.32 24.00 16.68
N GLY D 241 41.49 24.82 17.33
CA GLY D 241 41.79 26.25 17.39
C GLY D 241 43.12 26.53 18.07
N ALA D 242 43.35 25.88 19.23
CA ALA D 242 44.60 26.09 19.95
C ALA D 242 45.80 25.64 19.11
N GLN D 243 45.69 24.49 18.46
CA GLN D 243 46.79 24.00 17.65
C GLN D 243 47.09 24.96 16.49
N TYR D 244 46.05 25.45 15.82
CA TYR D 244 46.27 26.39 14.73
C TYR D 244 46.93 27.67 15.22
N LEU D 245 46.47 28.19 16.37
CA LEU D 245 47.09 29.40 16.90
C LEU D 245 48.58 29.18 17.19
N GLY D 246 48.95 27.97 17.62
CA GLY D 246 50.34 27.64 17.83
C GLY D 246 51.04 28.56 18.81
N ASP D 247 50.39 28.85 19.94
CA ASP D 247 50.93 29.74 20.95
C ASP D 247 51.33 29.03 22.23
N GLY D 248 50.70 27.90 22.56
CA GLY D 248 50.95 27.20 23.79
C GLY D 248 50.09 27.66 24.96
N LYS D 249 49.32 28.72 24.80
CA LYS D 249 48.45 29.20 25.86
C LYS D 249 47.31 28.21 26.11
N ASN D 250 46.90 28.12 27.36
CA ASN D 250 45.81 27.23 27.73
C ASN D 250 44.50 27.68 27.12
N ILE D 251 43.62 26.72 26.84
CA ILE D 251 42.28 27.04 26.37
C ILE D 251 41.50 27.70 27.50
N THR D 252 40.74 28.74 27.17
CA THR D 252 39.99 29.52 28.14
C THR D 252 38.49 29.27 27.97
N SER D 253 37.74 29.62 29.02
CA SER D 253 36.29 29.46 28.97
C SER D 253 35.67 30.37 27.92
N THR D 254 36.24 31.55 27.69
CA THR D 254 35.70 32.45 26.68
C THR D 254 35.76 31.82 25.29
N GLN D 255 36.87 31.16 24.97
CA GLN D 255 36.97 30.48 23.68
C GLN D 255 35.92 29.39 23.56
N VAL D 256 35.71 28.62 24.63
CA VAL D 256 34.71 27.54 24.59
C VAL D 256 33.32 28.14 24.36
N GLU D 257 33.00 29.21 25.08
CA GLU D 257 31.68 29.82 24.91
C GLU D 257 31.49 30.36 23.51
N GLU D 258 32.52 31.00 22.96
CA GLU D 258 32.43 31.51 21.59
C GLU D 258 32.23 30.37 20.60
N LEU D 259 32.93 29.25 20.81
CA LEU D 259 32.77 28.10 19.93
C LEU D 259 31.43 27.41 20.12
N ALA D 260 30.78 27.58 21.27
CA ALA D 260 29.52 26.93 21.57
C ALA D 260 28.31 27.78 21.21
N GLY D 261 28.52 28.97 20.65
CA GLY D 261 27.40 29.82 20.28
C GLY D 261 26.69 30.47 21.44
N VAL D 262 27.36 30.62 22.58
CA VAL D 262 26.76 31.27 23.75
C VAL D 262 26.81 32.78 23.56
N VAL D 263 25.69 33.44 23.84
CA VAL D 263 25.64 34.90 23.72
C VAL D 263 26.52 35.53 24.79
N PRO D 264 27.35 36.52 24.47
CA PRO D 264 28.15 37.18 25.51
C PRO D 264 27.26 37.84 26.55
N HIS D 265 27.76 37.89 27.79
CA HIS D 265 26.95 38.40 28.88
C HIS D 265 26.55 39.86 28.65
N ASP D 266 27.40 40.64 28.01
CA ASP D 266 27.06 42.05 27.77
C ASP D 266 25.84 42.17 26.85
N ILE D 267 25.76 41.33 25.81
CA ILE D 267 24.60 41.36 24.93
C ILE D 267 23.34 40.97 25.70
N LEU D 268 23.44 39.95 26.55
CA LEU D 268 22.29 39.54 27.35
C LEU D 268 21.84 40.66 28.28
N ILE D 269 22.79 41.40 28.86
CA ILE D 269 22.43 42.52 29.72
C ILE D 269 21.77 43.62 28.90
N GLU D 270 22.25 43.85 27.68
CA GLU D 270 21.58 44.83 26.81
C GLU D 270 20.13 44.42 26.56
N ILE D 271 19.90 43.14 26.29
CA ILE D 271 18.54 42.65 26.09
C ILE D 271 17.71 42.86 27.35
N VAL D 272 18.28 42.57 28.51
CA VAL D 272 17.55 42.72 29.77
C VAL D 272 17.16 44.18 30.00
N GLU D 273 18.09 45.10 29.76
CA GLU D 273 17.77 46.52 29.88
C GLU D 273 16.70 46.95 28.89
N LYS D 274 16.77 46.48 27.64
CA LYS D 274 15.73 46.82 26.68
C LYS D 274 14.37 46.33 27.15
N VAL D 275 14.31 45.11 27.68
CA VAL D 275 13.05 44.57 28.18
C VAL D 275 12.56 45.41 29.36
N LYS D 276 13.48 45.78 30.27
CA LYS D 276 13.10 46.59 31.42
C LYS D 276 12.54 47.94 30.98
N SER D 277 13.06 48.50 29.88
CA SER D 277 12.57 49.78 29.40
C SER D 277 11.08 49.69 29.03
N GLY D 278 10.68 48.63 28.35
CA GLY D 278 9.29 48.40 28.02
C GLY D 278 8.79 49.08 26.76
N ASP D 279 9.65 49.76 26.01
CA ASP D 279 9.25 50.44 24.78
C ASP D 279 9.23 49.44 23.64
N PHE D 280 8.07 49.27 22.99
CA PHE D 280 7.92 48.26 21.95
C PHE D 280 8.85 48.54 20.77
N ASP D 281 8.88 49.79 20.31
CA ASP D 281 9.67 50.12 19.13
C ASP D 281 11.16 49.87 19.37
N GLU D 282 11.66 50.27 20.55
CA GLU D 282 13.07 50.05 20.86
C GLU D 282 13.39 48.56 20.93
N ILE D 283 12.50 47.77 21.53
CA ILE D 283 12.71 46.32 21.61
C ILE D 283 12.76 45.74 20.21
N LYS D 284 11.83 46.15 19.35
CA LYS D 284 11.79 45.63 17.99
C LYS D 284 13.08 45.98 17.24
N LYS D 285 13.53 47.23 17.35
CA LYS D 285 14.75 47.64 16.65
C LYS D 285 15.95 46.86 17.16
N TYR D 286 16.07 46.72 18.48
CA TYR D 286 17.21 46.00 19.04
C TYR D 286 17.19 44.54 18.61
N VAL D 287 16.01 43.91 18.59
CA VAL D 287 15.93 42.51 18.19
C VAL D 287 16.27 42.36 16.72
N ASN D 288 15.82 43.31 15.88
CA ASN D 288 16.17 43.25 14.47
C ASN D 288 17.67 43.33 14.27
N THR D 289 18.34 44.23 15.01
CA THR D 289 19.80 44.28 14.93
C THR D 289 20.42 43.00 15.47
N PHE D 290 19.85 42.45 16.54
CA PHE D 290 20.43 41.28 17.21
C PHE D 290 20.40 40.05 16.32
N MET D 291 19.29 39.84 15.60
CA MET D 291 19.18 38.63 14.76
C MET D 291 20.24 38.59 13.67
N LYS D 292 20.83 39.73 13.29
CA LYS D 292 21.87 39.71 12.28
C LYS D 292 23.11 38.97 12.73
N SER D 293 23.30 38.77 14.04
CA SER D 293 24.46 38.05 14.53
C SER D 293 24.31 36.54 14.36
N GLY D 294 23.11 36.05 14.12
CA GLY D 294 22.88 34.63 13.89
C GLY D 294 22.77 33.78 15.15
N TRP D 295 22.61 34.40 16.31
CA TRP D 295 22.48 33.62 17.55
C TRP D 295 21.28 32.69 17.47
N SER D 296 21.46 31.48 17.99
CA SER D 296 20.36 30.52 18.05
C SER D 296 19.34 30.96 19.07
N ALA D 297 18.06 30.94 18.69
CA ALA D 297 17.00 31.40 19.60
C ALA D 297 16.91 30.53 20.83
N ALA D 298 17.14 29.22 20.68
CA ALA D 298 17.07 28.32 21.84
C ALA D 298 18.12 28.68 22.88
N SER D 299 19.34 28.98 22.44
CA SER D 299 20.39 29.37 23.38
C SER D 299 20.03 30.67 24.09
N VAL D 300 19.48 31.63 23.35
CA VAL D 300 19.08 32.90 23.95
C VAL D 300 18.00 32.66 25.00
N VAL D 301 17.01 31.82 24.69
CA VAL D 301 15.93 31.55 25.64
C VAL D 301 16.48 30.86 26.88
N ASN D 302 17.39 29.91 26.70
CA ASN D 302 17.99 29.23 27.84
C ASN D 302 18.75 30.22 28.73
N GLN D 303 19.53 31.11 28.13
CA GLN D 303 20.28 32.09 28.92
C GLN D 303 19.35 33.06 29.62
N LEU D 304 18.26 33.48 28.97
CA LEU D 304 17.30 34.35 29.62
C LEU D 304 16.63 33.66 30.81
N HIS D 305 16.28 32.37 30.64
CA HIS D 305 15.73 31.62 31.75
C HIS D 305 16.71 31.57 32.92
N GLU D 306 17.97 31.28 32.63
CA GLU D 306 18.98 31.24 33.68
C GLU D 306 19.07 32.59 34.40
N TYR D 307 19.09 33.68 33.62
CA TYR D 307 19.23 35.00 34.23
C TYR D 307 18.04 35.34 35.11
N TYR D 308 16.82 35.16 34.60
CA TYR D 308 15.65 35.65 35.32
C TYR D 308 15.31 34.77 36.50
N ILE D 309 15.38 33.43 36.34
CA ILE D 309 14.89 32.55 37.39
C ILE D 309 15.75 32.67 38.64
N THR D 310 17.06 32.83 38.47
CA THR D 310 17.99 32.88 39.60
C THR D 310 18.24 34.31 40.09
N ASN D 311 17.51 35.30 39.57
CA ASN D 311 17.67 36.68 39.98
C ASN D 311 16.87 36.94 41.24
N ASP D 312 17.53 37.53 42.25
CA ASP D 312 16.88 37.80 43.53
C ASP D 312 16.07 39.08 43.53
N ASN D 313 16.08 39.85 42.44
CA ASN D 313 15.40 41.14 42.39
C ASN D 313 13.99 41.07 41.82
N PHE D 314 13.49 39.87 41.53
CA PHE D 314 12.15 39.70 40.98
C PHE D 314 11.31 38.88 41.94
N ASP D 315 10.03 39.23 42.06
CA ASP D 315 9.14 38.63 43.03
C ASP D 315 8.59 37.29 42.52
N THR D 316 7.79 36.64 43.37
CA THR D 316 7.27 35.32 43.04
C THR D 316 6.33 35.35 41.85
N ASN D 317 5.45 36.36 41.78
CA ASN D 317 4.48 36.43 40.69
C ASN D 317 5.18 36.60 39.33
N PHE D 318 6.19 37.47 39.29
CA PHE D 318 6.92 37.69 38.05
C PHE D 318 7.57 36.40 37.57
N LYS D 319 8.21 35.65 38.47
CA LYS D 319 8.84 34.40 38.09
C LYS D 319 7.81 33.37 37.67
N ASN D 320 6.68 33.31 38.38
CA ASN D 320 5.61 32.38 38.00
C ASN D 320 5.17 32.62 36.56
N GLN D 321 4.98 33.88 36.19
CA GLN D 321 4.53 34.20 34.84
C GLN D 321 5.63 33.95 33.80
N ILE D 322 6.86 34.36 34.12
CA ILE D 322 7.94 34.25 33.14
C ILE D 322 8.28 32.79 32.89
N SER D 323 8.14 31.92 33.89
CA SER D 323 8.40 30.50 33.68
C SER D 323 7.46 29.93 32.61
N TRP D 324 6.17 30.26 32.70
CA TRP D 324 5.23 29.79 31.69
C TRP D 324 5.51 30.42 30.33
N LEU D 325 5.88 31.70 30.31
CA LEU D 325 6.20 32.34 29.03
C LEU D 325 7.38 31.64 28.36
N LEU D 326 8.43 31.36 29.13
CA LEU D 326 9.60 30.68 28.59
C LEU D 326 9.25 29.27 28.12
N PHE D 327 8.44 28.55 28.89
CA PHE D 327 8.04 27.21 28.49
C PHE D 327 7.27 27.25 27.18
N THR D 328 6.33 28.19 27.04
CA THR D 328 5.56 28.29 25.81
C THR D 328 6.46 28.61 24.62
N THR D 329 7.38 29.57 24.79
CA THR D 329 8.27 29.92 23.68
C THR D 329 9.17 28.75 23.30
N ASP D 330 9.69 28.02 24.29
CA ASP D 330 10.54 26.87 23.98
C ASP D 330 9.75 25.79 23.25
N SER D 331 8.52 25.53 23.70
CA SER D 331 7.70 24.53 23.02
C SER D 331 7.44 24.94 21.58
N ARG D 332 7.11 26.21 21.35
CA ARG D 332 6.89 26.67 19.98
C ARG D 332 8.15 26.55 19.14
N LEU D 333 9.30 26.92 19.70
CA LEU D 333 10.56 26.79 18.97
C LEU D 333 10.85 25.33 18.60
N ASN D 334 10.46 24.40 19.47
CA ASN D 334 10.70 22.99 19.19
C ASN D 334 9.96 22.51 17.94
N ASN D 335 8.96 23.26 17.48
CA ASN D 335 8.19 22.88 16.30
C ASN D 335 8.80 23.38 15.00
N GLY D 336 9.92 24.09 15.06
CA GLY D 336 10.58 24.59 13.86
C GLY D 336 10.00 25.90 13.38
N THR D 337 9.79 26.83 14.30
CA THR D 337 9.17 28.12 13.99
C THR D 337 10.23 29.17 13.68
N ASN D 338 9.77 30.31 13.14
CA ASN D 338 10.66 31.41 12.81
C ASN D 338 11.23 32.01 14.09
N GLU D 339 12.56 32.01 14.21
CA GLU D 339 13.20 32.45 15.45
C GLU D 339 12.91 33.92 15.74
N HIS D 340 12.95 34.77 14.70
CA HIS D 340 12.76 36.20 14.91
C HIS D 340 11.40 36.50 15.55
N ILE D 341 10.33 35.94 14.98
CA ILE D 341 8.98 36.23 15.48
C ILE D 341 8.83 35.73 16.90
N GLN D 342 9.27 34.49 17.17
CA GLN D 342 9.11 33.93 18.50
C GLN D 342 9.89 34.74 19.53
N LEU D 343 11.13 35.10 19.22
CA LEU D 343 11.94 35.86 20.16
C LEU D 343 11.35 37.23 20.43
N LEU D 344 10.90 37.92 19.38
CA LEU D 344 10.29 39.23 19.58
C LEU D 344 9.03 39.13 20.45
N ASN D 345 8.20 38.12 20.18
CA ASN D 345 6.99 37.93 20.98
C ASN D 345 7.35 37.68 22.44
N LEU D 346 8.35 36.81 22.69
CA LEU D 346 8.74 36.52 24.06
C LEU D 346 9.23 37.78 24.77
N LEU D 347 10.09 38.55 24.11
CA LEU D 347 10.64 39.74 24.76
C LEU D 347 9.56 40.77 25.02
N VAL D 348 8.64 40.96 24.07
CA VAL D 348 7.54 41.90 24.27
C VAL D 348 6.67 41.46 25.45
N LYS D 349 6.37 40.16 25.52
CA LYS D 349 5.52 39.68 26.61
C LYS D 349 6.21 39.85 27.96
N ILE D 350 7.51 39.57 28.03
CA ILE D 350 8.23 39.76 29.29
C ILE D 350 8.22 41.24 29.67
N SER D 351 8.41 42.12 28.69
CA SER D 351 8.49 43.55 28.99
C SER D 351 7.20 44.07 29.61
N GLN D 352 6.07 43.41 29.36
CA GLN D 352 4.80 43.84 29.89
C GLN D 352 4.44 43.19 31.22
N LEU D 353 5.33 42.36 31.78
CA LEU D 353 5.09 41.75 33.07
C LEU D 353 5.25 42.78 34.19
N MET E 1 26.37 40.82 -18.90
CA MET E 1 26.99 39.47 -18.75
C MET E 1 26.71 38.90 -17.36
N SER E 2 27.65 38.12 -16.82
CA SER E 2 27.48 37.56 -15.49
C SER E 2 27.25 38.67 -14.48
N LEU E 3 26.25 38.49 -13.62
CA LEU E 3 25.88 39.51 -12.66
C LEU E 3 27.02 39.77 -11.69
N TRP E 4 27.12 41.02 -11.22
CA TRP E 4 28.24 41.40 -10.36
C TRP E 4 28.26 40.60 -9.07
N VAL E 5 27.10 40.15 -8.60
CA VAL E 5 27.06 39.33 -7.39
C VAL E 5 27.79 38.02 -7.60
N ASP E 6 27.81 37.51 -8.83
CA ASP E 6 28.48 36.25 -9.13
C ASP E 6 29.91 36.44 -9.63
N LYS E 7 30.15 37.49 -10.42
CA LYS E 7 31.45 37.66 -11.05
C LYS E 7 32.55 37.85 -10.01
N TYR E 8 32.25 38.53 -8.91
CA TYR E 8 33.26 38.90 -7.91
C TYR E 8 33.13 38.07 -6.64
N ARG E 9 32.50 36.90 -6.70
CA ARG E 9 32.40 36.05 -5.52
C ARG E 9 33.77 35.47 -5.17
N PRO E 10 34.25 35.61 -3.93
CA PRO E 10 35.56 35.05 -3.57
C PRO E 10 35.59 33.54 -3.77
N LYS E 11 36.77 33.04 -4.12
CA LYS E 11 36.96 31.60 -4.38
C LYS E 11 38.04 30.99 -3.49
N SER E 12 38.38 31.65 -2.38
CA SER E 12 39.36 31.11 -1.45
C SER E 12 39.14 31.75 -0.09
N LEU E 13 39.67 31.10 0.95
CA LEU E 13 39.53 31.63 2.30
C LEU E 13 40.24 32.97 2.43
N ASN E 14 41.42 33.10 1.82
CA ASN E 14 42.16 34.36 1.90
C ASN E 14 41.46 35.49 1.16
N ALA E 15 40.51 35.19 0.27
CA ALA E 15 39.79 36.21 -0.45
C ALA E 15 38.54 36.70 0.28
N LEU E 16 38.17 36.07 1.39
CA LEU E 16 37.00 36.51 2.14
C LEU E 16 37.24 37.91 2.70
N SER E 17 36.16 38.71 2.74
CA SER E 17 36.28 40.13 3.03
C SER E 17 35.55 40.58 4.28
N HIS E 18 34.91 39.68 5.03
CA HIS E 18 34.23 40.08 6.26
C HIS E 18 34.24 38.92 7.25
N ASN E 19 34.05 39.25 8.52
CA ASN E 19 34.07 38.28 9.61
C ASN E 19 35.41 37.55 9.67
N GLU E 20 36.44 38.33 9.97
CA GLU E 20 37.80 37.80 10.01
C GLU E 20 37.94 36.66 11.02
N GLU E 21 37.23 36.77 12.14
CA GLU E 21 37.31 35.71 13.16
C GLU E 21 36.80 34.39 12.61
N LEU E 22 35.68 34.42 11.87
CA LEU E 22 35.16 33.21 11.25
C LEU E 22 36.16 32.67 10.22
N THR E 23 36.81 33.55 9.46
CA THR E 23 37.82 33.10 8.51
C THR E 23 38.96 32.39 9.22
N ASN E 24 39.43 32.94 10.32
CA ASN E 24 40.50 32.29 11.08
C ASN E 24 40.04 30.95 11.62
N PHE E 25 38.80 30.87 12.10
CA PHE E 25 38.29 29.59 12.61
C PHE E 25 38.23 28.54 11.49
N LEU E 26 37.76 28.95 10.31
CA LEU E 26 37.72 28.02 9.18
C LEU E 26 39.12 27.57 8.78
N LYS E 27 40.08 28.50 8.79
CA LYS E 27 41.46 28.12 8.49
C LYS E 27 41.98 27.12 9.52
N SER E 28 41.65 27.32 10.79
CA SER E 28 42.05 26.36 11.81
C SER E 28 41.42 24.99 11.56
N LEU E 29 40.16 24.98 11.12
CA LEU E 29 39.51 23.71 10.78
C LEU E 29 40.23 23.03 9.62
N SER E 30 40.66 23.81 8.63
CA SER E 30 41.30 23.24 7.45
C SER E 30 42.77 22.91 7.66
N ASP E 31 43.35 23.26 8.82
CA ASP E 31 44.77 23.00 9.04
C ASP E 31 45.07 21.51 9.06
N GLN E 32 44.23 20.72 9.72
CA GLN E 32 44.38 19.27 9.83
C GLN E 32 43.05 18.64 9.43
N PRO E 33 42.77 18.52 8.14
CA PRO E 33 41.43 18.11 7.69
C PRO E 33 41.13 16.63 7.81
N ARG E 34 42.11 15.79 8.16
CA ARG E 34 41.89 14.34 8.15
C ARG E 34 40.78 13.94 9.12
N ASP E 35 40.78 14.50 10.32
CA ASP E 35 39.80 14.18 11.35
C ASP E 35 38.69 15.23 11.45
N LEU E 36 38.32 15.85 10.32
CA LEU E 36 37.29 16.88 10.34
C LEU E 36 35.94 16.25 10.68
N PRO E 37 35.21 16.77 11.67
CA PRO E 37 33.87 16.28 11.94
C PRO E 37 32.86 16.82 10.93
N HIS E 38 31.65 16.29 11.01
CA HIS E 38 30.54 16.84 10.21
C HIS E 38 30.26 18.27 10.66
N LEU E 39 29.95 19.13 9.69
CA LEU E 39 29.76 20.55 9.94
C LEU E 39 28.32 20.96 9.63
N LEU E 40 27.83 21.94 10.40
CA LEU E 40 26.52 22.53 10.18
C LEU E 40 26.66 24.05 10.30
N LEU E 41 26.52 24.76 9.20
CA LEU E 41 26.68 26.20 9.15
C LEU E 41 25.31 26.86 9.20
N TYR E 42 25.09 27.70 10.21
CA TYR E 42 23.82 28.39 10.39
C TYR E 42 24.05 29.89 10.51
N GLY E 43 23.11 30.66 9.96
CA GLY E 43 23.18 32.10 10.01
C GLY E 43 22.15 32.75 9.10
N PRO E 44 22.08 34.08 9.12
CA PRO E 44 21.11 34.78 8.28
C PRO E 44 21.35 34.52 6.80
N ASN E 45 20.26 34.53 6.03
CA ASN E 45 20.34 34.24 4.61
C ASN E 45 21.12 35.30 3.86
N GLY E 46 21.87 34.87 2.85
CA GLY E 46 22.58 35.79 1.98
C GLY E 46 23.82 36.42 2.58
N THR E 47 24.42 35.79 3.59
CA THR E 47 25.59 36.35 4.26
C THR E 47 26.91 35.82 3.69
N GLY E 48 26.91 34.65 3.07
CA GLY E 48 28.14 34.07 2.54
C GLY E 48 28.42 32.69 3.07
N LYS E 49 27.38 31.97 3.48
CA LYS E 49 27.58 30.63 4.02
C LYS E 49 28.07 29.66 2.95
N LYS E 50 27.40 29.63 1.79
CA LYS E 50 27.83 28.74 0.72
C LYS E 50 29.21 29.13 0.19
N THR E 51 29.48 30.43 0.12
CA THR E 51 30.81 30.88 -0.29
C THR E 51 31.88 30.35 0.65
N ARG E 52 31.62 30.40 1.96
CA ARG E 52 32.60 29.92 2.92
C ARG E 52 32.73 28.39 2.87
N CYS E 53 31.62 27.69 2.63
CA CYS E 53 31.71 26.24 2.46
C CYS E 53 32.59 25.88 1.27
N MET E 54 32.39 26.56 0.13
CA MET E 54 33.20 26.30 -1.04
C MET E 54 34.66 26.67 -0.80
N ALA E 55 34.91 27.77 -0.07
CA ALA E 55 36.28 28.17 0.22
C ALA E 55 36.97 27.13 1.11
N LEU E 56 36.26 26.60 2.11
CA LEU E 56 36.82 25.55 2.95
C LEU E 56 37.14 24.31 2.14
N LEU E 57 36.23 23.93 1.23
CA LEU E 57 36.50 22.78 0.37
C LEU E 57 37.71 23.04 -0.51
N GLU E 58 37.86 24.27 -1.02
CA GLU E 58 39.02 24.61 -1.83
C GLU E 58 40.31 24.49 -1.02
N SER E 59 40.30 24.97 0.23
CA SER E 59 41.48 24.86 1.06
C SER E 59 41.83 23.42 1.37
N ILE E 60 40.81 22.56 1.53
CA ILE E 60 41.08 21.17 1.84
C ILE E 60 41.59 20.42 0.61
N PHE E 61 40.86 20.50 -0.50
CA PHE E 61 41.16 19.71 -1.69
C PHE E 61 41.87 20.49 -2.79
N GLY E 62 41.50 21.76 -3.00
CA GLY E 62 42.11 22.56 -4.04
C GLY E 62 41.08 23.18 -4.97
N PRO E 63 41.56 23.92 -5.97
CA PRO E 63 40.63 24.63 -6.87
C PRO E 63 39.69 23.70 -7.63
N GLY E 64 40.03 22.42 -7.77
CA GLY E 64 39.19 21.51 -8.53
C GLY E 64 37.78 21.40 -8.01
N VAL E 65 37.54 21.83 -6.77
CA VAL E 65 36.19 21.79 -6.22
C VAL E 65 35.24 22.68 -7.02
N TYR E 66 35.76 23.69 -7.72
CA TYR E 66 34.93 24.60 -8.48
C TYR E 66 34.59 24.09 -9.88
N ARG E 67 35.11 22.93 -10.27
CA ARG E 67 34.76 22.32 -11.56
C ARG E 67 33.52 21.47 -11.35
N LEU E 68 32.35 22.11 -11.48
CA LEU E 68 31.08 21.48 -11.16
C LEU E 68 30.42 20.90 -12.40
N LYS E 69 29.83 19.72 -12.24
CA LYS E 69 29.07 19.07 -13.29
C LYS E 69 27.71 18.66 -12.74
N ILE E 70 26.68 18.72 -13.58
CA ILE E 70 25.31 18.43 -13.19
C ILE E 70 24.95 17.06 -13.76
N ASP E 71 24.39 16.19 -12.91
CA ASP E 71 23.91 14.89 -13.32
C ASP E 71 22.51 14.68 -12.78
N VAL E 72 21.82 13.68 -13.30
CA VAL E 72 20.45 13.36 -12.91
C VAL E 72 20.42 11.93 -12.41
N ARG E 73 19.87 11.73 -11.21
CA ARG E 73 19.71 10.42 -10.62
C ARG E 73 18.23 10.07 -10.55
N GLN E 74 17.92 8.78 -10.75
CA GLN E 74 16.56 8.29 -10.84
C GLN E 74 16.20 7.53 -9.56
N PHE E 75 14.96 7.71 -9.11
CA PHE E 75 14.46 7.02 -7.93
C PHE E 75 13.05 6.52 -8.21
N VAL E 76 12.65 5.49 -7.48
CA VAL E 76 11.33 4.89 -7.62
C VAL E 76 10.69 4.82 -6.23
N THR E 77 9.48 5.35 -6.11
CA THR E 77 8.74 5.29 -4.86
C THR E 77 8.13 3.90 -4.69
N ALA E 78 7.43 3.71 -3.56
CA ALA E 78 6.74 2.45 -3.33
C ALA E 78 5.53 2.31 -4.24
N SER E 79 4.98 3.43 -4.72
CA SER E 79 3.83 3.42 -5.62
C SER E 79 4.23 3.32 -7.09
N ASN E 80 5.51 3.12 -7.38
CA ASN E 80 6.06 2.98 -8.73
C ASN E 80 6.25 4.32 -9.42
N ARG E 81 6.10 5.43 -8.72
CA ARG E 81 6.39 6.73 -9.32
C ARG E 81 7.88 6.85 -9.61
N LYS E 82 8.19 7.63 -10.64
CA LYS E 82 9.57 7.88 -11.05
C LYS E 82 9.94 9.31 -10.71
N LEU E 83 10.98 9.47 -9.91
CA LEU E 83 11.45 10.78 -9.45
C LEU E 83 12.86 11.02 -9.96
N GLU E 84 13.19 12.28 -10.22
CA GLU E 84 14.49 12.68 -10.70
C GLU E 84 15.10 13.70 -9.74
N LEU E 85 16.38 13.53 -9.44
CA LEU E 85 17.10 14.43 -8.56
C LEU E 85 18.34 14.94 -9.28
N ASN E 86 18.52 16.26 -9.28
CA ASN E 86 19.71 16.88 -9.86
C ASN E 86 20.83 16.88 -8.82
N VAL E 87 21.99 16.35 -9.21
CA VAL E 87 23.14 16.24 -8.32
C VAL E 87 24.27 17.08 -8.93
N VAL E 88 24.77 18.03 -8.15
CA VAL E 88 25.96 18.79 -8.49
C VAL E 88 27.16 18.06 -7.91
N SER E 89 28.16 17.79 -8.74
CA SER E 89 29.30 17.00 -8.31
C SER E 89 30.60 17.60 -8.84
N SER E 90 31.66 17.42 -8.06
CA SER E 90 33.02 17.73 -8.50
C SER E 90 33.85 16.47 -8.29
N PRO E 91 35.13 16.48 -8.67
CA PRO E 91 35.97 15.32 -8.39
C PRO E 91 36.11 15.01 -6.91
N TYR E 92 35.81 15.97 -6.03
CA TYR E 92 36.04 15.82 -4.61
C TYR E 92 34.79 15.85 -3.75
N HIS E 93 33.67 16.37 -4.24
CA HIS E 93 32.51 16.53 -3.39
C HIS E 93 31.22 16.38 -4.20
N LEU E 94 30.14 16.11 -3.47
CA LEU E 94 28.79 16.04 -4.00
C LEU E 94 27.94 17.08 -3.31
N GLU E 95 26.89 17.55 -4.00
CA GLU E 95 25.93 18.49 -3.42
C GLU E 95 24.52 18.04 -3.77
N ILE E 96 23.64 18.07 -2.77
CA ILE E 96 22.26 17.63 -2.95
C ILE E 96 21.31 18.58 -2.22
N THR E 97 20.08 18.65 -2.73
CA THR E 97 18.99 19.38 -2.09
C THR E 97 17.81 18.42 -2.00
N PRO E 98 17.84 17.48 -1.06
CA PRO E 98 16.78 16.45 -1.02
C PRO E 98 15.38 17.01 -0.92
N SER E 99 15.21 18.17 -0.27
CA SER E 99 13.89 18.80 -0.20
C SER E 99 13.28 18.99 -1.58
N ASP E 100 14.07 18.87 -2.64
CA ASP E 100 13.53 18.95 -4.00
C ASP E 100 12.42 17.93 -4.24
N MET E 101 12.48 16.77 -3.59
CA MET E 101 11.43 15.77 -3.73
C MET E 101 10.42 15.80 -2.60
N GLY E 102 10.41 16.87 -1.80
CA GLY E 102 9.39 16.98 -0.76
C GLY E 102 9.46 15.80 0.19
N ASN E 103 8.30 15.16 0.39
CA ASN E 103 8.20 14.06 1.34
C ASN E 103 9.05 12.87 0.91
N ASN E 104 9.49 12.83 -0.34
CA ASN E 104 10.35 11.74 -0.81
C ASN E 104 11.82 12.01 -0.53
N ASP E 105 12.16 13.12 0.15
CA ASP E 105 13.55 13.38 0.49
C ASP E 105 14.15 12.20 1.25
N ARG E 106 13.35 11.53 2.08
CA ARG E 106 13.85 10.38 2.82
C ARG E 106 14.51 9.37 1.88
N ILE E 107 13.91 9.12 0.72
CA ILE E 107 14.47 8.18 -0.23
C ILE E 107 15.91 8.57 -0.57
N VAL E 108 16.13 9.85 -0.86
CA VAL E 108 17.48 10.30 -1.18
C VAL E 108 18.44 9.92 -0.06
N ILE E 109 18.03 10.14 1.19
CA ILE E 109 18.90 9.82 2.31
C ILE E 109 19.07 8.31 2.43
N GLN E 110 18.02 7.54 2.14
CA GLN E 110 18.06 6.11 2.38
C GLN E 110 18.75 5.32 1.26
N GLU E 111 18.77 5.85 0.04
CA GLU E 111 19.30 5.12 -1.10
C GLU E 111 20.56 5.77 -1.67
N LEU E 112 20.48 7.04 -2.07
CA LEU E 112 21.64 7.69 -2.68
C LEU E 112 22.74 7.94 -1.66
N LEU E 113 22.45 8.72 -0.63
CA LEU E 113 23.47 9.07 0.34
C LEU E 113 24.13 7.83 0.91
N LYS E 114 23.33 6.87 1.40
CA LYS E 114 23.89 5.63 1.92
C LYS E 114 24.81 4.99 0.89
N GLU E 115 24.39 4.95 -0.37
CA GLU E 115 25.22 4.36 -1.42
C GLU E 115 26.57 5.07 -1.49
N VAL E 116 26.56 6.40 -1.42
CA VAL E 116 27.81 7.14 -1.40
C VAL E 116 28.58 6.84 -0.11
N ALA E 117 27.85 6.71 1.00
CA ALA E 117 28.50 6.50 2.29
C ALA E 117 29.20 5.15 2.36
N GLN E 118 28.69 4.14 1.64
CA GLN E 118 29.24 2.80 1.68
C GLN E 118 30.36 2.59 0.66
N MET E 119 30.94 3.66 0.14
CA MET E 119 32.01 3.57 -0.86
C MET E 119 33.29 4.13 -0.27
N GLU E 120 34.37 3.34 -0.36
CA GLU E 120 35.68 3.79 0.08
C GLU E 120 36.41 4.48 -1.07
N GLN E 121 37.33 5.36 -0.70
CA GLN E 121 38.06 6.17 -1.68
C GLN E 121 39.30 5.41 -2.13
N VAL E 122 39.36 5.08 -3.43
CA VAL E 122 40.50 4.40 -4.01
C VAL E 122 41.27 5.27 -4.99
N ASP E 123 40.71 6.40 -5.42
CA ASP E 123 41.42 7.30 -6.31
C ASP E 123 42.52 8.04 -5.55
N PHE E 124 43.72 8.08 -6.13
CA PHE E 124 44.88 8.68 -5.47
C PHE E 124 44.74 10.20 -5.52
N GLN E 125 43.99 10.73 -4.56
CA GLN E 125 43.80 12.18 -4.42
C GLN E 125 44.82 12.70 -3.42
N ASP E 126 46.05 12.83 -3.88
CA ASP E 126 47.15 13.24 -3.01
C ASP E 126 46.82 14.59 -2.37
N SER E 127 47.05 14.69 -1.06
CA SER E 127 46.76 15.88 -0.28
C SER E 127 48.08 16.56 0.11
N LYS E 128 47.94 17.68 0.83
CA LYS E 128 49.12 18.41 1.28
C LYS E 128 49.95 17.58 2.26
N ASP E 129 49.29 16.69 3.02
CA ASP E 129 50.02 15.83 3.95
C ASP E 129 50.89 14.81 3.25
N GLY E 130 50.71 14.61 1.95
CA GLY E 130 51.45 13.63 1.19
C GLY E 130 50.70 12.35 0.93
N LEU E 131 49.62 12.09 1.65
CA LEU E 131 48.79 10.92 1.46
C LEU E 131 47.48 11.30 0.77
N ALA E 132 46.83 10.29 0.20
CA ALA E 132 45.59 10.52 -0.53
C ALA E 132 44.43 10.75 0.42
N HIS E 133 43.48 11.57 -0.03
CA HIS E 133 42.27 11.81 0.75
C HIS E 133 41.49 10.50 0.92
N ARG E 134 40.88 10.33 2.08
CA ARG E 134 40.15 9.11 2.40
C ARG E 134 38.64 9.30 2.44
N TYR E 135 38.14 10.52 2.41
CA TYR E 135 36.71 10.78 2.47
C TYR E 135 36.31 11.79 1.41
N LYS E 136 35.05 11.71 1.00
CA LYS E 136 34.43 12.67 0.10
C LYS E 136 33.40 13.49 0.87
N CYS E 137 33.29 14.76 0.52
CA CYS E 137 32.42 15.70 1.22
C CYS E 137 31.08 15.78 0.51
N VAL E 138 30.00 15.71 1.29
CA VAL E 138 28.64 15.83 0.78
C VAL E 138 28.01 17.07 1.40
N ILE E 139 27.54 17.99 0.55
CA ILE E 139 26.87 19.21 0.99
C ILE E 139 25.37 18.99 0.87
N ILE E 140 24.65 19.33 1.93
CA ILE E 140 23.20 19.24 1.97
C ILE E 140 22.67 20.66 2.13
N ASN E 141 22.21 21.26 1.02
CA ASN E 141 21.66 22.60 1.07
C ASN E 141 20.24 22.57 1.61
N GLU E 142 19.84 23.68 2.23
CA GLU E 142 18.51 23.80 2.84
C GLU E 142 18.24 22.63 3.77
N ALA E 143 19.24 22.30 4.59
CA ALA E 143 19.12 21.15 5.49
C ALA E 143 17.95 21.29 6.45
N ASN E 144 17.48 22.51 6.71
CA ASN E 144 16.37 22.72 7.63
C ASN E 144 15.01 22.51 6.97
N SER E 145 14.98 22.23 5.66
CA SER E 145 13.74 21.89 4.96
C SER E 145 13.49 20.39 4.91
N LEU E 146 14.41 19.58 5.42
CA LEU E 146 14.23 18.13 5.40
C LEU E 146 13.12 17.72 6.36
N THR E 147 12.38 16.69 5.96
CA THR E 147 11.39 16.10 6.85
C THR E 147 12.08 15.35 7.98
N LYS E 148 11.34 15.18 9.09
CA LYS E 148 11.90 14.50 10.24
C LYS E 148 12.37 13.08 9.90
N ASP E 149 11.68 12.42 8.97
CA ASP E 149 12.06 11.06 8.59
C ASP E 149 13.43 11.04 7.93
N ALA E 150 13.69 11.99 7.02
CA ALA E 150 14.99 12.06 6.37
C ALA E 150 16.09 12.37 7.39
N GLN E 151 15.81 13.28 8.32
CA GLN E 151 16.79 13.58 9.36
C GLN E 151 17.09 12.36 10.20
N ALA E 152 16.05 11.59 10.56
CA ALA E 152 16.27 10.35 11.31
C ALA E 152 17.13 9.38 10.50
N ALA E 153 16.86 9.25 9.20
CA ALA E 153 17.65 8.37 8.36
C ALA E 153 19.11 8.80 8.31
N LEU E 154 19.37 10.10 8.40
CA LEU E 154 20.76 10.58 8.37
C LEU E 154 21.57 10.12 9.58
N ARG E 155 20.91 9.76 10.68
CA ARG E 155 21.61 9.64 11.96
C ARG E 155 22.70 8.56 11.91
N ARG E 156 22.31 7.30 11.73
CA ARG E 156 23.30 6.23 11.78
C ARG E 156 24.21 6.25 10.56
N THR E 157 23.73 6.78 9.43
CA THR E 157 24.60 6.93 8.27
C THR E 157 25.77 7.86 8.59
N MET E 158 25.51 8.91 9.39
CA MET E 158 26.58 9.83 9.75
C MET E 158 27.66 9.14 10.58
N GLU E 159 27.26 8.24 11.48
CA GLU E 159 28.22 7.64 12.41
C GLU E 159 28.94 6.45 11.78
N LYS E 160 28.20 5.53 11.17
CA LYS E 160 28.81 4.28 10.69
C LYS E 160 29.85 4.54 9.62
N TYR E 161 29.55 5.44 8.68
CA TYR E 161 30.37 5.65 7.50
C TYR E 161 31.18 6.94 7.59
N SER E 162 31.55 7.35 8.81
CA SER E 162 32.31 8.58 8.99
C SER E 162 33.67 8.51 8.27
N LYS E 163 34.24 7.31 8.14
CA LYS E 163 35.54 7.18 7.49
C LYS E 163 35.46 7.42 5.99
N ASN E 164 34.28 7.27 5.39
CA ASN E 164 34.12 7.40 3.95
C ASN E 164 33.59 8.75 3.51
N ILE E 165 32.77 9.41 4.32
CA ILE E 165 32.16 10.69 3.94
C ILE E 165 32.16 11.63 5.14
N ARG E 166 32.09 12.92 4.82
CA ARG E 166 31.91 13.97 5.81
C ARG E 166 30.83 14.92 5.30
N LEU E 167 29.85 15.19 6.14
CA LEU E 167 28.69 15.98 5.75
C LEU E 167 28.89 17.44 6.12
N ILE E 168 28.46 18.33 5.22
CA ILE E 168 28.45 19.78 5.47
C ILE E 168 27.04 20.25 5.16
N MET E 169 26.26 20.50 6.21
CA MET E 169 24.91 21.00 6.06
C MET E 169 24.90 22.52 6.22
N VAL E 170 24.04 23.19 5.46
CA VAL E 170 23.91 24.64 5.48
C VAL E 170 22.45 24.98 5.69
N CYS E 171 22.16 25.81 6.68
CA CYS E 171 20.79 26.21 6.97
C CYS E 171 20.75 27.66 7.40
N ASP E 172 19.59 28.29 7.21
CA ASP E 172 19.34 29.65 7.67
C ASP E 172 18.78 29.70 9.08
N SER E 173 18.47 28.56 9.68
CA SER E 173 17.95 28.50 11.04
C SER E 173 18.00 27.05 11.52
N MET E 174 18.37 26.86 12.78
CA MET E 174 18.50 25.53 13.35
C MET E 174 17.23 25.04 14.03
N SER E 175 16.20 25.87 14.11
CA SER E 175 14.98 25.46 14.81
C SER E 175 14.37 24.18 14.24
N PRO E 176 14.30 23.97 12.91
CA PRO E 176 13.68 22.75 12.40
C PRO E 176 14.59 21.52 12.36
N ILE E 177 15.83 21.63 12.85
CA ILE E 177 16.76 20.50 12.86
C ILE E 177 16.57 19.72 14.15
N ILE E 178 16.38 18.40 14.04
CA ILE E 178 16.13 17.58 15.22
C ILE E 178 17.38 17.53 16.09
N ALA E 179 17.16 17.32 17.40
CA ALA E 179 18.26 17.35 18.35
C ALA E 179 19.37 16.34 18.03
N PRO E 180 19.08 15.09 17.67
CA PRO E 180 20.18 14.16 17.38
C PRO E 180 21.11 14.64 16.28
N ILE E 181 20.56 15.23 15.21
CA ILE E 181 21.39 15.72 14.12
C ILE E 181 22.28 16.85 14.58
N LYS E 182 21.72 17.80 15.35
CA LYS E 182 22.55 18.87 15.89
C LYS E 182 23.65 18.31 16.80
N SER E 183 23.33 17.28 17.57
CA SER E 183 24.33 16.64 18.41
C SER E 183 25.45 16.03 17.56
N ARG E 184 25.11 15.55 16.36
CA ARG E 184 26.09 14.88 15.51
C ARG E 184 26.95 15.84 14.69
N CYS E 185 26.74 17.15 14.80
CA CYS E 185 27.43 18.11 13.94
C CYS E 185 28.21 19.12 14.78
N LEU E 186 29.25 19.67 14.14
CA LEU E 186 29.95 20.84 14.67
C LEU E 186 29.24 22.09 14.16
N LEU E 187 28.66 22.87 15.07
CA LEU E 187 27.83 24.00 14.72
C LEU E 187 28.70 25.24 14.51
N ILE E 188 28.51 25.91 13.37
CA ILE E 188 29.28 27.09 13.02
C ILE E 188 28.31 28.24 12.78
N ARG E 189 28.42 29.29 13.59
CA ARG E 189 27.62 30.49 13.43
C ARG E 189 28.26 31.40 12.40
N CYS E 190 27.45 31.88 11.45
CA CYS E 190 27.91 32.75 10.36
C CYS E 190 27.19 34.09 10.47
N PRO E 191 27.75 35.06 11.18
CA PRO E 191 27.07 36.35 11.33
C PRO E 191 27.05 37.14 10.03
N ALA E 192 26.06 38.01 9.90
CA ALA E 192 25.96 38.86 8.73
C ALA E 192 27.06 39.92 8.76
N PRO E 193 27.50 40.39 7.60
CA PRO E 193 28.52 41.46 7.57
C PRO E 193 27.95 42.76 8.11
N SER E 194 28.84 43.58 8.66
CA SER E 194 28.46 44.90 9.12
C SER E 194 28.21 45.83 7.93
N ASP E 195 27.63 46.99 8.22
CA ASP E 195 27.34 47.95 7.17
C ASP E 195 28.61 48.44 6.49
N SER E 196 29.66 48.67 7.28
CA SER E 196 30.92 49.16 6.70
C SER E 196 31.54 48.13 5.76
N GLU E 197 31.50 46.86 6.13
CA GLU E 197 32.05 45.81 5.26
C GLU E 197 31.27 45.72 3.95
N ILE E 198 29.94 45.82 4.03
CA ILE E 198 29.12 45.83 2.82
C ILE E 198 29.48 47.02 1.95
N SER E 199 29.66 48.19 2.58
CA SER E 199 30.01 49.38 1.82
C SER E 199 31.36 49.20 1.13
N THR E 200 32.33 48.60 1.82
CA THR E 200 33.63 48.35 1.21
C THR E 200 33.51 47.41 0.01
N ILE E 201 32.73 46.33 0.15
CA ILE E 201 32.56 45.39 -0.95
C ILE E 201 31.90 46.08 -2.14
N LEU E 202 30.86 46.87 -1.88
CA LEU E 202 30.17 47.56 -2.96
C LEU E 202 31.09 48.59 -3.62
N SER E 203 31.93 49.26 -2.85
CA SER E 203 32.86 50.22 -3.43
C SER E 203 33.87 49.51 -4.32
N ASP E 204 34.35 48.34 -3.90
CA ASP E 204 35.24 47.56 -4.77
C ASP E 204 34.53 47.17 -6.07
N VAL E 205 33.27 46.73 -5.96
CA VAL E 205 32.53 46.39 -7.18
C VAL E 205 32.41 47.62 -8.08
N VAL E 206 32.12 48.78 -7.49
CA VAL E 206 31.95 50.00 -8.28
C VAL E 206 33.24 50.36 -8.98
N THR E 207 34.38 50.30 -8.27
CA THR E 207 35.64 50.67 -8.88
C THR E 207 36.03 49.70 -9.99
N ASN E 208 35.74 48.41 -9.80
CA ASN E 208 36.04 47.43 -10.84
C ASN E 208 35.07 47.51 -12.01
N GLU E 209 33.89 48.09 -11.83
CA GLU E 209 32.90 48.21 -12.89
C GLU E 209 32.83 49.59 -13.51
N ARG E 210 33.57 50.57 -12.99
CA ARG E 210 33.57 51.92 -13.54
C ARG E 210 32.18 52.53 -13.53
N ILE E 211 31.64 52.69 -12.32
CA ILE E 211 30.31 53.25 -12.10
C ILE E 211 30.48 54.60 -11.43
N GLN E 212 29.75 55.60 -11.92
CA GLN E 212 29.84 56.94 -11.35
C GLN E 212 28.96 57.04 -10.11
N LEU E 213 29.54 57.54 -9.02
CA LEU E 213 28.82 57.73 -7.76
C LEU E 213 28.99 59.16 -7.30
N GLU E 214 27.86 59.82 -7.01
CA GLU E 214 27.92 61.19 -6.51
C GLU E 214 28.61 61.26 -5.15
N THR E 215 28.54 60.18 -4.37
CA THR E 215 29.15 60.14 -3.05
C THR E 215 29.26 58.69 -2.61
N LYS E 216 29.77 58.48 -1.40
CA LYS E 216 29.80 57.17 -0.77
C LYS E 216 28.58 56.92 0.10
N ASP E 217 27.67 57.90 0.22
CA ASP E 217 26.50 57.71 1.04
C ASP E 217 25.47 56.80 0.39
N ILE E 218 25.47 56.71 -0.95
CA ILE E 218 24.53 55.82 -1.63
C ILE E 218 24.83 54.37 -1.27
N LEU E 219 26.12 54.01 -1.21
CA LEU E 219 26.48 52.65 -0.82
C LEU E 219 26.03 52.35 0.61
N LYS E 220 26.19 53.32 1.51
CA LYS E 220 25.71 53.14 2.87
C LYS E 220 24.20 52.97 2.90
N ARG E 221 23.48 53.76 2.11
CA ARG E 221 22.02 53.62 2.05
C ARG E 221 21.63 52.23 1.56
N ILE E 222 22.32 51.73 0.54
CA ILE E 222 22.05 50.38 0.05
C ILE E 222 22.32 49.36 1.14
N ALA E 223 23.42 49.52 1.86
CA ALA E 223 23.77 48.57 2.92
C ALA E 223 22.68 48.54 4.00
N GLN E 224 22.21 49.72 4.42
CA GLN E 224 21.14 49.77 5.41
C GLN E 224 19.86 49.15 4.88
N ALA E 225 19.52 49.43 3.62
CA ALA E 225 18.31 48.85 3.05
C ALA E 225 18.41 47.34 2.90
N SER E 226 19.62 46.78 2.79
CA SER E 226 19.78 45.35 2.63
C SER E 226 19.55 44.57 3.92
N ASN E 227 19.65 45.23 5.08
CA ASN E 227 19.45 44.58 6.36
C ASN E 227 20.42 43.41 6.57
N GLY E 228 21.66 43.61 6.13
CA GLY E 228 22.70 42.61 6.30
C GLY E 228 22.76 41.53 5.26
N ASN E 229 21.90 41.58 4.24
CA ASN E 229 21.89 40.58 3.18
C ASN E 229 22.82 41.07 2.07
N LEU E 230 24.02 40.47 2.00
CA LEU E 230 25.03 40.92 1.05
C LEU E 230 24.61 40.66 -0.39
N ARG E 231 24.02 39.48 -0.66
CA ARG E 231 23.57 39.17 -2.00
C ARG E 231 22.54 40.18 -2.48
N VAL E 232 21.58 40.49 -1.60
CA VAL E 232 20.56 41.49 -1.94
C VAL E 232 21.21 42.84 -2.20
N SER E 233 22.21 43.21 -1.39
CA SER E 233 22.87 44.49 -1.58
C SER E 233 23.55 44.58 -2.93
N LEU E 234 24.26 43.52 -3.32
CA LEU E 234 24.94 43.54 -4.61
C LEU E 234 23.94 43.58 -5.76
N LEU E 235 22.88 42.78 -5.69
CA LEU E 235 21.87 42.79 -6.74
C LEU E 235 21.19 44.14 -6.84
N MET E 236 20.91 44.77 -5.69
CA MET E 236 20.29 46.10 -5.69
C MET E 236 21.22 47.14 -6.28
N LEU E 237 22.52 47.06 -5.97
CA LEU E 237 23.48 47.98 -6.58
C LEU E 237 23.47 47.83 -8.09
N GLU E 238 23.48 46.60 -8.58
CA GLU E 238 23.45 46.39 -10.03
C GLU E 238 22.16 46.93 -10.64
N SER E 239 21.02 46.68 -9.97
CA SER E 239 19.74 47.16 -10.48
C SER E 239 19.72 48.69 -10.55
N MET E 240 20.19 49.36 -9.50
CA MET E 240 20.21 50.82 -9.51
C MET E 240 21.14 51.34 -10.59
N ALA E 241 22.30 50.71 -10.76
CA ALA E 241 23.23 51.16 -11.80
C ALA E 241 22.60 51.01 -13.17
N LEU E 242 21.91 49.90 -13.43
CA LEU E 242 21.23 49.72 -14.70
C LEU E 242 20.14 50.77 -14.89
N ASN E 243 19.39 51.07 -13.84
CA ASN E 243 18.28 52.03 -13.94
C ASN E 243 18.76 53.47 -14.07
N ASN E 244 19.99 53.79 -13.68
CA ASN E 244 20.50 55.14 -13.73
C ASN E 244 21.65 55.28 -14.73
N GLU E 245 21.65 54.45 -15.76
CA GLU E 245 22.65 54.55 -16.84
C GLU E 245 24.07 54.53 -16.29
N LEU E 246 24.33 53.59 -15.39
CA LEU E 246 25.66 53.41 -14.81
C LEU E 246 26.15 54.68 -14.13
N ALA E 247 25.23 55.41 -13.52
CA ALA E 247 25.57 56.65 -12.81
C ALA E 247 24.55 56.86 -11.70
N LEU E 248 24.97 56.65 -10.47
CA LEU E 248 24.09 56.78 -9.31
C LEU E 248 24.26 58.15 -8.67
N LYS E 249 23.14 58.81 -8.42
CA LYS E 249 23.11 60.11 -7.76
C LYS E 249 22.63 59.94 -6.33
N SER E 250 22.85 60.98 -5.52
CA SER E 250 22.40 60.96 -4.14
C SER E 250 20.90 60.80 -4.03
N SER E 251 20.16 61.15 -5.08
CA SER E 251 18.70 61.04 -5.10
C SER E 251 18.21 59.74 -5.71
N SER E 252 19.10 58.83 -6.09
CA SER E 252 18.67 57.59 -6.70
C SER E 252 17.82 56.79 -5.69
N PRO E 253 16.60 56.40 -6.03
CA PRO E 253 15.76 55.70 -5.06
C PRO E 253 16.17 54.25 -4.89
N ILE E 254 16.01 53.75 -3.66
CA ILE E 254 16.25 52.34 -3.39
C ILE E 254 15.17 51.51 -4.05
N ILE E 255 15.56 50.48 -4.77
CA ILE E 255 14.64 49.61 -5.50
C ILE E 255 14.18 48.50 -4.59
N LYS E 256 12.89 48.14 -4.71
CA LYS E 256 12.30 47.07 -3.93
C LYS E 256 11.75 45.98 -4.86
N PRO E 257 11.73 44.72 -4.42
CA PRO E 257 11.18 43.67 -5.27
C PRO E 257 9.67 43.76 -5.40
N ASP E 258 9.14 43.04 -6.39
CA ASP E 258 7.71 43.06 -6.65
C ASP E 258 6.92 42.54 -5.44
N TRP E 259 7.35 41.43 -4.87
CA TRP E 259 6.60 40.82 -3.77
C TRP E 259 6.59 41.72 -2.54
N ILE E 260 7.70 42.43 -2.30
CA ILE E 260 7.74 43.36 -1.17
C ILE E 260 6.71 44.48 -1.37
N ILE E 261 6.63 45.02 -2.59
CA ILE E 261 5.67 46.09 -2.87
C ILE E 261 4.25 45.57 -2.69
N VAL E 262 3.98 44.37 -3.17
CA VAL E 262 2.64 43.79 -3.02
C VAL E 262 2.29 43.62 -1.55
N ILE E 263 3.24 43.13 -0.76
CA ILE E 263 2.97 42.90 0.66
C ILE E 263 2.75 44.21 1.39
N HIS E 264 3.51 45.25 1.03
CA HIS E 264 3.29 46.56 1.65
C HIS E 264 1.91 47.11 1.29
N LYS E 265 1.50 46.94 0.03
CA LYS E 265 0.15 47.34 -0.36
C LYS E 265 -0.91 46.58 0.44
N LEU E 266 -0.68 45.28 0.63
CA LEU E 266 -1.61 44.48 1.43
C LEU E 266 -1.67 44.99 2.87
N THR E 267 -0.52 45.34 3.43
CA THR E 267 -0.50 45.88 4.79
C THR E 267 -1.30 47.17 4.88
N ARG E 268 -1.12 48.08 3.91
CA ARG E 268 -1.89 49.32 3.91
C ARG E 268 -3.38 49.03 3.80
N LYS E 269 -3.76 48.10 2.92
CA LYS E 269 -5.17 47.76 2.78
C LYS E 269 -5.73 47.20 4.08
N ILE E 270 -4.99 46.33 4.75
CA ILE E 270 -5.45 45.77 6.02
C ILE E 270 -5.63 46.87 7.04
N VAL E 271 -4.68 47.80 7.13
CA VAL E 271 -4.76 48.85 8.13
C VAL E 271 -5.97 49.75 7.86
N LYS E 272 -6.19 50.12 6.59
CA LYS E 272 -7.23 51.09 6.29
C LYS E 272 -8.63 50.48 6.35
N GLU E 273 -8.81 49.29 5.78
CA GLU E 273 -10.09 48.60 5.76
C GLU E 273 -10.05 47.36 6.65
N ARG E 274 -11.06 47.21 7.50
CA ARG E 274 -11.23 46.02 8.35
C ARG E 274 -12.65 45.51 8.15
N SER E 275 -12.84 44.67 7.16
CA SER E 275 -14.16 44.14 6.82
C SER E 275 -14.01 42.79 6.14
N VAL E 276 -15.13 42.06 6.06
CA VAL E 276 -15.10 40.74 5.46
C VAL E 276 -14.77 40.83 3.97
N ASN E 277 -15.30 41.84 3.28
CA ASN E 277 -14.97 42.01 1.87
C ASN E 277 -13.48 42.31 1.70
N SER E 278 -12.92 43.14 2.58
CA SER E 278 -11.49 43.37 2.57
C SER E 278 -10.74 42.06 2.78
N LEU E 279 -11.27 41.17 3.63
CA LEU E 279 -10.65 39.87 3.83
C LEU E 279 -10.70 39.02 2.55
N ILE E 280 -11.79 39.12 1.79
CA ILE E 280 -11.89 38.38 0.53
C ILE E 280 -10.83 38.87 -0.46
N GLU E 281 -10.70 40.19 -0.60
CA GLU E 281 -9.67 40.72 -1.49
C GLU E 281 -8.27 40.36 -1.00
N CYS E 282 -8.08 40.33 0.32
CA CYS E 282 -6.80 39.88 0.88
C CYS E 282 -6.53 38.43 0.52
N ARG E 283 -7.56 37.58 0.54
CA ARG E 283 -7.39 36.20 0.10
C ARG E 283 -6.95 36.15 -1.35
N ALA E 284 -7.54 36.99 -2.20
CA ALA E 284 -7.11 37.04 -3.60
C ALA E 284 -5.64 37.42 -3.71
N VAL E 285 -5.21 38.41 -2.93
CA VAL E 285 -3.82 38.84 -2.96
C VAL E 285 -2.90 37.70 -2.49
N LEU E 286 -3.29 37.01 -1.43
CA LEU E 286 -2.49 35.90 -0.92
C LEU E 286 -2.37 34.79 -1.96
N TYR E 287 -3.46 34.49 -2.65
CA TYR E 287 -3.39 33.47 -3.70
C TYR E 287 -2.44 33.92 -4.80
N ASP E 288 -2.49 35.19 -5.18
CA ASP E 288 -1.57 35.68 -6.21
C ASP E 288 -0.12 35.53 -5.76
N LEU E 289 0.16 35.84 -4.50
CA LEU E 289 1.53 35.73 -4.00
C LEU E 289 1.99 34.28 -3.99
N LEU E 290 1.16 33.38 -3.43
CA LEU E 290 1.57 31.98 -3.33
C LEU E 290 1.75 31.35 -4.70
N ALA E 291 0.87 31.67 -5.65
CA ALA E 291 0.94 31.05 -6.96
C ALA E 291 2.28 31.29 -7.64
N HIS E 292 2.93 32.42 -7.37
CA HIS E 292 4.15 32.81 -8.05
C HIS E 292 5.40 32.51 -7.24
N CYS E 293 5.37 31.47 -6.40
CA CYS E 293 6.55 30.94 -5.72
C CYS E 293 7.08 31.90 -4.66
N ILE E 294 6.18 32.50 -3.89
CA ILE E 294 6.54 33.25 -2.69
C ILE E 294 6.21 32.37 -1.49
N PRO E 295 7.20 31.88 -0.73
CA PRO E 295 6.89 30.95 0.37
C PRO E 295 5.99 31.58 1.42
N ALA E 296 5.14 30.74 2.01
CA ALA E 296 4.17 31.23 2.99
C ALA E 296 4.85 31.84 4.21
N ASN E 297 5.93 31.21 4.69
CA ASN E 297 6.63 31.74 5.85
C ASN E 297 7.20 33.12 5.56
N ILE E 298 7.75 33.31 4.36
CA ILE E 298 8.26 34.62 3.97
C ILE E 298 7.13 35.65 3.97
N ILE E 299 5.98 35.28 3.42
CA ILE E 299 4.84 36.20 3.38
C ILE E 299 4.44 36.59 4.81
N LEU E 300 4.34 35.60 5.70
CA LEU E 300 3.92 35.88 7.06
C LEU E 300 4.90 36.82 7.76
N LYS E 301 6.20 36.54 7.63
CA LYS E 301 7.20 37.39 8.28
C LYS E 301 7.15 38.81 7.73
N GLU E 302 7.09 38.93 6.41
CA GLU E 302 7.09 40.26 5.79
C GLU E 302 5.85 41.04 6.19
N LEU E 303 4.69 40.40 6.17
CA LEU E 303 3.46 41.09 6.55
C LEU E 303 3.49 41.50 8.02
N THR E 304 3.97 40.62 8.90
CA THR E 304 4.03 40.96 10.31
C THR E 304 4.93 42.16 10.55
N PHE E 305 6.12 42.16 9.96
CA PHE E 305 7.05 43.26 10.23
C PHE E 305 6.64 44.53 9.51
N SER E 306 5.93 44.42 8.39
CA SER E 306 5.35 45.60 7.75
C SER E 306 4.27 46.22 8.63
N LEU E 307 3.40 45.38 9.20
CA LEU E 307 2.36 45.89 10.09
C LEU E 307 2.97 46.54 11.32
N LEU E 308 4.01 45.93 11.90
CA LEU E 308 4.63 46.49 13.09
C LEU E 308 5.30 47.83 12.84
N ASP E 309 5.55 48.17 11.58
CA ASP E 309 6.19 49.44 11.22
C ASP E 309 5.19 50.54 10.90
N VAL E 310 3.89 50.27 11.05
CA VAL E 310 2.87 51.27 10.77
C VAL E 310 2.82 52.26 11.93
N GLU E 311 2.91 53.55 11.61
CA GLU E 311 3.03 54.58 12.64
C GLU E 311 1.71 54.88 13.35
N THR E 312 0.57 54.55 12.75
CA THR E 312 -0.72 54.86 13.35
C THR E 312 -1.15 53.84 14.38
N LEU E 313 -0.48 52.70 14.49
CA LEU E 313 -0.86 51.67 15.45
C LEU E 313 -0.28 51.98 16.83
N ASN E 314 -0.98 51.53 17.86
CA ASN E 314 -0.55 51.72 19.23
C ASN E 314 0.12 50.45 19.75
N THR E 315 0.57 50.49 21.01
CA THR E 315 1.32 49.38 21.57
C THR E 315 0.45 48.13 21.69
N THR E 316 -0.79 48.28 22.11
CA THR E 316 -1.67 47.12 22.27
C THR E 316 -1.86 46.41 20.93
N ASN E 317 -2.09 47.18 19.86
CA ASN E 317 -2.28 46.58 18.53
C ASN E 317 -1.03 45.81 18.12
N LYS E 318 0.15 46.39 18.31
CA LYS E 318 1.38 45.71 17.90
C LYS E 318 1.63 44.45 18.72
N SER E 319 1.35 44.50 20.03
CA SER E 319 1.51 43.31 20.85
C SER E 319 0.58 42.19 20.40
N SER E 320 -0.68 42.54 20.13
CA SER E 320 -1.62 41.53 19.62
C SER E 320 -1.15 40.98 18.29
N ILE E 321 -0.63 41.85 17.41
CA ILE E 321 -0.19 41.40 16.09
C ILE E 321 0.97 40.42 16.22
N ILE E 322 1.94 40.72 17.08
CA ILE E 322 3.09 39.83 17.21
C ILE E 322 2.67 38.51 17.85
N GLU E 323 1.74 38.54 18.81
CA GLU E 323 1.24 37.29 19.38
C GLU E 323 0.56 36.43 18.32
N TYR E 324 -0.33 37.04 17.52
CA TYR E 324 -1.00 36.29 16.48
C TYR E 324 -0.02 35.75 15.46
N SER E 325 1.02 36.54 15.13
CA SER E 325 2.04 36.07 14.21
C SER E 325 2.75 34.84 14.75
N SER E 326 3.09 34.85 16.04
CA SER E 326 3.71 33.69 16.66
C SER E 326 2.81 32.46 16.52
N VAL E 327 1.54 32.62 16.91
CA VAL E 327 0.62 31.48 16.90
C VAL E 327 0.50 30.92 15.50
N PHE E 328 0.29 31.79 14.51
CA PHE E 328 0.04 31.31 13.15
C PHE E 328 1.31 30.86 12.44
N ASP E 329 2.48 31.33 12.86
CA ASP E 329 3.73 30.74 12.37
C ASP E 329 3.84 29.29 12.86
N GLU E 330 3.51 29.05 14.13
CA GLU E 330 3.46 27.68 14.60
C GLU E 330 2.44 26.86 13.79
N ARG E 331 1.27 27.45 13.52
CA ARG E 331 0.28 26.77 12.69
C ARG E 331 0.85 26.39 11.33
N LEU E 332 1.57 27.32 10.70
CA LEU E 332 2.18 27.04 9.41
C LEU E 332 3.16 25.88 9.50
N SER E 333 3.94 25.83 10.58
CA SER E 333 4.91 24.74 10.72
C SER E 333 4.22 23.38 10.72
N LEU E 334 3.04 23.27 11.33
CA LEU E 334 2.37 22.00 11.52
C LEU E 334 1.22 21.77 10.55
N GLY E 335 1.06 22.63 9.54
CA GLY E 335 -0.07 22.56 8.64
C GLY E 335 0.32 22.18 7.22
N ASN E 336 -0.70 21.91 6.41
CA ASN E 336 -0.53 21.58 4.99
C ASN E 336 -0.86 22.77 4.09
N LYS E 337 -2.07 23.29 4.18
CA LYS E 337 -2.52 24.39 3.32
C LYS E 337 -2.21 25.72 4.01
N ALA E 338 -1.25 26.46 3.45
CA ALA E 338 -0.78 27.68 4.10
C ALA E 338 -1.82 28.80 4.02
N ILE E 339 -2.62 28.84 2.97
CA ILE E 339 -3.57 29.94 2.80
C ILE E 339 -4.56 29.96 3.95
N PHE E 340 -4.96 28.79 4.46
CA PHE E 340 -5.85 28.74 5.61
C PHE E 340 -5.27 29.55 6.77
N HIS E 341 -4.02 29.29 7.10
CA HIS E 341 -3.39 29.93 8.26
C HIS E 341 -3.14 31.42 8.00
N LEU E 342 -2.74 31.77 6.78
CA LEU E 342 -2.54 33.19 6.47
C LEU E 342 -3.85 33.95 6.59
N GLU E 343 -4.95 33.39 6.07
CA GLU E 343 -6.25 34.04 6.19
C GLU E 343 -6.66 34.17 7.65
N GLY E 344 -6.43 33.11 8.45
CA GLY E 344 -6.72 33.21 9.87
C GLY E 344 -5.96 34.34 10.54
N PHE E 345 -4.67 34.46 10.24
CA PHE E 345 -3.87 35.53 10.82
C PHE E 345 -4.40 36.89 10.42
N ILE E 346 -4.73 37.06 9.14
CA ILE E 346 -5.22 38.37 8.68
C ILE E 346 -6.55 38.70 9.35
N ALA E 347 -7.44 37.71 9.48
CA ALA E 347 -8.73 37.95 10.12
C ALA E 347 -8.53 38.35 11.58
N LYS E 348 -7.64 37.66 12.30
CA LYS E 348 -7.39 38.03 13.69
C LYS E 348 -6.81 39.43 13.80
N VAL E 349 -5.89 39.80 12.90
CA VAL E 349 -5.33 41.15 12.93
C VAL E 349 -6.41 42.18 12.67
N MET E 350 -7.27 41.92 11.69
CA MET E 350 -8.36 42.86 11.40
C MET E 350 -9.25 43.03 12.62
N CYS E 351 -9.58 41.92 13.30
CA CYS E 351 -10.41 42.01 14.49
C CYS E 351 -9.72 42.84 15.58
N CYS E 352 -8.42 42.61 15.80
CA CYS E 352 -7.73 43.32 16.87
C CYS E 352 -7.64 44.81 16.58
N LEU E 353 -7.39 45.18 15.32
CA LEU E 353 -7.28 46.60 14.98
C LEU E 353 -8.63 47.30 15.11
N ASP E 354 -9.70 46.65 14.65
CA ASP E 354 -11.02 47.26 14.66
C ASP E 354 -11.65 47.16 16.04
N ALA F 18 31.89 -32.21 8.38
CA ALA F 18 31.21 -33.09 7.39
C ALA F 18 31.34 -34.56 7.78
N SER F 19 31.16 -34.84 9.07
CA SER F 19 31.33 -36.19 9.61
C SER F 19 30.09 -36.71 10.29
N MET F 20 29.41 -35.90 11.10
CA MET F 20 28.34 -36.41 11.96
C MET F 20 27.25 -37.10 11.13
N LEU F 21 26.73 -36.42 10.11
CA LEU F 21 25.70 -36.97 9.25
C LEU F 21 26.15 -36.86 7.81
N GLU F 22 26.20 -38.00 7.12
CA GLU F 22 26.53 -38.06 5.71
C GLU F 22 25.65 -39.11 5.04
N ALA F 23 24.78 -38.68 4.13
CA ALA F 23 23.87 -39.58 3.43
C ALA F 23 23.98 -39.35 1.94
N LYS F 24 24.22 -40.42 1.17
CA LYS F 24 24.47 -40.32 -0.26
C LYS F 24 23.29 -40.89 -1.04
N PHE F 25 22.78 -40.11 -1.98
CA PHE F 25 21.77 -40.54 -2.94
C PHE F 25 22.47 -40.82 -4.27
N GLU F 26 22.27 -42.04 -4.79
CA GLU F 26 22.85 -42.40 -6.07
C GLU F 26 22.35 -41.48 -7.18
N GLU F 27 21.11 -41.01 -7.07
CA GLU F 27 20.52 -40.08 -8.03
C GLU F 27 19.79 -39.00 -7.27
N ALA F 28 20.18 -37.75 -7.50
CA ALA F 28 19.53 -36.62 -6.83
C ALA F 28 18.07 -36.50 -7.25
N SER F 29 17.76 -37.01 -8.45
CA SER F 29 16.39 -36.92 -8.96
C SER F 29 15.41 -37.55 -7.98
N LEU F 30 15.80 -38.64 -7.34
CA LEU F 30 14.93 -39.31 -6.38
C LEU F 30 14.54 -38.39 -5.23
N PHE F 31 15.53 -37.74 -4.62
CA PHE F 31 15.25 -36.83 -3.52
C PHE F 31 14.42 -35.64 -4.00
N LYS F 32 14.70 -35.16 -5.21
CA LYS F 32 13.91 -34.06 -5.76
C LYS F 32 12.45 -34.47 -5.91
N ARG F 33 12.20 -35.68 -6.41
CA ARG F 33 10.82 -36.16 -6.53
C ARG F 33 10.17 -36.28 -5.16
N ILE F 34 10.90 -36.80 -4.18
CA ILE F 34 10.34 -36.95 -2.84
C ILE F 34 9.92 -35.60 -2.28
N ILE F 35 10.79 -34.60 -2.43
CA ILE F 35 10.45 -33.25 -1.94
C ILE F 35 9.26 -32.70 -2.71
N ASP F 36 9.25 -32.86 -4.03
CA ASP F 36 8.15 -32.37 -4.85
C ASP F 36 6.83 -33.04 -4.51
N GLY F 37 6.86 -34.24 -3.93
CA GLY F 37 5.63 -34.94 -3.61
C GLY F 37 4.76 -34.21 -2.61
N PHE F 38 5.38 -33.42 -1.71
CA PHE F 38 4.61 -32.77 -0.66
C PHE F 38 5.05 -31.33 -0.40
N LYS F 39 5.80 -30.71 -1.32
CA LYS F 39 6.20 -29.33 -1.10
C LYS F 39 5.03 -28.35 -1.22
N ASP F 40 3.97 -28.75 -1.92
CA ASP F 40 2.78 -27.91 -2.05
C ASP F 40 1.80 -28.08 -0.89
N CYS F 41 2.00 -29.09 -0.04
CA CYS F 41 1.16 -29.30 1.13
C CYS F 41 1.66 -28.53 2.34
N VAL F 42 2.90 -28.78 2.76
CA VAL F 42 3.49 -28.15 3.92
C VAL F 42 4.65 -27.27 3.46
N GLN F 43 4.99 -26.28 4.29
CA GLN F 43 6.06 -25.34 4.01
C GLN F 43 7.28 -25.54 4.89
N LEU F 44 7.09 -25.94 6.14
CA LEU F 44 8.16 -26.01 7.13
C LEU F 44 8.20 -27.42 7.71
N VAL F 45 9.34 -28.08 7.59
CA VAL F 45 9.45 -29.51 7.89
C VAL F 45 10.66 -29.79 8.76
N ASN F 46 10.47 -30.64 9.76
CA ASN F 46 11.55 -31.12 10.62
C ASN F 46 11.93 -32.53 10.18
N PHE F 47 13.10 -32.66 9.57
CA PHE F 47 13.64 -33.97 9.20
C PHE F 47 14.46 -34.50 10.37
N GLN F 48 14.02 -35.62 10.93
CA GLN F 48 14.76 -36.31 11.99
C GLN F 48 15.57 -37.42 11.36
N CYS F 49 16.89 -37.32 11.48
CA CYS F 49 17.81 -38.33 10.96
C CYS F 49 18.35 -39.14 12.13
N LYS F 50 18.16 -40.45 12.06
CA LYS F 50 18.63 -41.38 13.08
C LYS F 50 19.45 -42.46 12.38
N GLU F 51 20.08 -43.32 13.18
CA GLU F 51 20.91 -44.37 12.62
C GLU F 51 20.13 -45.26 11.66
N ASP F 52 18.81 -45.35 11.80
CA ASP F 52 17.98 -46.20 10.96
C ASP F 52 17.48 -45.51 9.71
N GLY F 53 17.72 -44.21 9.54
CA GLY F 53 17.25 -43.51 8.35
C GLY F 53 16.79 -42.10 8.60
N ILE F 54 15.79 -41.65 7.84
CA ILE F 54 15.27 -40.30 7.95
C ILE F 54 13.75 -40.37 8.00
N ILE F 55 13.14 -39.53 8.84
CA ILE F 55 11.69 -39.44 8.93
C ILE F 55 11.29 -37.98 9.10
N ALA F 56 10.21 -37.59 8.44
CA ALA F 56 9.68 -36.23 8.54
C ALA F 56 8.18 -36.30 8.77
N GLN F 57 7.66 -35.31 9.51
CA GLN F 57 6.23 -35.21 9.77
C GLN F 57 5.87 -33.75 9.93
N ALA F 58 4.93 -33.27 9.11
CA ALA F 58 4.55 -31.87 9.13
C ALA F 58 3.05 -31.73 8.92
N VAL F 59 2.45 -30.79 9.64
CA VAL F 59 1.03 -30.47 9.52
C VAL F 59 0.91 -29.14 8.77
N ASP F 60 0.04 -29.10 7.78
CA ASP F 60 -0.12 -27.89 6.99
C ASP F 60 -0.66 -26.75 7.86
N ASP F 61 -0.66 -25.54 7.29
CA ASP F 61 -1.09 -24.37 8.04
C ASP F 61 -2.55 -24.49 8.46
N SER F 62 -3.41 -24.98 7.56
CA SER F 62 -4.82 -25.12 7.87
C SER F 62 -5.11 -26.23 8.88
N ARG F 63 -4.11 -27.05 9.22
CA ARG F 63 -4.25 -28.14 10.18
C ARG F 63 -5.19 -29.23 9.70
N VAL F 64 -5.38 -29.36 8.39
CA VAL F 64 -6.31 -30.33 7.83
C VAL F 64 -5.56 -31.54 7.29
N LEU F 65 -4.31 -31.35 6.89
CA LEU F 65 -3.53 -32.38 6.23
C LEU F 65 -2.21 -32.59 6.97
N LEU F 66 -1.85 -33.84 7.20
CA LEU F 66 -0.58 -34.21 7.81
C LEU F 66 0.22 -35.06 6.84
N VAL F 67 1.48 -34.69 6.61
CA VAL F 67 2.37 -35.41 5.72
C VAL F 67 3.42 -36.11 6.56
N SER F 68 3.63 -37.41 6.28
CA SER F 68 4.59 -38.22 7.00
C SER F 68 5.44 -39.00 5.99
N LEU F 69 6.75 -38.72 5.99
CA LEU F 69 7.69 -39.34 5.07
C LEU F 69 8.66 -40.21 5.86
N GLU F 70 8.96 -41.39 5.33
CA GLU F 70 9.99 -42.25 5.90
C GLU F 70 10.89 -42.75 4.77
N ILE F 71 12.20 -42.67 5.00
CA ILE F 71 13.20 -43.18 4.07
C ILE F 71 14.20 -44.02 4.85
N GLY F 72 14.33 -45.29 4.48
CA GLY F 72 15.25 -46.19 5.15
C GLY F 72 16.66 -46.10 4.59
N VAL F 73 17.56 -46.82 5.27
CA VAL F 73 18.96 -46.80 4.86
C VAL F 73 19.14 -47.40 3.47
N GLU F 74 18.30 -48.38 3.11
CA GLU F 74 18.46 -49.05 1.82
C GLU F 74 18.27 -48.10 0.65
N ALA F 75 17.61 -46.95 0.86
CA ALA F 75 17.45 -45.98 -0.21
C ALA F 75 18.75 -45.27 -0.53
N PHE F 76 19.77 -45.38 0.32
CA PHE F 76 21.02 -44.68 0.16
C PHE F 76 22.12 -45.65 -0.25
N GLN F 77 23.03 -45.18 -1.10
CA GLN F 77 24.26 -45.91 -1.37
C GLN F 77 25.13 -45.98 -0.11
N GLU F 78 25.26 -44.86 0.58
CA GLU F 78 25.98 -44.79 1.86
C GLU F 78 25.17 -43.96 2.82
N TYR F 79 25.21 -44.33 4.10
CA TYR F 79 24.48 -43.59 5.12
C TYR F 79 25.21 -43.75 6.45
N ARG F 80 25.48 -42.63 7.11
CA ARG F 80 26.11 -42.66 8.43
C ARG F 80 25.60 -41.47 9.23
N CYS F 81 24.89 -41.75 10.31
CA CYS F 81 24.38 -40.73 11.23
C CYS F 81 24.84 -41.12 12.62
N ASP F 82 25.85 -40.41 13.14
CA ASP F 82 26.45 -40.80 14.41
C ASP F 82 25.44 -40.71 15.56
N HIS F 83 24.67 -39.64 15.61
CA HIS F 83 23.69 -39.43 16.65
C HIS F 83 22.44 -38.80 16.06
N PRO F 84 21.27 -39.00 16.68
CA PRO F 84 20.04 -38.41 16.13
C PRO F 84 20.17 -36.90 16.00
N VAL F 85 19.62 -36.37 14.91
CA VAL F 85 19.68 -34.93 14.68
C VAL F 85 18.39 -34.49 13.98
N THR F 86 17.87 -33.34 14.40
CA THR F 86 16.70 -32.73 13.78
C THR F 86 17.14 -31.54 12.97
N LEU F 87 16.67 -31.46 11.72
CA LEU F 87 16.99 -30.37 10.81
C LEU F 87 15.69 -29.74 10.37
N GLY F 88 15.48 -28.47 10.74
CA GLY F 88 14.30 -27.73 10.33
C GLY F 88 14.58 -26.97 9.06
N MET F 89 13.72 -27.17 8.05
CA MET F 89 13.94 -26.60 6.73
C MET F 89 12.65 -25.98 6.19
N ASP F 90 12.82 -25.01 5.31
CA ASP F 90 11.73 -24.44 4.52
C ASP F 90 11.73 -25.16 3.17
N LEU F 91 10.61 -25.82 2.84
CA LEU F 91 10.59 -26.71 1.69
C LEU F 91 10.78 -25.97 0.38
N THR F 92 10.33 -24.73 0.29
CA THR F 92 10.53 -23.96 -0.94
C THR F 92 12.02 -23.78 -1.22
N SER F 93 12.78 -23.40 -0.20
CA SER F 93 14.22 -23.23 -0.36
C SER F 93 14.91 -24.54 -0.73
N LEU F 94 14.50 -25.64 -0.07
CA LEU F 94 15.09 -26.93 -0.37
C LEU F 94 14.81 -27.34 -1.80
N SER F 95 13.58 -27.09 -2.29
CA SER F 95 13.25 -27.40 -3.67
C SER F 95 14.07 -26.55 -4.64
N LYS F 96 14.24 -25.27 -4.32
CA LYS F 96 15.06 -24.40 -5.16
C LYS F 96 16.49 -24.92 -5.26
N ILE F 97 17.06 -25.36 -4.14
CA ILE F 97 18.42 -25.90 -4.17
C ILE F 97 18.45 -27.22 -4.93
N LEU F 98 17.44 -28.06 -4.75
CA LEU F 98 17.44 -29.39 -5.37
C LEU F 98 17.30 -29.31 -6.88
N ARG F 99 16.56 -28.32 -7.39
CA ARG F 99 16.43 -28.22 -8.85
C ARG F 99 17.74 -27.81 -9.53
N CYS F 100 18.76 -27.44 -8.76
CA CYS F 100 20.06 -27.11 -9.34
C CYS F 100 20.77 -28.35 -9.87
N GLY F 101 20.63 -29.48 -9.20
CA GLY F 101 21.38 -30.66 -9.60
C GLY F 101 20.88 -31.27 -10.89
N ASN F 102 21.76 -32.05 -11.51
CA ASN F 102 21.44 -32.76 -12.75
C ASN F 102 20.94 -34.16 -12.43
N ASN F 103 20.59 -34.91 -13.48
CA ASN F 103 20.12 -36.28 -13.33
C ASN F 103 21.23 -37.30 -13.40
N THR F 104 22.48 -36.87 -13.61
CA THR F 104 23.62 -37.77 -13.69
C THR F 104 24.61 -37.52 -12.55
N ASP F 105 24.17 -36.90 -11.47
CA ASP F 105 25.04 -36.53 -10.36
C ASP F 105 24.55 -37.18 -9.07
N THR F 106 25.49 -37.61 -8.24
CA THR F 106 25.15 -38.09 -6.91
C THR F 106 24.96 -36.92 -5.95
N LEU F 107 24.10 -37.12 -4.96
CA LEU F 107 23.70 -36.05 -4.04
C LEU F 107 24.03 -36.44 -2.60
N THR F 108 24.95 -35.73 -1.97
CA THR F 108 25.33 -36.00 -0.60
C THR F 108 24.74 -34.92 0.32
N LEU F 109 24.02 -35.38 1.34
CA LEU F 109 23.53 -34.51 2.40
C LEU F 109 24.48 -34.61 3.59
N ILE F 110 24.99 -33.47 4.04
CA ILE F 110 26.05 -33.41 5.04
C ILE F 110 25.62 -32.47 6.15
N ALA F 111 25.83 -32.90 7.40
CA ALA F 111 25.56 -32.07 8.56
C ALA F 111 26.55 -32.42 9.67
N ASP F 112 26.84 -31.43 10.51
CA ASP F 112 27.75 -31.57 11.63
C ASP F 112 26.98 -31.57 12.95
N ASN F 113 27.71 -31.68 14.05
CA ASN F 113 27.09 -31.64 15.37
C ASN F 113 26.41 -30.30 15.61
N THR F 114 25.22 -30.35 16.21
CA THR F 114 24.43 -29.15 16.51
C THR F 114 24.50 -28.18 15.34
N PRO F 115 24.12 -28.61 14.15
CA PRO F 115 24.35 -27.79 12.96
C PRO F 115 23.45 -26.56 12.91
N ASP F 116 23.93 -25.53 12.22
CA ASP F 116 23.11 -24.39 11.86
C ASP F 116 22.72 -24.41 10.39
N SER F 117 23.25 -25.36 9.61
CA SER F 117 22.97 -25.43 8.18
C SER F 117 23.17 -26.86 7.71
N ILE F 118 22.62 -27.14 6.53
CA ILE F 118 22.74 -28.45 5.88
C ILE F 118 23.39 -28.23 4.53
N ILE F 119 24.37 -29.08 4.20
CA ILE F 119 25.12 -28.96 2.96
C ILE F 119 24.62 -30.01 1.98
N LEU F 120 24.33 -29.57 0.75
CA LEU F 120 23.97 -30.46 -0.35
C LEU F 120 25.09 -30.41 -1.37
N LEU F 121 25.64 -31.58 -1.71
CA LEU F 121 26.79 -31.69 -2.59
C LEU F 121 26.41 -32.53 -3.80
N PHE F 122 26.33 -31.89 -4.97
CA PHE F 122 26.11 -32.60 -6.22
C PHE F 122 27.46 -32.90 -6.86
N GLU F 123 27.66 -34.17 -7.22
CA GLU F 123 28.94 -34.63 -7.74
C GLU F 123 28.73 -35.33 -9.08
N ASP F 124 29.63 -35.05 -10.03
CA ASP F 124 29.66 -35.70 -11.34
C ASP F 124 31.09 -36.15 -11.56
N THR F 125 31.36 -37.42 -11.23
CA THR F 125 32.73 -37.93 -11.32
C THR F 125 33.20 -38.00 -12.78
N LYS F 126 32.31 -38.36 -13.70
CA LYS F 126 32.70 -38.48 -15.09
C LYS F 126 33.21 -37.16 -15.64
N LYS F 127 32.54 -36.05 -15.31
CA LYS F 127 32.96 -34.72 -15.72
C LYS F 127 33.81 -34.03 -14.66
N ASP F 128 34.06 -34.68 -13.53
CA ASP F 128 34.86 -34.08 -12.45
C ASP F 128 34.29 -32.71 -12.06
N ARG F 129 32.99 -32.67 -11.83
CA ARG F 129 32.28 -31.43 -11.50
C ARG F 129 31.67 -31.53 -10.11
N ILE F 130 31.79 -30.45 -9.34
CA ILE F 130 31.29 -30.40 -7.97
C ILE F 130 30.44 -29.15 -7.81
N ALA F 131 29.35 -29.28 -7.07
CA ALA F 131 28.48 -28.14 -6.79
C ALA F 131 27.99 -28.26 -5.36
N GLU F 132 28.41 -27.33 -4.50
CA GLU F 132 28.06 -27.35 -3.09
C GLU F 132 27.12 -26.20 -2.77
N TYR F 133 26.03 -26.51 -2.06
CA TYR F 133 25.07 -25.51 -1.62
C TYR F 133 24.83 -25.68 -0.13
N SER F 134 24.50 -24.58 0.54
CA SER F 134 24.24 -24.58 1.97
C SER F 134 22.84 -24.00 2.21
N LEU F 135 22.12 -24.60 3.16
CA LEU F 135 20.79 -24.13 3.54
C LEU F 135 20.76 -23.93 5.04
N LYS F 136 20.49 -22.70 5.47
CA LYS F 136 20.42 -22.41 6.90
C LYS F 136 19.22 -23.08 7.53
N LEU F 137 19.43 -23.67 8.70
CA LEU F 137 18.36 -24.37 9.40
C LEU F 137 17.57 -23.41 10.28
N MET F 138 16.44 -23.89 10.78
CA MET F 138 15.54 -23.07 11.58
C MET F 138 15.12 -23.82 12.84
N ASP F 139 14.65 -23.04 13.82
CA ASP F 139 14.22 -23.57 15.11
C ASP F 139 12.73 -23.83 15.05
N ILE F 140 12.34 -25.06 14.72
CA ILE F 140 10.94 -25.45 14.61
C ILE F 140 10.57 -26.20 15.88
N ASP F 141 9.64 -25.63 16.65
CA ASP F 141 9.22 -26.22 17.92
C ASP F 141 7.99 -27.10 17.71
N ALA F 142 8.14 -28.07 16.82
CA ALA F 142 7.10 -29.06 16.54
C ALA F 142 7.66 -30.43 16.88
N ASP F 143 6.97 -31.15 17.75
CA ASP F 143 7.40 -32.46 18.19
C ASP F 143 6.72 -33.55 17.37
N PHE F 144 7.51 -34.51 16.89
CA PHE F 144 6.95 -35.60 16.11
C PHE F 144 5.89 -36.32 16.91
N LEU F 145 4.72 -36.52 16.30
CA LEU F 145 3.58 -37.16 16.95
C LEU F 145 3.45 -38.58 16.40
N LYS F 146 3.72 -39.56 17.25
CA LYS F 146 3.61 -40.96 16.86
C LYS F 146 2.19 -41.26 16.40
N ILE F 147 2.01 -41.54 15.12
CA ILE F 147 0.70 -41.83 14.56
C ILE F 147 0.33 -43.28 14.90
N GLU F 148 -0.42 -43.45 15.98
CA GLU F 148 -0.80 -44.79 16.42
C GLU F 148 -1.54 -45.52 15.30
N GLU F 149 -1.17 -46.78 15.10
CA GLU F 149 -1.83 -47.59 14.07
C GLU F 149 -3.30 -47.79 14.43
N LEU F 150 -4.14 -47.78 13.40
CA LEU F 150 -5.58 -47.91 13.56
C LEU F 150 -6.10 -49.01 12.66
N GLN F 151 -7.19 -49.65 13.10
CA GLN F 151 -7.88 -50.66 12.30
C GLN F 151 -8.93 -49.95 11.45
N TYR F 152 -8.67 -49.83 10.16
CA TYR F 152 -9.53 -49.06 9.27
C TYR F 152 -10.70 -49.91 8.77
N ASP F 153 -11.82 -49.24 8.55
CA ASP F 153 -13.02 -49.95 8.07
C ASP F 153 -12.80 -50.51 6.67
N SER F 154 -12.16 -49.74 5.78
CA SER F 154 -11.96 -50.17 4.40
C SER F 154 -10.54 -49.88 3.95
N THR F 155 -9.99 -50.76 3.12
CA THR F 155 -8.65 -50.60 2.56
C THR F 155 -8.68 -50.96 1.09
N LEU F 156 -8.23 -50.04 0.24
CA LEU F 156 -8.24 -50.26 -1.20
C LEU F 156 -6.90 -49.83 -1.77
N SER F 157 -6.61 -50.31 -2.98
CA SER F 157 -5.39 -49.95 -3.68
C SER F 157 -5.67 -49.94 -5.17
N LEU F 158 -5.10 -48.96 -5.87
CA LEU F 158 -5.34 -48.83 -7.31
C LEU F 158 -4.20 -48.05 -7.93
N PRO F 159 -4.06 -48.10 -9.26
CA PRO F 159 -2.98 -47.35 -9.92
C PRO F 159 -3.08 -45.86 -9.63
N SER F 160 -1.91 -45.23 -9.49
CA SER F 160 -1.87 -43.81 -9.15
C SER F 160 -2.47 -42.96 -10.25
N SER F 161 -2.20 -43.31 -11.52
CA SER F 161 -2.68 -42.50 -12.63
C SER F 161 -4.21 -42.47 -12.67
N GLU F 162 -4.85 -43.61 -12.41
CA GLU F 162 -6.31 -43.66 -12.44
C GLU F 162 -6.91 -42.76 -11.35
N PHE F 163 -6.38 -42.86 -10.13
CA PHE F 163 -6.88 -42.01 -9.05
C PHE F 163 -6.65 -40.54 -9.34
N SER F 164 -5.47 -40.21 -9.88
CA SER F 164 -5.19 -38.81 -10.21
C SER F 164 -6.14 -38.30 -11.28
N LYS F 165 -6.42 -39.13 -12.30
CA LYS F 165 -7.37 -38.73 -13.33
C LYS F 165 -8.75 -38.50 -12.74
N ILE F 166 -9.21 -39.39 -11.86
CA ILE F 166 -10.52 -39.23 -11.25
C ILE F 166 -10.58 -37.93 -10.45
N VAL F 167 -9.53 -37.67 -9.66
CA VAL F 167 -9.51 -36.47 -8.82
C VAL F 167 -9.53 -35.22 -9.69
N ARG F 168 -8.69 -35.19 -10.73
CA ARG F 168 -8.62 -34.01 -11.59
C ARG F 168 -9.93 -33.80 -12.34
N ASP F 169 -10.60 -34.88 -12.75
CA ASP F 169 -11.87 -34.75 -13.45
C ASP F 169 -12.96 -34.24 -12.53
N LEU F 170 -13.05 -34.78 -11.31
CA LEU F 170 -14.12 -34.38 -10.40
C LEU F 170 -13.88 -33.02 -9.76
N SER F 171 -12.62 -32.57 -9.67
CA SER F 171 -12.35 -31.26 -9.08
C SER F 171 -12.86 -30.12 -9.94
N GLN F 172 -13.04 -30.34 -11.25
CA GLN F 172 -13.61 -29.31 -12.11
C GLN F 172 -15.05 -28.99 -11.72
N LEU F 173 -15.79 -29.98 -11.25
CA LEU F 173 -17.22 -29.81 -10.99
C LEU F 173 -17.51 -29.20 -9.62
N SER F 174 -16.75 -29.57 -8.60
CA SER F 174 -17.07 -29.14 -7.25
C SER F 174 -15.80 -29.04 -6.42
N ASP F 175 -15.90 -28.33 -5.30
CA ASP F 175 -14.80 -28.19 -4.35
C ASP F 175 -14.77 -29.31 -3.31
N SER F 176 -15.77 -30.19 -3.31
CA SER F 176 -15.83 -31.31 -2.38
C SER F 176 -16.04 -32.60 -3.17
N ILE F 177 -15.36 -33.66 -2.77
CA ILE F 177 -15.46 -34.96 -3.40
C ILE F 177 -15.88 -35.97 -2.34
N ASN F 178 -16.92 -36.75 -2.64
CA ASN F 178 -17.44 -37.76 -1.73
C ASN F 178 -16.96 -39.13 -2.18
N ILE F 179 -16.32 -39.86 -1.27
CA ILE F 179 -15.85 -41.22 -1.51
C ILE F 179 -16.72 -42.15 -0.69
N MET F 180 -17.33 -43.13 -1.34
CA MET F 180 -18.18 -44.11 -0.67
C MET F 180 -17.75 -45.51 -1.06
N ILE F 181 -17.57 -46.36 -0.05
CA ILE F 181 -17.17 -47.75 -0.22
C ILE F 181 -18.33 -48.62 0.25
N THR F 182 -18.80 -49.50 -0.62
CA THR F 182 -19.77 -50.53 -0.22
C THR F 182 -19.34 -51.85 -0.87
N LYS F 183 -20.16 -52.87 -0.67
CA LYS F 183 -19.79 -54.23 -1.07
C LYS F 183 -19.27 -54.24 -2.50
N GLU F 184 -17.98 -54.55 -2.65
CA GLU F 184 -17.31 -54.60 -3.94
C GLU F 184 -17.71 -53.43 -4.84
N THR F 185 -17.54 -52.21 -4.32
CA THR F 185 -17.75 -51.04 -5.17
C THR F 185 -17.22 -49.79 -4.47
N ILE F 186 -16.54 -48.95 -5.25
CA ILE F 186 -16.03 -47.66 -4.82
C ILE F 186 -16.64 -46.60 -5.73
N LYS F 187 -17.30 -45.61 -5.14
CA LYS F 187 -17.91 -44.52 -5.90
C LYS F 187 -17.31 -43.19 -5.47
N PHE F 188 -16.90 -42.39 -6.46
CA PHE F 188 -16.45 -41.02 -6.25
C PHE F 188 -17.48 -40.08 -6.87
N VAL F 189 -18.02 -39.18 -6.07
CA VAL F 189 -19.09 -38.28 -6.50
C VAL F 189 -18.67 -36.85 -6.27
N ALA F 190 -19.16 -35.96 -7.13
CA ALA F 190 -18.91 -34.54 -6.99
C ALA F 190 -20.10 -33.78 -7.57
N ASP F 191 -20.81 -33.03 -6.73
CA ASP F 191 -21.96 -32.25 -7.15
C ASP F 191 -21.61 -30.76 -7.07
N GLY F 192 -21.85 -30.03 -8.16
CA GLY F 192 -21.48 -28.63 -8.23
C GLY F 192 -22.52 -27.75 -8.89
N ASP F 193 -22.13 -26.51 -9.18
CA ASP F 193 -23.06 -25.54 -9.73
C ASP F 193 -23.45 -25.88 -11.16
N ILE F 194 -22.48 -26.32 -11.98
CA ILE F 194 -22.74 -26.57 -13.41
C ILE F 194 -23.20 -27.99 -13.68
N GLY F 195 -23.10 -28.89 -12.70
CA GLY F 195 -23.50 -30.27 -12.93
C GLY F 195 -22.95 -31.18 -11.85
N SER F 196 -23.00 -32.47 -12.13
CA SER F 196 -22.55 -33.49 -11.18
C SER F 196 -21.80 -34.58 -11.94
N GLY F 197 -20.98 -35.32 -11.20
CA GLY F 197 -20.24 -36.43 -11.76
C GLY F 197 -20.13 -37.55 -10.76
N SER F 198 -20.11 -38.77 -11.27
CA SER F 198 -20.04 -39.97 -10.45
C SER F 198 -19.25 -41.04 -11.19
N VAL F 199 -18.21 -41.56 -10.55
CA VAL F 199 -17.35 -42.58 -11.14
C VAL F 199 -17.42 -43.82 -10.25
N ILE F 200 -17.71 -44.96 -10.89
CA ILE F 200 -17.81 -46.25 -10.21
C ILE F 200 -16.61 -47.07 -10.62
N ILE F 201 -15.95 -47.70 -9.64
CA ILE F 201 -14.89 -48.66 -9.90
C ILE F 201 -15.09 -49.87 -9.01
N LYS F 202 -14.95 -51.06 -9.59
CA LYS F 202 -15.19 -52.30 -8.88
C LYS F 202 -13.88 -53.09 -8.76
N PRO F 203 -13.73 -53.89 -7.70
CA PRO F 203 -12.48 -54.65 -7.55
C PRO F 203 -12.28 -55.61 -8.70
N PHE F 204 -11.03 -55.76 -9.12
CA PHE F 204 -10.70 -56.60 -10.26
C PHE F 204 -9.21 -56.91 -10.24
N VAL F 205 -8.87 -58.11 -10.70
CA VAL F 205 -7.49 -58.58 -10.69
C VAL F 205 -7.14 -59.09 -12.09
N ASP F 206 -5.95 -58.72 -12.56
CA ASP F 206 -5.44 -59.16 -13.85
C ASP F 206 -4.10 -59.86 -13.63
N MET F 207 -3.99 -61.10 -14.09
CA MET F 207 -2.76 -61.86 -13.96
C MET F 207 -1.72 -61.49 -15.01
N GLU F 208 -2.14 -60.84 -16.11
CA GLU F 208 -1.21 -60.36 -17.12
C GLU F 208 -0.70 -58.95 -16.82
N HIS F 209 -1.43 -58.18 -16.01
CA HIS F 209 -1.04 -56.83 -15.66
C HIS F 209 -1.47 -56.54 -14.23
N PRO F 210 -0.82 -57.19 -13.26
CA PRO F 210 -1.19 -56.95 -11.85
C PRO F 210 -1.00 -55.51 -11.41
N GLU F 211 -0.12 -54.76 -12.08
CA GLU F 211 0.07 -53.35 -11.74
C GLU F 211 -1.20 -52.53 -11.95
N THR F 212 -2.10 -52.98 -12.83
CA THR F 212 -3.35 -52.31 -13.09
C THR F 212 -4.50 -52.80 -12.22
N SER F 213 -4.23 -53.73 -11.30
CA SER F 213 -5.29 -54.30 -10.48
C SER F 213 -5.88 -53.26 -9.55
N ILE F 214 -7.19 -53.31 -9.37
CA ILE F 214 -7.91 -52.51 -8.39
C ILE F 214 -8.37 -53.48 -7.30
N LYS F 215 -7.85 -53.31 -6.09
CA LYS F 215 -8.13 -54.21 -4.98
C LYS F 215 -8.90 -53.47 -3.90
N LEU F 216 -9.91 -54.15 -3.32
CA LEU F 216 -10.72 -53.60 -2.26
C LEU F 216 -10.91 -54.64 -1.16
N GLU F 217 -10.96 -54.16 0.08
CA GLU F 217 -11.23 -55.02 1.24
C GLU F 217 -12.04 -54.18 2.22
N MET F 218 -13.31 -54.53 2.39
CA MET F 218 -14.25 -53.74 3.18
C MET F 218 -14.73 -54.57 4.36
N ASP F 219 -14.54 -54.04 5.57
CA ASP F 219 -15.16 -54.60 6.76
C ASP F 219 -16.49 -53.92 7.08
N GLN F 220 -16.57 -52.62 6.84
CA GLN F 220 -17.81 -51.86 7.00
C GLN F 220 -17.92 -50.87 5.84
N PRO F 221 -19.14 -50.51 5.45
CA PRO F 221 -19.28 -49.45 4.44
C PRO F 221 -18.81 -48.12 4.97
N VAL F 222 -18.33 -47.26 4.07
CA VAL F 222 -17.76 -45.97 4.44
C VAL F 222 -18.31 -44.89 3.52
N ASP F 223 -18.44 -43.68 4.07
CA ASP F 223 -18.92 -42.53 3.31
C ASP F 223 -18.27 -41.28 3.89
N LEU F 224 -17.37 -40.65 3.12
CA LEU F 224 -16.64 -39.49 3.59
C LEU F 224 -16.61 -38.44 2.49
N THR F 225 -16.38 -37.19 2.90
CA THR F 225 -16.26 -36.06 1.98
C THR F 225 -14.97 -35.31 2.27
N PHE F 226 -14.27 -34.92 1.21
CA PHE F 226 -12.96 -34.28 1.34
C PHE F 226 -12.89 -33.06 0.44
N GLY F 227 -12.05 -32.11 0.84
CA GLY F 227 -11.84 -30.92 0.02
C GLY F 227 -11.05 -31.25 -1.24
N ALA F 228 -11.48 -30.67 -2.36
CA ALA F 228 -10.88 -30.98 -3.64
C ALA F 228 -9.42 -30.53 -3.70
N LYS F 229 -9.11 -29.36 -3.13
CA LYS F 229 -7.75 -28.84 -3.22
C LYS F 229 -6.77 -29.76 -2.50
N TYR F 230 -7.16 -30.31 -1.36
CA TYR F 230 -6.28 -31.22 -0.64
C TYR F 230 -6.01 -32.49 -1.44
N LEU F 231 -7.05 -33.04 -2.09
CA LEU F 231 -6.83 -34.22 -2.93
C LEU F 231 -5.94 -33.89 -4.12
N LEU F 232 -6.12 -32.70 -4.71
CA LEU F 232 -5.26 -32.30 -5.81
C LEU F 232 -3.81 -32.20 -5.38
N ASP F 233 -3.57 -31.69 -4.17
CA ASP F 233 -2.20 -31.66 -3.64
C ASP F 233 -1.69 -33.08 -3.38
N ILE F 234 -2.56 -33.95 -2.86
CA ILE F 234 -2.12 -35.29 -2.48
C ILE F 234 -1.72 -36.10 -3.72
N ILE F 235 -2.48 -35.97 -4.81
CA ILE F 235 -2.20 -36.76 -6.01
C ILE F 235 -0.85 -36.41 -6.63
N LYS F 236 -0.19 -35.34 -6.18
CA LYS F 236 1.13 -35.02 -6.68
C LYS F 236 2.18 -36.05 -6.28
N GLY F 237 1.86 -36.96 -5.36
CA GLY F 237 2.74 -38.04 -5.00
C GLY F 237 2.72 -39.22 -5.94
N SER F 238 1.93 -39.16 -7.01
CA SER F 238 1.87 -40.25 -7.97
C SER F 238 3.17 -40.43 -8.73
N SER F 239 4.08 -39.46 -8.68
CA SER F 239 5.37 -39.58 -9.34
C SER F 239 6.36 -40.45 -8.58
N LEU F 240 6.02 -40.86 -7.35
CA LEU F 240 6.90 -41.69 -6.54
C LEU F 240 6.53 -43.17 -6.59
N SER F 241 5.28 -43.50 -6.92
CA SER F 241 4.85 -44.89 -6.95
C SER F 241 3.73 -45.03 -7.96
N ASP F 242 3.75 -46.14 -8.71
CA ASP F 242 2.74 -46.40 -9.73
C ASP F 242 1.39 -46.82 -9.14
N ARG F 243 1.34 -47.15 -7.86
CA ARG F 243 0.11 -47.51 -7.18
C ARG F 243 -0.06 -46.65 -5.93
N VAL F 244 -1.31 -46.51 -5.50
CA VAL F 244 -1.65 -45.74 -4.31
C VAL F 244 -2.62 -46.57 -3.47
N GLY F 245 -2.41 -46.54 -2.16
CA GLY F 245 -3.29 -47.22 -1.20
C GLY F 245 -4.10 -46.20 -0.42
N ILE F 246 -5.37 -46.51 -0.20
CA ILE F 246 -6.28 -45.63 0.52
C ILE F 246 -6.94 -46.44 1.64
N ARG F 247 -6.81 -45.93 2.87
CA ARG F 247 -7.44 -46.53 4.04
C ARG F 247 -8.44 -45.54 4.62
N LEU F 248 -9.68 -46.00 4.80
CA LEU F 248 -10.79 -45.13 5.19
C LEU F 248 -11.53 -45.71 6.39
N SER F 249 -11.91 -44.82 7.31
CA SER F 249 -12.77 -45.17 8.42
C SER F 249 -13.62 -43.97 8.79
N SER F 250 -14.78 -44.25 9.39
CA SER F 250 -15.70 -43.18 9.74
C SER F 250 -15.13 -42.27 10.82
N GLU F 251 -14.45 -42.84 11.81
CA GLU F 251 -13.96 -42.10 12.97
C GLU F 251 -12.47 -41.79 12.89
N ALA F 252 -11.84 -41.99 11.74
CA ALA F 252 -10.41 -41.77 11.57
C ALA F 252 -10.17 -40.95 10.31
N PRO F 253 -9.04 -40.24 10.24
CA PRO F 253 -8.69 -39.53 9.00
C PRO F 253 -8.33 -40.51 7.90
N ALA F 254 -8.57 -40.10 6.65
CA ALA F 254 -8.24 -40.94 5.52
C ALA F 254 -6.73 -40.96 5.29
N LEU F 255 -6.20 -42.14 4.99
CA LEU F 255 -4.77 -42.33 4.81
C LEU F 255 -4.50 -42.69 3.35
N PHE F 256 -3.72 -41.85 2.67
CA PHE F 256 -3.26 -42.11 1.31
C PHE F 256 -1.76 -42.37 1.34
N GLN F 257 -1.37 -43.58 0.92
CA GLN F 257 0.01 -44.03 1.03
C GLN F 257 0.57 -44.32 -0.36
N PHE F 258 1.77 -43.79 -0.61
CA PHE F 258 2.57 -44.13 -1.78
C PHE F 258 3.86 -44.80 -1.30
N ASP F 259 4.19 -45.93 -1.91
CA ASP F 259 5.29 -46.77 -1.44
C ASP F 259 6.56 -46.45 -2.21
N LEU F 260 7.61 -46.09 -1.49
CA LEU F 260 8.93 -45.93 -2.08
C LEU F 260 9.67 -47.27 -2.03
N LYS F 261 10.88 -47.30 -2.59
CA LYS F 261 11.66 -48.54 -2.59
C LYS F 261 11.94 -49.01 -1.18
N SER F 262 12.45 -48.12 -0.32
CA SER F 262 12.78 -48.45 1.05
C SER F 262 12.03 -47.60 2.07
N GLY F 263 10.99 -46.91 1.64
CA GLY F 263 10.24 -46.07 2.54
C GLY F 263 8.84 -45.82 2.03
N PHE F 264 8.24 -44.73 2.49
CA PHE F 264 6.88 -44.41 2.11
C PHE F 264 6.59 -42.93 2.32
N LEU F 265 5.54 -42.46 1.65
CA LEU F 265 4.99 -41.12 1.84
C LEU F 265 3.50 -41.26 2.13
N GLN F 266 3.07 -40.73 3.27
CA GLN F 266 1.71 -40.89 3.76
C GLN F 266 1.06 -39.53 3.95
N PHE F 267 -0.21 -39.43 3.55
CA PHE F 267 -1.03 -38.24 3.74
C PHE F 267 -2.22 -38.63 4.60
N PHE F 268 -2.35 -37.99 5.76
CA PHE F 268 -3.51 -38.14 6.62
C PHE F 268 -4.39 -36.91 6.44
N LEU F 269 -5.56 -37.11 5.85
CA LEU F 269 -6.47 -36.03 5.50
C LEU F 269 -7.74 -36.14 6.35
N ALA F 270 -8.08 -35.06 7.03
CA ALA F 270 -9.30 -35.03 7.83
C ALA F 270 -10.50 -34.80 6.92
N PRO F 271 -11.58 -35.57 7.06
CA PRO F 271 -12.78 -35.31 6.27
C PRO F 271 -13.57 -34.13 6.80
N LYS F 272 -14.43 -33.60 5.94
CA LYS F 272 -15.28 -32.47 6.31
C LYS F 272 -16.36 -32.91 7.31
N PHE F 273 -16.71 -31.99 8.20
CA PHE F 273 -17.81 -32.26 9.13
C PHE F 273 -19.09 -32.54 8.35
N ASN F 274 -19.77 -33.62 8.73
CA ASN F 274 -21.01 -34.04 8.07
C ASN F 274 -22.18 -33.31 8.71
N ASP F 275 -22.34 -32.05 8.32
CA ASP F 275 -23.42 -31.21 8.85
C ASP F 275 -23.46 -29.87 8.12
N ALA G 18 -35.21 -41.49 -18.65
CA ALA G 18 -33.88 -41.82 -19.26
C ALA G 18 -34.07 -42.56 -20.58
N SER G 19 -35.19 -42.31 -21.25
CA SER G 19 -35.52 -42.99 -22.50
C SER G 19 -36.01 -42.04 -23.60
N MET G 20 -36.39 -40.80 -23.29
CA MET G 20 -36.91 -39.91 -24.31
C MET G 20 -35.91 -39.72 -25.44
N LEU G 21 -34.66 -39.37 -25.09
CA LEU G 21 -33.59 -39.19 -26.06
C LEU G 21 -32.39 -39.99 -25.59
N GLU G 22 -31.87 -40.84 -26.48
CA GLU G 22 -30.72 -41.69 -26.20
C GLU G 22 -29.84 -41.70 -27.45
N ALA G 23 -28.74 -40.96 -27.42
CA ALA G 23 -27.85 -40.83 -28.57
C ALA G 23 -26.46 -41.32 -28.20
N LYS G 24 -25.99 -42.38 -28.86
CA LYS G 24 -24.73 -43.03 -28.50
C LYS G 24 -23.69 -42.81 -29.58
N PHE G 25 -22.61 -42.12 -29.24
CA PHE G 25 -21.40 -42.09 -30.04
C PHE G 25 -20.52 -43.26 -29.64
N GLU G 26 -20.12 -44.07 -30.63
CA GLU G 26 -19.19 -45.17 -30.34
C GLU G 26 -17.83 -44.66 -29.87
N GLU G 27 -17.51 -43.39 -30.17
CA GLU G 27 -16.27 -42.78 -29.71
C GLU G 27 -16.61 -41.41 -29.13
N ALA G 28 -16.14 -41.15 -27.91
CA ALA G 28 -16.39 -39.85 -27.29
C ALA G 28 -15.51 -38.75 -27.85
N SER G 29 -14.47 -39.11 -28.62
CA SER G 29 -13.57 -38.09 -29.17
C SER G 29 -14.25 -37.26 -30.25
N LEU G 30 -15.17 -37.86 -31.01
CA LEU G 30 -15.81 -37.15 -32.11
C LEU G 30 -16.61 -35.95 -31.59
N PHE G 31 -17.46 -36.17 -30.58
CA PHE G 31 -18.28 -35.08 -30.07
C PHE G 31 -17.41 -34.02 -29.42
N LYS G 32 -16.39 -34.43 -28.67
CA LYS G 32 -15.50 -33.44 -28.05
C LYS G 32 -14.80 -32.59 -29.09
N ARG G 33 -14.34 -33.22 -30.18
CA ARG G 33 -13.70 -32.45 -31.26
C ARG G 33 -14.71 -31.51 -31.92
N ILE G 34 -15.93 -31.98 -32.13
CA ILE G 34 -16.96 -31.13 -32.73
C ILE G 34 -17.19 -29.89 -31.87
N ILE G 35 -17.33 -30.09 -30.57
CA ILE G 35 -17.55 -28.96 -29.67
C ILE G 35 -16.35 -28.02 -29.69
N ASP G 36 -15.14 -28.58 -29.59
CA ASP G 36 -13.95 -27.75 -29.62
C ASP G 36 -13.83 -26.98 -30.93
N GLY G 37 -14.44 -27.47 -32.01
CA GLY G 37 -14.38 -26.76 -33.27
C GLY G 37 -14.97 -25.37 -33.21
N PHE G 38 -16.00 -25.18 -32.37
CA PHE G 38 -16.68 -23.88 -32.29
C PHE G 38 -16.97 -23.47 -30.84
N LYS G 39 -16.19 -23.96 -29.87
CA LYS G 39 -16.41 -23.57 -28.48
C LYS G 39 -15.80 -22.21 -28.14
N ASP G 40 -14.93 -21.68 -29.00
CA ASP G 40 -14.26 -20.41 -28.75
C ASP G 40 -14.99 -19.23 -29.38
N CYS G 41 -16.11 -19.46 -30.06
CA CYS G 41 -16.84 -18.40 -30.74
C CYS G 41 -18.22 -18.16 -30.17
N VAL G 42 -18.96 -19.22 -29.80
CA VAL G 42 -20.30 -19.10 -29.27
C VAL G 42 -20.37 -19.82 -27.93
N GLN G 43 -20.94 -19.17 -26.92
CA GLN G 43 -21.02 -19.70 -25.58
C GLN G 43 -22.27 -20.54 -25.36
N LEU G 44 -23.45 -19.95 -25.54
CA LEU G 44 -24.72 -20.63 -25.33
C LEU G 44 -25.24 -21.13 -26.67
N VAL G 45 -25.61 -22.41 -26.73
CA VAL G 45 -26.04 -23.02 -27.98
C VAL G 45 -27.28 -23.87 -27.71
N ASN G 46 -28.25 -23.79 -28.61
CA ASN G 46 -29.45 -24.62 -28.58
C ASN G 46 -29.26 -25.78 -29.56
N PHE G 47 -29.28 -26.99 -29.05
CA PHE G 47 -29.23 -28.20 -29.87
C PHE G 47 -30.65 -28.73 -30.02
N GLN G 48 -31.12 -28.82 -31.26
CA GLN G 48 -32.42 -29.40 -31.58
C GLN G 48 -32.18 -30.83 -32.04
N CYS G 49 -32.70 -31.78 -31.28
CA CYS G 49 -32.56 -33.20 -31.58
C CYS G 49 -33.90 -33.72 -32.09
N LYS G 50 -33.88 -34.31 -33.28
CA LYS G 50 -35.05 -34.89 -33.91
C LYS G 50 -34.68 -36.28 -34.42
N GLU G 51 -35.68 -36.99 -34.95
CA GLU G 51 -35.44 -38.33 -35.45
C GLU G 51 -34.39 -38.35 -36.56
N ASP G 52 -34.16 -37.22 -37.21
CA ASP G 52 -33.18 -37.15 -38.30
C ASP G 52 -31.78 -36.80 -37.82
N GLY G 53 -31.60 -36.44 -36.55
CA GLY G 53 -30.29 -36.11 -36.03
C GLY G 53 -30.32 -34.83 -35.22
N ILE G 54 -29.17 -34.19 -35.10
CA ILE G 54 -29.01 -33.01 -34.26
C ILE G 54 -28.62 -31.83 -35.13
N ILE G 55 -29.21 -30.66 -34.85
CA ILE G 55 -28.88 -29.43 -35.54
C ILE G 55 -28.73 -28.30 -34.53
N ALA G 56 -27.73 -27.45 -34.73
CA ALA G 56 -27.48 -26.34 -33.82
C ALA G 56 -27.15 -25.09 -34.63
N GLN G 57 -27.57 -23.94 -34.10
CA GLN G 57 -27.34 -22.64 -34.72
C GLN G 57 -27.06 -21.63 -33.62
N ALA G 58 -25.95 -20.91 -33.74
CA ALA G 58 -25.55 -19.98 -32.68
C ALA G 58 -24.93 -18.73 -33.29
N VAL G 59 -25.25 -17.58 -32.71
CA VAL G 59 -24.74 -16.29 -33.15
C VAL G 59 -23.72 -15.80 -32.13
N ASP G 60 -22.57 -15.35 -32.60
CA ASP G 60 -21.54 -14.84 -31.71
C ASP G 60 -22.00 -13.54 -31.03
N ASP G 61 -21.23 -13.12 -30.04
CA ASP G 61 -21.59 -11.91 -29.29
C ASP G 61 -21.58 -10.69 -30.20
N SER G 62 -20.60 -10.58 -31.09
CA SER G 62 -20.53 -9.45 -32.01
C SER G 62 -21.65 -9.46 -33.05
N ARG G 63 -22.37 -10.57 -33.20
CA ARG G 63 -23.49 -10.68 -34.12
C ARG G 63 -23.05 -10.54 -35.57
N VAL G 64 -21.83 -10.94 -35.89
CA VAL G 64 -21.36 -10.99 -37.27
C VAL G 64 -20.95 -12.38 -37.72
N LEU G 65 -20.85 -13.35 -36.81
CA LEU G 65 -20.43 -14.71 -37.14
C LEU G 65 -21.50 -15.68 -36.68
N LEU G 66 -22.00 -16.49 -37.60
CA LEU G 66 -23.03 -17.49 -37.33
C LEU G 66 -22.46 -18.88 -37.52
N VAL G 67 -22.66 -19.74 -36.53
CA VAL G 67 -22.16 -21.11 -36.55
C VAL G 67 -23.35 -22.05 -36.69
N SER G 68 -23.27 -22.95 -37.67
CA SER G 68 -24.29 -23.96 -37.90
C SER G 68 -23.64 -25.34 -37.84
N LEU G 69 -24.30 -26.27 -37.15
CA LEU G 69 -23.78 -27.61 -36.96
C LEU G 69 -24.87 -28.61 -37.30
N GLU G 70 -24.53 -29.61 -38.12
CA GLU G 70 -25.42 -30.71 -38.43
C GLU G 70 -24.71 -32.02 -38.09
N ILE G 71 -25.40 -32.89 -37.36
CA ILE G 71 -24.92 -34.23 -37.05
C ILE G 71 -26.00 -35.21 -37.48
N GLY G 72 -25.68 -36.06 -38.45
CA GLY G 72 -26.63 -37.03 -38.93
C GLY G 72 -26.68 -38.28 -38.07
N VAL G 73 -27.74 -39.07 -38.28
CA VAL G 73 -27.91 -40.30 -37.51
C VAL G 73 -26.76 -41.27 -37.79
N GLU G 74 -26.30 -41.31 -39.05
CA GLU G 74 -25.21 -42.22 -39.39
C GLU G 74 -23.98 -41.96 -38.55
N ALA G 75 -23.76 -40.71 -38.12
CA ALA G 75 -22.63 -40.41 -37.26
C ALA G 75 -22.74 -41.12 -35.93
N PHE G 76 -23.95 -41.36 -35.45
CA PHE G 76 -24.16 -42.02 -34.18
C PHE G 76 -24.07 -43.54 -34.34
N GLN G 77 -24.32 -44.26 -33.25
CA GLN G 77 -24.36 -45.71 -33.25
C GLN G 77 -25.77 -46.24 -33.00
N GLU G 78 -26.47 -45.70 -32.01
CA GLU G 78 -27.82 -46.15 -31.66
C GLU G 78 -28.71 -44.92 -31.40
N TYR G 79 -28.67 -43.96 -32.32
CA TYR G 79 -29.47 -42.76 -32.17
C TYR G 79 -30.95 -43.10 -32.03
N ARG G 80 -31.61 -42.43 -31.09
CA ARG G 80 -33.03 -42.63 -30.82
C ARG G 80 -33.61 -41.37 -30.22
N CYS G 81 -34.72 -40.89 -30.80
CA CYS G 81 -35.39 -39.69 -30.32
C CYS G 81 -36.89 -39.91 -30.41
N ASP G 82 -37.57 -39.93 -29.26
CA ASP G 82 -39.01 -40.17 -29.26
C ASP G 82 -39.77 -39.01 -29.91
N HIS G 83 -39.48 -37.79 -29.48
CA HIS G 83 -40.09 -36.60 -30.06
C HIS G 83 -39.04 -35.49 -30.07
N PRO G 84 -39.21 -34.48 -30.92
CA PRO G 84 -38.21 -33.41 -30.99
C PRO G 84 -37.98 -32.77 -29.63
N VAL G 85 -36.71 -32.52 -29.32
CA VAL G 85 -36.33 -31.90 -28.05
C VAL G 85 -35.33 -30.80 -28.32
N THR G 86 -35.30 -29.82 -27.43
CA THR G 86 -34.37 -28.70 -27.51
C THR G 86 -33.57 -28.63 -26.20
N LEU G 87 -32.25 -28.56 -26.32
CA LEU G 87 -31.36 -28.55 -25.17
C LEU G 87 -30.45 -27.33 -25.28
N GLY G 88 -30.58 -26.41 -24.32
CA GLY G 88 -29.74 -25.24 -24.26
C GLY G 88 -28.57 -25.48 -23.33
N MET G 89 -27.36 -25.39 -23.89
CA MET G 89 -26.15 -25.70 -23.14
C MET G 89 -25.09 -24.62 -23.32
N ASP G 90 -24.36 -24.36 -22.25
CA ASP G 90 -23.17 -23.52 -22.29
C ASP G 90 -21.98 -24.39 -22.65
N LEU G 91 -21.21 -23.97 -23.64
CA LEU G 91 -20.18 -24.83 -24.20
C LEU G 91 -18.99 -25.02 -23.26
N THR G 92 -18.75 -24.06 -22.36
CA THR G 92 -17.67 -24.22 -21.40
C THR G 92 -17.93 -25.41 -20.48
N SER G 93 -19.14 -25.47 -19.90
CA SER G 93 -19.48 -26.58 -19.03
C SER G 93 -19.47 -27.90 -19.79
N LEU G 94 -19.98 -27.91 -21.01
CA LEU G 94 -20.00 -29.13 -21.80
C LEU G 94 -18.59 -29.62 -22.09
N SER G 95 -17.68 -28.70 -22.44
CA SER G 95 -16.29 -29.09 -22.69
C SER G 95 -15.64 -29.63 -21.42
N LYS G 96 -15.91 -28.98 -20.28
CA LYS G 96 -15.36 -29.48 -19.02
C LYS G 96 -15.85 -30.89 -18.73
N ILE G 97 -17.13 -31.16 -18.99
CA ILE G 97 -17.66 -32.51 -18.78
C ILE G 97 -17.01 -33.49 -19.75
N LEU G 98 -16.89 -33.12 -21.03
CA LEU G 98 -16.40 -34.04 -22.03
C LEU G 98 -14.94 -34.38 -21.83
N ARG G 99 -14.15 -33.45 -21.26
CA ARG G 99 -12.74 -33.76 -21.05
C ARG G 99 -12.53 -34.87 -20.02
N CYS G 100 -13.57 -35.25 -19.28
CA CYS G 100 -13.48 -36.34 -18.31
C CYS G 100 -13.58 -37.72 -18.95
N GLY G 101 -13.90 -37.80 -20.23
CA GLY G 101 -14.08 -39.06 -20.91
C GLY G 101 -12.80 -39.58 -21.54
N ASN G 102 -12.97 -40.50 -22.48
CA ASN G 102 -11.86 -41.08 -23.21
C ASN G 102 -12.31 -41.39 -24.64
N ASN G 103 -11.35 -41.37 -25.56
CA ASN G 103 -11.69 -41.60 -26.97
C ASN G 103 -12.25 -43.00 -27.16
N THR G 104 -11.63 -44.01 -26.53
CA THR G 104 -12.13 -45.37 -26.65
C THR G 104 -13.50 -45.53 -26.02
N ASP G 105 -13.77 -44.77 -24.95
CA ASP G 105 -15.05 -44.89 -24.26
C ASP G 105 -16.20 -44.50 -25.18
N THR G 106 -17.33 -45.18 -25.01
CA THR G 106 -18.55 -44.81 -25.71
C THR G 106 -19.30 -43.77 -24.90
N LEU G 107 -19.84 -42.76 -25.59
CA LEU G 107 -20.50 -41.63 -24.94
C LEU G 107 -21.97 -41.62 -25.31
N THR G 108 -22.84 -41.73 -24.31
CA THR G 108 -24.28 -41.75 -24.52
C THR G 108 -24.91 -40.52 -23.88
N LEU G 109 -25.70 -39.80 -24.65
CA LEU G 109 -26.45 -38.65 -24.17
C LEU G 109 -27.89 -39.09 -23.90
N ILE G 110 -28.34 -38.87 -22.66
CA ILE G 110 -29.67 -39.26 -22.20
C ILE G 110 -30.42 -38.00 -21.80
N ALA G 111 -31.64 -37.85 -22.31
CA ALA G 111 -32.50 -36.74 -21.93
C ALA G 111 -33.93 -37.25 -21.76
N ASP G 112 -34.66 -36.62 -20.84
CA ASP G 112 -36.02 -36.98 -20.51
C ASP G 112 -36.97 -35.86 -20.93
N ASN G 113 -38.25 -36.05 -20.62
CA ASN G 113 -39.26 -35.04 -20.91
C ASN G 113 -39.11 -33.85 -19.96
N THR G 114 -39.34 -32.65 -20.51
CA THR G 114 -39.17 -31.39 -19.79
C THR G 114 -37.86 -31.41 -18.98
N PRO G 115 -36.73 -31.66 -19.64
CA PRO G 115 -35.49 -31.91 -18.89
C PRO G 115 -34.88 -30.61 -18.37
N ASP G 116 -34.52 -30.60 -17.09
CA ASP G 116 -33.70 -29.55 -16.52
C ASP G 116 -32.21 -29.86 -16.63
N SER G 117 -31.85 -31.06 -17.05
CA SER G 117 -30.45 -31.45 -17.20
C SER G 117 -30.37 -32.62 -18.17
N ILE G 118 -29.16 -32.85 -18.66
CA ILE G 118 -28.88 -33.95 -19.57
C ILE G 118 -27.79 -34.82 -18.96
N ILE G 119 -27.86 -36.12 -19.21
CA ILE G 119 -26.93 -37.09 -18.65
C ILE G 119 -25.95 -37.50 -19.74
N LEU G 120 -24.65 -37.45 -19.42
CA LEU G 120 -23.59 -37.92 -20.29
C LEU G 120 -22.96 -39.15 -19.65
N LEU G 121 -22.99 -40.26 -20.37
CA LEU G 121 -22.58 -41.56 -19.83
C LEU G 121 -21.38 -42.05 -20.64
N PHE G 122 -20.23 -42.15 -19.97
CA PHE G 122 -19.02 -42.71 -20.56
C PHE G 122 -18.89 -44.15 -20.10
N GLU G 123 -18.89 -45.08 -21.06
CA GLU G 123 -18.83 -46.50 -20.80
C GLU G 123 -17.56 -47.08 -21.42
N ASP G 124 -16.93 -48.00 -20.70
CA ASP G 124 -15.74 -48.70 -21.17
C ASP G 124 -16.08 -50.18 -21.35
N THR G 125 -15.83 -50.70 -22.55
CA THR G 125 -16.17 -52.09 -22.82
C THR G 125 -15.14 -53.06 -22.27
N LYS G 126 -13.85 -52.74 -22.42
CA LYS G 126 -12.80 -53.64 -21.95
C LYS G 126 -12.84 -53.77 -20.43
N LYS G 127 -13.08 -52.67 -19.72
CA LYS G 127 -13.20 -52.67 -18.28
C LYS G 127 -14.67 -52.61 -17.88
N ASP G 128 -14.93 -52.48 -16.57
CA ASP G 128 -16.27 -52.35 -16.03
C ASP G 128 -16.41 -51.02 -15.30
N ARG G 129 -15.87 -49.95 -15.89
CA ARG G 129 -15.86 -48.62 -15.30
C ARG G 129 -16.92 -47.77 -16.00
N ILE G 130 -17.81 -47.17 -15.22
CA ILE G 130 -18.91 -46.36 -15.72
C ILE G 130 -18.77 -44.96 -15.13
N ALA G 131 -18.85 -43.94 -15.98
CA ALA G 131 -18.75 -42.55 -15.53
C ALA G 131 -20.01 -41.82 -15.98
N GLU G 132 -20.86 -41.47 -15.02
CA GLU G 132 -22.11 -40.76 -15.29
C GLU G 132 -21.96 -39.32 -14.83
N TYR G 133 -22.31 -38.38 -15.71
CA TYR G 133 -22.26 -36.96 -15.41
C TYR G 133 -23.61 -36.34 -15.75
N SER G 134 -23.95 -35.27 -15.03
CA SER G 134 -25.15 -34.50 -15.28
C SER G 134 -24.77 -33.06 -15.58
N LEU G 135 -25.40 -32.48 -16.60
CA LEU G 135 -25.15 -31.10 -17.01
C LEU G 135 -26.47 -30.34 -16.96
N LYS G 136 -26.51 -29.26 -16.20
CA LYS G 136 -27.71 -28.44 -16.08
C LYS G 136 -27.94 -27.66 -17.37
N LEU G 137 -29.17 -27.74 -17.88
CA LEU G 137 -29.51 -27.05 -19.12
C LEU G 137 -29.76 -25.57 -18.87
N MET G 138 -29.52 -24.78 -19.91
CA MET G 138 -29.70 -23.33 -19.85
C MET G 138 -31.00 -22.94 -20.52
N ASP G 139 -31.61 -21.87 -20.01
CA ASP G 139 -32.82 -21.30 -20.60
C ASP G 139 -32.38 -20.25 -21.62
N ILE G 140 -32.38 -20.64 -22.89
CA ILE G 140 -31.94 -19.79 -23.99
C ILE G 140 -33.16 -19.46 -24.85
N ASP G 141 -33.33 -18.19 -25.16
CA ASP G 141 -34.45 -17.70 -25.95
C ASP G 141 -33.97 -17.02 -27.23
N ALA G 142 -32.96 -17.60 -27.87
CA ALA G 142 -32.43 -17.05 -29.11
C ALA G 142 -33.27 -17.50 -30.30
N ASP G 143 -33.56 -16.57 -31.19
CA ASP G 143 -34.35 -16.88 -32.38
C ASP G 143 -33.54 -17.71 -33.36
N PHE G 144 -34.24 -18.51 -34.15
CA PHE G 144 -33.62 -19.36 -35.16
C PHE G 144 -33.78 -18.70 -36.52
N LEU G 145 -32.65 -18.44 -37.18
CA LEU G 145 -32.66 -17.82 -38.50
C LEU G 145 -32.64 -18.89 -39.58
N LYS G 146 -33.25 -18.57 -40.71
CA LYS G 146 -33.35 -19.48 -41.85
C LYS G 146 -32.29 -19.10 -42.88
N ILE G 147 -31.43 -20.06 -43.22
CA ILE G 147 -30.40 -19.87 -44.23
C ILE G 147 -30.84 -20.59 -45.49
N GLU G 148 -31.22 -19.83 -46.51
CA GLU G 148 -31.66 -20.40 -47.78
C GLU G 148 -30.46 -20.61 -48.70
N GLU G 149 -30.52 -21.67 -49.49
CA GLU G 149 -29.44 -21.98 -50.41
C GLU G 149 -29.23 -20.80 -51.37
N LEU G 150 -27.97 -20.38 -51.51
CA LEU G 150 -27.61 -19.25 -52.35
C LEU G 150 -26.49 -19.68 -53.30
N GLN G 151 -26.54 -19.15 -54.52
CA GLN G 151 -25.53 -19.43 -55.53
C GLN G 151 -24.41 -18.39 -55.41
N TYR G 152 -23.23 -18.83 -54.98
CA TYR G 152 -22.10 -17.94 -54.82
C TYR G 152 -21.33 -17.81 -56.13
N ASP G 153 -20.63 -16.69 -56.28
CA ASP G 153 -19.82 -16.43 -57.46
C ASP G 153 -18.39 -16.94 -57.32
N SER G 154 -18.02 -17.49 -56.16
CA SER G 154 -16.71 -18.10 -56.00
C SER G 154 -16.81 -19.25 -55.01
N THR G 155 -16.16 -20.36 -55.33
CA THR G 155 -16.13 -21.54 -54.46
C THR G 155 -14.75 -22.17 -54.55
N LEU G 156 -14.02 -22.20 -53.44
CA LEU G 156 -12.67 -22.74 -53.41
C LEU G 156 -12.55 -23.77 -52.30
N SER G 157 -12.02 -24.94 -52.64
CA SER G 157 -11.74 -25.99 -51.68
C SER G 157 -10.22 -26.12 -51.54
N LEU G 158 -9.73 -25.99 -50.32
CA LEU G 158 -8.30 -25.99 -50.07
C LEU G 158 -7.99 -26.74 -48.79
N PRO G 159 -6.76 -27.21 -48.62
CA PRO G 159 -6.42 -27.94 -47.39
C PRO G 159 -6.63 -27.06 -46.16
N SER G 160 -7.18 -27.66 -45.12
CA SER G 160 -7.47 -26.91 -43.90
C SER G 160 -6.19 -26.41 -43.24
N SER G 161 -5.14 -27.23 -43.24
CA SER G 161 -3.88 -26.83 -42.61
C SER G 161 -3.29 -25.63 -43.33
N GLU G 162 -3.30 -25.63 -44.66
CA GLU G 162 -2.75 -24.51 -45.40
C GLU G 162 -3.55 -23.23 -45.16
N PHE G 163 -4.89 -23.34 -45.15
CA PHE G 163 -5.72 -22.18 -44.88
C PHE G 163 -5.44 -21.61 -43.50
N SER G 164 -5.33 -22.49 -42.50
CA SER G 164 -5.01 -22.04 -41.14
C SER G 164 -3.66 -21.37 -41.08
N LYS G 165 -2.67 -21.93 -41.78
CA LYS G 165 -1.33 -21.34 -41.79
C LYS G 165 -1.36 -19.94 -42.39
N ILE G 166 -2.02 -19.78 -43.53
CA ILE G 166 -2.09 -18.46 -44.16
C ILE G 166 -2.82 -17.48 -43.26
N VAL G 167 -3.94 -17.91 -42.66
CA VAL G 167 -4.71 -17.01 -41.81
C VAL G 167 -3.88 -16.56 -40.62
N ARG G 168 -3.19 -17.50 -39.98
CA ARG G 168 -2.39 -17.16 -38.82
C ARG G 168 -1.23 -16.25 -39.19
N ASP G 169 -0.59 -16.50 -40.33
CA ASP G 169 0.51 -15.65 -40.76
C ASP G 169 0.04 -14.23 -41.05
N LEU G 170 -1.11 -14.09 -41.71
CA LEU G 170 -1.59 -12.76 -42.05
C LEU G 170 -2.17 -12.03 -40.86
N SER G 171 -2.72 -12.76 -39.87
CA SER G 171 -3.27 -12.10 -38.70
C SER G 171 -2.20 -11.43 -37.85
N GLN G 172 -0.93 -11.74 -38.09
CA GLN G 172 0.16 -11.16 -37.33
C GLN G 172 0.46 -9.72 -37.73
N LEU G 173 -0.10 -9.24 -38.84
CA LEU G 173 0.19 -7.92 -39.37
C LEU G 173 -0.97 -6.96 -39.26
N SER G 174 -2.18 -7.41 -39.58
CA SER G 174 -3.35 -6.54 -39.63
C SER G 174 -4.52 -7.21 -38.92
N ASP G 175 -5.46 -6.38 -38.47
CA ASP G 175 -6.68 -6.87 -37.85
C ASP G 175 -7.70 -7.36 -38.87
N SER G 176 -7.47 -7.11 -40.16
CA SER G 176 -8.37 -7.54 -41.21
C SER G 176 -7.58 -8.17 -42.34
N ILE G 177 -8.21 -9.12 -43.02
CA ILE G 177 -7.61 -9.82 -44.15
C ILE G 177 -8.53 -9.70 -45.34
N ASN G 178 -7.96 -9.38 -46.50
CA ASN G 178 -8.69 -9.24 -47.75
C ASN G 178 -8.46 -10.46 -48.62
N ILE G 179 -9.55 -11.04 -49.13
CA ILE G 179 -9.51 -12.18 -50.04
C ILE G 179 -9.98 -11.71 -51.40
N MET G 180 -9.15 -11.93 -52.41
CA MET G 180 -9.45 -11.58 -53.79
C MET G 180 -9.34 -12.81 -54.67
N ILE G 181 -10.40 -13.12 -55.39
CA ILE G 181 -10.48 -14.31 -56.24
C ILE G 181 -10.68 -13.86 -57.67
N THR G 182 -9.78 -14.27 -58.55
CA THR G 182 -9.91 -14.02 -59.99
C THR G 182 -9.51 -15.30 -60.72
N LYS G 183 -9.48 -15.23 -62.05
CA LYS G 183 -9.25 -16.41 -62.87
C LYS G 183 -8.05 -17.21 -62.37
N GLU G 184 -8.32 -18.42 -61.87
CA GLU G 184 -7.28 -19.31 -61.35
C GLU G 184 -6.25 -18.54 -60.53
N THR G 185 -6.74 -17.75 -59.58
CA THR G 185 -5.85 -16.99 -58.71
C THR G 185 -6.59 -16.60 -57.44
N ILE G 186 -5.96 -16.85 -56.29
CA ILE G 186 -6.50 -16.57 -54.97
C ILE G 186 -5.45 -15.76 -54.22
N LYS G 187 -5.86 -14.64 -53.65
CA LYS G 187 -4.94 -13.71 -53.01
C LYS G 187 -5.44 -13.36 -51.62
N PHE G 188 -4.57 -13.46 -50.62
CA PHE G 188 -4.86 -13.06 -49.25
C PHE G 188 -3.88 -11.96 -48.87
N VAL G 189 -4.42 -10.79 -48.50
CA VAL G 189 -3.61 -9.62 -48.18
C VAL G 189 -3.93 -9.17 -46.76
N ALA G 190 -2.93 -8.63 -46.07
CA ALA G 190 -3.12 -8.08 -44.74
C ALA G 190 -2.19 -6.88 -44.59
N ASP G 191 -2.78 -5.68 -44.53
CA ASP G 191 -2.01 -4.44 -44.42
C ASP G 191 -2.37 -3.76 -43.11
N GLY G 192 -1.35 -3.57 -42.26
CA GLY G 192 -1.56 -2.93 -40.97
C GLY G 192 -0.63 -1.76 -40.73
N ASP G 193 -0.22 -1.56 -39.47
CA ASP G 193 0.66 -0.46 -39.12
C ASP G 193 2.12 -0.88 -39.15
N ILE G 194 2.45 -2.04 -38.58
CA ILE G 194 3.85 -2.49 -38.58
C ILE G 194 4.31 -2.82 -39.99
N GLY G 195 3.43 -3.35 -40.83
CA GLY G 195 3.83 -3.71 -42.18
C GLY G 195 2.67 -4.31 -42.94
N SER G 196 3.00 -4.98 -44.04
CA SER G 196 2.00 -5.60 -44.89
C SER G 196 2.49 -6.97 -45.34
N GLY G 197 1.54 -7.83 -45.69
CA GLY G 197 1.87 -9.17 -46.14
C GLY G 197 0.87 -9.63 -47.17
N SER G 198 1.34 -10.50 -48.08
CA SER G 198 0.52 -11.02 -49.16
C SER G 198 0.84 -12.49 -49.37
N VAL G 199 -0.16 -13.22 -49.86
CA VAL G 199 -0.02 -14.64 -50.18
C VAL G 199 -0.85 -14.93 -51.42
N ILE G 200 -0.24 -15.61 -52.40
CA ILE G 200 -0.88 -15.87 -53.69
C ILE G 200 -0.85 -17.37 -53.95
N ILE G 201 -1.98 -17.92 -54.36
CA ILE G 201 -2.10 -19.34 -54.71
C ILE G 201 -2.87 -19.46 -56.01
N LYS G 202 -2.69 -20.59 -56.67
CA LYS G 202 -3.40 -20.92 -57.90
C LYS G 202 -3.91 -22.35 -57.81
N PRO G 203 -4.99 -22.68 -58.51
CA PRO G 203 -5.54 -24.04 -58.43
C PRO G 203 -4.52 -25.08 -58.88
N PHE G 204 -4.53 -26.22 -58.20
CA PHE G 204 -3.61 -27.31 -58.50
C PHE G 204 -4.24 -28.62 -58.11
N VAL G 205 -3.98 -29.67 -58.89
CA VAL G 205 -4.52 -31.00 -58.64
C VAL G 205 -3.42 -32.02 -58.90
N ASP G 206 -3.34 -33.02 -58.01
CA ASP G 206 -2.38 -34.11 -58.15
C ASP G 206 -3.11 -35.43 -57.95
N MET G 207 -2.94 -36.36 -58.89
CA MET G 207 -3.57 -37.67 -58.76
C MET G 207 -2.99 -38.44 -57.58
N GLU G 208 -1.68 -38.36 -57.37
CA GLU G 208 -1.05 -39.08 -56.28
C GLU G 208 -1.51 -38.55 -54.92
N HIS G 209 -1.70 -37.24 -54.79
CA HIS G 209 -2.11 -36.63 -53.53
C HIS G 209 -3.28 -35.68 -53.80
N PRO G 210 -4.45 -36.24 -54.12
CA PRO G 210 -5.62 -35.36 -54.35
C PRO G 210 -6.04 -34.57 -53.12
N GLU G 211 -5.70 -35.03 -51.92
CA GLU G 211 -6.11 -34.33 -50.71
C GLU G 211 -5.50 -32.94 -50.58
N THR G 212 -4.42 -32.67 -51.31
CA THR G 212 -3.82 -31.34 -51.34
C THR G 212 -4.26 -30.54 -52.57
N SER G 213 -5.16 -31.08 -53.39
CA SER G 213 -5.56 -30.43 -54.63
C SER G 213 -6.41 -29.20 -54.31
N ILE G 214 -5.86 -28.02 -54.55
CA ILE G 214 -6.60 -26.78 -54.37
C ILE G 214 -7.48 -26.58 -55.60
N LYS G 215 -8.80 -26.51 -55.38
CA LYS G 215 -9.77 -26.40 -56.46
C LYS G 215 -10.49 -25.07 -56.37
N LEU G 216 -10.68 -24.42 -57.52
CA LEU G 216 -11.32 -23.12 -57.58
C LEU G 216 -12.36 -23.12 -58.70
N GLU G 217 -13.54 -22.58 -58.40
CA GLU G 217 -14.60 -22.37 -59.39
C GLU G 217 -15.08 -20.94 -59.19
N MET G 218 -14.74 -20.07 -60.13
CA MET G 218 -15.01 -18.64 -60.04
C MET G 218 -15.96 -18.27 -61.17
N ASP G 219 -17.25 -18.19 -60.85
CA ASP G 219 -18.23 -17.68 -61.82
C ASP G 219 -17.95 -16.22 -62.16
N GLN G 220 -17.64 -15.41 -61.14
CA GLN G 220 -17.29 -14.02 -61.33
C GLN G 220 -16.19 -13.65 -60.33
N PRO G 221 -15.37 -12.64 -60.64
CA PRO G 221 -14.34 -12.22 -59.69
C PRO G 221 -14.94 -11.71 -58.39
N VAL G 222 -14.22 -11.92 -57.30
CA VAL G 222 -14.69 -11.55 -55.97
C VAL G 222 -13.60 -10.81 -55.23
N ASP G 223 -14.02 -9.92 -54.32
CA ASP G 223 -13.09 -9.18 -53.47
C ASP G 223 -13.82 -8.83 -52.18
N LEU G 224 -13.30 -9.31 -51.05
CA LEU G 224 -13.96 -9.11 -49.76
C LEU G 224 -12.90 -8.91 -48.68
N THR G 225 -13.35 -8.41 -47.54
CA THR G 225 -12.48 -8.21 -46.38
C THR G 225 -13.20 -8.73 -45.13
N PHE G 226 -12.43 -9.35 -44.24
CA PHE G 226 -12.98 -9.95 -43.02
C PHE G 226 -12.08 -9.63 -41.85
N GLY G 227 -12.62 -9.80 -40.64
CA GLY G 227 -11.84 -9.58 -39.43
C GLY G 227 -10.94 -10.76 -39.13
N ALA G 228 -9.74 -10.44 -38.63
CA ALA G 228 -8.76 -11.48 -38.36
C ALA G 228 -9.21 -12.41 -37.25
N LYS G 229 -9.82 -11.86 -36.19
CA LYS G 229 -10.23 -12.69 -35.06
C LYS G 229 -11.29 -13.71 -35.48
N TYR G 230 -12.22 -13.29 -36.33
CA TYR G 230 -13.27 -14.22 -36.79
C TYR G 230 -12.67 -15.36 -37.59
N LEU G 231 -11.70 -15.05 -38.48
CA LEU G 231 -11.04 -16.11 -39.24
C LEU G 231 -10.24 -17.04 -38.33
N LEU G 232 -9.60 -16.48 -37.31
CA LEU G 232 -8.87 -17.31 -36.35
C LEU G 232 -9.81 -18.25 -35.61
N ASP G 233 -10.99 -17.77 -35.25
CA ASP G 233 -11.99 -18.64 -34.63
C ASP G 233 -12.45 -19.71 -35.61
N ILE G 234 -12.66 -19.33 -36.88
CA ILE G 234 -13.18 -20.29 -37.87
C ILE G 234 -12.18 -21.40 -38.11
N ILE G 235 -10.89 -21.06 -38.25
CA ILE G 235 -9.89 -22.06 -38.59
C ILE G 235 -9.68 -23.10 -37.51
N LYS G 236 -10.26 -22.91 -36.32
CA LYS G 236 -10.16 -23.92 -35.27
C LYS G 236 -10.90 -25.20 -35.62
N GLY G 237 -11.78 -25.18 -36.61
CA GLY G 237 -12.44 -26.38 -37.08
C GLY G 237 -11.63 -27.23 -38.02
N SER G 238 -10.41 -26.78 -38.37
CA SER G 238 -9.56 -27.55 -39.27
C SER G 238 -9.22 -28.93 -38.73
N SER G 239 -9.30 -29.13 -37.41
CA SER G 239 -9.02 -30.42 -36.82
C SER G 239 -10.09 -31.46 -37.13
N LEU G 240 -11.23 -31.03 -37.71
CA LEU G 240 -12.34 -31.94 -37.99
C LEU G 240 -12.33 -32.46 -39.43
N SER G 241 -11.86 -31.66 -40.38
CA SER G 241 -11.81 -32.06 -41.79
C SER G 241 -10.46 -31.69 -42.38
N ASP G 242 -9.94 -32.57 -43.23
CA ASP G 242 -8.67 -32.28 -43.88
C ASP G 242 -8.79 -31.08 -44.81
N ARG G 243 -9.92 -30.95 -45.50
CA ARG G 243 -10.17 -29.87 -46.44
C ARG G 243 -11.18 -28.90 -45.87
N VAL G 244 -11.21 -27.69 -46.44
CA VAL G 244 -12.16 -26.66 -46.08
C VAL G 244 -12.70 -26.03 -47.37
N GLY G 245 -14.00 -25.78 -47.39
CA GLY G 245 -14.67 -25.17 -48.53
C GLY G 245 -15.12 -23.76 -48.20
N ILE G 246 -14.69 -22.81 -49.03
CA ILE G 246 -15.00 -21.40 -48.84
C ILE G 246 -15.85 -20.95 -50.02
N ARG G 247 -17.05 -20.45 -49.72
CA ARG G 247 -17.96 -19.91 -50.71
C ARG G 247 -18.10 -18.41 -50.47
N LEU G 248 -17.84 -17.63 -51.51
CA LEU G 248 -17.88 -16.18 -51.45
C LEU G 248 -18.81 -15.63 -52.53
N SER G 249 -19.61 -14.65 -52.17
CA SER G 249 -20.48 -13.93 -53.08
C SER G 249 -20.05 -12.47 -53.12
N SER G 250 -20.72 -11.68 -53.98
CA SER G 250 -20.33 -10.29 -54.16
C SER G 250 -20.50 -9.49 -52.88
N GLU G 251 -21.69 -9.55 -52.28
CA GLU G 251 -22.00 -8.77 -51.08
C GLU G 251 -22.80 -9.62 -50.09
N ALA G 252 -22.39 -10.86 -49.88
CA ALA G 252 -23.06 -11.79 -48.99
C ALA G 252 -22.05 -12.39 -48.03
N PRO G 253 -22.50 -12.92 -46.90
CA PRO G 253 -21.57 -13.51 -45.94
C PRO G 253 -20.78 -14.66 -46.56
N ALA G 254 -19.52 -14.77 -46.16
CA ALA G 254 -18.66 -15.85 -46.61
C ALA G 254 -18.95 -17.12 -45.81
N LEU G 255 -19.01 -18.25 -46.50
CA LEU G 255 -19.32 -19.54 -45.89
C LEU G 255 -18.05 -20.39 -45.84
N PHE G 256 -17.65 -20.77 -44.63
CA PHE G 256 -16.51 -21.66 -44.40
C PHE G 256 -17.05 -22.97 -43.85
N GLN G 257 -16.91 -24.05 -44.62
CA GLN G 257 -17.51 -25.33 -44.29
C GLN G 257 -16.44 -26.40 -44.11
N PHE G 258 -16.59 -27.18 -43.05
CA PHE G 258 -15.83 -28.40 -42.80
C PHE G 258 -16.78 -29.58 -42.80
N ASP G 259 -16.45 -30.61 -43.57
CA ASP G 259 -17.30 -31.77 -43.72
C ASP G 259 -16.99 -32.81 -42.66
N LEU G 260 -18.04 -33.48 -42.18
CA LEU G 260 -17.94 -34.56 -41.20
C LEU G 260 -18.36 -35.87 -41.85
N LYS G 261 -18.38 -36.93 -41.05
CA LYS G 261 -18.74 -38.25 -41.57
C LYS G 261 -20.15 -38.24 -42.15
N SER G 262 -21.10 -37.66 -41.40
CA SER G 262 -22.48 -37.55 -41.87
C SER G 262 -23.09 -36.20 -41.52
N GLY G 263 -22.25 -35.21 -41.21
CA GLY G 263 -22.72 -33.90 -40.84
C GLY G 263 -21.83 -32.80 -41.38
N PHE G 264 -21.97 -31.58 -40.86
CA PHE G 264 -21.15 -30.48 -41.32
C PHE G 264 -21.01 -29.44 -40.20
N LEU G 265 -19.97 -28.63 -40.31
CA LEU G 265 -19.80 -27.44 -39.49
C LEU G 265 -19.58 -26.25 -40.40
N GLN G 266 -20.45 -25.25 -40.31
CA GLN G 266 -20.45 -24.10 -41.20
C GLN G 266 -20.31 -22.82 -40.40
N PHE G 267 -19.53 -21.89 -40.94
CA PHE G 267 -19.35 -20.56 -40.36
C PHE G 267 -19.73 -19.54 -41.43
N PHE G 268 -20.79 -18.78 -41.18
CA PHE G 268 -21.19 -17.66 -42.03
C PHE G 268 -20.64 -16.39 -41.40
N LEU G 269 -19.69 -15.75 -42.08
CA LEU G 269 -19.02 -14.57 -41.57
C LEU G 269 -19.43 -13.37 -42.42
N ALA G 270 -20.00 -12.36 -41.77
CA ALA G 270 -20.34 -11.13 -42.48
C ALA G 270 -19.07 -10.34 -42.76
N PRO G 271 -18.87 -9.86 -43.99
CA PRO G 271 -17.66 -9.11 -44.31
C PRO G 271 -17.72 -7.68 -43.77
N LYS G 272 -16.59 -6.99 -43.87
CA LYS G 272 -16.52 -5.58 -43.50
C LYS G 272 -17.08 -4.72 -44.61
N PHE G 273 -17.88 -3.72 -44.24
CA PHE G 273 -18.53 -2.87 -45.24
C PHE G 273 -17.48 -2.22 -46.14
N ASN G 274 -17.78 -2.19 -47.44
CA ASN G 274 -16.87 -1.60 -48.43
C ASN G 274 -16.50 -0.17 -48.05
N SER H 19 15.87 -2.20 -54.87
CA SER H 19 16.20 -3.64 -54.71
C SER H 19 17.69 -3.89 -54.87
N MET H 20 18.50 -2.88 -54.57
CA MET H 20 19.95 -3.03 -54.67
C MET H 20 20.45 -4.10 -53.70
N LEU H 21 19.93 -4.12 -52.49
CA LEU H 21 20.34 -5.09 -51.48
C LEU H 21 19.54 -6.38 -51.66
N GLU H 22 20.25 -7.51 -51.73
CA GLU H 22 19.63 -8.82 -51.87
C GLU H 22 20.40 -9.78 -50.96
N ALA H 23 19.91 -9.95 -49.73
CA ALA H 23 20.54 -10.83 -48.75
C ALA H 23 19.68 -12.09 -48.64
N LYS H 24 20.14 -13.16 -49.28
CA LYS H 24 19.41 -14.41 -49.27
C LYS H 24 19.93 -15.34 -48.18
N PHE H 25 19.01 -16.05 -47.54
CA PHE H 25 19.32 -17.00 -46.48
C PHE H 25 18.89 -18.40 -46.94
N GLU H 26 19.77 -19.38 -46.72
CA GLU H 26 19.42 -20.76 -47.07
C GLU H 26 18.17 -21.21 -46.30
N GLU H 27 18.04 -20.78 -45.05
CA GLU H 27 16.88 -21.08 -44.24
C GLU H 27 16.51 -19.84 -43.43
N ALA H 28 15.23 -19.51 -43.37
CA ALA H 28 14.79 -18.36 -42.61
C ALA H 28 15.02 -18.52 -41.12
N SER H 29 15.25 -19.74 -40.65
CA SER H 29 15.46 -19.96 -39.23
C SER H 29 16.71 -19.25 -38.72
N LEU H 30 17.71 -19.07 -39.60
CA LEU H 30 18.95 -18.45 -39.16
C LEU H 30 18.72 -17.02 -38.68
N PHE H 31 18.04 -16.21 -39.49
CA PHE H 31 17.77 -14.83 -39.09
C PHE H 31 16.86 -14.78 -37.88
N LYS H 32 15.89 -15.69 -37.80
CA LYS H 32 15.01 -15.74 -36.64
C LYS H 32 15.81 -16.00 -35.37
N ARG H 33 16.74 -16.95 -35.41
CA ARG H 33 17.59 -17.19 -34.25
C ARG H 33 18.45 -15.97 -33.95
N ILE H 34 18.97 -15.32 -35.00
CA ILE H 34 19.79 -14.11 -34.80
C ILE H 34 19.01 -13.09 -33.99
N ILE H 35 17.77 -12.83 -34.39
CA ILE H 35 16.97 -11.82 -33.70
C ILE H 35 16.62 -12.29 -32.29
N ASP H 36 16.17 -13.54 -32.15
CA ASP H 36 15.80 -14.05 -30.84
C ASP H 36 16.97 -14.06 -29.87
N GLY H 37 18.20 -14.02 -30.38
CA GLY H 37 19.35 -13.96 -29.50
C GLY H 37 19.42 -12.69 -28.69
N PHE H 38 18.95 -11.57 -29.25
CA PHE H 38 19.08 -10.28 -28.59
C PHE H 38 17.84 -9.41 -28.74
N LYS H 39 16.65 -10.01 -28.81
CA LYS H 39 15.42 -9.24 -28.92
C LYS H 39 14.82 -8.91 -27.56
N ASP H 40 15.49 -9.26 -26.46
CA ASP H 40 15.01 -8.94 -25.12
C ASP H 40 15.70 -7.72 -24.54
N CYS H 41 17.03 -7.60 -24.70
CA CYS H 41 17.75 -6.47 -24.14
C CYS H 41 17.53 -5.20 -24.95
N VAL H 42 17.40 -5.32 -26.27
CA VAL H 42 17.21 -4.18 -27.15
C VAL H 42 16.00 -4.44 -28.05
N GLN H 43 15.31 -3.37 -28.41
CA GLN H 43 14.13 -3.45 -29.26
C GLN H 43 14.32 -2.75 -30.59
N LEU H 44 14.77 -1.50 -30.59
CA LEU H 44 15.00 -0.73 -31.81
C LEU H 44 16.48 -0.78 -32.14
N VAL H 45 16.83 -1.33 -33.31
CA VAL H 45 18.22 -1.48 -33.69
C VAL H 45 18.39 -1.14 -35.17
N ASN H 46 19.62 -0.74 -35.52
CA ASN H 46 20.01 -0.41 -36.88
C ASN H 46 20.95 -1.47 -37.41
N PHE H 47 20.60 -2.05 -38.55
CA PHE H 47 21.49 -2.97 -39.27
C PHE H 47 22.10 -2.21 -40.44
N GLN H 48 23.42 -2.04 -40.42
CA GLN H 48 24.14 -1.44 -41.52
C GLN H 48 24.61 -2.57 -42.44
N CYS H 49 24.08 -2.59 -43.66
CA CYS H 49 24.41 -3.61 -44.64
C CYS H 49 25.33 -3.00 -45.69
N LYS H 50 26.52 -3.58 -45.83
CA LYS H 50 27.51 -3.14 -46.79
C LYS H 50 27.99 -4.36 -47.57
N GLU H 51 28.85 -4.12 -48.55
CA GLU H 51 29.36 -5.22 -49.36
C GLU H 51 30.04 -6.27 -48.48
N ASP H 52 30.58 -5.85 -47.34
CA ASP H 52 31.27 -6.77 -46.44
C ASP H 52 30.30 -7.62 -45.62
N GLY H 53 29.07 -7.15 -45.39
CA GLY H 53 28.11 -7.91 -44.62
C GLY H 53 27.20 -6.98 -43.85
N ILE H 54 26.45 -7.55 -42.90
CA ILE H 54 25.52 -6.79 -42.08
C ILE H 54 26.05 -6.70 -40.66
N ILE H 55 26.13 -5.49 -40.11
CA ILE H 55 26.68 -5.25 -38.79
C ILE H 55 25.68 -4.42 -38.00
N ALA H 56 25.49 -4.76 -36.73
CA ALA H 56 24.56 -4.05 -35.87
C ALA H 56 25.14 -3.92 -34.47
N GLN H 57 24.72 -2.86 -33.78
CA GLN H 57 25.14 -2.60 -32.41
C GLN H 57 24.03 -1.86 -31.67
N ALA H 58 23.91 -2.13 -30.38
CA ALA H 58 22.91 -1.45 -29.57
C ALA H 58 23.17 -1.73 -28.10
N VAL H 59 22.90 -0.74 -27.26
CA VAL H 59 23.11 -0.84 -25.82
C VAL H 59 21.78 -0.67 -25.10
N ASP H 60 21.55 -1.48 -24.08
CA ASP H 60 20.30 -1.43 -23.34
C ASP H 60 20.11 -0.06 -22.70
N ASP H 61 18.90 0.17 -22.18
CA ASP H 61 18.58 1.47 -21.60
C ASP H 61 19.46 1.76 -20.39
N SER H 62 19.73 0.75 -19.56
CA SER H 62 20.55 0.96 -18.37
C SER H 62 21.99 1.31 -18.72
N ARG H 63 22.40 1.11 -19.98
CA ARG H 63 23.76 1.36 -20.44
C ARG H 63 24.78 0.46 -19.76
N VAL H 64 24.32 -0.61 -19.10
CA VAL H 64 25.24 -1.54 -18.45
C VAL H 64 25.66 -2.66 -19.40
N LEU H 65 24.81 -3.05 -20.34
CA LEU H 65 25.08 -4.15 -21.26
C LEU H 65 24.95 -3.63 -22.69
N LEU H 66 25.97 -3.90 -23.49
CA LEU H 66 25.99 -3.58 -24.91
C LEU H 66 26.00 -4.87 -25.71
N VAL H 67 25.51 -4.79 -26.95
CA VAL H 67 25.40 -5.95 -27.82
C VAL H 67 25.85 -5.57 -29.21
N SER H 68 26.64 -6.45 -29.83
CA SER H 68 27.12 -6.27 -31.19
C SER H 68 26.91 -7.55 -31.96
N LEU H 69 26.70 -7.43 -33.27
CA LEU H 69 26.43 -8.59 -34.11
C LEU H 69 27.01 -8.34 -35.50
N GLU H 70 27.67 -9.35 -36.05
CA GLU H 70 28.15 -9.31 -37.42
C GLU H 70 27.69 -10.56 -38.15
N ILE H 71 27.31 -10.38 -39.41
CA ILE H 71 26.91 -11.46 -40.30
C ILE H 71 27.66 -11.21 -41.61
N GLY H 72 28.67 -12.01 -41.88
CA GLY H 72 29.47 -11.84 -43.08
C GLY H 72 28.77 -12.37 -44.31
N VAL H 73 29.35 -12.04 -45.47
CA VAL H 73 28.76 -12.46 -46.73
C VAL H 73 28.65 -13.97 -46.80
N GLU H 74 29.66 -14.69 -46.29
CA GLU H 74 29.62 -16.14 -46.29
C GLU H 74 28.48 -16.67 -45.43
N ALA H 75 28.06 -15.91 -44.41
CA ALA H 75 26.97 -16.35 -43.55
C ALA H 75 25.66 -16.43 -44.33
N PHE H 76 25.46 -15.55 -45.30
CA PHE H 76 24.26 -15.56 -46.11
C PHE H 76 24.38 -16.66 -47.18
N GLN H 77 23.45 -16.66 -48.13
CA GLN H 77 23.48 -17.59 -49.26
C GLN H 77 23.85 -16.91 -50.57
N GLU H 78 23.18 -15.82 -50.90
CA GLU H 78 23.45 -15.08 -52.13
C GLU H 78 23.49 -13.58 -51.84
N TYR H 79 24.23 -13.19 -50.81
CA TYR H 79 24.31 -11.79 -50.43
C TYR H 79 24.77 -10.94 -51.61
N ARG H 80 24.08 -9.82 -51.83
CA ARG H 80 24.42 -8.91 -52.93
C ARG H 80 24.01 -7.51 -52.48
N CYS H 81 24.98 -6.75 -52.00
CA CYS H 81 24.76 -5.37 -51.58
C CYS H 81 25.58 -4.45 -52.48
N ASP H 82 24.92 -3.45 -53.06
CA ASP H 82 25.58 -2.53 -53.98
C ASP H 82 26.20 -1.34 -53.26
N HIS H 83 25.46 -0.70 -52.36
CA HIS H 83 25.94 0.44 -51.60
C HIS H 83 25.51 0.26 -50.14
N PRO H 84 26.23 0.89 -49.21
CA PRO H 84 25.84 0.77 -47.80
C PRO H 84 24.43 1.29 -47.58
N VAL H 85 23.66 0.57 -46.78
CA VAL H 85 22.28 0.95 -46.46
C VAL H 85 22.01 0.64 -45.00
N THR H 86 21.40 1.58 -44.29
CA THR H 86 21.06 1.41 -42.89
C THR H 86 19.57 1.14 -42.76
N LEU H 87 19.22 0.03 -42.11
CA LEU H 87 17.84 -0.38 -41.90
C LEU H 87 17.58 -0.36 -40.39
N GLY H 88 16.80 0.62 -39.94
CA GLY H 88 16.44 0.74 -38.55
C GLY H 88 15.04 0.21 -38.30
N MET H 89 14.95 -0.81 -37.45
CA MET H 89 13.66 -1.46 -37.22
C MET H 89 13.56 -1.93 -35.77
N ASP H 90 12.32 -2.22 -35.37
CA ASP H 90 12.04 -2.78 -34.07
C ASP H 90 12.03 -4.30 -34.17
N LEU H 91 12.72 -4.95 -33.23
CA LEU H 91 12.83 -6.40 -33.28
C LEU H 91 11.51 -7.11 -33.01
N THR H 92 10.55 -6.44 -32.38
CA THR H 92 9.25 -7.07 -32.12
C THR H 92 8.50 -7.34 -33.42
N SER H 93 8.36 -6.33 -34.27
CA SER H 93 7.69 -6.52 -35.55
C SER H 93 8.49 -7.46 -36.44
N LEU H 94 9.82 -7.37 -36.40
CA LEU H 94 10.65 -8.27 -37.19
C LEU H 94 10.42 -9.71 -36.78
N SER H 95 10.35 -9.97 -35.47
CA SER H 95 10.06 -11.32 -34.99
C SER H 95 8.66 -11.76 -35.42
N LYS H 96 7.69 -10.85 -35.34
CA LYS H 96 6.34 -11.17 -35.80
C LYS H 96 6.36 -11.64 -37.24
N ILE H 97 7.03 -10.90 -38.11
CA ILE H 97 7.07 -11.25 -39.53
C ILE H 97 7.82 -12.56 -39.73
N LEU H 98 8.98 -12.72 -39.07
CA LEU H 98 9.76 -13.94 -39.20
C LEU H 98 8.98 -15.16 -38.72
N ARG H 99 7.99 -14.96 -37.84
CA ARG H 99 7.15 -16.07 -37.43
C ARG H 99 6.40 -16.67 -38.62
N CYS H 100 6.14 -15.86 -39.64
CA CYS H 100 5.45 -16.34 -40.82
C CYS H 100 6.36 -17.28 -41.63
N GLY H 101 5.73 -18.07 -42.49
CA GLY H 101 6.47 -19.02 -43.31
C GLY H 101 6.92 -20.23 -42.51
N ASN H 102 7.86 -20.96 -43.09
CA ASN H 102 8.43 -22.15 -42.47
C ASN H 102 9.89 -21.91 -42.10
N ASN H 103 10.40 -22.75 -41.21
CA ASN H 103 11.78 -22.64 -40.79
C ASN H 103 12.76 -23.03 -41.89
N THR H 104 12.28 -23.72 -42.93
CA THR H 104 13.15 -24.16 -44.02
C THR H 104 13.06 -23.27 -45.25
N ASP H 105 12.03 -22.43 -45.37
CA ASP H 105 11.93 -21.55 -46.52
C ASP H 105 13.09 -20.57 -46.56
N THR H 106 13.52 -20.23 -47.77
CA THR H 106 14.62 -19.28 -47.94
C THR H 106 14.10 -17.87 -47.72
N LEU H 107 14.82 -17.10 -46.91
CA LEU H 107 14.46 -15.72 -46.59
C LEU H 107 15.34 -14.77 -47.39
N THR H 108 14.71 -13.84 -48.09
CA THR H 108 15.40 -12.82 -48.88
C THR H 108 15.08 -11.46 -48.29
N LEU H 109 16.13 -10.70 -47.99
CA LEU H 109 16.04 -9.34 -47.47
C LEU H 109 16.34 -8.39 -48.62
N ILE H 110 15.41 -7.47 -48.89
CA ILE H 110 15.51 -6.55 -50.01
C ILE H 110 15.28 -5.13 -49.50
N ALA H 111 16.16 -4.21 -49.89
CA ALA H 111 16.08 -2.80 -49.53
C ALA H 111 16.03 -1.95 -50.80
N ASP H 112 16.04 -0.63 -50.60
CA ASP H 112 15.97 0.32 -51.70
C ASP H 112 16.99 1.42 -51.49
N ASN H 113 17.28 2.15 -52.57
CA ASN H 113 18.20 3.27 -52.49
C ASN H 113 17.77 4.27 -51.43
N THR H 114 16.46 4.43 -51.22
CA THR H 114 15.89 5.27 -50.18
C THR H 114 15.04 4.37 -49.30
N PRO H 115 15.63 3.71 -48.29
CA PRO H 115 14.87 2.71 -47.52
C PRO H 115 13.79 3.33 -46.65
N ASP H 116 12.54 3.17 -47.06
CA ASP H 116 11.39 3.53 -46.24
C ASP H 116 10.68 2.30 -45.68
N SER H 117 10.77 1.17 -46.36
CA SER H 117 10.19 -0.08 -45.89
C SER H 117 10.99 -1.23 -46.47
N ILE H 118 11.49 -2.10 -45.60
CA ILE H 118 12.26 -3.25 -46.03
C ILE H 118 11.30 -4.34 -46.51
N ILE H 119 11.82 -5.29 -47.30
CA ILE H 119 11.00 -6.36 -47.86
C ILE H 119 11.61 -7.69 -47.42
N LEU H 120 10.79 -8.52 -46.76
CA LEU H 120 11.17 -9.87 -46.35
C LEU H 120 10.35 -10.84 -47.20
N LEU H 121 11.04 -11.63 -48.02
CA LEU H 121 10.39 -12.55 -48.94
C LEU H 121 10.74 -13.97 -48.53
N PHE H 122 9.71 -14.81 -48.35
CA PHE H 122 9.88 -16.20 -47.97
C PHE H 122 9.54 -17.07 -49.17
N GLU H 123 10.53 -17.84 -49.63
CA GLU H 123 10.38 -18.73 -50.78
C GLU H 123 10.35 -20.16 -50.30
N ASP H 124 9.32 -20.91 -50.73
CA ASP H 124 9.21 -22.34 -50.45
C ASP H 124 9.28 -23.09 -51.76
N THR H 125 10.30 -23.93 -51.89
CA THR H 125 10.49 -24.71 -53.11
C THR H 125 9.68 -25.99 -53.13
N LYS H 126 9.30 -26.53 -51.97
CA LYS H 126 8.46 -27.73 -51.93
C LYS H 126 7.10 -27.45 -52.56
N LYS H 127 6.52 -26.29 -52.27
CA LYS H 127 5.26 -25.88 -52.87
C LYS H 127 5.46 -24.86 -53.99
N ASP H 128 6.68 -24.40 -54.22
CA ASP H 128 6.99 -23.42 -55.27
C ASP H 128 6.10 -22.18 -55.12
N ARG H 129 6.27 -21.49 -53.99
CA ARG H 129 5.46 -20.32 -53.69
C ARG H 129 6.32 -19.28 -52.98
N ILE H 130 5.83 -18.03 -53.02
CA ILE H 130 6.51 -16.90 -52.43
C ILE H 130 5.51 -16.11 -51.59
N ALA H 131 5.92 -15.70 -50.39
CA ALA H 131 5.12 -14.83 -49.54
C ALA H 131 5.96 -13.64 -49.13
N GLU H 132 5.45 -12.43 -49.41
CA GLU H 132 6.18 -11.19 -49.17
C GLU H 132 5.52 -10.46 -48.00
N TYR H 133 6.31 -10.16 -46.97
CA TYR H 133 5.84 -9.46 -45.78
C TYR H 133 6.71 -8.22 -45.59
N SER H 134 6.29 -7.11 -46.22
CA SER H 134 7.03 -5.86 -46.09
C SER H 134 6.93 -5.34 -44.66
N LEU H 135 8.00 -4.69 -44.22
CA LEU H 135 8.11 -4.16 -42.86
C LEU H 135 8.51 -2.69 -42.94
N LYS H 136 7.65 -1.81 -42.43
CA LYS H 136 7.97 -0.40 -42.41
C LYS H 136 9.17 -0.14 -41.51
N LEU H 137 10.14 0.62 -42.01
CA LEU H 137 11.34 0.93 -41.26
C LEU H 137 11.14 2.18 -40.41
N MET H 138 11.81 2.21 -39.27
CA MET H 138 11.68 3.31 -38.32
C MET H 138 13.04 3.97 -38.14
N ASP H 139 13.02 5.27 -37.89
CA ASP H 139 14.25 6.03 -37.68
C ASP H 139 14.70 5.87 -36.23
N ILE H 140 15.96 5.46 -36.04
CA ILE H 140 16.52 5.21 -34.72
C ILE H 140 17.73 6.11 -34.54
N ASP H 141 17.77 6.84 -33.42
CA ASP H 141 18.87 7.75 -33.12
C ASP H 141 19.92 7.01 -32.30
N ALA H 142 20.70 6.19 -32.99
CA ALA H 142 21.77 5.41 -32.38
C ALA H 142 23.06 5.63 -33.18
N ASP H 143 24.17 5.70 -32.46
CA ASP H 143 25.49 5.93 -33.05
C ASP H 143 26.33 4.67 -32.92
N PHE H 144 26.89 4.20 -34.03
CA PHE H 144 27.73 3.02 -34.00
C PHE H 144 29.06 3.32 -33.30
N LEU H 145 29.51 2.37 -32.49
CA LEU H 145 30.75 2.51 -31.72
C LEU H 145 31.70 1.41 -32.17
N LYS H 146 32.86 1.81 -32.70
CA LYS H 146 33.88 0.84 -33.08
C LYS H 146 34.42 0.13 -31.85
N ILE H 147 34.66 -1.17 -31.99
CA ILE H 147 35.12 -2.01 -30.89
C ILE H 147 36.62 -2.24 -31.06
N GLU H 148 37.40 -1.83 -30.07
CA GLU H 148 38.83 -2.07 -30.08
C GLU H 148 39.15 -3.45 -29.51
N GLU H 149 40.42 -3.83 -29.62
CA GLU H 149 40.91 -5.10 -29.12
C GLU H 149 41.74 -4.84 -27.86
N LEU H 150 41.32 -5.43 -26.74
CA LEU H 150 42.01 -5.28 -25.47
C LEU H 150 42.13 -6.64 -24.83
N GLN H 151 43.37 -7.05 -24.53
CA GLN H 151 43.60 -8.35 -23.91
C GLN H 151 42.97 -8.41 -22.53
N TYR H 152 42.46 -9.59 -22.18
CA TYR H 152 41.78 -9.81 -20.92
C TYR H 152 42.68 -10.60 -19.96
N ASP H 153 42.37 -10.50 -18.67
CA ASP H 153 43.14 -11.23 -17.67
C ASP H 153 43.01 -12.74 -17.87
N SER H 154 41.81 -13.21 -18.20
CA SER H 154 41.59 -14.62 -18.45
C SER H 154 40.55 -14.78 -19.56
N THR H 155 40.60 -15.93 -20.22
CA THR H 155 39.67 -16.26 -21.30
C THR H 155 39.30 -17.74 -21.18
N LEU H 156 37.99 -18.00 -21.16
CA LEU H 156 37.47 -19.35 -21.04
C LEU H 156 36.48 -19.61 -22.16
N SER H 157 36.25 -20.90 -22.44
CA SER H 157 35.29 -21.31 -23.45
C SER H 157 34.63 -22.59 -22.98
N LEU H 158 33.30 -22.60 -22.93
CA LEU H 158 32.57 -23.75 -22.40
C LEU H 158 31.25 -23.89 -23.14
N PRO H 159 30.64 -25.08 -23.09
CA PRO H 159 29.34 -25.25 -23.74
C PRO H 159 28.31 -24.26 -23.21
N SER H 160 27.48 -23.75 -24.13
CA SER H 160 26.50 -22.74 -23.75
C SER H 160 25.47 -23.31 -22.79
N SER H 161 25.09 -24.57 -22.96
CA SER H 161 24.08 -25.17 -22.08
C SER H 161 24.54 -25.18 -20.64
N GLU H 162 25.80 -25.56 -20.40
CA GLU H 162 26.30 -25.58 -19.03
C GLU H 162 26.30 -24.18 -18.43
N PHE H 163 26.72 -23.18 -19.20
CA PHE H 163 26.74 -21.81 -18.70
C PHE H 163 25.33 -21.34 -18.36
N SER H 164 24.36 -21.62 -19.23
CA SER H 164 22.99 -21.22 -18.95
C SER H 164 22.45 -21.93 -17.72
N LYS H 165 22.73 -23.23 -17.58
CA LYS H 165 22.29 -23.97 -16.41
C LYS H 165 22.84 -23.34 -15.13
N ILE H 166 24.15 -23.07 -15.12
CA ILE H 166 24.77 -22.49 -13.93
C ILE H 166 24.16 -21.11 -13.64
N VAL H 167 23.99 -20.30 -14.68
CA VAL H 167 23.48 -18.95 -14.50
C VAL H 167 22.11 -19.00 -13.86
N ARG H 168 21.20 -19.80 -14.42
CA ARG H 168 19.84 -19.88 -13.86
C ARG H 168 19.85 -20.45 -12.45
N ASP H 169 20.58 -21.54 -12.23
CA ASP H 169 20.58 -22.19 -10.92
C ASP H 169 21.08 -21.23 -9.85
N LEU H 170 22.17 -20.51 -10.12
CA LEU H 170 22.68 -19.55 -9.15
C LEU H 170 21.80 -18.32 -9.04
N SER H 171 21.08 -17.97 -10.11
CA SER H 171 20.13 -16.87 -10.02
C SER H 171 18.99 -17.21 -9.07
N GLN H 172 18.62 -18.49 -8.99
CA GLN H 172 17.59 -18.87 -8.01
C GLN H 172 18.01 -18.50 -6.59
N LEU H 173 19.32 -18.47 -6.32
CA LEU H 173 19.80 -18.22 -4.96
C LEU H 173 20.11 -16.76 -4.68
N SER H 174 20.59 -16.02 -5.69
CA SER H 174 20.99 -14.63 -5.47
C SER H 174 20.89 -13.89 -6.80
N ASP H 175 20.92 -12.56 -6.71
CA ASP H 175 20.89 -11.69 -7.88
C ASP H 175 22.28 -11.32 -8.37
N SER H 176 23.33 -11.83 -7.74
CA SER H 176 24.70 -11.58 -8.15
C SER H 176 25.44 -12.90 -8.28
N ILE H 177 26.22 -13.04 -9.35
CA ILE H 177 27.02 -14.22 -9.61
C ILE H 177 28.48 -13.79 -9.64
N ASN H 178 29.30 -14.43 -8.80
CA ASN H 178 30.72 -14.13 -8.72
C ASN H 178 31.49 -15.17 -9.52
N ILE H 179 32.15 -14.74 -10.58
CA ILE H 179 32.99 -15.60 -11.40
C ILE H 179 34.43 -15.39 -10.97
N MET H 180 35.08 -16.48 -10.55
CA MET H 180 36.47 -16.49 -10.12
C MET H 180 37.25 -17.41 -11.04
N ILE H 181 38.26 -16.86 -11.70
CA ILE H 181 39.13 -17.61 -12.59
C ILE H 181 40.49 -17.72 -11.90
N THR H 182 40.93 -18.96 -11.69
CA THR H 182 42.19 -19.26 -11.02
C THR H 182 42.84 -20.44 -11.74
N LYS H 183 44.06 -20.78 -11.35
CA LYS H 183 44.82 -21.84 -12.00
C LYS H 183 43.95 -23.08 -12.19
N GLU H 184 43.68 -23.41 -13.46
CA GLU H 184 42.83 -24.54 -13.84
C GLU H 184 41.64 -24.68 -12.88
N THR H 185 40.88 -23.60 -12.77
CA THR H 185 39.72 -23.58 -11.88
C THR H 185 38.81 -22.43 -12.28
N ILE H 186 37.54 -22.73 -12.51
CA ILE H 186 36.53 -21.72 -12.82
C ILE H 186 35.39 -21.93 -11.82
N LYS H 187 35.15 -20.91 -10.99
CA LYS H 187 34.19 -21.01 -9.90
C LYS H 187 33.10 -19.97 -10.09
N PHE H 188 31.84 -20.40 -9.94
CA PHE H 188 30.69 -19.50 -9.93
C PHE H 188 30.06 -19.60 -8.55
N VAL H 189 29.95 -18.47 -7.87
CA VAL H 189 29.48 -18.43 -6.48
C VAL H 189 28.30 -17.48 -6.37
N ALA H 190 27.41 -17.77 -5.42
CA ALA H 190 26.27 -16.90 -5.16
C ALA H 190 25.78 -17.14 -3.74
N ASP H 191 25.68 -16.08 -2.95
CA ASP H 191 25.22 -16.16 -1.58
C ASP H 191 24.02 -15.25 -1.38
N GLY H 192 23.06 -15.73 -0.58
CA GLY H 192 21.86 -14.98 -0.31
C GLY H 192 21.27 -15.29 1.06
N ASP H 193 20.08 -14.76 1.35
CA ASP H 193 19.45 -15.03 2.63
C ASP H 193 19.16 -16.51 2.80
N ILE H 194 18.77 -17.19 1.71
CA ILE H 194 18.49 -18.62 1.78
C ILE H 194 19.74 -19.39 2.14
N GLY H 195 20.86 -19.06 1.50
CA GLY H 195 22.10 -19.76 1.75
C GLY H 195 23.12 -19.47 0.66
N SER H 196 24.10 -20.36 0.56
CA SER H 196 25.19 -20.21 -0.39
C SER H 196 25.17 -21.33 -1.42
N GLY H 197 25.73 -21.04 -2.59
CA GLY H 197 25.82 -22.02 -3.66
C GLY H 197 27.02 -21.78 -4.54
N SER H 198 27.82 -22.82 -4.76
CA SER H 198 29.05 -22.73 -5.53
C SER H 198 29.11 -23.85 -6.54
N VAL H 199 29.67 -23.54 -7.71
CA VAL H 199 29.89 -24.51 -8.78
C VAL H 199 31.34 -24.37 -9.23
N ILE H 200 32.05 -25.49 -9.31
CA ILE H 200 33.46 -25.52 -9.70
C ILE H 200 33.60 -26.39 -10.93
N ILE H 201 34.26 -25.85 -11.96
CA ILE H 201 34.56 -26.61 -13.18
C ILE H 201 36.04 -26.46 -13.49
N LYS H 202 36.66 -27.58 -13.86
CA LYS H 202 38.07 -27.61 -14.21
C LYS H 202 38.24 -27.82 -15.70
N PRO H 203 39.21 -27.14 -16.34
CA PRO H 203 39.36 -27.29 -17.79
C PRO H 203 39.65 -28.74 -18.17
N PHE H 204 38.91 -29.24 -19.15
CA PHE H 204 39.09 -30.60 -19.64
C PHE H 204 38.67 -30.64 -21.11
N VAL H 205 39.15 -31.68 -21.81
CA VAL H 205 38.88 -31.85 -23.23
C VAL H 205 38.40 -33.27 -23.47
N ASP H 206 37.56 -33.43 -24.47
CA ASP H 206 37.01 -34.73 -24.84
C ASP H 206 37.16 -34.94 -26.34
N MET H 207 37.30 -36.20 -26.73
CA MET H 207 37.48 -36.57 -28.13
C MET H 207 36.20 -37.07 -28.79
N GLU H 208 35.43 -37.92 -28.09
CA GLU H 208 34.18 -38.41 -28.66
C GLU H 208 33.17 -37.27 -28.80
N HIS H 209 33.17 -36.33 -27.87
CA HIS H 209 32.28 -35.16 -27.90
C HIS H 209 33.12 -33.92 -27.66
N PRO H 210 33.88 -33.47 -28.67
CA PRO H 210 34.70 -32.27 -28.48
C PRO H 210 33.90 -31.04 -28.09
N GLU H 211 32.65 -30.94 -28.56
CA GLU H 211 31.83 -29.78 -28.20
C GLU H 211 31.65 -29.67 -26.70
N THR H 212 31.66 -30.80 -25.98
CA THR H 212 31.53 -30.80 -24.53
C THR H 212 32.91 -30.73 -23.87
N SER H 213 33.58 -29.61 -24.11
CA SER H 213 34.91 -29.36 -23.59
C SER H 213 34.98 -27.97 -22.97
N ILE H 214 35.71 -27.86 -21.87
CA ILE H 214 35.90 -26.59 -21.16
C ILE H 214 37.38 -26.24 -21.24
N LYS H 215 37.67 -25.06 -21.79
CA LYS H 215 39.04 -24.60 -21.95
C LYS H 215 39.24 -23.29 -21.21
N LEU H 216 40.42 -23.12 -20.63
CA LEU H 216 40.76 -21.93 -19.86
C LEU H 216 42.16 -21.45 -20.21
N GLU H 217 42.37 -20.15 -20.09
CA GLU H 217 43.68 -19.53 -20.29
C GLU H 217 43.97 -18.67 -19.07
N MET H 218 44.74 -19.21 -18.13
CA MET H 218 45.02 -18.56 -16.86
C MET H 218 46.29 -17.73 -16.99
N ASP H 219 46.12 -16.41 -17.05
CA ASP H 219 47.22 -15.46 -17.09
C ASP H 219 47.35 -14.67 -15.79
N GLN H 220 46.26 -14.07 -15.33
CA GLN H 220 46.21 -13.38 -14.05
C GLN H 220 44.96 -13.81 -13.30
N PRO H 221 45.00 -13.80 -11.96
CA PRO H 221 43.79 -14.16 -11.20
C PRO H 221 42.67 -13.20 -11.51
N VAL H 222 41.44 -13.73 -11.60
CA VAL H 222 40.29 -12.92 -11.99
C VAL H 222 39.15 -13.18 -11.01
N ASP H 223 38.43 -12.12 -10.65
CA ASP H 223 37.30 -12.23 -9.72
C ASP H 223 36.35 -11.06 -10.00
N LEU H 224 35.25 -11.33 -10.70
CA LEU H 224 34.27 -10.31 -11.03
C LEU H 224 32.88 -10.73 -10.60
N THR H 225 32.13 -9.77 -10.06
CA THR H 225 30.73 -9.97 -9.70
C THR H 225 29.84 -9.38 -10.78
N PHE H 226 28.85 -10.14 -11.22
CA PHE H 226 27.96 -9.73 -12.31
C PHE H 226 26.51 -9.83 -11.87
N GLY H 227 25.67 -8.99 -12.46
CA GLY H 227 24.26 -8.99 -12.13
C GLY H 227 23.57 -10.20 -12.72
N ALA H 228 22.68 -10.82 -11.95
CA ALA H 228 22.01 -12.02 -12.41
C ALA H 228 21.13 -11.74 -13.64
N LYS H 229 20.46 -10.59 -13.65
CA LYS H 229 19.60 -10.25 -14.78
C LYS H 229 20.40 -10.18 -16.08
N TYR H 230 21.56 -9.53 -16.03
CA TYR H 230 22.37 -9.38 -17.25
C TYR H 230 22.85 -10.74 -17.75
N LEU H 231 23.29 -11.61 -16.85
CA LEU H 231 23.72 -12.95 -17.27
C LEU H 231 22.55 -13.75 -17.83
N LEU H 232 21.37 -13.62 -17.21
CA LEU H 232 20.20 -14.32 -17.74
C LEU H 232 19.86 -13.85 -19.14
N ASP H 233 19.95 -12.53 -19.38
CA ASP H 233 19.71 -12.01 -20.72
C ASP H 233 20.77 -12.51 -21.69
N ILE H 234 22.04 -12.54 -21.26
CA ILE H 234 23.13 -12.92 -22.16
C ILE H 234 23.02 -14.38 -22.57
N ILE H 235 22.68 -15.26 -21.61
CA ILE H 235 22.62 -16.69 -21.91
C ILE H 235 21.56 -17.04 -22.94
N LYS H 236 20.72 -16.08 -23.33
CA LYS H 236 19.73 -16.29 -24.37
C LYS H 236 20.35 -16.34 -25.77
N GLY H 237 21.66 -16.12 -25.89
CA GLY H 237 22.34 -16.20 -27.16
C GLY H 237 22.70 -17.59 -27.61
N SER H 238 22.33 -18.61 -26.84
CA SER H 238 22.62 -19.99 -27.21
C SER H 238 21.89 -20.41 -28.48
N SER H 239 20.85 -19.66 -28.88
CA SER H 239 20.13 -19.98 -30.11
C SER H 239 21.00 -19.81 -31.34
N LEU H 240 22.12 -19.10 -31.22
CA LEU H 240 23.02 -18.86 -32.35
C LEU H 240 24.22 -19.79 -32.38
N SER H 241 24.84 -20.03 -31.22
CA SER H 241 26.03 -20.86 -31.13
C SER H 241 25.85 -21.94 -30.09
N ASP H 242 26.59 -23.05 -30.26
CA ASP H 242 26.51 -24.16 -29.32
C ASP H 242 27.37 -23.90 -28.10
N ARG H 243 28.53 -23.28 -28.27
CA ARG H 243 29.45 -23.01 -27.19
C ARG H 243 29.63 -21.51 -27.00
N VAL H 244 29.82 -21.10 -25.75
CA VAL H 244 29.97 -19.69 -25.39
C VAL H 244 31.42 -19.45 -24.98
N GLY H 245 31.99 -18.35 -25.49
CA GLY H 245 33.33 -17.95 -25.11
C GLY H 245 33.34 -16.67 -24.31
N ILE H 246 33.92 -16.70 -23.11
CA ILE H 246 33.91 -15.55 -22.20
C ILE H 246 35.35 -15.09 -22.00
N ARG H 247 35.49 -13.78 -21.76
CA ARG H 247 36.78 -13.17 -21.49
C ARG H 247 36.60 -12.14 -20.39
N LEU H 248 37.35 -12.30 -19.29
CA LEU H 248 37.18 -11.48 -18.11
C LEU H 248 38.50 -10.77 -17.78
N SER H 249 38.39 -9.51 -17.38
CA SER H 249 39.54 -8.70 -17.02
C SER H 249 39.16 -7.77 -15.88
N SER H 250 40.18 -7.33 -15.14
CA SER H 250 39.95 -6.38 -14.05
C SER H 250 39.63 -4.98 -14.57
N GLU H 251 40.04 -4.66 -15.80
CA GLU H 251 39.78 -3.37 -16.41
C GLU H 251 38.86 -3.47 -17.62
N ALA H 252 39.17 -4.37 -18.55
CA ALA H 252 38.33 -4.51 -19.73
C ALA H 252 36.94 -5.03 -19.33
N PRO H 253 35.86 -4.44 -19.83
CA PRO H 253 34.54 -4.97 -19.52
C PRO H 253 34.41 -6.42 -20.00
N ALA H 254 33.70 -7.22 -19.21
CA ALA H 254 33.57 -8.64 -19.51
C ALA H 254 32.96 -8.84 -20.90
N LEU H 255 33.50 -9.82 -21.62
CA LEU H 255 33.07 -10.17 -22.97
C LEU H 255 32.43 -11.55 -22.96
N PHE H 256 31.27 -11.66 -23.61
CA PHE H 256 30.66 -12.96 -23.88
C PHE H 256 30.40 -13.03 -25.38
N GLN H 257 30.64 -14.21 -25.97
CA GLN H 257 30.55 -14.32 -27.42
C GLN H 257 29.94 -15.65 -27.82
N PHE H 258 29.03 -15.58 -28.79
CA PHE H 258 28.47 -16.75 -29.46
C PHE H 258 28.79 -16.63 -30.95
N ASP H 259 29.52 -17.60 -31.48
CA ASP H 259 30.00 -17.53 -32.85
C ASP H 259 28.97 -18.12 -33.82
N LEU H 260 29.00 -17.63 -35.06
CA LEU H 260 28.13 -18.09 -36.13
C LEU H 260 28.98 -18.67 -37.25
N LYS H 261 28.32 -19.01 -38.36
CA LYS H 261 29.02 -19.61 -39.49
C LYS H 261 30.11 -18.69 -40.02
N SER H 262 29.77 -17.41 -40.24
CA SER H 262 30.72 -16.43 -40.73
C SER H 262 30.59 -15.10 -39.98
N GLY H 263 29.92 -15.10 -38.84
CA GLY H 263 29.75 -13.90 -38.05
C GLY H 263 29.79 -14.20 -36.56
N PHE H 264 29.29 -13.29 -35.73
CA PHE H 264 29.28 -13.53 -34.30
C PHE H 264 28.30 -12.58 -33.62
N LEU H 265 28.01 -12.87 -32.36
CA LEU H 265 27.18 -12.02 -31.51
C LEU H 265 27.88 -11.90 -30.16
N GLN H 266 28.19 -10.67 -29.76
CA GLN H 266 28.94 -10.40 -28.55
C GLN H 266 28.13 -9.53 -27.59
N PHE H 267 28.26 -9.82 -26.31
CA PHE H 267 27.67 -9.06 -25.23
C PHE H 267 28.81 -8.49 -24.37
N PHE H 268 28.81 -7.17 -24.24
CA PHE H 268 29.77 -6.45 -23.40
C PHE H 268 29.06 -6.11 -22.09
N LEU H 269 29.50 -6.72 -20.99
CA LEU H 269 28.89 -6.52 -19.69
C LEU H 269 29.87 -5.82 -18.76
N ALA H 270 29.38 -4.82 -18.03
CA ALA H 270 30.23 -4.08 -17.10
C ALA H 270 30.36 -4.85 -15.80
N PRO H 271 31.56 -5.25 -15.38
CA PRO H 271 31.72 -5.93 -14.10
C PRO H 271 31.22 -5.06 -12.96
N LYS H 272 30.27 -5.60 -12.19
CA LYS H 272 29.69 -4.88 -11.07
C LYS H 272 30.44 -5.21 -9.77
N PHE H 273 30.20 -4.39 -8.75
CA PHE H 273 30.85 -4.56 -7.46
C PHE H 273 29.88 -4.24 -6.32
PG AGS M . -30.80 2.84 -15.09
S1G AGS M . -30.48 2.75 -13.19
O2G AGS M . -30.45 1.36 -15.79
O3G AGS M . -29.82 4.02 -15.76
PB AGS M . -32.98 3.78 -16.78
O1B AGS M . -32.24 3.15 -17.94
O2B AGS M . -32.79 5.29 -16.81
O3B AGS M . -32.38 3.19 -15.35
PA AGS M . -35.18 2.14 -17.60
O1A AGS M . -34.29 0.95 -17.38
O2A AGS M . -35.27 2.40 -19.09
O3A AGS M . -34.57 3.43 -16.87
O5' AGS M . -36.70 1.82 -17.00
C5' AGS M . -36.88 0.77 -16.11
C4' AGS M . -38.33 0.61 -15.80
O4' AGS M . -38.76 1.62 -15.08
C3' AGS M . -39.21 0.60 -17.21
O3' AGS M . -39.38 -0.79 -17.71
C2' AGS M . -40.31 1.07 -16.91
O2' AGS M . -41.18 0.02 -16.31
C1' AGS M . -39.96 2.18 -15.80
N9 AGS M . -39.65 3.35 -16.34
C8 AGS M . -38.55 4.08 -16.38
N7 AGS M . -38.80 5.20 -17.07
C5 AGS M . -40.09 5.16 -17.44
C6 AGS M . -40.86 6.03 -18.16
N6 AGS M . -40.42 7.32 -18.72
N1 AGS M . -42.12 5.76 -18.40
C2 AGS M . -42.66 4.62 -17.94
N3 AGS M . -41.90 3.75 -17.24
C4 AGS M . -40.62 4.03 -16.99
HOG2 AGS M . -29.79 1.45 -16.32
H21 AGS M . -29.12 4.12 -15.29
H5'1 AGS M . -36.39 0.95 -15.29
H5'2 AGS M . -36.53 -0.05 -16.51
H4' AGS M . -38.48 -0.22 -15.32
H3' AGS M . -38.79 1.15 -17.88
H2' AGS M . -40.74 1.47 -17.68
HO2' AGS M . -41.97 0.10 -16.63
H1' AGS M . -40.70 2.28 -15.18
H8 AGS M . -37.72 3.85 -16.01
HN61 AGS M . -39.79 7.35 -19.30
HN62 AGS M . -40.80 8.05 -18.46
H2 AGS M . -43.55 4.42 -18.11
MG MG N . -30.50 1.57 -17.87
MG MG O . -26.93 -11.51 9.43
PG AGS P . -26.20 -9.26 11.33
S1G AGS P . -24.78 -8.65 12.46
O2G AGS P . -25.58 -10.32 10.19
O3G AGS P . -26.92 -7.95 10.56
PB AGS P . -28.88 -10.31 11.80
O1B AGS P . -29.63 -9.00 11.72
O2B AGS P . -28.93 -11.01 10.46
O3B AGS P . -27.31 -10.05 12.24
PA AGS P . -29.86 -12.83 12.76
O1A AGS P . -30.96 -13.01 11.75
O2A AGS P . -28.62 -13.53 12.28
O3A AGS P . -29.57 -11.25 12.94
O5' AGS P . -30.34 -13.46 14.23
C5' AGS P . -29.40 -14.13 15.00
C4' AGS P . -30.11 -14.90 16.07
O4' AGS P . -30.60 -14.09 16.96
C3' AGS P . -31.37 -15.75 15.40
O3' AGS P . -30.93 -17.13 15.06
C2' AGS P . -32.24 -15.78 16.28
O2' AGS P . -32.01 -16.94 17.19
C1' AGS P . -32.06 -14.41 17.09
N9 AGS P . -32.77 -13.41 16.55
C8 AGS P . -32.46 -12.28 15.94
N7 AGS P . -33.58 -11.65 15.62
C5 AGS P . -34.61 -12.40 16.03
C6 AGS P . -35.97 -12.22 15.95
N6 AGS P . -36.67 -11.08 15.34
N1 AGS P . -36.78 -13.12 16.45
C2 AGS P . -36.28 -14.22 17.04
N3 AGS P . -34.95 -14.40 17.12
C4 AGS P . -34.12 -13.49 16.62
HOG2 AGS P . -25.66 -11.11 10.47
H21 AGS P . -26.38 -7.29 10.56
H5'1 AGS P . -28.79 -13.49 15.40
H5'2 AGS P . -28.91 -14.74 14.43
H4' AGS P . -29.48 -15.51 16.50
H3' AGS P . -31.71 -15.30 14.62
HO3' AGS P . -30.99 -17.25 14.23
H2' AGS P . -33.13 -15.84 15.88
HO2' AGS P . -32.72 -17.39 17.26
H1' AGS P . -32.30 -14.53 18.02
H8 AGS P . -31.59 -11.98 15.77
HN61 AGS P . -37.19 -10.59 15.83
HN62 AGS P . -36.55 -10.89 14.51
H2 AGS P . -36.85 -14.86 17.40
MG MG Q . -1.07 -11.43 24.98
PG AGS R . -0.85 -8.50 25.93
S1G AGS R . 0.13 -6.84 25.85
O2G AGS R . -0.43 -9.45 24.62
O3G AGS R . -2.50 -8.21 25.90
PB AGS R . -1.32 -10.50 28.01
O1B AGS R . -2.60 -9.95 28.61
O2B AGS R . -1.64 -11.55 26.97
O3B AGS R . -0.44 -9.28 27.31
PA AGS R . 0.32 -12.58 29.10
O1A AGS R . -0.70 -13.66 29.26
O2A AGS R . 1.01 -12.73 27.76
O3A AGS R . -0.39 -11.14 29.19
O5' AGS R . 1.46 -12.67 30.33
C5' AGS R . 2.77 -12.31 30.04
C4' AGS R . 3.65 -12.72 31.18
O4' AGS R . 3.41 -11.96 32.23
C3' AGS R . 3.29 -14.29 31.62
O3' AGS R . 4.25 -15.21 30.96
C2' AGS R . 3.41 -14.34 32.85
O2' AGS R . 4.82 -14.63 33.21
C1' AGS R . 3.01 -12.88 33.37
N9 AGS R . 1.70 -12.73 33.60
C8 AGS R . 0.78 -11.93 33.08
N7 AGS R . -0.38 -12.19 33.68
C5 AGS R . -0.17 -13.14 34.59
C6 AGS R . -1.02 -13.76 35.48
N6 AGS R . -2.44 -13.50 35.65
N1 AGS R . -0.55 -14.69 36.29
C2 AGS R . 0.76 -15.03 36.25
N3 AGS R . 1.58 -14.42 35.37
C4 AGS R . 1.12 -13.47 34.55
HOG2 AGS R . 0.12 -10.05 24.88
H21 AGS R . -2.77 -8.16 25.09
H5'1 AGS R . 3.06 -12.77 29.24
H5'2 AGS R . 2.82 -11.35 29.92
H4' AGS R . 4.57 -12.65 30.94
H3' AGS R . 2.38 -14.51 31.37
HO3' AGS R . 3.94 -15.45 30.19
H2' AGS R . 2.83 -15.02 33.21
HO2' AGS R . 4.85 -15.22 33.82
H1' AGS R . 3.52 -12.65 34.16
H8 AGS R . 0.91 -11.31 32.39
HN61 AGS R . -2.75 -13.25 36.42
HN62 AGS R . -2.99 -13.59 34.98
H2 AGS R . 1.08 -15.68 36.82
MG MG S . 22.46 6.13 19.12
PG AGS T . 21.46 9.04 19.99
S1G AGS T . 21.17 10.86 19.49
O2G AGS T . 21.55 8.10 18.61
O3G AGS T . 20.21 8.49 20.96
PB AGS T . 23.33 7.70 21.79
O1B AGS T . 22.48 7.72 23.05
O2B AGS T . 23.17 6.37 21.08
O3B AGS T . 22.89 8.94 20.78
PA AGS T . 26.13 7.15 21.53
O1A AGS T . 26.18 5.76 22.09
O2A AGS T . 25.96 7.08 20.03
O3A AGS T . 24.90 7.94 22.19
O5' AGS T . 27.53 7.97 21.90
C5' AGS T . 28.02 8.88 20.97
C4' AGS T . 29.41 9.27 21.34
O4' AGS T . 29.41 10.09 22.38
C3' AGS T . 30.27 7.90 21.79
O3' AGS T . 31.05 7.41 20.64
C2' AGS T . 31.02 8.26 22.71
O2' AGS T . 32.29 8.79 22.15
C1' AGS T . 30.22 9.44 23.47
N9 AGS T . 29.39 9.01 24.42
C8 AGS T . 28.08 9.12 24.60
N7 AGS T . 27.75 8.52 25.73
C5 AGS T . 28.87 8.03 26.28
C6 AGS T . 29.09 7.32 27.43
N6 AGS T . 28.08 6.91 28.42
N1 AGS T . 30.32 6.95 27.74
C2 AGS T . 31.34 7.25 26.93
N3 AGS T . 31.13 7.94 25.80
C4 AGS T . 29.88 8.33 25.47
HOG2 AGS T . 21.19 8.53 17.97
H21 AGS T . 19.50 8.93 20.79
H5'1 AGS T . 27.46 9.68 20.96
H5'2 AGS T . 28.03 8.48 20.09
H4' AGS T . 29.86 9.70 20.59
H3' AGS T . 29.66 7.22 22.11
HO3' AGS T . 30.58 6.86 20.18
H2' AGS T . 31.19 7.52 23.31
HO2' AGS T . 32.94 8.43 22.56
H1' AGS T . 30.85 10.08 23.83
H8 AGS T . 27.50 9.55 24.01
HN61 AGS T . 27.69 6.16 28.34
HN62 AGS T . 27.89 7.43 29.07
H2 AGS T . 32.21 6.98 27.15
PB GDP U . 24.30 32.33 1.82
O1B GDP U . 24.74 32.61 3.24
O2B GDP U . 24.83 30.98 1.39
O3B GDP U . 22.80 32.35 1.74
O3A GDP U . 24.91 33.50 0.83
PA GDP U . 26.11 33.25 -0.28
O1A GDP U . 27.16 32.33 0.27
O2A GDP U . 25.51 32.65 -1.53
O5' GDP U . 26.78 34.71 -0.63
C5' GDP U . 26.02 35.63 -1.36
C4' GDP U . 26.92 36.55 -2.17
O4' GDP U . 27.70 37.54 -1.16
C3' GDP U . 27.82 35.88 -2.83
O3' GDP U . 27.36 35.69 -4.25
C2' GDP U . 29.09 36.75 -2.81
O2' GDP U . 29.18 37.47 -3.95
C1' GDP U . 28.93 37.69 -1.60
N9 GDP U . 29.86 37.36 -0.51
C8 GDP U . 29.72 36.50 0.51
N7 GDP U . 30.85 36.55 1.23
C5 GDP U . 31.67 37.44 0.66
C6 GDP U . 33.08 37.92 1.03
O6 GDP U . 33.63 37.47 1.99
N1 GDP U . 33.74 38.90 0.22
C2 GDP U . 33.07 39.42 -0.95
N2 GDP U . 33.74 40.41 -1.77
N3 GDP U . 31.73 38.97 -1.29
C4 GDP U . 31.05 37.95 -0.44
H5' GDP U . 25.49 36.17 -0.74
H5'' GDP U . 25.42 35.16 -1.96
H4' GDP U . 26.39 37.07 -2.79
H3' GDP U . 28.01 35.02 -2.43
HO3' GDP U . 27.07 34.90 -4.34
H2' GDP U . 29.88 36.20 -2.69
HO2' GDP U . 29.90 37.27 -4.36
H1' GDP U . 29.06 38.62 -1.89
H8 GDP U . 28.98 35.97 0.68
HN1 GDP U . 34.54 39.16 0.43
HN21 GDP U . 34.52 40.69 -1.57
HN22 GDP U . 33.33 40.74 -2.47
#